data_6T9J
#
_entry.id   6T9J
#
_cell.length_a   1.00
_cell.length_b   1.00
_cell.length_c   1.00
_cell.angle_alpha   90.00
_cell.angle_beta   90.00
_cell.angle_gamma   90.00
#
_symmetry.space_group_name_H-M   'P 1'
#
loop_
_entity.id
_entity.type
_entity.pdbx_description
1 polymer 'Transcription factor SPT20'
2 polymer 'Transcription initiation factor TFIID subunit 12'
3 polymer 'Transcription-associated protein 1'
#
loop_
_entity_poly.entity_id
_entity_poly.type
_entity_poly.pdbx_seq_one_letter_code
_entity_poly.pdbx_strand_id
1 'polypeptide(L)'
;MSANSPTGNDPHVFGIPVNATPSNMGSPGSPVNVPPPMNPAVANVNHPVMRTNSNSNANEGTRTLTREQIQQLQQRQRLL
LQQRLLEQQRKQQALQNYEAQFYQMLMTLNKRPKRLYNFVEDADSILKKYEQYLHSFEFHIYENNYKICAPANSRLQQQQ
KQPELTSDGLILTKNNETLKEFLEYVARGRIPDAIMEVLRDCNIQFYEGNLILQVYDHTNTVDVTPKENKPNLNSSSSPS
NNNSTQDNSKIQQPSEPNSGVANTGANTANKKASFKRPRVYRTLLKPNDLTTYYDMMSYADNARFSDSIYQQFESEILTL
TKRNLSLSVPLNPYEHRDMLEETAFSEPHWDSEKKSFIHEHRAESTREGTKGVVGHIEERDEFPQHSSNYEQLMLIMNER
TTTITNSTFAVSLTKNAMEIASSSSNGVRGASSSTSNSASNTRNNSLANGNQVALAAAAAAAAVGSTMGNDNNQFSRLKF
IEQWRINKEKRKQQALSANINPTPFNARISMTAPLTPQQQLLQRQQQALEQQQNGGAMKNANKRSGNNATSNNNNNNNNL
DKPKVKRPRKNAKKSESGTPAPKKKRMTKKKQSASSTPSSTTMS
;
B
2 'polypeptide(L)'
;MSSNPENSGVNANNNTGTGNADAITGAQQNMVLQPRQLQEMAAKFRTLLTEARNVGETTPRGKELMFQAAKIKQVYDALT
LNRRRQQAAQAYNNTSNSNSSNPASIPTENVPNSSQQQQQQQQQTRNNSNKFSNMIKQVLTPEENQEYEKLWQNFQVRHT
SIKEKETYLKQNIDRLEQEINKQTDEGPKQQLQEKKIELLNDWKVLKIEYTKLFNNYQNSKKTFYVECARHNPALHKFLQ
ESTQQQRVQQQRVQQQQQQQQQQQQQQQQQQQQQQQRQGQNQRKISSSNSTEIPSVTGPDALKSQQQQQNTITATNNPRG
NVNTSQTEQSKAKVTNVNATASMLNNISSSKSAIFKQTEPAIPISENISTKTPAPVAYRSNRPTITGGSAMNASALNTPA
TTKLPPYEMDTQRVMSKRKLRELVKTVGIDEGDGETVIDGDVEELLLDLADDFVTNVTAFSCRLAKHRKSDNLEARDIQL
HLERNWNIRIPGYSADEIRSTRKWNPSQNYNQKLQSITSDKVAAAKNNGNNVASLNTKK
;
I
3 'polypeptide(L)'
;MSLTEQIEQFASRFRDDDATLQSRYSTLSELYDIMELLNSPEDYHFFLQAVIPLLLNQLKEVPISYDAHSPEQKLRNSML
DIFNRCLMNQTFQPYAMEVLEFLLSVLPKENEENGILCMKVLTTLFKSFKSILQDKLDSFIRIIIQIYKNTPNLINQTFY
EAGKAEQGDLDSPKEPQADELLDEFSKNDEEKDFPSKQSSTEPRFENSTSSNGLRSSMFSFKILSECPITMVTLYSSYKQ
LTSTSLPEFTPLIMNLLNIQIKQQQEAREQAESRGEHFTSISTEIINRPAYCDFILAQIKATSFLAYVFIRGYAPEFLQD
YVNFVPDLIIRLLQDCPSELSSARKELLHATRHILSTNYKKLFLPKLDYLFDERILIGNGFTMHETLRPLAYSTVADFIH
NIRSELQLSEIEKTIKIYTGYLLDESLALTVQIMSAKLLLNLVERILKLGKENPQEAPRAKKLLMIIIDSYMNRFKTLNR
QYDTIMKYYGRYETHKKEKAEKLKNSIQDNDKESEEFMRKVLEPSDDDHLMPQPKKEDINDSPDVEMTESDKVVKNDVEM
FDIKNYAPILLLPTPTNDPIKDAFYLYRTLMSFLKTIIHDLKVFNPPPNEYTVANPKLWASVSRVFSYEEVIVFKDLFHE
CIIGLKFFKDHNEKLSPETTKKHFDISMPSLPVSATKDARELMDYLAFMFMQMDNATFNEIIEQELPFVYERMLEDSGLL
HVAQSFLTSEITSPNFAGILLRFLKGKLKDLGNVDFNTSNVLIRLFKLSFMSVNLFPNINEVVLLPHLNDLILNSLKYST
TAEEPLVYFYLIRTLFRSIGGGRFENLYRSIKPILQVLLQSLNQMILTARLPHERELYVELCITVPVRLSVLAPYLPFLM
KPLVFALQQYPDLVSQGLRTLELCIDNLTAEYFDPIIEPVIDDVSKALFNLLQPQPFNHAISHNVVRILGKLGGRNRQFL
KPPTDLTEKTELDIDAIADFKINGMPEDVPLSVTPGIQSALNILQSYKSDIHYRKSAYKYLTCVLLLMTKSSAEFPTNYT
ELLKTAVNSIKLERIGIEKNFDLEPTVNKRDYSNQENLFLRLLESVFYATSIKELKDDAMDLLNNLLDHFCLLQVNTTLL
NKRNYNGTFNIDLKNPNFMLDSSLILDAIPFALSYYIPEVREVGVLAYKRIYEKSCLIYGEELALSHSFIPELAKQFIHL
CYDETYYNKRGGVLGIKVLIDNVKSSSVFLKKYQYNLANGLLFVLKDTQSEAPSAITDSAEKLLIDLLSITFADVKEEDL
GNKVLENTLTDIVCELSNANPKVRNACQKSLHTISNLTGIPIVKLMDHSKQFLLSPIFAKPLRALPFTMQIGNVDAITFC
LSLPNTFLTFNEELFRLLQESIVLADAEDESLSTNIQKTTEYSTSEQLVQLRIACIKLLAIALKNEEFATAQQGNIRIRI
LAVFFKTMLKTSPEIINTTYEALKGSLAENSKLPKELLQNGLKPLLMNLSDHQKLTVPGLDALSKLLELLIAYFKVEIGR
KLLDHLTAWCRVEVLDTLFGQDLAEQMPTKIIVSIINIFHLLPPQADMFLNDLLLKVMLLERKLRLQLDSPFRTPLARYL
NRFHNPVTEYFKKNMTLRQLVLFMCNIVQRPEAKELAEDFEKELDNFYDFYISNIPKNQVRVVSFFTNMVDLFNTMVITN
GDEWLKKKGNMILKLKDMLNLTLKTIKENSFYIDHLQLNQSIAKFQALYLRFTELSERDQNPLLLDFIDFSFSNGIKASY
SLKKFIFHNIIASSNKEKQNNFINDATLFVLSDKCLDARIFVLKNVINSTLIYEVATSGSLKSYLVEDKKPKWLELLHNK
IWKNSNAILAYDVLDHHDLFRFELLQLSAIFIKADPEIIAEIKKDIIKFCWNFIKLEDTLIKQSAYLVTSYFISKFDFPI
KVVTQVFVALLRSSHVEARYLVKQSLDVLTPVLHERMNAAGTPDTWINWVKRVMVENSSSQNNILYQFLISHPDLFFNSR
DLFISNIIHHMNKITFMSNSNSDSHTLAIDLASLILYWENKTLEITNVNNTKTDSDGDVVMSDSKSDINPVEADTTAIIV
DANNNSPISLHLREACTAFLIRYVCASNHRAIETELGLRAINILSELISDKHWTNVNVKLVYFEKFLIFQDLDSENILYY
CMNALDVLYVFFKNKTKEWIMENLPTIQNLLEKCIKSDHHDVQEALQKVLQVIMKAIKAQGVSVIIEEESPGKTFIQMLT
SVITQDLQETSSVTAGVTLAWVLFMNFPDNIVPLLTPLMKTFSKLCKDHLSISQPKDAMALEEARITTKLLEKVLYILSL
KVSLLGDSRRPFLSTVALLIDHSMDQNFLRKIVNMSRSWIFNTEIFPTVKEKAAILTKMLAFEIRGEPSLSKLFYEIVLK
LFDQEHFNNTEITVRMEQPFLVGTRVEDIGIRKRFMTILDNSLERDIKERLYYVIRDQNWEFIADYPWLNQALQLLYGSF
NREKELSLKNIYCLSPPSILQEYLPENAEMVTEVNDLELSNFVKGHIASMQGLCRIISSDFIDSLIEIFYQDPKAIHRAW
VTLFPQVYKSIPKNEKYGFVRSIITLLSKPYHTRQISSRTNVINMLLDSISKIESLELPPHLVKYLAISYNAWYQSINIL
ESIQSNTSIDNTKIIEANEDALLELYVNLQEEDMFYGLWRRRAKYTETNIGLSYEQIGLWDKAQQLYEVAQVKARSGALP
YSQSEYALWEDNWIQCAEKLQHWDVLTELAKHEGFTDLLLECGWRVADWNSDRDALEQSVKSVMDVPTPRRQMFKTFLAL
QNFAESRKGDQEVRKLCDEGIQLSLIKWVSLPIRYTPAHKWLLHGFQQYMEFLEATQIYANLHTTTVQNLDSKAQEIKRI
LQAWRDRLPNTWDDVNMWNDLVTWRQHAFQVINNAYLPLIPALQQSNSNSNINTHAYRGYHEIAWVINRFAHVARKHNMP
DVCISQLARIYTLPNIEIQEAFLKLREQAKCHYQNMNELTTGLDVISNTNLVYFGTVQKAEFFTLKGMFLSKLRAYEEAN
QAFATAVQIDLNLAKAWAQWGFFNDRRLSEEPNNISFASNAISCYLQAAGLYKNSKIRELLCRILWLISIDDASGMLTNA
FDSFRGEIPVWYWITFIPQLLTSLSHKEANMVRHILIRIAKSYPQALHFQLRTTKEDFAVIQRQTMAVMGDKPDTNDRNG
RRQPWEYLQELNNILKTAYPLLALSLESLVAQINDRFKSTTDEDLFRLINVLLIDGTLNYNRLPFPRKNPKLPENTEKNL
VKFSTTLLAPYIRPKFNADFIDNKPDYETYIKRLRYWRRRLENKLDRASKKENLEVLCPHLSNFHHQKFEDIEIPGQYLL
NKDNNVHFIKIARFLPTVDFVRGTHSSYRRLMIRGHDGSVHSFAVQYPAVRHSRREERMFQLYRLFNKSLSKNVETRRRS
IQFNLPIAIPLSPQVRIMNDSVSFTTLHEIHNEFCKKKGFDPDDIQDFMADKLNAAHDDALPAPDMTILKVEIFNSIQTM
FVPSNVLKDHFTSLFTQFEDFWLFRKQFASQYSSFVFMSYMMMINNRTPHKIHVDKTSGNVFTLEMLPSRFPYERVKPLL
KNHDLSLPPDSPIFHNNEPVPFRLTPNIQSLIGDSALEGIFAVNLFTISRALIEPDNELNTYLALFIRDEIISWFSNLHR
PIIENPQLREMVQTNVDLIIRKVAQLGHLNSTPTVTTQFILDCIGSAVSPRNLARTDVNFMPWF
;
T
#
# COMPACT_ATOMS: atom_id res chain seq x y z
N ASN A 389 -24.20 24.07 -55.69
CA ASN A 389 -22.86 23.61 -56.00
C ASN A 389 -21.93 23.80 -54.80
N TYR A 390 -21.17 24.90 -54.81
CA TYR A 390 -20.15 25.17 -53.81
C TYR A 390 -20.63 26.19 -52.78
N GLU A 391 -21.24 27.27 -53.26
CA GLU A 391 -21.81 28.28 -52.38
C GLU A 391 -22.98 27.74 -51.59
N GLN A 392 -23.72 26.79 -52.14
CA GLN A 392 -24.77 26.12 -51.41
C GLN A 392 -24.23 25.01 -50.53
N LEU A 393 -22.98 24.59 -50.73
CA LEU A 393 -22.38 23.63 -49.81
C LEU A 393 -21.79 24.32 -48.59
N MET A 394 -21.18 25.48 -48.78
CA MET A 394 -20.51 26.16 -47.68
C MET A 394 -21.46 26.89 -46.73
N LEU A 395 -22.77 26.83 -46.93
CA LEU A 395 -23.75 27.49 -46.07
C LEU A 395 -24.84 26.53 -45.60
N ILE A 396 -24.54 25.24 -45.43
CA ILE A 396 -25.55 24.23 -45.09
C ILE A 396 -26.25 24.49 -43.76
N MET A 397 -25.50 24.89 -42.73
CA MET A 397 -26.06 25.10 -41.39
C MET A 397 -26.31 26.58 -41.07
N ASN A 398 -26.25 27.46 -42.07
CA ASN A 398 -26.42 28.89 -41.86
C ASN A 398 -27.92 29.25 -41.82
N GLU A 399 -28.55 28.91 -40.71
CA GLU A 399 -29.95 29.25 -40.48
C GLU A 399 -30.02 30.11 -39.23
N ARG A 400 -30.51 31.33 -39.37
CA ARG A 400 -30.58 32.28 -38.27
C ARG A 400 -31.65 31.95 -37.24
N THR A 401 -31.35 32.27 -35.97
CA THR A 401 -32.25 32.08 -34.84
C THR A 401 -32.43 33.41 -34.13
N THR A 402 -33.69 33.81 -33.95
CA THR A 402 -33.98 35.08 -33.29
C THR A 402 -33.63 35.08 -31.80
N THR A 403 -33.99 34.02 -31.07
CA THR A 403 -33.73 33.98 -29.64
C THR A 403 -33.71 32.54 -29.11
N ILE A 404 -33.26 32.43 -27.85
CA ILE A 404 -33.19 31.15 -27.14
C ILE A 404 -34.57 30.54 -26.97
N THR A 405 -35.59 31.35 -26.67
CA THR A 405 -36.94 30.84 -26.49
C THR A 405 -37.47 30.24 -27.78
N ASN A 406 -37.23 30.90 -28.90
CA ASN A 406 -37.68 30.39 -30.19
C ASN A 406 -36.94 29.12 -30.57
N SER A 407 -35.66 29.03 -30.23
CA SER A 407 -34.90 27.80 -30.45
C SER A 407 -35.42 26.68 -29.57
N THR A 408 -35.78 27.01 -28.32
CA THR A 408 -36.36 26.03 -27.40
C THR A 408 -37.70 25.53 -27.91
N PHE A 409 -38.53 26.42 -28.43
CA PHE A 409 -39.83 26.01 -28.96
C PHE A 409 -39.67 25.22 -30.25
N ALA A 410 -38.69 25.56 -31.08
CA ALA A 410 -38.48 24.85 -32.33
C ALA A 410 -37.95 23.44 -32.09
N VAL A 411 -37.11 23.25 -31.07
CA VAL A 411 -36.67 21.89 -30.76
C VAL A 411 -37.65 21.15 -29.86
N SER A 412 -38.60 21.85 -29.24
CA SER A 412 -39.58 21.18 -28.40
C SER A 412 -40.80 20.70 -29.17
N LEU A 413 -41.29 21.50 -30.12
CA LEU A 413 -42.47 21.09 -30.87
C LEU A 413 -42.17 19.98 -31.89
N THR A 414 -40.90 19.75 -32.21
CA THR A 414 -40.58 18.65 -33.11
C THR A 414 -40.60 17.29 -32.43
N LYS A 415 -40.59 17.25 -31.10
CA LYS A 415 -40.63 15.98 -30.37
C LYS A 415 -41.93 15.77 -29.61
N ASN A 416 -42.85 16.73 -29.65
CA ASN A 416 -44.16 16.56 -29.04
C ASN A 416 -45.27 16.74 -30.07
N GLN A 474 -38.40 44.24 -40.32
CA GLN A 474 -39.26 44.88 -39.34
C GLN A 474 -38.41 45.45 -38.20
N PHE A 475 -38.91 46.50 -37.56
CA PHE A 475 -38.21 47.21 -36.50
C PHE A 475 -39.13 47.40 -35.31
N SER A 476 -39.77 46.33 -34.88
CA SER A 476 -40.82 46.43 -33.85
C SER A 476 -40.26 46.79 -32.48
N ARG A 477 -39.01 46.42 -32.21
CA ARG A 477 -38.43 46.70 -30.91
C ARG A 477 -38.16 48.20 -30.73
N LEU A 478 -37.61 48.84 -31.76
CA LEU A 478 -37.36 50.28 -31.69
C LEU A 478 -38.67 51.07 -31.62
N LYS A 479 -39.68 50.62 -32.35
CA LYS A 479 -40.99 51.26 -32.30
C LYS A 479 -41.62 51.10 -30.91
N PHE A 480 -41.41 49.95 -30.28
CA PHE A 480 -41.92 49.73 -28.93
C PHE A 480 -41.21 50.62 -27.92
N ILE A 481 -39.89 50.78 -28.06
CA ILE A 481 -39.14 51.64 -27.14
C ILE A 481 -39.57 53.10 -27.32
N GLU A 482 -39.80 53.51 -28.57
CA GLU A 482 -40.26 54.88 -28.82
C GLU A 482 -41.65 55.14 -28.26
N GLN A 483 -42.59 54.20 -28.44
CA GLN A 483 -43.92 54.42 -27.91
C GLN A 483 -43.98 54.31 -26.39
N TRP A 484 -43.07 53.54 -25.78
CA TRP A 484 -43.03 53.50 -24.33
C TRP A 484 -42.38 54.74 -23.75
N ARG A 485 -41.44 55.34 -24.48
CA ARG A 485 -40.93 56.64 -24.05
C ARG A 485 -41.96 57.74 -24.25
N ILE A 486 -42.83 57.60 -25.25
CA ILE A 486 -43.89 58.57 -25.45
C ILE A 486 -44.96 58.46 -24.35
N ASN A 487 -45.28 57.22 -23.95
CA ASN A 487 -46.30 57.01 -22.92
C ASN A 487 -45.91 57.53 -21.54
N LYS A 488 -44.61 57.65 -21.26
CA LYS A 488 -44.17 58.20 -20.00
C LYS A 488 -44.11 59.73 -20.06
N ALA B 353 -7.99 36.87 14.67
CA ALA B 353 -6.58 36.98 14.29
C ALA B 353 -6.20 35.92 13.27
N ILE B 354 -6.02 34.70 13.77
CA ILE B 354 -5.64 33.57 12.94
C ILE B 354 -6.84 32.72 12.58
N PHE B 355 -7.80 32.59 13.49
CA PHE B 355 -8.96 31.74 13.30
C PHE B 355 -10.23 32.56 13.21
N LYS B 356 -11.14 32.13 12.36
CA LYS B 356 -12.49 32.67 12.36
C LYS B 356 -13.42 31.59 12.88
N GLN B 357 -14.70 31.94 12.97
CA GLN B 357 -15.67 31.03 13.56
C GLN B 357 -16.04 29.93 12.57
N THR B 358 -16.96 29.08 12.98
CA THR B 358 -17.33 27.93 12.18
C THR B 358 -18.22 28.37 11.01
N GLU B 359 -17.86 27.94 9.81
CA GLU B 359 -18.73 28.18 8.67
C GLU B 359 -19.96 27.29 8.76
N PRO B 360 -21.05 27.67 8.10
CA PRO B 360 -22.21 26.75 7.97
C PRO B 360 -21.86 25.50 7.17
N ALA B 361 -22.03 24.34 7.80
CA ALA B 361 -21.68 23.08 7.19
C ALA B 361 -22.76 22.68 6.19
N ILE B 362 -22.42 22.70 4.90
CA ILE B 362 -23.35 22.36 3.84
C ILE B 362 -23.26 20.86 3.60
N PRO B 363 -24.31 20.09 3.89
CA PRO B 363 -24.23 18.62 3.76
C PRO B 363 -24.44 18.19 2.32
N ILE B 364 -23.37 17.70 1.69
CA ILE B 364 -23.52 17.17 0.35
C ILE B 364 -24.21 15.82 0.42
N SER B 365 -24.81 15.44 -0.70
CA SER B 365 -25.60 14.22 -0.73
C SER B 365 -24.71 12.98 -0.76
N GLU B 366 -25.33 11.85 -0.45
CA GLU B 366 -24.61 10.58 -0.43
C GLU B 366 -25.05 9.63 -1.53
N ASN B 367 -26.32 9.70 -1.93
CA ASN B 367 -26.86 8.76 -2.90
C ASN B 367 -27.75 9.49 -3.91
N ILE B 368 -27.24 10.59 -4.47
CA ILE B 368 -28.01 11.32 -5.47
C ILE B 368 -28.08 10.48 -6.74
N SER B 369 -29.18 10.66 -7.50
CA SER B 369 -29.43 9.90 -8.72
C SER B 369 -30.09 10.84 -9.72
N THR B 370 -29.27 11.46 -10.55
CA THR B 370 -29.72 12.31 -11.64
C THR B 370 -29.54 11.57 -12.96
N LYS B 371 -30.26 12.04 -13.97
CA LYS B 371 -30.25 11.42 -15.28
C LYS B 371 -29.30 12.17 -16.20
N THR B 372 -28.51 11.44 -16.96
CA THR B 372 -27.68 12.05 -17.99
C THR B 372 -28.58 12.50 -19.13
N PRO B 373 -28.59 13.79 -19.48
CA PRO B 373 -29.54 14.26 -20.49
C PRO B 373 -29.14 13.84 -21.89
N ALA B 374 -30.17 13.57 -22.70
CA ALA B 374 -29.95 13.21 -24.09
C ALA B 374 -29.49 14.44 -24.89
N PRO B 375 -28.67 14.24 -25.92
CA PRO B 375 -28.24 15.37 -26.75
C PRO B 375 -29.38 15.96 -27.55
N VAL B 376 -29.27 17.26 -27.84
CA VAL B 376 -30.34 17.98 -28.52
C VAL B 376 -29.79 18.64 -29.77
N ALA B 377 -30.63 18.75 -30.79
CA ALA B 377 -30.24 19.39 -32.04
C ALA B 377 -30.44 20.90 -31.93
N TYR B 378 -29.58 21.51 -31.13
CA TYR B 378 -29.71 22.94 -30.88
C TYR B 378 -29.23 23.74 -32.09
N ARG B 379 -29.72 24.97 -32.18
CA ARG B 379 -29.39 25.84 -33.30
C ARG B 379 -29.33 27.27 -32.79
N SER B 380 -28.20 27.95 -32.98
CA SER B 380 -28.05 29.33 -32.53
C SER B 380 -27.10 30.06 -33.48
N ASN B 381 -27.64 30.78 -34.45
CA ASN B 381 -26.83 31.53 -35.39
C ASN B 381 -26.78 33.03 -35.06
N ARG B 382 -27.29 33.46 -33.92
CA ARG B 382 -27.19 34.89 -33.60
C ARG B 382 -25.73 35.20 -33.24
N PRO B 383 -25.12 36.23 -33.84
CA PRO B 383 -23.71 36.55 -33.53
C PRO B 383 -23.46 37.68 -32.54
N THR B 384 -24.51 38.24 -31.98
CA THR B 384 -24.48 39.31 -31.02
C THR B 384 -24.04 38.85 -29.65
N ILE B 385 -23.58 39.82 -28.85
CA ILE B 385 -23.23 39.55 -27.47
C ILE B 385 -24.55 39.14 -26.81
N THR B 386 -24.47 38.12 -25.98
CA THR B 386 -25.44 37.33 -25.21
C THR B 386 -26.01 36.22 -26.08
N GLY B 387 -25.58 36.07 -27.34
CA GLY B 387 -26.02 35.01 -28.22
C GLY B 387 -27.52 34.86 -28.33
N GLY B 388 -28.22 35.98 -28.49
CA GLY B 388 -29.67 35.99 -28.55
C GLY B 388 -30.31 35.44 -27.29
N SER B 389 -29.80 35.83 -26.14
CA SER B 389 -30.28 35.41 -24.82
C SER B 389 -30.47 36.65 -23.97
N ALA B 390 -31.23 36.48 -22.88
CA ALA B 390 -31.51 37.59 -21.97
C ALA B 390 -30.27 38.16 -21.32
N MET B 391 -29.29 37.31 -20.99
CA MET B 391 -28.07 37.74 -20.32
C MET B 391 -26.84 37.22 -21.08
N ASN B 392 -25.70 37.82 -20.79
CA ASN B 392 -24.44 37.60 -21.48
C ASN B 392 -23.50 36.60 -20.82
N ALA B 393 -23.98 35.76 -19.91
CA ALA B 393 -23.12 34.77 -19.28
C ALA B 393 -22.55 33.81 -20.32
N SER B 394 -23.40 33.29 -21.19
CA SER B 394 -23.13 32.44 -22.36
C SER B 394 -22.69 31.03 -21.99
N ALA B 395 -22.61 30.71 -20.71
CA ALA B 395 -22.28 29.39 -20.22
C ALA B 395 -23.43 28.84 -19.43
N LEU B 396 -24.27 29.73 -18.92
CA LEU B 396 -25.46 29.44 -18.16
C LEU B 396 -26.68 29.38 -19.04
N ASN B 397 -26.58 29.89 -20.27
CA ASN B 397 -27.67 29.96 -21.23
C ASN B 397 -27.40 29.09 -22.44
N THR B 398 -26.81 27.93 -22.23
CA THR B 398 -26.45 27.04 -23.32
C THR B 398 -26.75 25.64 -22.82
N PRO B 399 -27.36 24.79 -23.64
CA PRO B 399 -27.69 23.44 -23.20
C PRO B 399 -26.44 22.61 -22.95
N ALA B 400 -26.62 21.56 -22.16
CA ALA B 400 -25.50 20.78 -21.66
C ALA B 400 -24.90 19.89 -22.74
N THR B 401 -25.70 18.96 -23.25
CA THR B 401 -25.25 18.03 -24.28
C THR B 401 -26.05 18.31 -25.53
N THR B 402 -25.36 18.67 -26.61
CA THR B 402 -26.01 18.98 -27.88
C THR B 402 -25.49 18.05 -28.96
N LYS B 403 -26.07 18.17 -30.14
CA LYS B 403 -25.61 17.46 -31.32
C LYS B 403 -25.81 18.35 -32.53
N LEU B 404 -25.49 17.83 -33.68
CA LEU B 404 -25.55 18.62 -34.89
C LEU B 404 -26.98 18.76 -35.40
N PRO B 405 -27.35 19.93 -35.93
CA PRO B 405 -28.71 20.13 -36.42
C PRO B 405 -28.95 19.37 -37.70
N PRO B 406 -30.20 19.13 -38.06
CA PRO B 406 -30.50 18.51 -39.36
C PRO B 406 -30.25 19.48 -40.50
N TYR B 407 -29.73 18.94 -41.61
CA TYR B 407 -29.46 19.71 -42.80
C TYR B 407 -29.67 18.78 -44.00
N GLU B 408 -29.56 19.35 -45.20
CA GLU B 408 -29.66 18.58 -46.42
C GLU B 408 -28.67 19.12 -47.45
N MET B 409 -28.20 18.24 -48.31
CA MET B 409 -27.29 18.63 -49.39
C MET B 409 -28.09 19.23 -50.53
N ASP B 410 -27.41 19.53 -51.64
CA ASP B 410 -28.06 20.15 -52.79
C ASP B 410 -28.91 19.12 -53.51
N THR B 411 -30.23 19.22 -53.36
CA THR B 411 -31.15 18.34 -54.08
C THR B 411 -31.44 18.94 -55.46
N GLN B 412 -30.45 18.84 -56.33
CA GLN B 412 -30.51 19.39 -57.67
C GLN B 412 -30.58 18.32 -58.76
N ARG B 413 -30.87 17.07 -58.41
CA ARG B 413 -31.08 15.96 -59.34
C ARG B 413 -29.88 15.72 -60.26
N MET C 1 -31.23 -82.01 -0.90
CA MET C 1 -31.10 -82.92 0.22
C MET C 1 -31.63 -82.30 1.51
N SER C 2 -32.74 -81.56 1.38
CA SER C 2 -33.43 -80.94 2.51
C SER C 2 -34.77 -81.62 2.76
N LEU C 3 -34.79 -82.95 2.61
CA LEU C 3 -36.01 -83.74 2.63
C LEU C 3 -35.67 -85.06 3.30
N THR C 4 -36.52 -86.08 3.06
CA THR C 4 -36.36 -87.42 3.63
C THR C 4 -35.17 -88.16 3.00
N GLU C 5 -34.54 -87.60 1.96
CA GLU C 5 -33.41 -88.20 1.26
C GLU C 5 -32.18 -88.44 2.13
N GLN C 6 -32.13 -87.86 3.34
CA GLN C 6 -31.03 -88.15 4.25
C GLN C 6 -31.13 -89.56 4.83
N ILE C 7 -32.34 -90.13 4.92
CA ILE C 7 -32.53 -91.39 5.63
C ILE C 7 -31.86 -92.54 4.90
N GLU C 8 -31.95 -92.57 3.56
CA GLU C 8 -31.22 -93.56 2.79
C GLU C 8 -29.72 -93.33 2.79
N GLN C 9 -29.25 -92.17 3.26
CA GLN C 9 -27.82 -92.02 3.50
C GLN C 9 -27.36 -92.83 4.71
N PHE C 10 -28.27 -93.14 5.65
CA PHE C 10 -27.94 -94.01 6.77
C PHE C 10 -29.03 -95.07 6.98
N ALA C 11 -29.69 -95.49 5.91
CA ALA C 11 -30.61 -96.62 6.02
C ALA C 11 -29.85 -97.92 6.23
N SER C 12 -28.65 -98.03 5.64
CA SER C 12 -27.79 -99.17 5.93
C SER C 12 -27.19 -99.07 7.32
N ARG C 13 -27.02 -97.85 7.83
CA ARG C 13 -26.55 -97.63 9.19
C ARG C 13 -27.70 -97.36 10.15
N PHE C 14 -28.91 -97.81 9.82
CA PHE C 14 -30.05 -97.64 10.70
C PHE C 14 -29.95 -98.55 11.92
N ARG C 15 -29.23 -99.66 11.81
CA ARG C 15 -28.95 -100.51 12.95
C ARG C 15 -27.96 -99.85 13.89
N ASP C 16 -27.88 -100.39 15.11
CA ASP C 16 -27.09 -99.78 16.16
C ASP C 16 -25.60 -100.00 15.93
N ASP C 17 -24.80 -99.23 16.67
CA ASP C 17 -23.34 -99.30 16.59
C ASP C 17 -22.88 -100.59 17.28
N ASP C 18 -22.57 -101.60 16.48
CA ASP C 18 -21.94 -102.80 17.00
C ASP C 18 -20.44 -102.68 16.82
N ALA C 19 -19.69 -103.18 17.82
CA ALA C 19 -18.22 -103.10 17.90
C ALA C 19 -17.77 -101.64 17.82
N THR C 20 -18.12 -100.89 18.87
CA THR C 20 -18.04 -99.44 18.93
C THR C 20 -16.61 -98.89 18.95
N LEU C 21 -15.58 -99.72 18.83
CA LEU C 21 -14.21 -99.20 18.79
C LEU C 21 -13.90 -98.59 17.42
N GLN C 22 -14.21 -99.31 16.35
CA GLN C 22 -13.88 -98.90 15.00
C GLN C 22 -15.08 -98.41 14.20
N SER C 23 -16.26 -98.36 14.81
CA SER C 23 -17.49 -97.94 14.13
C SER C 23 -17.79 -96.48 14.37
N ARG C 24 -16.77 -95.63 14.39
CA ARG C 24 -16.90 -94.22 14.74
C ARG C 24 -17.46 -93.37 13.62
N TYR C 25 -17.86 -93.95 12.49
CA TYR C 25 -18.42 -93.19 11.38
C TYR C 25 -19.77 -93.69 10.92
N SER C 26 -20.36 -94.68 11.60
CA SER C 26 -21.58 -95.32 11.08
C SER C 26 -22.84 -94.55 11.44
N THR C 27 -23.15 -94.45 12.73
CA THR C 27 -24.43 -93.90 13.18
C THR C 27 -24.30 -92.56 13.88
N LEU C 28 -23.19 -92.33 14.59
CA LEU C 28 -23.03 -91.08 15.34
C LEU C 28 -22.71 -89.88 14.44
N SER C 29 -22.10 -90.12 13.29
CA SER C 29 -21.78 -89.01 12.38
C SER C 29 -22.87 -88.78 11.34
N GLU C 30 -24.12 -88.69 11.78
CA GLU C 30 -25.19 -88.29 10.86
C GLU C 30 -25.38 -86.79 10.84
N LEU C 31 -25.10 -86.12 11.95
CA LEU C 31 -25.05 -84.66 12.01
C LEU C 31 -23.63 -84.14 11.81
N TYR C 32 -22.78 -84.90 11.11
CA TYR C 32 -21.37 -84.52 11.05
C TYR C 32 -20.77 -84.57 9.65
N ASP C 33 -21.29 -85.43 8.75
CA ASP C 33 -20.66 -85.53 7.44
C ASP C 33 -21.16 -84.43 6.50
N ILE C 34 -22.43 -84.50 6.10
CA ILE C 34 -23.06 -83.44 5.32
C ILE C 34 -24.42 -83.01 5.86
N MET C 35 -25.09 -83.83 6.67
CA MET C 35 -26.51 -83.61 6.99
C MET C 35 -26.65 -82.89 8.32
N GLU C 36 -26.11 -81.67 8.38
CA GLU C 36 -26.21 -80.85 9.57
C GLU C 36 -26.52 -79.39 9.34
N LEU C 37 -26.45 -78.89 8.10
CA LEU C 37 -26.50 -77.46 7.86
C LEU C 37 -27.51 -77.04 6.81
N LEU C 38 -28.20 -77.98 6.16
CA LEU C 38 -29.12 -77.62 5.10
C LEU C 38 -30.38 -76.95 5.67
N ASN C 39 -31.08 -76.24 4.79
CA ASN C 39 -32.20 -75.42 5.20
C ASN C 39 -33.40 -76.28 5.59
N SER C 40 -34.14 -75.84 6.60
CA SER C 40 -35.27 -76.60 7.13
C SER C 40 -36.28 -75.66 7.76
N PRO C 41 -37.13 -75.01 6.94
CA PRO C 41 -38.24 -74.21 7.50
C PRO C 41 -39.27 -75.12 8.15
N GLU C 42 -39.78 -76.08 7.37
CA GLU C 42 -40.64 -77.14 7.87
C GLU C 42 -40.20 -78.44 7.20
N ASP C 43 -38.89 -78.66 7.18
CA ASP C 43 -38.32 -79.87 6.62
C ASP C 43 -37.76 -80.80 7.68
N TYR C 44 -37.76 -80.37 8.95
CA TYR C 44 -37.24 -81.21 10.03
C TYR C 44 -38.12 -82.45 10.23
N HIS C 45 -39.43 -82.23 10.34
CA HIS C 45 -40.40 -83.27 10.70
C HIS C 45 -40.51 -84.37 9.65
N PHE C 46 -39.98 -84.16 8.44
CA PHE C 46 -39.87 -85.27 7.49
C PHE C 46 -38.85 -86.30 7.94
N PHE C 47 -37.88 -85.90 8.77
CA PHE C 47 -36.97 -86.85 9.38
C PHE C 47 -36.84 -86.71 10.89
N LEU C 48 -37.42 -85.68 11.52
CA LEU C 48 -37.31 -85.52 12.96
C LEU C 48 -38.04 -86.62 13.71
N GLN C 49 -39.05 -87.22 13.09
CA GLN C 49 -39.68 -88.38 13.70
C GLN C 49 -38.85 -89.65 13.51
N ALA C 50 -37.78 -89.61 12.73
CA ALA C 50 -36.81 -90.70 12.73
C ALA C 50 -35.60 -90.46 13.62
N VAL C 51 -35.32 -89.21 14.01
CA VAL C 51 -34.17 -88.96 14.88
C VAL C 51 -34.45 -89.40 16.31
N ILE C 52 -35.65 -89.13 16.82
CA ILE C 52 -36.02 -89.37 18.22
C ILE C 52 -36.03 -90.86 18.56
N PRO C 53 -36.58 -91.80 17.75
CA PRO C 53 -36.38 -93.22 18.12
C PRO C 53 -34.95 -93.68 17.95
N LEU C 54 -34.25 -93.19 16.93
CA LEU C 54 -32.85 -93.57 16.72
C LEU C 54 -31.97 -93.09 17.87
N LEU C 55 -32.09 -91.82 18.24
CA LEU C 55 -31.32 -91.30 19.36
C LEU C 55 -31.81 -91.87 20.70
N LEU C 56 -33.09 -92.25 20.78
CA LEU C 56 -33.60 -92.92 21.97
C LEU C 56 -32.96 -94.28 22.17
N ASN C 57 -32.90 -95.08 21.10
CA ASN C 57 -32.22 -96.36 21.19
C ASN C 57 -30.71 -96.19 21.35
N GLN C 58 -30.15 -95.06 20.93
CA GLN C 58 -28.76 -94.77 21.26
C GLN C 58 -28.60 -94.51 22.75
N LEU C 59 -29.52 -93.77 23.36
CA LEU C 59 -29.38 -93.39 24.76
C LEU C 59 -29.87 -94.47 25.73
N LYS C 60 -30.49 -95.55 25.24
CA LYS C 60 -30.92 -96.61 26.15
C LYS C 60 -29.71 -97.34 26.73
N GLU C 61 -28.73 -97.63 25.90
CA GLU C 61 -27.45 -98.21 26.30
C GLU C 61 -26.53 -97.05 26.71
N VAL C 62 -25.22 -97.29 26.75
CA VAL C 62 -24.09 -96.39 27.07
C VAL C 62 -24.23 -95.88 28.51
N PRO C 63 -23.94 -96.75 29.49
CA PRO C 63 -24.21 -96.41 30.89
C PRO C 63 -23.24 -95.38 31.46
N ILE C 64 -23.33 -95.18 32.78
CA ILE C 64 -22.72 -94.07 33.50
C ILE C 64 -21.21 -94.28 33.74
N SER C 65 -20.64 -95.35 33.16
CA SER C 65 -19.21 -95.62 33.29
C SER C 65 -18.36 -94.57 32.57
N TYR C 66 -17.73 -93.68 33.35
CA TYR C 66 -17.00 -92.55 32.79
C TYR C 66 -15.48 -92.72 32.78
N ASP C 67 -14.94 -93.66 33.57
CA ASP C 67 -13.50 -93.69 33.81
C ASP C 67 -12.69 -94.19 32.62
N ALA C 68 -13.25 -95.06 31.79
CA ALA C 68 -12.50 -95.56 30.65
C ALA C 68 -12.41 -94.51 29.55
N HIS C 69 -11.21 -94.40 28.95
CA HIS C 69 -10.92 -93.34 27.99
C HIS C 69 -11.58 -93.66 26.65
N SER C 70 -12.85 -93.30 26.56
CA SER C 70 -13.72 -93.38 25.38
C SER C 70 -13.78 -94.74 24.69
N PRO C 71 -14.39 -95.77 25.30
CA PRO C 71 -14.98 -96.84 24.48
C PRO C 71 -16.39 -96.47 24.06
N GLU C 72 -16.99 -95.61 24.88
CA GLU C 72 -18.34 -95.12 24.65
C GLU C 72 -18.52 -93.63 24.89
N GLN C 73 -17.47 -92.92 25.32
CA GLN C 73 -17.61 -91.49 25.63
C GLN C 73 -17.74 -90.66 24.36
N LYS C 74 -17.20 -91.14 23.24
CA LYS C 74 -17.30 -90.45 21.97
C LYS C 74 -18.75 -90.32 21.49
N LEU C 75 -19.48 -91.44 21.47
CA LEU C 75 -20.89 -91.36 21.06
C LEU C 75 -21.74 -90.67 22.11
N ARG C 76 -21.32 -90.71 23.38
CA ARG C 76 -22.01 -89.98 24.43
C ARG C 76 -21.94 -88.47 24.21
N ASN C 77 -20.74 -87.94 23.99
CA ASN C 77 -20.61 -86.52 23.68
C ASN C 77 -21.18 -86.19 22.30
N SER C 78 -21.23 -87.18 21.39
CA SER C 78 -21.83 -86.97 20.09
C SER C 78 -23.33 -86.74 20.20
N MET C 79 -24.04 -87.59 20.95
CA MET C 79 -25.47 -87.33 21.15
C MET C 79 -25.69 -86.12 22.04
N LEU C 80 -24.72 -85.79 22.90
CA LEU C 80 -24.81 -84.59 23.73
C LEU C 80 -24.85 -83.32 22.87
N ASP C 81 -23.91 -83.17 21.93
CA ASP C 81 -23.96 -81.98 21.10
C ASP C 81 -24.85 -82.15 19.86
N ILE C 82 -25.43 -83.34 19.64
CA ILE C 82 -26.60 -83.42 18.77
C ILE C 82 -27.80 -82.78 19.45
N PHE C 83 -27.93 -82.97 20.78
CA PHE C 83 -29.07 -82.45 21.51
C PHE C 83 -29.10 -80.93 21.58
N ASN C 84 -27.96 -80.26 21.45
CA ASN C 84 -27.93 -78.80 21.42
C ASN C 84 -28.15 -78.24 20.03
N ARG C 85 -27.75 -78.97 18.99
CA ARG C 85 -27.86 -78.47 17.62
C ARG C 85 -29.29 -78.52 17.08
N CYS C 86 -30.14 -79.37 17.64
CA CYS C 86 -31.48 -79.54 17.08
C CYS C 86 -32.41 -78.45 17.59
N LEU C 87 -33.06 -77.75 16.66
CA LEU C 87 -34.09 -76.78 16.96
C LEU C 87 -35.44 -77.32 16.50
N MET C 88 -36.42 -77.32 17.40
CA MET C 88 -37.70 -77.95 17.15
C MET C 88 -38.84 -76.98 17.42
N ASN C 89 -39.98 -77.27 16.81
CA ASN C 89 -41.22 -76.53 17.05
C ASN C 89 -42.37 -77.47 17.38
N GLN C 90 -42.09 -78.74 17.65
CA GLN C 90 -43.10 -79.76 17.85
C GLN C 90 -42.47 -80.96 18.53
N THR C 91 -43.33 -81.75 19.18
CA THR C 91 -42.98 -82.99 19.89
C THR C 91 -41.89 -82.75 20.94
N PHE C 92 -42.22 -81.91 21.92
CA PHE C 92 -41.24 -81.51 22.92
C PHE C 92 -41.10 -82.56 24.01
N GLN C 93 -42.20 -83.21 24.37
CA GLN C 93 -42.20 -84.26 25.40
C GLN C 93 -41.46 -85.53 25.01
N PRO C 94 -41.46 -86.02 23.75
CA PRO C 94 -40.51 -87.11 23.42
C PRO C 94 -39.05 -86.76 23.61
N TYR C 95 -38.68 -85.48 23.48
CA TYR C 95 -37.34 -85.07 23.88
C TYR C 95 -37.19 -85.08 25.40
N ALA C 96 -38.22 -84.63 26.12
CA ALA C 96 -38.08 -84.35 27.54
C ALA C 96 -38.11 -85.60 28.41
N MET C 97 -38.86 -86.63 28.01
CA MET C 97 -38.92 -87.83 28.85
C MET C 97 -37.68 -88.70 28.79
N GLU C 98 -36.74 -88.44 27.89
CA GLU C 98 -35.59 -89.32 27.71
C GLU C 98 -34.26 -88.65 28.04
N VAL C 99 -34.29 -87.52 28.73
CA VAL C 99 -33.07 -86.83 29.11
C VAL C 99 -32.90 -86.70 30.61
N LEU C 100 -33.97 -86.81 31.40
CA LEU C 100 -33.88 -86.56 32.84
C LEU C 100 -33.24 -87.72 33.59
N GLU C 101 -33.34 -88.94 33.04
CA GLU C 101 -32.91 -90.14 33.75
C GLU C 101 -31.40 -90.23 33.89
N PHE C 102 -30.64 -89.47 33.12
CA PHE C 102 -29.19 -89.43 33.30
C PHE C 102 -28.75 -88.31 34.22
N LEU C 103 -29.43 -87.16 34.19
CA LEU C 103 -29.10 -86.08 35.09
C LEU C 103 -29.61 -86.31 36.51
N LEU C 104 -30.52 -87.26 36.71
CA LEU C 104 -30.87 -87.65 38.08
C LEU C 104 -29.93 -88.72 38.63
N SER C 105 -28.83 -89.01 37.94
CA SER C 105 -27.92 -90.05 38.37
C SER C 105 -26.53 -89.55 38.77
N VAL C 106 -26.20 -88.30 38.48
CA VAL C 106 -24.84 -87.80 38.67
C VAL C 106 -24.86 -86.66 39.69
N LEU C 107 -25.69 -86.81 40.73
CA LEU C 107 -25.80 -85.76 41.74
C LEU C 107 -24.52 -85.53 42.54
N PRO C 108 -23.90 -86.53 43.21
CA PRO C 108 -22.73 -86.18 44.03
C PRO C 108 -21.36 -86.31 43.37
N LYS C 109 -21.27 -86.84 42.16
CA LYS C 109 -19.99 -87.19 41.55
C LYS C 109 -19.69 -86.27 40.38
N GLU C 110 -18.47 -85.70 40.37
CA GLU C 110 -18.12 -84.73 39.35
C GLU C 110 -16.68 -84.88 38.86
N ASN C 111 -16.03 -86.01 39.12
CA ASN C 111 -14.61 -86.18 38.80
C ASN C 111 -14.43 -87.15 37.65
N GLU C 112 -13.49 -86.82 36.75
CA GLU C 112 -13.17 -87.57 35.53
C GLU C 112 -14.41 -87.68 34.64
N GLU C 113 -14.81 -86.51 34.10
CA GLU C 113 -15.92 -86.29 33.16
C GLU C 113 -17.24 -86.87 33.66
N ASN C 114 -17.43 -86.84 34.98
CA ASN C 114 -18.56 -87.50 35.62
C ASN C 114 -19.80 -86.62 35.48
N GLY C 115 -20.50 -86.78 34.36
CA GLY C 115 -21.78 -86.15 34.17
C GLY C 115 -21.71 -84.72 33.69
N ILE C 116 -21.06 -84.48 32.56
CA ILE C 116 -21.05 -83.16 31.95
C ILE C 116 -22.12 -83.03 30.88
N LEU C 117 -23.15 -83.90 30.91
CA LEU C 117 -24.33 -83.65 30.10
C LEU C 117 -25.12 -82.46 30.63
N CYS C 118 -25.11 -82.25 31.97
CA CYS C 118 -26.14 -81.49 32.66
C CYS C 118 -26.14 -80.02 32.29
N MET C 119 -24.95 -79.41 32.20
CA MET C 119 -24.85 -78.01 31.79
C MET C 119 -25.21 -77.78 30.32
N LYS C 120 -25.45 -78.83 29.55
CA LYS C 120 -26.00 -78.72 28.22
C LYS C 120 -27.44 -79.20 28.13
N VAL C 121 -27.79 -80.30 28.79
CA VAL C 121 -29.13 -80.82 28.65
C VAL C 121 -30.16 -80.00 29.44
N LEU C 122 -29.77 -79.40 30.58
CA LEU C 122 -30.70 -78.50 31.25
C LEU C 122 -30.89 -77.20 30.48
N THR C 123 -29.86 -76.76 29.77
CA THR C 123 -30.03 -75.58 28.92
C THR C 123 -30.90 -75.89 27.70
N THR C 124 -30.82 -77.11 27.16
CA THR C 124 -31.69 -77.44 26.04
C THR C 124 -33.14 -77.59 26.48
N LEU C 125 -33.36 -78.13 27.68
CA LEU C 125 -34.75 -78.15 28.16
C LEU C 125 -35.23 -76.76 28.54
N PHE C 126 -34.31 -75.87 28.95
CA PHE C 126 -34.67 -74.46 29.12
C PHE C 126 -35.06 -73.81 27.79
N LYS C 127 -34.33 -74.15 26.72
CA LYS C 127 -34.65 -73.60 25.41
C LYS C 127 -35.99 -74.12 24.89
N SER C 128 -36.27 -75.40 25.12
CA SER C 128 -37.56 -75.95 24.70
C SER C 128 -38.69 -75.43 25.58
N PHE C 129 -38.40 -75.06 26.82
CA PHE C 129 -39.40 -74.39 27.65
C PHE C 129 -39.65 -72.97 27.15
N LYS C 130 -38.60 -72.28 26.72
CA LYS C 130 -38.75 -70.92 26.20
C LYS C 130 -39.37 -70.88 24.81
N SER C 131 -39.37 -71.99 24.08
CA SER C 131 -40.15 -72.04 22.84
C SER C 131 -41.64 -72.03 23.16
N ILE C 132 -42.09 -72.98 23.98
CA ILE C 132 -43.48 -73.02 24.45
C ILE C 132 -43.48 -73.75 25.79
N LEU C 133 -44.34 -73.28 26.71
CA LEU C 133 -44.43 -73.82 28.05
C LEU C 133 -44.94 -75.27 28.03
N GLN C 134 -44.26 -76.13 28.78
CA GLN C 134 -44.59 -77.55 28.86
C GLN C 134 -45.23 -77.94 30.17
N ASP C 135 -45.62 -76.95 30.99
CA ASP C 135 -46.10 -77.06 32.38
C ASP C 135 -45.38 -78.14 33.19
N LYS C 136 -44.04 -78.10 33.12
CA LYS C 136 -43.18 -78.94 33.95
C LYS C 136 -42.13 -78.00 34.54
N LEU C 137 -42.47 -77.39 35.66
CA LEU C 137 -41.59 -76.42 36.30
C LEU C 137 -41.19 -76.78 37.71
N ASP C 138 -41.77 -77.84 38.28
CA ASP C 138 -41.47 -78.27 39.63
C ASP C 138 -40.77 -79.62 39.67
N SER C 139 -40.45 -80.20 38.52
CA SER C 139 -39.77 -81.49 38.46
C SER C 139 -38.29 -81.38 38.15
N PHE C 140 -37.94 -80.63 37.10
CA PHE C 140 -36.55 -80.52 36.68
C PHE C 140 -35.74 -79.59 37.57
N ILE C 141 -36.39 -78.68 38.31
CA ILE C 141 -35.67 -77.71 39.12
C ILE C 141 -35.26 -78.26 40.48
N ARG C 142 -35.65 -79.49 40.81
CA ARG C 142 -35.27 -80.06 42.09
C ARG C 142 -33.86 -80.66 42.05
N ILE C 143 -33.38 -81.02 40.87
CA ILE C 143 -32.08 -81.69 40.73
C ILE C 143 -30.94 -80.75 41.11
N ILE C 144 -31.04 -79.48 40.70
CA ILE C 144 -30.02 -78.51 41.08
C ILE C 144 -30.11 -78.18 42.56
N ILE C 145 -31.31 -78.31 43.15
CA ILE C 145 -31.43 -78.17 44.60
C ILE C 145 -30.72 -79.30 45.31
N GLN C 146 -30.82 -80.53 44.78
CA GLN C 146 -30.07 -81.63 45.38
C GLN C 146 -28.57 -81.51 45.12
N ILE C 147 -28.16 -80.86 44.02
CA ILE C 147 -26.76 -80.48 43.85
C ILE C 147 -26.32 -79.54 44.97
N TYR C 148 -27.15 -78.54 45.28
CA TYR C 148 -26.83 -77.60 46.36
C TYR C 148 -26.79 -78.29 47.72
N LYS C 149 -27.65 -79.28 47.95
CA LYS C 149 -27.55 -80.08 49.16
C LYS C 149 -26.36 -81.03 49.15
N ASN C 150 -25.85 -81.37 47.96
CA ASN C 150 -24.67 -82.23 47.88
C ASN C 150 -23.39 -81.46 48.11
N THR C 151 -23.39 -80.15 47.84
CA THR C 151 -22.18 -79.35 48.05
C THR C 151 -21.60 -79.35 49.48
N PRO C 152 -22.35 -79.54 50.58
CA PRO C 152 -21.64 -79.82 51.85
C PRO C 152 -20.89 -81.14 51.83
N ASN C 153 -21.44 -82.17 51.19
CA ASN C 153 -20.69 -83.43 51.06
C ASN C 153 -19.49 -83.24 50.15
N LEU C 154 -19.63 -82.41 49.11
CA LEU C 154 -18.51 -82.12 48.21
C LEU C 154 -17.42 -81.33 48.92
N ILE C 155 -17.77 -80.44 49.85
CA ILE C 155 -16.72 -79.73 50.55
C ILE C 155 -16.15 -80.56 51.70
N ASN C 156 -16.90 -81.54 52.23
CA ASN C 156 -16.32 -82.40 53.25
C ASN C 156 -15.44 -83.49 52.66
N GLN C 157 -15.68 -83.88 51.41
CA GLN C 157 -14.87 -84.94 50.80
C GLN C 157 -13.57 -84.42 50.22
N THR C 158 -13.27 -83.13 50.37
CA THR C 158 -12.09 -82.56 49.72
C THR C 158 -11.20 -81.89 50.76
N PHE C 159 -10.97 -82.58 51.87
CA PHE C 159 -10.10 -82.09 52.92
C PHE C 159 -8.67 -82.59 52.72
N LEU C 214 -16.55 -79.75 39.98
CA LEU C 214 -17.79 -79.27 40.56
C LEU C 214 -18.72 -78.86 39.42
N ARG C 215 -18.57 -77.62 38.96
CA ARG C 215 -19.21 -77.11 37.74
C ARG C 215 -20.75 -77.18 37.81
N SER C 216 -21.28 -76.40 38.74
CA SER C 216 -22.74 -76.27 38.84
C SER C 216 -23.30 -75.57 37.62
N SER C 217 -22.71 -74.43 37.25
CA SER C 217 -23.04 -73.62 36.07
C SER C 217 -24.52 -73.20 36.08
N MET C 218 -24.84 -72.36 37.07
CA MET C 218 -26.22 -71.99 37.36
C MET C 218 -26.66 -70.76 36.59
N PHE C 219 -26.14 -70.56 35.37
CA PHE C 219 -26.29 -69.29 34.67
C PHE C 219 -27.73 -69.08 34.23
N SER C 220 -28.37 -70.09 33.65
CA SER C 220 -29.79 -70.03 33.33
C SER C 220 -30.58 -71.09 34.06
N PHE C 221 -30.03 -71.61 35.15
CA PHE C 221 -30.63 -72.77 35.79
C PHE C 221 -31.75 -72.40 36.75
N LYS C 222 -31.71 -71.19 37.30
CA LYS C 222 -32.76 -70.73 38.20
C LYS C 222 -33.56 -69.57 37.64
N ILE C 223 -33.05 -68.87 36.63
CA ILE C 223 -33.77 -67.77 36.01
C ILE C 223 -34.46 -68.30 34.76
N LEU C 224 -35.78 -68.13 34.71
CA LEU C 224 -36.59 -68.54 33.57
C LEU C 224 -37.40 -67.38 33.00
N SER C 225 -37.03 -66.14 33.35
CA SER C 225 -37.56 -64.86 32.88
C SER C 225 -38.99 -64.58 33.33
N GLU C 226 -39.66 -65.52 34.01
CA GLU C 226 -40.95 -65.27 34.63
C GLU C 226 -40.90 -65.48 36.13
N CYS C 227 -40.43 -66.66 36.57
CA CYS C 227 -40.24 -67.12 37.94
C CYS C 227 -41.46 -66.90 38.84
N PRO C 228 -42.57 -67.63 38.64
CA PRO C 228 -43.71 -67.52 39.56
C PRO C 228 -43.61 -68.51 40.71
N ILE C 229 -42.45 -68.58 41.33
CA ILE C 229 -42.14 -69.53 42.39
C ILE C 229 -41.57 -68.78 43.59
N THR C 230 -41.19 -69.54 44.60
CA THR C 230 -40.57 -68.95 45.78
C THR C 230 -39.07 -68.77 45.57
N MET C 231 -38.49 -67.87 46.35
CA MET C 231 -37.07 -67.57 46.31
C MET C 231 -36.37 -67.88 47.62
N VAL C 232 -37.09 -68.37 48.63
CA VAL C 232 -36.50 -68.62 49.94
C VAL C 232 -35.59 -69.83 49.89
N THR C 233 -35.98 -70.85 49.13
CA THR C 233 -35.09 -72.00 48.94
C THR C 233 -33.86 -71.60 48.14
N LEU C 234 -34.01 -70.66 47.20
CA LEU C 234 -32.86 -70.11 46.49
C LEU C 234 -31.98 -69.29 47.43
N TYR C 235 -32.60 -68.56 48.37
CA TYR C 235 -31.84 -67.82 49.37
C TYR C 235 -31.02 -68.74 50.26
N SER C 236 -31.61 -69.86 50.67
CA SER C 236 -30.89 -70.79 51.54
C SER C 236 -29.79 -71.53 50.78
N SER C 237 -30.05 -71.90 49.52
CA SER C 237 -29.01 -72.56 48.75
C SER C 237 -27.88 -71.61 48.35
N TYR C 238 -28.14 -70.30 48.31
CA TYR C 238 -27.03 -69.36 48.13
C TYR C 238 -26.27 -69.14 49.43
N LYS C 239 -27.00 -69.01 50.54
CA LYS C 239 -26.39 -68.72 51.83
C LYS C 239 -25.64 -69.91 52.41
N GLN C 240 -25.94 -71.13 51.96
CA GLN C 240 -25.19 -72.28 52.45
C GLN C 240 -23.76 -72.36 51.90
N LEU C 241 -23.39 -71.54 50.93
CA LEU C 241 -22.04 -71.57 50.39
C LEU C 241 -21.40 -70.19 50.24
N THR C 242 -22.17 -69.10 50.23
CA THR C 242 -21.58 -67.77 50.11
C THR C 242 -20.84 -67.38 51.38
N SER C 243 -21.55 -67.31 52.50
CA SER C 243 -21.03 -66.71 53.73
C SER C 243 -20.23 -67.69 54.58
N THR C 244 -19.70 -68.73 53.95
CA THR C 244 -18.81 -69.69 54.61
C THR C 244 -17.39 -69.47 54.13
N SER C 245 -16.44 -69.85 54.98
CA SER C 245 -15.06 -69.92 54.52
C SER C 245 -14.96 -71.11 53.60
N LEU C 246 -14.61 -70.84 52.35
CA LEU C 246 -14.72 -71.83 51.29
C LEU C 246 -13.69 -72.95 51.44
N PRO C 247 -12.41 -72.69 51.80
CA PRO C 247 -11.64 -73.74 52.46
C PRO C 247 -11.68 -73.56 53.97
N GLU C 248 -11.09 -74.48 54.73
CA GLU C 248 -10.90 -74.25 56.16
C GLU C 248 -9.59 -73.53 56.46
N PHE C 249 -8.97 -72.91 55.45
CA PHE C 249 -7.65 -72.32 55.61
C PHE C 249 -7.59 -70.82 55.31
N THR C 250 -8.62 -70.25 54.67
CA THR C 250 -8.61 -68.82 54.42
C THR C 250 -8.63 -67.90 55.66
N PRO C 251 -9.26 -68.23 56.79
CA PRO C 251 -9.05 -67.35 57.96
C PRO C 251 -7.63 -67.40 58.51
N LEU C 252 -6.92 -68.51 58.37
CA LEU C 252 -5.59 -68.59 58.96
C LEU C 252 -4.52 -67.98 58.07
N ILE C 253 -4.86 -67.60 56.83
CA ILE C 253 -3.95 -66.78 56.01
C ILE C 253 -4.10 -65.29 56.29
N MET C 254 -5.16 -64.87 56.98
CA MET C 254 -5.33 -63.49 57.41
C MET C 254 -4.53 -63.12 58.65
N ASN C 255 -3.81 -64.05 59.29
CA ASN C 255 -2.88 -63.63 60.33
C ASN C 255 -1.68 -62.89 59.74
N LEU C 256 -1.29 -63.23 58.50
CA LEU C 256 -0.22 -62.48 57.85
C LEU C 256 -0.71 -61.16 57.25
N LEU C 257 -2.02 -60.92 57.27
CA LEU C 257 -2.55 -59.63 56.83
C LEU C 257 -2.12 -58.58 57.85
N ASN C 258 -1.26 -57.66 57.41
CA ASN C 258 -0.72 -56.63 58.29
C ASN C 258 -1.38 -55.27 58.03
N THR C 279 -1.19 -58.42 53.93
CA THR C 279 -2.26 -57.48 53.62
C THR C 279 -3.19 -58.06 52.57
N SER C 280 -2.61 -58.54 51.47
CA SER C 280 -3.38 -59.14 50.38
C SER C 280 -2.68 -60.40 49.93
N ILE C 281 -3.44 -61.27 49.27
CA ILE C 281 -2.91 -62.53 48.74
C ILE C 281 -3.00 -62.48 47.23
N SER C 282 -1.85 -62.61 46.56
CA SER C 282 -1.82 -62.67 45.10
C SER C 282 -2.22 -64.05 44.62
N THR C 283 -1.55 -65.08 45.12
CA THR C 283 -1.95 -66.44 44.86
C THR C 283 -3.20 -66.75 45.66
N GLU C 284 -3.88 -67.83 45.28
CA GLU C 284 -5.11 -68.18 45.96
C GLU C 284 -4.80 -68.71 47.35
N ILE C 285 -4.06 -69.81 47.42
CA ILE C 285 -3.66 -70.49 48.64
C ILE C 285 -2.15 -70.74 48.50
N ILE C 286 -1.41 -70.55 49.58
CA ILE C 286 0.04 -70.90 49.59
C ILE C 286 0.13 -72.37 49.99
N ASN C 287 -0.06 -73.22 48.98
CA ASN C 287 0.27 -74.64 48.92
C ASN C 287 -0.37 -75.49 50.02
N ARG C 288 -1.51 -75.05 50.55
CA ARG C 288 -2.16 -75.80 51.61
C ARG C 288 -2.96 -76.97 51.01
N PRO C 289 -3.68 -76.84 49.81
CA PRO C 289 -4.38 -78.01 49.28
C PRO C 289 -3.57 -78.70 48.17
N ALA C 290 -3.38 -80.01 48.35
CA ALA C 290 -2.57 -80.82 47.45
C ALA C 290 -3.12 -80.88 46.02
N TYR C 291 -4.43 -81.02 45.84
CA TYR C 291 -5.02 -81.18 44.51
C TYR C 291 -4.79 -79.94 43.64
N CYS C 292 -5.07 -78.77 44.20
CA CYS C 292 -4.93 -77.43 43.62
C CYS C 292 -5.80 -77.24 42.36
N ASP C 293 -6.84 -78.06 42.17
CA ASP C 293 -7.74 -77.87 41.04
C ASP C 293 -9.18 -77.75 41.51
N PHE C 294 -9.41 -78.06 42.78
CA PHE C 294 -10.74 -77.98 43.35
C PHE C 294 -11.04 -76.54 43.69
N ILE C 295 -10.04 -75.84 44.22
CA ILE C 295 -10.19 -74.42 44.49
C ILE C 295 -10.48 -73.69 43.18
N LEU C 296 -9.81 -74.09 42.09
CA LEU C 296 -10.03 -73.46 40.78
C LEU C 296 -11.46 -73.66 40.28
N ALA C 297 -11.99 -74.88 40.47
CA ALA C 297 -13.36 -75.13 40.01
C ALA C 297 -14.40 -74.54 40.96
N GLN C 298 -14.16 -74.67 42.27
CA GLN C 298 -15.08 -74.14 43.27
C GLN C 298 -15.15 -72.62 43.17
N ILE C 299 -14.01 -71.95 42.98
CA ILE C 299 -13.98 -70.50 42.83
C ILE C 299 -14.74 -70.10 41.57
N LYS C 300 -14.56 -70.88 40.49
CA LYS C 300 -15.26 -70.58 39.24
C LYS C 300 -16.77 -70.68 39.43
N ALA C 301 -17.21 -71.69 40.19
CA ALA C 301 -18.63 -71.86 40.47
C ALA C 301 -19.16 -70.77 41.39
N THR C 302 -18.31 -70.31 42.32
CA THR C 302 -18.70 -69.23 43.23
C THR C 302 -18.84 -67.92 42.46
N SER C 303 -17.99 -67.71 41.46
CA SER C 303 -18.10 -66.53 40.62
C SER C 303 -19.35 -66.62 39.75
N PHE C 304 -19.71 -67.84 39.30
CA PHE C 304 -20.96 -68.03 38.57
C PHE C 304 -22.17 -67.67 39.41
N LEU C 305 -22.23 -68.15 40.65
CA LEU C 305 -23.38 -67.84 41.49
C LEU C 305 -23.42 -66.38 41.93
N ALA C 306 -22.24 -65.79 42.16
CA ALA C 306 -22.17 -64.36 42.48
C ALA C 306 -22.59 -63.52 41.29
N TYR C 307 -22.40 -64.03 40.08
CA TYR C 307 -22.97 -63.37 38.91
C TYR C 307 -24.49 -63.52 38.88
N VAL C 308 -24.99 -64.71 39.20
CA VAL C 308 -26.41 -64.97 38.90
C VAL C 308 -27.39 -64.50 39.97
N PHE C 309 -26.97 -64.23 41.20
CA PHE C 309 -28.02 -63.71 42.08
C PHE C 309 -28.30 -62.21 41.91
N ILE C 310 -27.61 -61.51 41.01
CA ILE C 310 -27.91 -60.11 40.76
C ILE C 310 -29.30 -59.92 40.12
N ARG C 311 -29.70 -60.84 39.23
CA ARG C 311 -30.98 -60.72 38.52
C ARG C 311 -32.15 -60.74 39.49
N GLY C 312 -32.03 -61.50 40.58
CA GLY C 312 -33.10 -61.62 41.56
C GLY C 312 -33.50 -60.29 42.20
N TYR C 313 -32.56 -59.35 42.30
CA TYR C 313 -32.81 -58.06 42.95
C TYR C 313 -33.94 -57.26 42.30
N ALA C 314 -33.99 -57.23 40.97
CA ALA C 314 -35.02 -56.42 40.28
C ALA C 314 -36.47 -56.87 40.50
N PRO C 315 -36.87 -58.15 40.38
CA PRO C 315 -38.29 -58.47 40.62
C PRO C 315 -38.72 -58.30 42.06
N GLU C 316 -37.91 -58.73 43.01
CA GLU C 316 -38.23 -58.64 44.43
C GLU C 316 -36.99 -58.33 45.24
N PHE C 317 -37.20 -57.57 46.32
CA PHE C 317 -36.13 -57.18 47.23
C PHE C 317 -35.64 -58.41 47.98
N LEU C 318 -34.32 -58.52 48.14
CA LEU C 318 -33.72 -59.62 48.85
C LEU C 318 -33.54 -59.28 50.33
N GLN C 319 -33.87 -60.25 51.18
CA GLN C 319 -33.86 -60.04 52.62
C GLN C 319 -33.07 -61.13 53.34
N ASP C 320 -33.15 -61.11 54.68
CA ASP C 320 -32.52 -61.98 55.69
C ASP C 320 -31.03 -61.73 55.85
N TYR C 321 -30.43 -60.94 54.94
CA TYR C 321 -29.04 -60.54 54.98
C TYR C 321 -28.82 -59.40 53.99
N VAL C 322 -28.16 -58.34 54.43
CA VAL C 322 -27.81 -57.23 53.54
C VAL C 322 -26.33 -56.84 53.62
N ASN C 323 -25.61 -57.18 54.69
CA ASN C 323 -24.22 -56.79 54.86
C ASN C 323 -23.26 -57.93 54.64
N PHE C 324 -23.69 -58.99 53.95
CA PHE C 324 -22.83 -60.13 53.73
C PHE C 324 -22.19 -60.16 52.34
N VAL C 325 -22.72 -59.42 51.38
CA VAL C 325 -22.09 -59.31 50.07
C VAL C 325 -20.75 -58.57 49.97
N PRO C 326 -20.40 -57.52 50.73
CA PRO C 326 -19.15 -56.81 50.39
C PRO C 326 -17.89 -57.58 50.76
N ASP C 327 -17.89 -58.29 51.90
CA ASP C 327 -16.72 -59.08 52.27
C ASP C 327 -16.51 -60.25 51.34
N LEU C 328 -17.60 -60.87 50.85
CA LEU C 328 -17.42 -61.94 49.87
C LEU C 328 -16.99 -61.39 48.52
N ILE C 329 -17.42 -60.18 48.17
CA ILE C 329 -16.97 -59.55 46.92
C ILE C 329 -15.47 -59.29 46.98
N ILE C 330 -15.00 -58.73 48.10
CA ILE C 330 -13.58 -58.45 48.27
C ILE C 330 -12.78 -59.75 48.33
N ARG C 331 -13.34 -60.78 48.97
CA ARG C 331 -12.66 -62.07 49.05
C ARG C 331 -12.55 -62.73 47.67
N LEU C 332 -13.64 -62.74 46.90
CA LEU C 332 -13.61 -63.33 45.57
C LEU C 332 -12.73 -62.55 44.61
N LEU C 333 -12.63 -61.23 44.79
CA LEU C 333 -11.67 -60.45 44.02
C LEU C 333 -10.24 -60.76 44.44
N GLN C 334 -10.03 -61.09 45.71
CA GLN C 334 -8.68 -61.42 46.15
C GLN C 334 -8.22 -62.80 45.72
N ASP C 335 -9.12 -63.78 45.63
CA ASP C 335 -8.69 -65.14 45.29
C ASP C 335 -9.25 -65.61 43.95
N CYS C 336 -9.31 -64.72 42.97
CA CYS C 336 -9.46 -65.23 41.63
C CYS C 336 -8.11 -65.72 41.13
N PRO C 337 -8.06 -66.83 40.41
CA PRO C 337 -6.77 -67.38 39.99
C PRO C 337 -6.14 -66.55 38.90
N SER C 338 -4.81 -66.47 38.95
CA SER C 338 -4.05 -65.76 37.93
C SER C 338 -3.90 -66.57 36.65
N GLU C 339 -4.20 -67.86 36.69
CA GLU C 339 -4.10 -68.74 35.53
C GLU C 339 -5.34 -68.68 34.64
N LEU C 340 -6.35 -67.91 35.01
CA LEU C 340 -7.53 -67.73 34.17
C LEU C 340 -7.98 -66.29 34.26
N SER C 341 -8.72 -65.85 33.25
CA SER C 341 -9.17 -64.47 33.18
C SER C 341 -10.63 -64.33 32.78
N SER C 342 -11.33 -65.43 32.52
CA SER C 342 -12.72 -65.30 32.07
C SER C 342 -13.64 -64.94 33.22
N ALA C 343 -13.38 -65.47 34.41
CA ALA C 343 -14.29 -65.31 35.53
C ALA C 343 -14.28 -63.90 36.07
N ARG C 344 -13.15 -63.20 35.93
CA ARG C 344 -13.06 -61.82 36.42
C ARG C 344 -13.98 -60.89 35.62
N LYS C 345 -14.27 -61.24 34.38
CA LYS C 345 -15.17 -60.43 33.55
C LYS C 345 -16.57 -60.38 34.13
N GLU C 346 -17.19 -61.53 34.36
CA GLU C 346 -18.52 -61.50 34.95
C GLU C 346 -18.49 -61.20 36.44
N LEU C 347 -17.35 -61.34 37.12
CA LEU C 347 -17.28 -60.87 38.50
C LEU C 347 -17.36 -59.35 38.56
N LEU C 348 -16.62 -58.66 37.69
CA LEU C 348 -16.73 -57.21 37.63
C LEU C 348 -18.06 -56.77 37.04
N HIS C 349 -18.66 -57.60 36.18
CA HIS C 349 -20.00 -57.30 35.68
C HIS C 349 -21.04 -57.39 36.79
N ALA C 350 -20.93 -58.40 37.65
CA ALA C 350 -21.82 -58.48 38.80
C ALA C 350 -21.57 -57.34 39.78
N THR C 351 -20.32 -56.90 39.91
CA THR C 351 -20.02 -55.77 40.77
C THR C 351 -20.66 -54.48 40.26
N ARG C 352 -20.58 -54.23 38.96
CA ARG C 352 -21.23 -53.03 38.44
C ARG C 352 -22.73 -53.16 38.35
N HIS C 353 -23.25 -54.38 38.29
CA HIS C 353 -24.68 -54.56 38.35
C HIS C 353 -25.21 -54.36 39.77
N ILE C 354 -24.40 -54.65 40.78
CA ILE C 354 -24.73 -54.24 42.15
C ILE C 354 -24.70 -52.72 42.25
N LEU C 355 -23.61 -52.11 41.77
CA LEU C 355 -23.37 -50.69 41.94
C LEU C 355 -24.24 -49.82 41.05
N SER C 356 -24.98 -50.40 40.10
CA SER C 356 -25.92 -49.64 39.30
C SER C 356 -27.23 -49.37 40.02
N THR C 357 -27.42 -49.94 41.21
CA THR C 357 -28.65 -49.77 41.97
C THR C 357 -28.59 -48.46 42.75
N ASN C 358 -29.56 -48.26 43.63
CA ASN C 358 -29.69 -47.00 44.38
C ASN C 358 -29.31 -47.13 45.84
N TYR C 359 -29.66 -48.24 46.49
CA TYR C 359 -29.44 -48.40 47.92
C TYR C 359 -28.34 -49.38 48.27
N LYS C 360 -27.94 -50.25 47.35
CA LYS C 360 -26.86 -51.19 47.61
C LYS C 360 -25.48 -50.55 47.55
N LYS C 361 -25.36 -49.39 46.90
CA LYS C 361 -24.09 -48.72 46.72
C LYS C 361 -23.74 -47.78 47.87
N LEU C 362 -24.50 -47.81 48.96
CA LEU C 362 -24.27 -46.93 50.10
C LEU C 362 -23.42 -47.58 51.17
N PHE C 363 -23.78 -48.79 51.60
CA PHE C 363 -23.04 -49.47 52.65
C PHE C 363 -21.80 -50.18 52.11
N LEU C 364 -21.71 -50.40 50.81
CA LEU C 364 -20.52 -51.04 50.24
C LEU C 364 -19.24 -50.22 50.39
N PRO C 365 -19.18 -48.89 50.14
CA PRO C 365 -17.91 -48.17 50.34
C PRO C 365 -17.44 -48.11 51.78
N LYS C 366 -18.33 -48.30 52.74
CA LYS C 366 -17.92 -48.33 54.12
C LYS C 366 -17.20 -49.63 54.48
N LEU C 367 -17.67 -50.75 53.95
CA LEU C 367 -17.15 -52.05 54.37
C LEU C 367 -15.93 -52.51 53.59
N ASP C 368 -15.70 -51.99 52.38
CA ASP C 368 -14.41 -52.15 51.73
C ASP C 368 -13.41 -51.07 52.13
N TYR C 369 -13.93 -49.97 52.70
CA TYR C 369 -13.19 -48.78 53.16
C TYR C 369 -12.49 -48.06 52.00
N LEU C 370 -12.88 -48.35 50.75
CA LEU C 370 -12.29 -47.80 49.53
C LEU C 370 -10.78 -48.00 49.46
N PHE C 371 -10.31 -49.12 50.00
CA PHE C 371 -8.88 -49.44 50.03
C PHE C 371 -8.56 -50.79 49.45
N ASP C 372 -9.53 -51.71 49.37
CA ASP C 372 -9.36 -52.97 48.68
C ASP C 372 -9.83 -52.89 47.23
N GLU C 373 -9.97 -51.67 46.72
CA GLU C 373 -10.43 -51.41 45.35
C GLU C 373 -9.28 -50.93 44.47
N ARG C 374 -8.13 -51.58 44.63
CA ARG C 374 -6.87 -51.23 43.97
C ARG C 374 -6.45 -52.39 43.08
N ILE C 375 -5.18 -52.43 42.68
CA ILE C 375 -4.69 -53.26 41.57
C ILE C 375 -4.48 -54.71 42.06
N LEU C 376 -4.93 -55.01 43.28
CA LEU C 376 -5.12 -56.40 43.70
C LEU C 376 -6.13 -57.14 42.83
N ILE C 377 -7.07 -56.42 42.20
CA ILE C 377 -8.07 -57.04 41.33
C ILE C 377 -7.51 -57.50 39.99
N GLY C 378 -6.26 -57.20 39.69
CA GLY C 378 -5.58 -57.83 38.57
C GLY C 378 -4.55 -58.82 39.05
N ASN C 379 -4.88 -60.10 38.97
CA ASN C 379 -4.02 -61.17 39.47
C ASN C 379 -3.31 -61.80 38.28
N GLY C 380 -2.00 -61.62 38.21
CA GLY C 380 -1.28 -62.10 37.05
C GLY C 380 -1.26 -61.03 35.99
N PHE C 381 -0.08 -60.54 35.62
CA PHE C 381 0.03 -59.34 34.79
C PHE C 381 0.21 -59.66 33.32
N THR C 382 -0.40 -60.74 32.84
CA THR C 382 -0.53 -60.97 31.41
C THR C 382 -1.96 -61.00 30.95
N MET C 383 -2.92 -60.91 31.87
CA MET C 383 -4.32 -60.70 31.50
C MET C 383 -4.95 -59.54 32.24
N HIS C 384 -4.15 -58.73 32.93
CA HIS C 384 -4.62 -57.44 33.44
C HIS C 384 -4.22 -56.34 32.48
N GLU C 385 -4.63 -56.55 31.23
CA GLU C 385 -4.55 -55.57 30.16
C GLU C 385 -5.82 -55.49 29.34
N THR C 386 -6.70 -56.47 29.45
CA THR C 386 -8.03 -56.41 28.86
C THR C 386 -9.10 -56.10 29.89
N LEU C 387 -8.84 -56.39 31.16
CA LEU C 387 -9.76 -56.08 32.25
C LEU C 387 -9.48 -54.72 32.87
N ARG C 388 -8.55 -53.95 32.31
CA ARG C 388 -8.30 -52.61 32.82
C ARG C 388 -9.45 -51.63 32.57
N PRO C 389 -9.95 -51.42 31.33
CA PRO C 389 -10.97 -50.37 31.16
C PRO C 389 -12.28 -50.67 31.84
N LEU C 390 -12.66 -51.96 31.88
CA LEU C 390 -13.87 -52.36 32.58
C LEU C 390 -13.78 -52.04 34.07
N ALA C 391 -12.73 -52.52 34.74
CA ALA C 391 -12.61 -52.33 36.18
C ALA C 391 -12.46 -50.87 36.56
N TYR C 392 -11.67 -50.11 35.78
CA TYR C 392 -11.48 -48.70 36.07
C TYR C 392 -12.77 -47.91 35.84
N SER C 393 -13.53 -48.28 34.81
CA SER C 393 -14.79 -47.58 34.55
C SER C 393 -15.85 -47.88 35.61
N THR C 394 -15.90 -49.12 36.11
CA THR C 394 -16.86 -49.42 37.17
C THR C 394 -16.50 -48.73 38.48
N VAL C 395 -15.22 -48.71 38.84
CA VAL C 395 -14.80 -48.06 40.08
C VAL C 395 -15.04 -46.56 39.99
N ALA C 396 -14.73 -45.95 38.83
CA ALA C 396 -14.96 -44.52 38.68
C ALA C 396 -16.44 -44.17 38.59
N ASP C 397 -17.26 -45.05 38.01
CA ASP C 397 -18.70 -44.79 37.95
C ASP C 397 -19.31 -44.83 39.33
N PHE C 398 -18.87 -45.78 40.17
CA PHE C 398 -19.37 -45.84 41.53
C PHE C 398 -18.89 -44.64 42.36
N ILE C 399 -17.63 -44.23 42.16
CA ILE C 399 -17.09 -43.09 42.91
C ILE C 399 -17.81 -41.80 42.51
N HIS C 400 -18.12 -41.65 41.23
CA HIS C 400 -18.96 -40.53 40.80
C HIS C 400 -20.38 -40.66 41.31
N ASN C 401 -20.86 -41.89 41.50
CA ASN C 401 -22.23 -42.09 41.96
C ASN C 401 -22.40 -41.69 43.42
N ILE C 402 -21.39 -41.91 44.26
CA ILE C 402 -21.60 -41.55 45.65
C ILE C 402 -21.46 -40.03 45.85
N ARG C 403 -20.25 -39.48 45.70
CA ARG C 403 -19.93 -38.05 45.70
C ARG C 403 -20.37 -37.28 46.94
N SER C 404 -20.84 -37.95 48.00
CA SER C 404 -21.28 -37.24 49.19
C SER C 404 -20.70 -37.89 50.43
N GLU C 405 -20.48 -39.20 50.35
CA GLU C 405 -19.84 -39.92 51.45
C GLU C 405 -18.36 -39.57 51.57
N LEU C 406 -17.75 -39.09 50.49
CA LEU C 406 -16.32 -38.88 50.44
C LEU C 406 -15.90 -37.67 51.27
N GLN C 407 -14.98 -37.88 52.19
CA GLN C 407 -14.28 -36.80 52.85
C GLN C 407 -13.06 -36.44 52.01
N LEU C 408 -12.18 -35.58 52.53
CA LEU C 408 -11.08 -35.09 51.71
C LEU C 408 -9.98 -36.14 51.56
N SER C 409 -9.84 -37.05 52.51
CA SER C 409 -8.77 -38.05 52.43
C SER C 409 -9.03 -39.04 51.32
N GLU C 410 -10.28 -39.50 51.17
CA GLU C 410 -10.61 -40.40 50.07
C GLU C 410 -10.54 -39.69 48.73
N ILE C 411 -10.83 -38.39 48.69
CA ILE C 411 -10.71 -37.62 47.46
C ILE C 411 -9.25 -37.49 47.05
N GLU C 412 -8.36 -37.23 48.02
CA GLU C 412 -6.93 -37.23 47.74
C GLU C 412 -6.45 -38.58 47.24
N LYS C 413 -6.91 -39.65 47.89
CA LYS C 413 -6.49 -41.00 47.52
C LYS C 413 -7.00 -41.40 46.15
N THR C 414 -8.17 -40.90 45.73
CA THR C 414 -8.64 -41.27 44.41
C THR C 414 -8.12 -40.38 43.30
N ILE C 415 -7.81 -39.11 43.56
CA ILE C 415 -7.19 -38.33 42.49
C ILE C 415 -5.74 -38.74 42.33
N LYS C 416 -5.11 -39.25 43.39
CA LYS C 416 -3.74 -39.71 43.28
C LYS C 416 -3.60 -40.95 42.41
N ILE C 417 -4.67 -41.73 42.24
CA ILE C 417 -4.58 -42.91 41.39
C ILE C 417 -5.20 -42.63 40.02
N TYR C 418 -6.18 -41.73 39.96
CA TYR C 418 -6.79 -41.47 38.67
C TYR C 418 -5.99 -40.51 37.81
N THR C 419 -5.15 -39.66 38.41
CA THR C 419 -4.19 -38.93 37.61
C THR C 419 -3.14 -39.86 37.03
N GLY C 420 -2.79 -40.92 37.75
CA GLY C 420 -1.91 -41.93 37.20
C GLY C 420 -2.55 -42.74 36.09
N TYR C 421 -3.87 -43.00 36.20
CA TYR C 421 -4.58 -43.62 35.08
C TYR C 421 -4.63 -42.69 33.88
N LEU C 422 -4.75 -41.39 34.12
CA LEU C 422 -4.76 -40.42 33.01
C LEU C 422 -3.40 -40.35 32.32
N LEU C 423 -2.32 -40.30 33.09
CA LEU C 423 -0.99 -40.19 32.52
C LEU C 423 -0.43 -41.53 32.07
N ASP C 424 -1.15 -42.63 32.26
CA ASP C 424 -0.69 -43.93 31.79
C ASP C 424 -0.90 -44.02 30.29
N GLU C 425 0.18 -44.24 29.55
CA GLU C 425 0.11 -44.31 28.11
C GLU C 425 -0.27 -45.67 27.58
N SER C 426 -0.24 -46.70 28.43
CA SER C 426 -0.41 -48.07 27.99
C SER C 426 -1.84 -48.43 27.64
N LEU C 427 -2.81 -47.64 28.03
CA LEU C 427 -4.21 -47.98 27.82
C LEU C 427 -4.86 -46.96 26.90
N ALA C 428 -6.16 -47.14 26.66
CA ALA C 428 -6.86 -46.47 25.58
C ALA C 428 -7.12 -45.00 25.90
N LEU C 429 -7.56 -44.28 24.88
CA LEU C 429 -7.84 -42.85 25.05
C LEU C 429 -9.13 -42.61 25.80
N THR C 430 -10.11 -43.49 25.65
CA THR C 430 -11.41 -43.30 26.28
C THR C 430 -11.32 -43.41 27.79
N VAL C 431 -10.43 -44.26 28.30
CA VAL C 431 -10.26 -44.36 29.74
C VAL C 431 -9.60 -43.11 30.31
N GLN C 432 -8.68 -42.51 29.55
CA GLN C 432 -8.04 -41.28 30.00
C GLN C 432 -9.03 -40.11 29.99
N ILE C 433 -9.89 -40.06 28.96
CA ILE C 433 -10.93 -39.05 28.92
C ILE C 433 -11.92 -39.26 30.06
N MET C 434 -12.23 -40.51 30.39
CA MET C 434 -13.12 -40.82 31.49
C MET C 434 -12.52 -40.44 32.84
N SER C 435 -11.20 -40.61 32.99
CA SER C 435 -10.54 -40.20 34.22
C SER C 435 -10.54 -38.69 34.38
N ALA C 436 -10.30 -37.96 33.28
CA ALA C 436 -10.38 -36.51 33.34
C ALA C 436 -11.80 -36.04 33.66
N LYS C 437 -12.81 -36.74 33.13
CA LYS C 437 -14.19 -36.44 33.46
C LYS C 437 -14.50 -36.72 34.92
N LEU C 438 -13.88 -37.75 35.50
CA LEU C 438 -14.06 -38.05 36.91
C LEU C 438 -13.48 -36.96 37.80
N LEU C 439 -12.29 -36.46 37.46
CA LEU C 439 -11.70 -35.36 38.24
C LEU C 439 -12.53 -34.08 38.11
N LEU C 440 -13.09 -33.83 36.92
CA LEU C 440 -14.01 -32.69 36.77
C LEU C 440 -15.28 -32.90 37.59
N ASN C 441 -15.74 -34.13 37.74
CA ASN C 441 -16.90 -34.35 38.59
C ASN C 441 -16.55 -34.23 40.07
N LEU C 442 -15.29 -34.44 40.43
CA LEU C 442 -14.89 -34.30 41.84
C LEU C 442 -14.59 -32.88 42.25
N VAL C 443 -14.36 -31.97 41.29
CA VAL C 443 -14.03 -30.58 41.66
C VAL C 443 -15.20 -29.90 42.39
N GLU C 444 -16.45 -30.32 42.13
CA GLU C 444 -17.59 -29.73 42.83
C GLU C 444 -17.63 -30.16 44.28
N ARG C 445 -17.34 -31.42 44.55
CA ARG C 445 -17.29 -31.89 45.94
C ARG C 445 -16.12 -31.28 46.68
N ILE C 446 -14.99 -31.05 45.99
CA ILE C 446 -13.86 -30.37 46.63
C ILE C 446 -14.22 -28.93 46.96
N LEU C 447 -14.91 -28.24 46.05
CA LEU C 447 -15.33 -26.86 46.31
C LEU C 447 -16.33 -26.78 47.45
N LYS C 448 -17.28 -27.71 47.52
CA LYS C 448 -18.28 -27.66 48.58
C LYS C 448 -17.68 -28.01 49.93
N LEU C 449 -16.76 -28.98 49.96
CA LEU C 449 -16.09 -29.33 51.20
C LEU C 449 -15.18 -28.19 51.68
N GLY C 450 -14.53 -27.49 50.74
CA GLY C 450 -13.75 -26.33 51.13
C GLY C 450 -14.60 -25.15 51.55
N LYS C 451 -15.82 -25.07 51.03
CA LYS C 451 -16.74 -24.03 51.48
C LYS C 451 -17.39 -24.37 52.81
N GLU C 452 -17.35 -25.64 53.22
CA GLU C 452 -17.90 -26.03 54.52
C GLU C 452 -17.02 -25.51 55.65
N ASN C 453 -15.77 -25.98 55.72
CA ASN C 453 -14.85 -25.52 56.76
C ASN C 453 -13.68 -24.78 56.12
N PRO C 454 -13.44 -23.52 56.45
CA PRO C 454 -12.34 -22.78 55.80
C PRO C 454 -10.97 -23.16 56.32
N GLN C 455 -10.88 -23.92 57.41
CA GLN C 455 -9.59 -24.27 58.02
C GLN C 455 -8.78 -25.15 57.09
N GLU C 456 -9.42 -26.07 56.39
CA GLU C 456 -8.77 -26.87 55.37
C GLU C 456 -8.92 -26.27 53.98
N ALA C 457 -9.30 -24.99 53.90
CA ALA C 457 -9.43 -24.34 52.61
C ALA C 457 -8.13 -24.20 51.81
N PRO C 458 -6.93 -24.02 52.39
CA PRO C 458 -5.74 -24.20 51.55
C PRO C 458 -5.54 -25.62 51.06
N ARG C 459 -5.83 -26.61 51.91
CA ARG C 459 -5.59 -28.01 51.54
C ARG C 459 -6.48 -28.46 50.40
N ALA C 460 -7.66 -27.85 50.26
CA ALA C 460 -8.48 -28.11 49.08
C ALA C 460 -7.86 -27.48 47.84
N LYS C 461 -7.35 -26.24 47.97
CA LYS C 461 -6.93 -25.47 46.81
C LYS C 461 -5.73 -26.12 46.12
N LYS C 462 -4.80 -26.65 46.91
CA LYS C 462 -3.66 -27.39 46.38
C LYS C 462 -4.10 -28.62 45.61
N LEU C 463 -5.22 -29.24 46.02
CA LEU C 463 -5.78 -30.34 45.26
C LEU C 463 -6.19 -29.91 43.87
N LEU C 464 -6.73 -28.69 43.75
CA LEU C 464 -7.08 -28.19 42.43
C LEU C 464 -5.86 -27.83 41.60
N MET C 465 -4.68 -27.74 42.22
CA MET C 465 -3.46 -27.59 41.46
C MET C 465 -2.78 -28.91 41.20
N ILE C 466 -3.32 -30.02 41.70
CA ILE C 466 -2.77 -31.31 41.35
C ILE C 466 -3.36 -31.78 40.04
N ILE C 467 -4.70 -31.78 39.95
CA ILE C 467 -5.39 -32.40 38.82
C ILE C 467 -5.10 -31.64 37.53
N ILE C 468 -5.10 -30.30 37.57
CA ILE C 468 -4.79 -29.55 36.38
C ILE C 468 -3.32 -29.70 36.01
N ASP C 469 -2.46 -29.97 37.00
CA ASP C 469 -1.07 -30.30 36.71
C ASP C 469 -0.98 -31.55 35.87
N SER C 470 -1.81 -32.56 36.19
CA SER C 470 -1.83 -33.77 35.37
C SER C 470 -2.34 -33.49 33.98
N TYR C 471 -3.25 -32.51 33.83
CA TYR C 471 -3.67 -32.09 32.51
C TYR C 471 -2.49 -31.51 31.75
N MET C 472 -1.68 -30.68 32.42
CA MET C 472 -0.46 -30.16 31.83
C MET C 472 0.52 -31.26 31.50
N ASN C 473 0.50 -32.36 32.26
CA ASN C 473 1.40 -33.44 31.91
C ASN C 473 0.90 -34.18 30.70
N ARG C 474 -0.43 -34.32 30.58
CA ARG C 474 -0.99 -35.16 29.52
C ARG C 474 -0.74 -34.53 28.16
N PHE C 475 -0.94 -33.21 28.07
CA PHE C 475 -0.57 -32.44 26.89
C PHE C 475 0.89 -32.62 26.54
N LYS C 476 1.76 -32.61 27.57
CA LYS C 476 3.18 -32.80 27.34
C LYS C 476 3.45 -34.19 26.77
N THR C 477 2.71 -35.19 27.24
CA THR C 477 2.88 -36.55 26.76
C THR C 477 2.42 -36.66 25.32
N LEU C 478 1.57 -35.76 24.86
CA LEU C 478 1.21 -35.77 23.45
C LEU C 478 2.26 -35.07 22.61
N ASN C 479 2.84 -33.97 23.12
CA ASN C 479 3.65 -33.10 22.27
C ASN C 479 4.95 -33.78 21.87
N ARG C 480 5.53 -34.53 22.81
CA ARG C 480 6.73 -35.31 22.54
C ARG C 480 6.52 -36.40 21.49
N GLN C 481 5.28 -36.78 21.21
CA GLN C 481 5.01 -37.77 20.17
C GLN C 481 4.76 -37.15 18.81
N TYR C 482 4.94 -35.82 18.69
CA TYR C 482 4.39 -35.02 17.60
C TYR C 482 4.74 -35.56 16.23
N ASP C 483 6.04 -35.61 15.93
CA ASP C 483 6.51 -36.09 14.62
C ASP C 483 6.15 -37.54 14.39
N THR C 484 6.15 -38.35 15.46
CA THR C 484 5.73 -39.74 15.34
C THR C 484 4.29 -39.85 14.88
N ILE C 485 3.42 -38.99 15.45
CA ILE C 485 2.02 -38.93 15.04
C ILE C 485 1.92 -38.56 13.57
N MET C 486 2.80 -37.65 13.12
CA MET C 486 2.79 -37.20 11.74
C MET C 486 3.09 -38.35 10.78
N LYS C 487 3.94 -39.30 11.19
CA LYS C 487 4.23 -40.44 10.34
C LYS C 487 2.98 -41.25 10.08
N TYR C 488 2.18 -41.51 11.14
CA TYR C 488 0.94 -42.24 10.95
C TYR C 488 -0.06 -41.43 10.15
N TYR C 489 0.00 -40.10 10.28
CA TYR C 489 -0.88 -39.25 9.49
C TYR C 489 -0.56 -39.37 8.02
N GLY C 490 0.73 -39.55 7.69
CA GLY C 490 1.12 -39.83 6.32
C GLY C 490 0.47 -41.09 5.79
N ARG C 491 0.47 -42.15 6.61
CA ARG C 491 -0.23 -43.37 6.21
C ARG C 491 -1.72 -43.13 6.12
N TYR C 492 -2.25 -42.29 7.01
CA TYR C 492 -3.67 -41.97 6.97
C TYR C 492 -4.03 -41.10 5.78
N GLU C 493 -3.05 -40.52 5.08
CA GLU C 493 -3.38 -39.98 3.79
C GLU C 493 -3.52 -41.09 2.76
N THR C 494 -2.51 -41.97 2.67
CA THR C 494 -2.43 -42.92 1.56
C THR C 494 -3.53 -43.98 1.67
N HIS C 495 -3.70 -44.54 2.86
CA HIS C 495 -4.79 -45.47 3.12
C HIS C 495 -6.17 -44.83 3.03
N LYS C 496 -6.26 -43.50 2.99
CA LYS C 496 -7.51 -42.88 2.60
C LYS C 496 -7.52 -42.59 1.11
N LYS C 497 -6.37 -42.19 0.55
CA LYS C 497 -6.32 -41.75 -0.85
C LYS C 497 -6.50 -42.91 -1.80
N GLU C 498 -6.08 -44.10 -1.42
CA GLU C 498 -6.37 -45.29 -2.21
C GLU C 498 -7.71 -45.92 -1.87
N LYS C 499 -8.46 -45.35 -0.92
CA LYS C 499 -9.74 -45.90 -0.53
C LYS C 499 -10.90 -44.99 -0.87
N ALA C 500 -10.65 -43.89 -1.58
CA ALA C 500 -11.71 -43.06 -2.14
C ALA C 500 -11.73 -43.05 -3.66
N GLU C 501 -10.62 -43.40 -4.30
CA GLU C 501 -10.55 -43.49 -5.75
C GLU C 501 -10.94 -44.87 -6.27
N LYS C 502 -11.22 -45.81 -5.38
CA LYS C 502 -11.89 -47.06 -5.73
C LYS C 502 -13.40 -46.94 -5.64
N LEU C 503 -13.92 -45.76 -5.30
CA LEU C 503 -15.35 -45.54 -5.21
C LEU C 503 -15.94 -44.92 -6.48
N LYS C 504 -15.11 -44.36 -7.35
CA LYS C 504 -15.57 -43.76 -8.60
C LYS C 504 -15.77 -44.79 -9.71
N ASN C 505 -15.69 -46.07 -9.39
CA ASN C 505 -15.98 -47.14 -10.34
C ASN C 505 -17.45 -47.55 -10.32
N SER C 506 -18.33 -46.63 -9.90
CA SER C 506 -19.74 -46.93 -9.77
C SER C 506 -20.39 -47.04 -11.16
N ILE C 507 -21.57 -47.66 -11.17
CA ILE C 507 -22.35 -47.87 -12.39
C ILE C 507 -23.20 -46.66 -12.72
N GLN C 508 -23.04 -45.57 -11.97
CA GLN C 508 -23.86 -44.39 -12.18
C GLN C 508 -23.45 -43.66 -13.46
N ASP C 509 -24.32 -42.75 -13.89
CA ASP C 509 -24.20 -42.12 -15.19
C ASP C 509 -24.75 -40.70 -15.08
N ASN C 510 -25.14 -40.14 -16.23
CA ASN C 510 -25.60 -38.78 -16.54
C ASN C 510 -24.43 -37.79 -16.56
N ASP C 511 -23.21 -38.26 -16.32
CA ASP C 511 -22.02 -37.44 -16.46
C ASP C 511 -21.07 -37.99 -17.51
N LYS C 512 -21.36 -39.16 -18.06
CA LYS C 512 -20.57 -39.73 -19.13
C LYS C 512 -21.36 -40.00 -20.40
N GLU C 513 -22.56 -40.56 -20.27
CA GLU C 513 -23.40 -40.79 -21.44
C GLU C 513 -23.94 -39.49 -22.03
N SER C 514 -24.05 -38.44 -21.22
CA SER C 514 -24.43 -37.13 -21.75
C SER C 514 -23.39 -36.60 -22.73
N GLU C 515 -22.12 -36.60 -22.31
CA GLU C 515 -21.06 -36.15 -23.20
C GLU C 515 -20.80 -37.14 -24.32
N GLU C 516 -21.12 -38.42 -24.12
CA GLU C 516 -21.03 -39.40 -25.19
C GLU C 516 -22.07 -39.09 -26.28
N PHE C 517 -23.31 -38.80 -25.87
CA PHE C 517 -24.35 -38.46 -26.83
C PHE C 517 -24.11 -37.11 -27.49
N MET C 518 -23.49 -36.18 -26.77
CA MET C 518 -23.22 -34.86 -27.35
C MET C 518 -22.06 -34.90 -28.33
N ARG C 519 -20.88 -35.32 -27.86
CA ARG C 519 -19.65 -35.17 -28.63
C ARG C 519 -19.50 -36.17 -29.76
N LYS C 520 -20.40 -37.16 -29.89
CA LYS C 520 -20.28 -38.12 -30.97
C LYS C 520 -20.71 -37.55 -32.31
N VAL C 521 -21.47 -36.46 -32.31
CA VAL C 521 -21.94 -35.82 -33.54
C VAL C 521 -21.26 -34.49 -33.80
N LEU C 522 -20.34 -34.08 -32.93
CA LEU C 522 -19.66 -32.79 -33.10
C LEU C 522 -18.22 -33.01 -33.58
N VAL C 558 12.37 -39.63 13.95
CA VAL C 558 12.67 -40.19 15.25
C VAL C 558 11.79 -41.39 15.51
N GLU C 559 12.41 -42.51 15.89
CA GLU C 559 11.68 -43.73 16.23
C GLU C 559 11.94 -44.02 17.70
N MET C 560 11.16 -43.38 18.58
CA MET C 560 11.21 -43.66 20.00
C MET C 560 9.93 -44.31 20.50
N PHE C 561 8.78 -43.73 20.16
CA PHE C 561 7.51 -44.39 20.41
C PHE C 561 7.22 -45.48 19.40
N ASP C 562 7.90 -45.46 18.24
CA ASP C 562 7.67 -46.43 17.19
C ASP C 562 8.29 -47.80 17.46
N ILE C 563 9.17 -47.91 18.45
CA ILE C 563 9.85 -49.17 18.74
C ILE C 563 8.87 -50.21 19.26
N LYS C 564 7.75 -49.79 19.85
CA LYS C 564 6.71 -50.73 20.25
C LYS C 564 6.04 -51.39 19.05
N ASN C 565 6.06 -50.77 17.88
CA ASN C 565 5.36 -51.29 16.72
C ASN C 565 6.20 -52.24 15.89
N TYR C 566 7.41 -52.59 16.34
CA TYR C 566 8.26 -53.53 15.64
C TYR C 566 8.56 -54.77 16.48
N ALA C 567 7.80 -54.99 17.55
CA ALA C 567 7.99 -56.18 18.35
C ALA C 567 7.53 -57.42 17.60
N PRO C 568 8.20 -58.55 17.77
CA PRO C 568 7.76 -59.77 17.07
C PRO C 568 6.46 -60.36 17.59
N ILE C 569 6.13 -60.16 18.86
CA ILE C 569 4.84 -60.58 19.40
C ILE C 569 4.01 -59.31 19.51
N LEU C 570 3.19 -59.05 18.49
CA LEU C 570 2.51 -57.78 18.41
C LEU C 570 1.30 -57.72 19.33
N LEU C 571 0.53 -58.81 19.40
CA LEU C 571 -0.56 -59.06 20.35
C LEU C 571 -1.81 -58.21 20.09
N LEU C 572 -1.73 -57.27 19.17
CA LEU C 572 -2.80 -56.35 18.82
C LEU C 572 -2.43 -55.69 17.50
N PRO C 573 -3.35 -55.56 16.55
CA PRO C 573 -3.01 -54.90 15.29
C PRO C 573 -2.80 -53.42 15.49
N THR C 574 -1.96 -52.85 14.63
CA THR C 574 -1.68 -51.42 14.71
C THR C 574 -2.91 -50.64 14.31
N PRO C 575 -3.21 -49.54 15.00
CA PRO C 575 -4.43 -48.78 14.68
C PRO C 575 -4.26 -47.98 13.41
N THR C 576 -5.39 -47.73 12.76
CA THR C 576 -5.43 -46.95 11.53
C THR C 576 -6.40 -45.79 11.67
N ASN C 577 -6.75 -45.43 12.90
CA ASN C 577 -7.61 -44.28 13.13
C ASN C 577 -6.82 -42.99 12.93
N ASP C 578 -7.56 -41.89 12.87
CA ASP C 578 -6.96 -40.58 12.65
C ASP C 578 -6.26 -40.14 13.93
N PRO C 579 -4.95 -39.91 13.91
CA PRO C 579 -4.30 -39.44 15.13
C PRO C 579 -4.60 -37.99 15.43
N ILE C 580 -4.79 -37.15 14.42
CA ILE C 580 -5.07 -35.74 14.64
C ILE C 580 -6.46 -35.56 15.22
N LYS C 581 -7.39 -36.44 14.88
CA LYS C 581 -8.73 -36.35 15.45
C LYS C 581 -8.71 -36.72 16.93
N ASP C 582 -7.93 -37.73 17.30
CA ASP C 582 -7.78 -38.07 18.71
C ASP C 582 -7.05 -36.98 19.48
N ALA C 583 -6.04 -36.36 18.85
CA ALA C 583 -5.33 -35.25 19.48
C ALA C 583 -6.24 -34.04 19.69
N PHE C 584 -7.09 -33.74 18.70
CA PHE C 584 -8.01 -32.62 18.85
C PHE C 584 -9.09 -32.92 19.88
N TYR C 585 -9.53 -34.18 19.95
CA TYR C 585 -10.50 -34.58 20.97
C TYR C 585 -9.93 -34.41 22.37
N LEU C 586 -8.69 -34.88 22.57
CA LEU C 586 -8.02 -34.76 23.86
C LEU C 586 -7.80 -33.31 24.24
N TYR C 587 -7.29 -32.50 23.29
CA TYR C 587 -7.02 -31.09 23.58
C TYR C 587 -8.28 -30.31 23.88
N ARG C 588 -9.36 -30.52 23.11
CA ARG C 588 -10.59 -29.76 23.34
C ARG C 588 -11.25 -30.16 24.65
N THR C 589 -11.31 -31.46 24.95
CA THR C 589 -11.92 -31.92 26.18
C THR C 589 -11.16 -31.43 27.40
N LEU C 590 -9.84 -31.60 27.39
CA LEU C 590 -9.06 -31.22 28.56
C LEU C 590 -8.95 -29.71 28.70
N MET C 591 -9.02 -28.96 27.60
CA MET C 591 -8.98 -27.51 27.75
C MET C 591 -10.32 -26.95 28.23
N SER C 592 -11.43 -27.58 27.87
CA SER C 592 -12.71 -27.20 28.49
C SER C 592 -12.71 -27.50 29.97
N PHE C 593 -12.15 -28.65 30.36
CA PHE C 593 -12.05 -28.99 31.78
C PHE C 593 -11.15 -28.01 32.53
N LEU C 594 -10.06 -27.59 31.89
CA LEU C 594 -9.13 -26.65 32.49
C LEU C 594 -9.76 -25.28 32.66
N LYS C 595 -10.55 -24.84 31.68
CA LYS C 595 -11.27 -23.57 31.80
C LYS C 595 -12.23 -23.61 32.98
N THR C 596 -12.94 -24.74 33.14
CA THR C 596 -13.86 -24.92 34.26
C THR C 596 -13.14 -24.85 35.61
N ILE C 597 -12.04 -25.60 35.77
CA ILE C 597 -11.38 -25.66 37.07
C ILE C 597 -10.63 -24.35 37.39
N ILE C 598 -10.05 -23.71 36.38
CA ILE C 598 -9.34 -22.46 36.63
C ILE C 598 -10.33 -21.34 36.97
N HIS C 599 -11.53 -21.37 36.40
CA HIS C 599 -12.55 -20.43 36.85
C HIS C 599 -13.04 -20.77 38.25
N ASP C 600 -13.12 -22.06 38.58
CA ASP C 600 -13.58 -22.47 39.90
C ASP C 600 -12.56 -22.26 41.00
N LEU C 601 -11.29 -21.98 40.66
CA LEU C 601 -10.30 -21.65 41.68
C LEU C 601 -10.51 -20.29 42.33
N LYS C 602 -11.49 -19.49 41.92
CA LYS C 602 -11.63 -18.13 42.45
C LYS C 602 -12.22 -18.08 43.85
N VAL C 603 -12.69 -19.20 44.39
CA VAL C 603 -13.30 -19.18 45.71
C VAL C 603 -12.27 -19.35 46.83
N PHE C 604 -11.03 -19.71 46.49
CA PHE C 604 -9.98 -19.92 47.47
C PHE C 604 -8.98 -18.77 47.51
N ASN C 605 -9.44 -17.56 47.24
CA ASN C 605 -8.57 -16.40 47.36
C ASN C 605 -8.34 -16.07 48.82
N PRO C 606 -7.15 -15.59 49.17
CA PRO C 606 -6.94 -15.05 50.50
C PRO C 606 -7.74 -13.78 50.68
N PRO C 607 -8.06 -13.40 51.92
CA PRO C 607 -8.85 -12.19 52.14
C PRO C 607 -8.07 -10.94 51.77
N PRO C 608 -8.70 -9.99 51.09
CA PRO C 608 -7.97 -8.82 50.58
C PRO C 608 -7.69 -7.74 51.61
N ASN C 609 -7.87 -8.01 52.91
CA ASN C 609 -7.55 -7.00 53.91
C ASN C 609 -6.05 -6.87 54.12
N GLU C 610 -5.28 -7.93 53.86
CA GLU C 610 -3.83 -7.84 53.98
C GLU C 610 -3.25 -7.01 52.85
N TYR C 611 -3.77 -7.20 51.63
CA TYR C 611 -3.37 -6.35 50.52
C TYR C 611 -4.07 -5.00 50.59
N THR C 612 -5.21 -4.93 51.28
CA THR C 612 -5.91 -3.70 51.67
C THR C 612 -6.22 -2.85 50.43
N VAL C 613 -6.78 -3.51 49.44
CA VAL C 613 -7.07 -2.88 48.16
C VAL C 613 -8.28 -1.98 48.31
N ALA C 614 -8.30 -0.90 47.51
CA ALA C 614 -9.40 0.04 47.58
C ALA C 614 -10.69 -0.53 47.00
N ASN C 615 -10.60 -1.54 46.13
CA ASN C 615 -11.77 -2.17 45.53
C ASN C 615 -11.72 -3.67 45.73
N PRO C 616 -12.30 -4.17 46.82
CA PRO C 616 -12.42 -5.62 46.99
C PRO C 616 -13.51 -6.25 46.14
N LYS C 617 -14.35 -5.44 45.48
CA LYS C 617 -15.33 -5.99 44.55
C LYS C 617 -14.66 -6.51 43.28
N LEU C 618 -13.49 -5.99 42.93
CA LEU C 618 -12.69 -6.58 41.86
C LEU C 618 -11.99 -7.84 42.34
N TRP C 619 -11.67 -7.90 43.62
CA TRP C 619 -11.14 -9.12 44.21
C TRP C 619 -12.24 -10.16 44.35
N ALA C 620 -11.82 -11.40 44.61
CA ALA C 620 -12.65 -12.60 44.67
C ALA C 620 -13.40 -12.88 43.37
N SER C 621 -12.98 -12.27 42.27
CA SER C 621 -13.48 -12.58 40.94
C SER C 621 -12.37 -13.06 40.02
N VAL C 622 -11.28 -12.30 39.90
CA VAL C 622 -10.14 -12.64 39.06
C VAL C 622 -8.86 -12.72 39.88
N SER C 623 -8.53 -11.65 40.61
CA SER C 623 -7.23 -11.50 41.25
C SER C 623 -7.09 -12.44 42.44
N ARG C 624 -6.02 -13.23 42.44
CA ARG C 624 -5.76 -14.21 43.48
C ARG C 624 -4.26 -14.44 43.58
N VAL C 625 -3.87 -15.33 44.48
CA VAL C 625 -2.45 -15.63 44.67
C VAL C 625 -2.19 -17.09 44.35
N PHE C 626 -0.93 -17.38 44.05
CA PHE C 626 -0.45 -18.74 43.82
C PHE C 626 0.95 -18.85 44.40
N SER C 627 1.39 -20.07 44.60
CA SER C 627 2.75 -20.31 45.06
C SER C 627 3.69 -20.34 43.87
N TYR C 628 4.94 -20.71 44.10
CA TYR C 628 5.89 -20.81 42.98
C TYR C 628 5.62 -22.05 42.15
N GLU C 629 5.32 -23.16 42.81
CA GLU C 629 5.07 -24.42 42.11
C GLU C 629 3.69 -24.49 41.49
N GLU C 630 2.88 -23.43 41.60
CA GLU C 630 1.64 -23.31 40.85
C GLU C 630 1.79 -22.43 39.63
N VAL C 631 2.56 -21.34 39.73
CA VAL C 631 2.82 -20.54 38.54
C VAL C 631 3.80 -21.23 37.60
N ILE C 632 4.63 -22.14 38.09
CA ILE C 632 5.43 -22.97 37.19
C ILE C 632 4.52 -23.89 36.37
N VAL C 633 3.48 -24.43 37.01
CA VAL C 633 2.51 -25.27 36.31
C VAL C 633 1.72 -24.46 35.29
N PHE C 634 1.37 -23.21 35.63
CA PHE C 634 0.66 -22.37 34.67
C PHE C 634 1.55 -21.98 33.49
N LYS C 635 2.83 -21.73 33.74
CA LYS C 635 3.76 -21.44 32.65
C LYS C 635 3.93 -22.63 31.73
N ASP C 636 4.06 -23.83 32.29
CA ASP C 636 4.18 -25.01 31.46
C ASP C 636 2.89 -25.34 30.74
N LEU C 637 1.75 -24.98 31.32
CA LEU C 637 0.47 -25.15 30.62
C LEU C 637 0.37 -24.24 29.41
N PHE C 638 0.76 -22.98 29.56
CA PHE C 638 0.76 -22.06 28.41
C PHE C 638 1.76 -22.51 27.35
N HIS C 639 2.93 -23.01 27.80
CA HIS C 639 3.95 -23.50 26.88
C HIS C 639 3.46 -24.70 26.07
N GLU C 640 2.84 -25.67 26.76
CA GLU C 640 2.36 -26.87 26.07
C GLU C 640 1.15 -26.59 25.20
N CYS C 641 0.30 -25.64 25.60
CA CYS C 641 -0.84 -25.31 24.75
C CYS C 641 -0.41 -24.53 23.52
N ILE C 642 0.67 -23.75 23.59
CA ILE C 642 1.19 -23.09 22.40
C ILE C 642 1.90 -24.09 21.49
N ILE C 643 2.63 -25.04 22.08
CA ILE C 643 3.29 -26.07 21.27
C ILE C 643 2.27 -26.95 20.57
N GLY C 644 1.17 -27.29 21.26
CA GLY C 644 0.18 -28.19 20.72
C GLY C 644 -0.66 -27.68 19.57
N LEU C 645 -0.47 -26.42 19.16
CA LEU C 645 -1.15 -25.92 17.98
C LEU C 645 -0.43 -26.26 16.69
N LYS C 646 0.58 -27.13 16.74
CA LYS C 646 1.24 -27.61 15.54
C LYS C 646 0.56 -28.83 14.95
N PHE C 647 -0.33 -29.48 15.70
CA PHE C 647 -1.09 -30.58 15.14
C PHE C 647 -2.19 -30.11 14.21
N PHE C 648 -2.57 -28.84 14.30
CA PHE C 648 -3.75 -28.31 13.64
C PHE C 648 -3.38 -27.16 12.72
N LYS C 649 -2.27 -27.31 12.01
CA LYS C 649 -1.88 -26.38 10.98
C LYS C 649 -2.51 -26.84 9.67
N ASP C 650 -2.05 -26.27 8.54
CA ASP C 650 -2.63 -26.61 7.25
C ASP C 650 -2.29 -28.02 6.80
N HIS C 651 -1.13 -28.53 7.24
CA HIS C 651 -0.58 -29.85 6.85
C HIS C 651 -0.46 -30.02 5.35
N VAL C 673 -4.25 -14.25 10.67
CA VAL C 673 -5.70 -14.39 10.71
C VAL C 673 -6.16 -15.47 9.74
N SER C 674 -5.23 -16.35 9.37
CA SER C 674 -5.49 -17.45 8.45
C SER C 674 -5.16 -18.76 9.18
N ALA C 675 -6.14 -19.28 9.91
CA ALA C 675 -5.97 -20.49 10.69
C ALA C 675 -7.17 -21.41 10.48
N THR C 676 -6.97 -22.69 10.79
CA THR C 676 -8.04 -23.66 10.67
C THR C 676 -9.07 -23.48 11.78
N LYS C 677 -10.19 -24.18 11.66
CA LYS C 677 -11.29 -23.97 12.58
C LYS C 677 -11.03 -24.60 13.94
N ASP C 678 -10.44 -25.79 13.95
CA ASP C 678 -10.14 -26.47 15.21
C ASP C 678 -9.01 -25.77 15.97
N ALA C 679 -8.00 -25.29 15.25
CA ALA C 679 -6.94 -24.51 15.88
C ALA C 679 -7.47 -23.19 16.42
N ARG C 680 -8.43 -22.59 15.71
CA ARG C 680 -9.03 -21.34 16.19
C ARG C 680 -9.88 -21.59 17.44
N GLU C 681 -10.57 -22.71 17.50
CA GLU C 681 -11.34 -23.06 18.69
C GLU C 681 -10.42 -23.31 19.89
N LEU C 682 -9.30 -23.98 19.67
CA LEU C 682 -8.37 -24.21 20.77
C LEU C 682 -7.66 -22.93 21.19
N MET C 683 -7.44 -22.01 20.25
CA MET C 683 -6.86 -20.73 20.63
C MET C 683 -7.85 -19.89 21.42
N ASP C 684 -9.16 -20.01 21.12
CA ASP C 684 -10.17 -19.37 21.96
C ASP C 684 -10.21 -19.96 23.36
N TYR C 685 -10.08 -21.29 23.47
CA TYR C 685 -10.03 -21.92 24.80
C TYR C 685 -8.81 -21.51 25.58
N LEU C 686 -7.64 -21.45 24.93
CA LEU C 686 -6.42 -21.05 25.62
C LEU C 686 -6.46 -19.59 26.03
N ALA C 687 -7.07 -18.73 25.21
CA ALA C 687 -7.19 -17.33 25.57
C ALA C 687 -8.16 -17.14 26.72
N PHE C 688 -9.31 -17.82 26.68
CA PHE C 688 -10.30 -17.68 27.74
C PHE C 688 -9.85 -18.34 29.03
N MET C 689 -8.95 -19.31 28.95
CA MET C 689 -8.46 -19.99 30.14
C MET C 689 -7.60 -19.06 31.00
N PHE C 690 -6.84 -18.17 30.37
CA PHE C 690 -5.92 -17.30 31.08
C PHE C 690 -6.52 -15.93 31.37
N MET C 691 -7.78 -15.70 31.04
CA MET C 691 -8.40 -14.41 31.33
C MET C 691 -8.78 -14.29 32.80
N GLN C 692 -9.20 -15.38 33.43
CA GLN C 692 -9.61 -15.34 34.82
C GLN C 692 -8.47 -15.58 35.80
N MET C 693 -7.27 -15.86 35.31
CA MET C 693 -6.12 -15.87 36.20
C MET C 693 -5.78 -14.44 36.60
N ASP C 694 -5.08 -14.30 37.73
CA ASP C 694 -4.70 -13.01 38.25
C ASP C 694 -3.76 -12.31 37.27
N ASN C 695 -3.89 -10.98 37.16
CA ASN C 695 -3.12 -10.24 36.18
C ASN C 695 -1.64 -10.22 36.52
N ALA C 696 -1.30 -10.20 37.81
CA ALA C 696 0.09 -10.09 38.21
C ALA C 696 0.88 -11.35 37.94
N THR C 697 0.22 -12.50 37.83
CA THR C 697 0.91 -13.70 37.39
C THR C 697 0.80 -13.93 35.90
N PHE C 698 -0.32 -13.52 35.29
CA PHE C 698 -0.45 -13.64 33.84
C PHE C 698 0.55 -12.75 33.12
N ASN C 699 0.92 -11.61 33.72
CA ASN C 699 1.90 -10.73 33.10
C ASN C 699 3.28 -11.37 33.07
N GLU C 700 3.67 -12.04 34.13
CA GLU C 700 4.99 -12.66 34.12
C GLU C 700 5.00 -13.95 33.30
N ILE C 701 3.85 -14.66 33.22
CA ILE C 701 3.76 -15.80 32.29
C ILE C 701 3.92 -15.34 30.85
N ILE C 702 3.15 -14.33 30.44
CA ILE C 702 3.21 -13.87 29.05
C ILE C 702 4.51 -13.13 28.77
N GLU C 703 5.14 -12.53 29.78
CA GLU C 703 6.40 -11.85 29.54
C GLU C 703 7.55 -12.83 29.43
N GLN C 704 7.47 -13.96 30.13
CA GLN C 704 8.49 -14.97 29.92
C GLN C 704 8.22 -15.82 28.69
N GLU C 705 6.99 -15.83 28.19
CA GLU C 705 6.65 -16.69 27.07
C GLU C 705 6.56 -15.99 25.72
N LEU C 706 6.49 -14.65 25.68
CA LEU C 706 6.28 -13.94 24.42
C LEU C 706 7.37 -14.07 23.35
N PRO C 707 8.66 -14.15 23.65
CA PRO C 707 9.60 -14.49 22.57
C PRO C 707 9.41 -15.86 21.98
N PHE C 708 9.02 -16.85 22.78
CA PHE C 708 8.76 -18.18 22.25
C PHE C 708 7.48 -18.18 21.42
N VAL C 709 6.47 -17.44 21.85
CA VAL C 709 5.24 -17.30 21.08
C VAL C 709 5.52 -16.59 19.76
N TYR C 710 6.42 -15.60 19.80
CA TYR C 710 6.77 -14.87 18.58
C TYR C 710 7.55 -15.76 17.61
N GLU C 711 8.48 -16.58 18.10
CA GLU C 711 9.20 -17.45 17.19
C GLU C 711 8.35 -18.63 16.74
N ARG C 712 7.25 -18.93 17.44
CA ARG C 712 6.27 -19.86 16.91
C ARG C 712 5.35 -19.20 15.89
N MET C 713 5.20 -17.88 15.95
CA MET C 713 4.41 -17.18 14.94
C MET C 713 5.11 -17.12 13.59
N LEU C 714 6.42 -17.26 13.56
CA LEU C 714 7.16 -17.24 12.31
C LEU C 714 7.12 -18.57 11.56
N GLU C 715 6.43 -19.57 12.10
CA GLU C 715 6.24 -20.84 11.43
C GLU C 715 4.78 -21.10 11.09
N ASP C 716 3.89 -20.96 12.06
CA ASP C 716 2.45 -21.06 11.85
C ASP C 716 1.87 -19.69 12.20
N SER C 717 1.50 -18.92 11.18
CA SER C 717 1.10 -17.54 11.37
C SER C 717 -0.30 -17.37 11.94
N GLY C 718 -1.02 -18.46 12.20
CA GLY C 718 -2.33 -18.34 12.82
C GLY C 718 -2.30 -17.97 14.28
N LEU C 719 -1.13 -18.09 14.93
CA LEU C 719 -1.00 -17.80 16.36
C LEU C 719 -1.15 -16.34 16.70
N LEU C 720 -1.19 -15.45 15.70
CA LEU C 720 -1.64 -14.08 15.90
C LEU C 720 -3.04 -14.03 16.49
N HIS C 721 -3.88 -14.99 16.14
CA HIS C 721 -5.21 -15.11 16.74
C HIS C 721 -5.16 -15.40 18.23
N VAL C 722 -4.03 -15.88 18.76
CA VAL C 722 -3.82 -15.84 20.20
C VAL C 722 -3.80 -14.41 20.70
N ALA C 723 -2.85 -13.62 20.18
CA ALA C 723 -2.56 -12.30 20.74
C ALA C 723 -3.72 -11.34 20.54
N GLN C 724 -4.38 -11.45 19.37
CA GLN C 724 -5.60 -10.69 19.12
C GLN C 724 -6.66 -10.98 20.16
N SER C 725 -6.86 -12.26 20.49
CA SER C 725 -7.84 -12.62 21.50
C SER C 725 -7.41 -12.22 22.90
N PHE C 726 -6.14 -11.87 23.10
CA PHE C 726 -5.74 -11.32 24.38
C PHE C 726 -6.05 -9.83 24.47
N LEU C 727 -6.06 -9.11 23.36
CA LEU C 727 -6.19 -7.67 23.44
C LEU C 727 -7.42 -7.11 22.75
N THR C 728 -8.30 -7.95 22.19
CA THR C 728 -9.55 -7.46 21.65
C THR C 728 -10.70 -7.56 22.63
N SER C 729 -10.61 -8.46 23.60
CA SER C 729 -11.64 -8.56 24.63
C SER C 729 -10.97 -9.14 25.86
N GLU C 730 -10.61 -8.28 26.80
CA GLU C 730 -10.04 -8.75 28.06
C GLU C 730 -10.21 -7.68 29.12
N ILE C 731 -10.19 -8.15 30.36
CA ILE C 731 -9.99 -7.26 31.49
C ILE C 731 -8.51 -6.99 31.70
N THR C 732 -7.66 -7.73 30.99
CA THR C 732 -6.21 -7.61 31.12
C THR C 732 -5.60 -7.21 29.78
N SER C 733 -6.35 -6.49 28.99
CA SER C 733 -5.88 -5.97 27.70
C SER C 733 -4.81 -4.89 27.77
N PRO C 734 -4.86 -3.90 28.70
CA PRO C 734 -3.73 -2.95 28.77
C PRO C 734 -2.43 -3.59 29.20
N ASN C 735 -2.49 -4.62 30.03
CA ASN C 735 -1.28 -5.30 30.47
C ASN C 735 -0.59 -6.03 29.32
N PHE C 736 -1.37 -6.79 28.54
CA PHE C 736 -0.79 -7.46 27.39
C PHE C 736 -0.38 -6.47 26.30
N ALA C 737 -1.08 -5.34 26.19
CA ALA C 737 -0.64 -4.30 25.26
C ALA C 737 0.70 -3.71 25.67
N GLY C 738 0.92 -3.56 26.98
CA GLY C 738 2.22 -3.09 27.44
C GLY C 738 3.34 -4.07 27.20
N ILE C 739 3.09 -5.36 27.48
CA ILE C 739 4.09 -6.39 27.24
C ILE C 739 4.42 -6.48 25.75
N LEU C 740 3.39 -6.42 24.91
CA LEU C 740 3.59 -6.53 23.47
C LEU C 740 4.31 -5.32 22.90
N LEU C 741 4.00 -4.13 23.41
CA LEU C 741 4.67 -2.93 22.90
C LEU C 741 6.12 -2.88 23.34
N ARG C 742 6.42 -3.33 24.55
CA ARG C 742 7.81 -3.40 24.97
C ARG C 742 8.59 -4.49 24.27
N PHE C 743 7.92 -5.53 23.78
CA PHE C 743 8.60 -6.52 22.95
C PHE C 743 8.87 -5.98 21.55
N LEU C 744 7.87 -5.33 20.96
CA LEU C 744 8.00 -4.80 19.61
C LEU C 744 8.94 -3.60 19.55
N LYS C 745 9.11 -2.86 20.65
CA LYS C 745 10.09 -1.79 20.70
C LYS C 745 11.50 -2.33 20.53
N GLY C 746 11.78 -3.51 21.07
CA GLY C 746 13.07 -4.14 20.82
C GLY C 746 13.16 -4.76 19.46
N LYS C 747 12.05 -5.31 18.93
CA LYS C 747 12.10 -5.91 17.60
C LYS C 747 12.07 -4.89 16.47
N LEU C 748 11.82 -3.61 16.76
CA LEU C 748 11.70 -2.58 15.72
C LEU C 748 13.00 -2.34 14.98
N LYS C 749 14.15 -2.55 15.63
CA LYS C 749 15.43 -2.20 15.02
C LYS C 749 15.75 -3.09 13.83
N ASP C 750 15.27 -4.33 13.83
CA ASP C 750 15.46 -5.24 12.72
C ASP C 750 14.19 -5.44 11.92
N LEU C 751 13.26 -4.48 11.97
CA LEU C 751 12.01 -4.64 11.25
C LEU C 751 12.21 -4.47 9.75
N GLY C 752 13.21 -3.69 9.34
CA GLY C 752 13.47 -3.47 7.95
C GLY C 752 14.34 -4.55 7.34
N ASN C 753 15.31 -5.06 8.09
CA ASN C 753 16.32 -5.95 7.56
C ASN C 753 15.97 -7.43 7.67
N VAL C 754 14.70 -7.77 7.85
CA VAL C 754 14.28 -9.16 7.82
C VAL C 754 13.48 -9.42 6.55
N ASP C 755 13.14 -10.69 6.33
CA ASP C 755 12.49 -11.10 5.10
C ASP C 755 11.01 -10.75 5.14
N PHE C 756 10.25 -11.29 4.18
CA PHE C 756 8.86 -10.89 4.01
C PHE C 756 7.98 -11.49 5.11
N ASN C 757 8.27 -12.72 5.53
CA ASN C 757 7.44 -13.39 6.53
C ASN C 757 7.59 -12.74 7.90
N THR C 758 8.82 -12.45 8.30
CA THR C 758 9.07 -11.86 9.60
C THR C 758 8.56 -10.43 9.68
N SER C 759 8.75 -9.66 8.61
CA SER C 759 8.24 -8.29 8.58
C SER C 759 6.73 -8.27 8.53
N ASN C 760 6.12 -9.26 7.85
CA ASN C 760 4.66 -9.36 7.84
C ASN C 760 4.12 -9.65 9.23
N VAL C 761 4.76 -10.58 9.96
CA VAL C 761 4.33 -10.90 11.32
C VAL C 761 4.50 -9.71 12.24
N LEU C 762 5.62 -9.00 12.15
CA LEU C 762 5.86 -7.85 13.01
C LEU C 762 4.89 -6.71 12.73
N ILE C 763 4.58 -6.45 11.46
CA ILE C 763 3.63 -5.41 11.12
C ILE C 763 2.23 -5.78 11.58
N ARG C 764 1.88 -7.07 11.55
CA ARG C 764 0.58 -7.47 12.06
C ARG C 764 0.49 -7.35 13.57
N LEU C 765 1.58 -7.63 14.30
CA LEU C 765 1.58 -7.40 15.75
C LEU C 765 1.44 -5.93 16.09
N PHE C 766 2.12 -5.06 15.32
CA PHE C 766 1.97 -3.62 15.53
C PHE C 766 0.55 -3.15 15.23
N LYS C 767 -0.06 -3.70 14.20
CA LYS C 767 -1.43 -3.32 13.83
C LYS C 767 -2.43 -3.77 14.88
N LEU C 768 -2.25 -4.97 15.43
CA LEU C 768 -3.07 -5.42 16.55
C LEU C 768 -2.90 -4.54 17.78
N SER C 769 -1.66 -4.17 18.09
CA SER C 769 -1.44 -3.32 19.25
C SER C 769 -1.98 -1.91 19.07
N PHE C 770 -2.12 -1.44 17.84
CA PHE C 770 -2.74 -0.13 17.62
C PHE C 770 -4.25 -0.22 17.63
N MET C 771 -4.82 -1.31 17.11
CA MET C 771 -6.27 -1.48 17.16
C MET C 771 -6.76 -1.74 18.57
N SER C 772 -5.91 -2.27 19.46
CA SER C 772 -6.28 -2.39 20.86
C SER C 772 -6.47 -1.04 21.53
N VAL C 773 -5.85 0.01 21.01
CA VAL C 773 -5.98 1.33 21.60
C VAL C 773 -7.32 1.94 21.26
N ASN C 774 -7.68 1.98 19.99
CA ASN C 774 -8.96 2.58 19.63
C ASN C 774 -10.14 1.64 19.86
N LEU C 775 -9.88 0.38 20.21
CA LEU C 775 -10.99 -0.46 20.64
C LEU C 775 -11.38 -0.17 22.09
N PHE C 776 -10.42 0.17 22.95
CA PHE C 776 -10.67 0.55 24.33
C PHE C 776 -10.08 1.93 24.55
N PRO C 777 -10.83 3.00 24.29
CA PRO C 777 -10.29 4.34 24.51
C PRO C 777 -10.27 4.77 25.97
N ASN C 778 -11.35 4.53 26.72
CA ASN C 778 -11.41 5.00 28.10
C ASN C 778 -10.60 4.10 29.02
N ILE C 779 -10.65 2.78 28.78
CA ILE C 779 -9.62 1.89 29.32
C ILE C 779 -8.32 2.21 28.60
N ASN C 780 -7.20 1.75 29.15
CA ASN C 780 -5.92 2.40 28.94
C ASN C 780 -5.42 2.46 27.50
N GLU C 781 -5.49 3.66 26.94
CA GLU C 781 -4.66 4.11 25.84
C GLU C 781 -3.44 4.85 26.36
N VAL C 782 -3.31 4.96 27.68
CA VAL C 782 -2.15 5.56 28.31
C VAL C 782 -0.97 4.61 28.25
N VAL C 783 -1.21 3.36 27.85
CA VAL C 783 -0.15 2.41 27.61
C VAL C 783 0.61 2.77 26.33
N LEU C 784 -0.03 3.48 25.40
CA LEU C 784 0.58 3.81 24.12
C LEU C 784 1.33 5.13 24.13
N LEU C 785 0.95 6.07 24.98
CA LEU C 785 1.54 7.40 24.90
C LEU C 785 3.01 7.51 25.33
N PRO C 786 3.55 6.70 26.24
CA PRO C 786 5.00 6.52 26.25
C PRO C 786 5.37 5.56 25.14
N HIS C 787 6.62 5.68 24.70
CA HIS C 787 7.14 5.12 23.44
C HIS C 787 6.14 5.27 22.28
N LEU C 788 5.68 6.49 22.09
CA LEU C 788 4.94 6.89 20.90
C LEU C 788 5.74 7.84 20.03
N ASN C 789 6.32 8.88 20.63
CA ASN C 789 7.27 9.72 19.91
C ASN C 789 8.54 8.96 19.58
N ASP C 790 8.97 8.06 20.47
CA ASP C 790 10.12 7.21 20.16
C ASP C 790 9.84 6.28 18.99
N LEU C 791 8.58 5.86 18.83
CA LEU C 791 8.22 5.02 17.70
C LEU C 791 8.36 5.76 16.38
N ILE C 792 7.84 7.00 16.33
CA ILE C 792 7.95 7.85 15.15
C ILE C 792 9.42 8.15 14.84
N LEU C 793 10.15 8.60 15.86
CA LEU C 793 11.54 9.03 15.68
C LEU C 793 12.44 7.88 15.31
N ASN C 794 12.27 6.73 15.96
CA ASN C 794 13.11 5.59 15.66
C ASN C 794 12.73 4.95 14.33
N SER C 795 11.48 5.09 13.90
CA SER C 795 11.15 4.62 12.56
C SER C 795 11.83 5.49 11.51
N LEU C 796 11.78 6.81 11.69
CA LEU C 796 12.47 7.71 10.76
C LEU C 796 13.98 7.51 10.80
N LYS C 797 14.54 7.18 11.96
CA LYS C 797 15.99 7.01 12.08
C LYS C 797 16.44 5.64 11.55
N TYR C 798 15.66 4.59 11.81
CA TYR C 798 16.03 3.26 11.37
C TYR C 798 15.74 3.02 9.91
N SER C 799 14.86 3.81 9.30
CA SER C 799 14.64 3.70 7.87
C SER C 799 15.80 4.22 7.05
N THR C 800 16.73 4.95 7.67
CA THR C 800 17.92 5.41 6.97
C THR C 800 18.84 4.25 6.62
N THR C 801 19.17 3.42 7.62
CA THR C 801 20.09 2.32 7.44
C THR C 801 19.39 0.99 7.21
N ALA C 802 18.14 1.01 6.75
CA ALA C 802 17.39 -0.21 6.54
C ALA C 802 17.55 -0.69 5.11
N GLU C 803 17.34 -1.99 4.93
CA GLU C 803 17.39 -2.57 3.59
C GLU C 803 16.09 -2.38 2.85
N GLU C 804 14.96 -2.50 3.55
CA GLU C 804 13.63 -2.30 3.01
C GLU C 804 13.01 -1.15 3.78
N PRO C 805 13.33 0.09 3.41
CA PRO C 805 13.01 1.23 4.27
C PRO C 805 11.58 1.75 4.15
N LEU C 806 10.70 1.05 3.45
CA LEU C 806 9.32 1.49 3.34
C LEU C 806 8.43 0.88 4.41
N VAL C 807 8.92 -0.14 5.12
CA VAL C 807 8.12 -0.79 6.14
C VAL C 807 7.93 0.14 7.32
N TYR C 808 8.91 1.00 7.59
CA TYR C 808 8.80 1.95 8.67
C TYR C 808 7.75 3.01 8.39
N PHE C 809 7.67 3.49 7.15
CA PHE C 809 6.64 4.47 6.83
C PHE C 809 5.27 3.84 6.68
N TYR C 810 5.21 2.56 6.30
CA TYR C 810 3.94 1.84 6.39
C TYR C 810 3.48 1.71 7.84
N LEU C 811 4.43 1.56 8.77
CA LEU C 811 4.11 1.54 10.19
C LEU C 811 3.61 2.90 10.68
N ILE C 812 4.24 3.99 10.22
CA ILE C 812 3.77 5.32 10.59
C ILE C 812 2.38 5.60 10.02
N ARG C 813 2.11 5.09 8.82
CA ARG C 813 0.78 5.23 8.23
C ARG C 813 -0.27 4.45 9.01
N THR C 814 0.07 3.24 9.44
CA THR C 814 -0.87 2.45 10.25
C THR C 814 -1.14 3.10 11.60
N LEU C 815 -0.10 3.71 12.20
CA LEU C 815 -0.30 4.40 13.46
C LEU C 815 -1.14 5.65 13.30
N PHE C 816 -0.99 6.38 12.19
CA PHE C 816 -1.79 7.58 11.98
C PHE C 816 -3.23 7.23 11.63
N ARG C 817 -3.43 6.17 10.86
CA ARG C 817 -4.78 5.74 10.52
C ARG C 817 -5.48 5.03 11.66
N SER C 818 -4.74 4.59 12.66
CA SER C 818 -5.38 3.96 13.81
C SER C 818 -5.94 4.97 14.79
N ILE C 819 -5.45 6.20 14.80
CA ILE C 819 -5.87 7.18 15.80
C ILE C 819 -6.49 8.40 15.13
N GLY C 820 -6.86 9.40 15.94
CA GLY C 820 -7.56 10.58 15.47
C GLY C 820 -8.93 10.76 16.08
N GLY C 821 -9.03 11.66 17.06
CA GLY C 821 -10.23 11.86 17.84
C GLY C 821 -9.98 11.61 19.31
N GLY C 822 -8.74 11.81 19.75
CA GLY C 822 -8.33 11.54 21.11
C GLY C 822 -7.55 12.66 21.75
N ARG C 823 -7.02 12.43 22.94
CA ARG C 823 -6.42 13.48 23.75
C ARG C 823 -4.90 13.51 23.68
N PHE C 824 -4.25 12.37 23.40
CA PHE C 824 -2.80 12.24 23.48
C PHE C 824 -2.07 12.77 22.24
N GLU C 825 -2.75 13.58 21.43
CA GLU C 825 -2.13 14.27 20.31
C GLU C 825 -1.54 15.61 20.72
N ASN C 826 -1.35 15.85 22.01
CA ASN C 826 -0.69 17.06 22.49
C ASN C 826 0.73 16.81 22.95
N LEU C 827 1.07 15.58 23.32
CA LEU C 827 2.48 15.23 23.47
C LEU C 827 3.14 14.98 22.13
N TYR C 828 2.34 14.78 21.10
CA TYR C 828 2.81 14.58 19.75
C TYR C 828 3.08 15.89 19.03
N ARG C 829 2.62 17.02 19.55
CA ARG C 829 2.82 18.30 18.88
C ARG C 829 4.25 18.82 18.98
N SER C 830 5.10 18.19 19.79
CA SER C 830 6.51 18.56 19.85
C SER C 830 7.34 17.83 18.82
N ILE C 831 6.72 17.03 17.96
CA ILE C 831 7.43 16.26 16.95
C ILE C 831 7.07 16.69 15.54
N LYS C 832 6.00 17.49 15.38
CA LYS C 832 5.49 17.88 14.07
C LYS C 832 6.48 18.59 13.13
N PRO C 833 7.32 19.55 13.56
CA PRO C 833 8.24 20.15 12.56
C PRO C 833 9.28 19.19 12.05
N ILE C 834 9.84 18.35 12.91
CA ILE C 834 10.86 17.40 12.49
C ILE C 834 10.25 16.35 11.59
N LEU C 835 9.03 15.91 11.92
CA LEU C 835 8.31 14.96 11.08
C LEU C 835 7.98 15.56 9.71
N GLN C 836 7.55 16.82 9.68
CA GLN C 836 7.16 17.39 8.39
C GLN C 836 8.34 17.83 7.54
N VAL C 837 9.46 18.23 8.14
CA VAL C 837 10.65 18.47 7.33
C VAL C 837 11.22 17.16 6.80
N LEU C 838 11.24 16.11 7.63
CA LEU C 838 11.70 14.81 7.15
C LEU C 838 10.73 14.18 6.16
N LEU C 839 9.47 14.63 6.15
CA LEU C 839 8.52 14.12 5.18
C LEU C 839 8.53 14.91 3.87
N GLN C 840 8.68 16.23 3.91
CA GLN C 840 8.80 16.96 2.66
C GLN C 840 10.14 16.78 1.99
N SER C 841 11.22 16.66 2.75
CA SER C 841 12.51 16.47 2.13
C SER C 841 12.73 15.03 1.71
N LEU C 842 11.81 14.13 2.02
CA LEU C 842 11.72 12.82 1.42
C LEU C 842 10.62 12.74 0.38
N ASN C 843 9.73 13.72 0.36
CA ASN C 843 8.62 13.76 -0.58
C ASN C 843 9.08 14.20 -1.96
N GLN C 844 9.92 15.23 -2.03
CA GLN C 844 10.36 15.79 -3.30
C GLN C 844 11.75 15.38 -3.69
N MET C 845 12.54 14.82 -2.76
CA MET C 845 13.86 14.34 -3.11
C MET C 845 13.78 13.04 -3.88
N ILE C 846 12.64 12.38 -3.90
CA ILE C 846 12.50 11.31 -4.86
C ILE C 846 12.09 11.96 -6.17
N LEU C 847 13.07 12.51 -6.89
CA LEU C 847 12.85 12.99 -8.24
C LEU C 847 12.92 11.84 -9.22
N THR C 848 13.64 10.80 -8.83
CA THR C 848 13.56 9.49 -9.44
C THR C 848 12.85 8.62 -8.41
N ALA C 849 11.55 8.84 -8.29
CA ALA C 849 10.77 8.12 -7.31
C ALA C 849 10.47 6.71 -7.80
N ARG C 850 10.50 5.76 -6.85
CA ARG C 850 10.19 4.38 -7.16
C ARG C 850 8.75 4.26 -7.64
N LEU C 851 7.87 4.98 -6.97
CA LEU C 851 6.44 5.17 -7.19
C LEU C 851 5.52 3.94 -7.11
N PRO C 852 5.78 2.81 -6.32
CA PRO C 852 4.72 1.81 -6.26
C PRO C 852 3.56 2.45 -5.51
N HIS C 853 3.96 3.02 -4.38
CA HIS C 853 3.12 3.84 -3.52
C HIS C 853 4.00 4.82 -2.76
N GLU C 854 5.29 4.94 -3.11
CA GLU C 854 6.26 5.76 -2.35
C GLU C 854 5.88 7.22 -2.26
N ARG C 855 5.54 7.84 -3.39
CA ARG C 855 5.10 9.23 -3.37
C ARG C 855 3.76 9.33 -2.66
N GLU C 856 2.89 8.34 -2.91
CA GLU C 856 1.57 8.28 -2.31
C GLU C 856 1.69 8.11 -0.80
N LEU C 857 2.65 7.28 -0.36
CA LEU C 857 2.86 7.06 1.06
C LEU C 857 3.35 8.32 1.75
N TYR C 858 4.28 9.04 1.14
CA TYR C 858 4.80 10.25 1.79
C TYR C 858 3.76 11.36 1.81
N VAL C 859 2.98 11.53 0.73
CA VAL C 859 1.95 12.56 0.77
C VAL C 859 0.75 12.14 1.60
N GLU C 860 0.57 10.84 1.85
CA GLU C 860 -0.45 10.39 2.77
C GLU C 860 -0.03 10.59 4.21
N LEU C 861 1.28 10.53 4.47
CA LEU C 861 1.79 10.81 5.80
C LEU C 861 1.84 12.29 6.10
N CYS C 862 2.13 13.13 5.10
CA CYS C 862 2.36 14.55 5.38
C CYS C 862 1.06 15.28 5.67
N ILE C 863 0.01 14.99 4.90
CA ILE C 863 -1.35 15.35 5.29
C ILE C 863 -1.81 14.25 6.22
N THR C 864 -2.98 14.43 6.86
CA THR C 864 -3.58 13.45 7.79
C THR C 864 -2.67 13.14 8.98
N VAL C 865 -2.08 14.17 9.56
CA VAL C 865 -1.42 14.06 10.86
C VAL C 865 -2.45 14.50 11.90
N PRO C 866 -2.46 13.92 13.09
CA PRO C 866 -3.53 14.22 14.04
C PRO C 866 -3.27 15.50 14.83
N VAL C 867 -4.38 16.11 15.28
CA VAL C 867 -4.32 17.33 16.09
C VAL C 867 -5.62 17.45 16.87
N ARG C 868 -5.48 17.80 18.17
CA ARG C 868 -6.65 18.04 19.02
C ARG C 868 -7.38 19.31 18.61
N LEU C 869 -6.64 20.34 18.20
CA LEU C 869 -7.23 21.52 17.60
C LEU C 869 -7.80 21.16 16.22
N SER C 870 -8.72 21.99 15.73
CA SER C 870 -9.29 21.78 14.40
C SER C 870 -8.21 21.88 13.32
N VAL C 871 -7.64 23.05 13.16
CA VAL C 871 -6.51 23.20 12.25
C VAL C 871 -5.25 22.92 13.05
N LEU C 872 -4.21 22.43 12.37
CA LEU C 872 -3.15 21.73 13.08
C LEU C 872 -2.17 22.67 13.76
N ALA C 873 -1.51 23.54 13.00
CA ALA C 873 -0.38 24.26 13.57
C ALA C 873 -0.09 25.48 12.71
N PRO C 874 0.81 26.35 13.15
CA PRO C 874 1.49 27.25 12.22
C PRO C 874 2.36 26.54 11.18
N TYR C 875 2.59 25.23 11.30
CA TYR C 875 3.39 24.49 10.34
C TYR C 875 2.53 23.99 9.19
N LEU C 876 1.69 24.88 8.68
CA LEU C 876 0.86 24.74 7.49
C LEU C 876 1.55 24.91 6.13
N PRO C 877 2.55 25.79 5.94
CA PRO C 877 3.30 25.77 4.67
C PRO C 877 4.02 24.47 4.37
N PHE C 878 4.21 23.61 5.35
CA PHE C 878 4.72 22.27 5.08
C PHE C 878 3.68 21.40 4.41
N LEU C 879 2.40 21.74 4.53
CA LEU C 879 1.33 20.95 3.94
C LEU C 879 0.92 21.39 2.55
N MET C 880 1.43 22.52 2.06
CA MET C 880 0.93 23.08 0.81
C MET C 880 1.46 22.35 -0.40
N LYS C 881 2.69 21.89 -0.36
CA LYS C 881 3.23 21.11 -1.45
C LYS C 881 2.68 19.68 -1.54
N PRO C 882 2.45 18.93 -0.44
CA PRO C 882 1.77 17.64 -0.62
C PRO C 882 0.29 17.75 -0.93
N LEU C 883 -0.35 18.89 -0.66
CA LEU C 883 -1.75 19.07 -0.98
C LEU C 883 -1.97 19.09 -2.49
N VAL C 884 -1.03 19.68 -3.22
CA VAL C 884 -1.08 19.70 -4.67
C VAL C 884 -0.95 18.29 -5.24
N PHE C 885 -0.05 17.49 -4.68
CA PHE C 885 0.09 16.10 -5.14
C PHE C 885 -1.12 15.26 -4.76
N ALA C 886 -1.71 15.52 -3.59
CA ALA C 886 -2.87 14.74 -3.15
C ALA C 886 -4.08 15.01 -4.01
N LEU C 887 -4.32 16.28 -4.36
CA LEU C 887 -5.43 16.58 -5.25
C LEU C 887 -5.14 16.15 -6.67
N GLN C 888 -3.88 16.22 -7.09
CA GLN C 888 -3.52 16.21 -8.49
C GLN C 888 -3.27 14.81 -9.05
N GLN C 889 -2.44 14.03 -8.39
CA GLN C 889 -1.87 12.85 -9.04
C GLN C 889 -2.40 11.52 -8.54
N TYR C 890 -3.00 11.47 -7.36
CA TYR C 890 -3.44 10.19 -6.80
C TYR C 890 -4.93 10.29 -6.54
N PRO C 891 -5.76 9.62 -7.33
CA PRO C 891 -7.22 9.77 -7.18
C PRO C 891 -7.80 9.06 -5.96
N ASP C 892 -6.98 8.34 -5.20
CA ASP C 892 -7.39 7.75 -3.94
C ASP C 892 -6.97 8.58 -2.74
N LEU C 893 -6.07 9.56 -2.93
CA LEU C 893 -5.73 10.53 -1.91
C LEU C 893 -6.63 11.75 -1.94
N VAL C 894 -7.43 11.92 -3.00
CA VAL C 894 -8.12 13.18 -3.30
C VAL C 894 -9.11 13.53 -2.20
N SER C 895 -9.95 12.56 -1.82
CA SER C 895 -10.93 12.76 -0.78
C SER C 895 -10.30 13.00 0.59
N GLN C 896 -9.04 12.63 0.78
CA GLN C 896 -8.32 13.09 1.96
C GLN C 896 -8.01 14.56 1.83
N GLY C 897 -7.34 14.95 0.73
CA GLY C 897 -6.76 16.28 0.64
C GLY C 897 -7.79 17.39 0.56
N LEU C 898 -8.91 17.11 -0.13
CA LEU C 898 -10.06 18.01 -0.15
C LEU C 898 -10.54 18.33 1.25
N ARG C 899 -10.61 17.30 2.10
CA ARG C 899 -11.01 17.49 3.50
C ARG C 899 -10.06 18.43 4.21
N THR C 900 -8.75 18.29 3.95
CA THR C 900 -7.76 19.19 4.53
C THR C 900 -7.99 20.62 4.09
N LEU C 901 -8.32 20.82 2.80
CA LEU C 901 -8.63 22.15 2.28
C LEU C 901 -9.81 22.76 3.00
N GLU C 902 -10.85 21.96 3.26
CA GLU C 902 -12.01 22.48 3.95
C GLU C 902 -11.65 22.90 5.37
N LEU C 903 -10.76 22.14 6.01
CA LEU C 903 -10.33 22.49 7.35
C LEU C 903 -9.49 23.76 7.37
N CYS C 904 -8.90 24.12 6.24
CA CYS C 904 -8.22 25.39 6.16
C CYS C 904 -9.12 26.48 5.63
N ILE C 905 -10.17 26.16 4.90
CA ILE C 905 -10.98 27.22 4.31
C ILE C 905 -12.06 27.66 5.28
N ASP C 906 -12.55 26.72 6.10
CA ASP C 906 -13.65 27.01 7.02
C ASP C 906 -13.25 27.95 8.14
N ASN C 907 -12.16 27.68 8.85
CA ASN C 907 -11.80 28.57 9.97
C ASN C 907 -10.35 29.02 9.97
N LEU C 908 -9.96 29.85 9.00
CA LEU C 908 -8.61 30.40 8.98
C LEU C 908 -8.53 31.92 8.89
N THR C 909 -9.66 32.62 8.80
CA THR C 909 -9.92 34.07 8.74
C THR C 909 -9.73 34.70 7.37
N ALA C 910 -9.23 33.96 6.36
CA ALA C 910 -9.05 34.38 4.95
C ALA C 910 -8.05 35.51 4.77
N GLU C 911 -7.25 35.78 5.78
CA GLU C 911 -6.20 36.77 5.76
C GLU C 911 -4.88 36.06 6.02
N TYR C 912 -4.86 35.26 7.08
CA TYR C 912 -3.70 34.43 7.41
C TYR C 912 -3.48 33.36 6.35
N PHE C 913 -4.56 32.79 5.83
CA PHE C 913 -4.49 31.67 4.91
C PHE C 913 -4.14 32.04 3.46
N ASP C 914 -4.53 33.20 2.98
CA ASP C 914 -4.29 33.54 1.58
C ASP C 914 -2.82 33.72 1.17
N PRO C 915 -1.91 34.27 1.98
CA PRO C 915 -0.50 34.20 1.61
C PRO C 915 0.11 32.82 1.71
N ILE C 916 -0.51 31.90 2.43
CA ILE C 916 0.07 30.56 2.57
C ILE C 916 -0.16 29.77 1.28
N ILE C 917 -1.38 29.79 0.75
CA ILE C 917 -1.64 29.08 -0.51
C ILE C 917 -1.16 29.84 -1.74
N GLU C 918 -0.60 31.05 -1.57
CA GLU C 918 -0.16 31.84 -2.72
C GLU C 918 0.92 31.20 -3.60
N PRO C 919 1.96 30.51 -3.11
CA PRO C 919 2.87 29.85 -4.06
C PRO C 919 2.30 28.62 -4.72
N VAL C 920 1.12 28.16 -4.33
CA VAL C 920 0.58 26.91 -4.86
C VAL C 920 -0.83 27.08 -5.41
N ILE C 921 -1.32 28.32 -5.48
CA ILE C 921 -2.73 28.54 -5.79
C ILE C 921 -3.05 28.23 -7.25
N ASP C 922 -2.08 28.34 -8.15
CA ASP C 922 -2.35 27.98 -9.53
C ASP C 922 -2.39 26.48 -9.70
N ASP C 923 -1.49 25.76 -9.01
CA ASP C 923 -1.51 24.30 -9.06
C ASP C 923 -2.70 23.73 -8.32
N VAL C 924 -3.07 24.36 -7.20
CA VAL C 924 -4.24 23.92 -6.45
C VAL C 924 -5.51 24.11 -7.26
N SER C 925 -5.67 25.29 -7.88
CA SER C 925 -6.88 25.53 -8.66
C SER C 925 -6.89 24.72 -9.94
N LYS C 926 -5.73 24.45 -10.52
CA LYS C 926 -5.69 23.66 -11.74
C LYS C 926 -5.97 22.18 -11.48
N ALA C 927 -5.58 21.68 -10.30
CA ALA C 927 -5.96 20.31 -9.94
C ALA C 927 -7.37 20.23 -9.41
N LEU C 928 -7.89 21.31 -8.84
CA LEU C 928 -9.29 21.34 -8.40
C LEU C 928 -10.22 21.36 -9.59
N PHE C 929 -9.84 22.04 -10.66
CA PHE C 929 -10.68 22.13 -11.83
C PHE C 929 -10.75 20.81 -12.59
N ASN C 930 -9.80 19.92 -12.37
CA ASN C 930 -9.85 18.60 -12.98
C ASN C 930 -10.87 17.69 -12.30
N LEU C 931 -11.26 17.99 -11.08
CA LEU C 931 -12.19 17.17 -10.34
C LEU C 931 -13.64 17.58 -10.54
N LEU C 932 -13.91 18.49 -11.47
CA LEU C 932 -15.27 18.94 -11.75
C LEU C 932 -15.79 18.19 -12.97
N GLN C 933 -16.19 16.94 -12.75
CA GLN C 933 -16.59 16.01 -13.79
C GLN C 933 -17.95 15.42 -13.46
N PRO C 934 -18.75 15.02 -14.47
CA PRO C 934 -20.14 14.62 -14.19
C PRO C 934 -20.31 13.20 -13.65
N GLN C 935 -21.56 12.74 -13.64
CA GLN C 935 -22.01 11.61 -12.81
C GLN C 935 -21.30 10.25 -12.98
N PRO C 936 -20.77 9.83 -14.14
CA PRO C 936 -19.94 8.61 -14.12
C PRO C 936 -18.68 8.74 -13.26
N PHE C 937 -18.09 9.92 -13.21
CA PHE C 937 -17.10 10.24 -12.20
C PHE C 937 -17.81 10.44 -10.87
N ASN C 938 -17.11 10.17 -9.77
CA ASN C 938 -17.71 10.09 -8.44
C ASN C 938 -18.20 11.45 -7.97
N HIS C 939 -19.50 11.55 -7.66
CA HIS C 939 -20.06 12.83 -7.25
C HIS C 939 -19.73 13.17 -5.81
N ALA C 940 -19.21 12.22 -5.05
CA ALA C 940 -18.80 12.50 -3.68
C ALA C 940 -17.53 13.32 -3.62
N ILE C 941 -16.71 13.27 -4.67
CA ILE C 941 -15.51 14.08 -4.74
C ILE C 941 -15.61 15.19 -5.77
N SER C 942 -16.75 15.34 -6.43
CA SER C 942 -17.03 16.48 -7.28
C SER C 942 -17.84 17.54 -6.56
N HIS C 943 -18.83 17.11 -5.79
CA HIS C 943 -19.63 18.05 -5.01
C HIS C 943 -18.84 18.62 -3.84
N ASN C 944 -17.79 17.91 -3.39
CA ASN C 944 -16.82 18.51 -2.47
C ASN C 944 -16.13 19.71 -3.09
N VAL C 945 -15.69 19.57 -4.35
CA VAL C 945 -15.03 20.67 -5.03
C VAL C 945 -15.99 21.81 -5.29
N VAL C 946 -17.24 21.49 -5.63
CA VAL C 946 -18.24 22.53 -5.82
C VAL C 946 -18.52 23.26 -4.53
N ARG C 947 -18.54 22.54 -3.40
CA ARG C 947 -18.77 23.18 -2.10
C ARG C 947 -17.62 24.07 -1.69
N ILE C 948 -16.39 23.63 -1.99
CA ILE C 948 -15.20 24.44 -1.69
C ILE C 948 -15.21 25.71 -2.54
N LEU C 949 -15.45 25.57 -3.85
CA LEU C 949 -15.43 26.72 -4.73
C LEU C 949 -16.65 27.61 -4.58
N GLY C 950 -17.72 27.14 -3.94
CA GLY C 950 -18.85 27.99 -3.66
C GLY C 950 -18.69 28.71 -2.35
N LYS C 951 -17.99 28.09 -1.40
CA LYS C 951 -17.68 28.77 -0.14
C LYS C 951 -16.66 29.87 -0.33
N LEU C 952 -15.85 29.80 -1.38
CA LEU C 952 -14.92 30.87 -1.75
C LEU C 952 -15.62 31.75 -2.77
N GLY C 953 -15.96 32.96 -2.38
CA GLY C 953 -16.76 33.80 -3.26
C GLY C 953 -16.07 34.32 -4.49
N GLY C 954 -15.13 35.24 -4.31
CA GLY C 954 -14.33 35.70 -5.42
C GLY C 954 -12.93 35.18 -5.24
N ARG C 955 -12.70 34.56 -4.09
CA ARG C 955 -11.40 34.04 -3.73
C ARG C 955 -11.03 32.79 -4.50
N ASN C 956 -11.99 32.18 -5.20
CA ASN C 956 -11.68 31.06 -6.06
C ASN C 956 -11.16 31.48 -7.44
N ARG C 957 -11.16 32.77 -7.73
CA ARG C 957 -10.69 33.23 -9.03
C ARG C 957 -9.90 34.54 -8.99
N GLN C 958 -9.59 35.07 -7.82
CA GLN C 958 -8.87 36.34 -7.76
C GLN C 958 -7.37 36.20 -7.89
N PHE C 959 -6.84 34.98 -7.90
CA PHE C 959 -5.41 34.77 -7.93
C PHE C 959 -4.96 34.06 -9.18
N LEU C 960 -5.78 34.09 -10.24
CA LEU C 960 -5.39 33.49 -11.50
C LEU C 960 -5.13 34.58 -12.52
N LYS C 961 -4.02 34.45 -13.23
CA LYS C 961 -3.46 35.38 -14.19
C LYS C 961 -3.53 34.70 -15.55
N PRO C 962 -3.14 35.38 -16.64
CA PRO C 962 -2.94 34.68 -17.90
C PRO C 962 -1.91 33.58 -17.76
N PRO C 963 -2.04 32.50 -18.53
CA PRO C 963 -1.25 31.28 -18.25
C PRO C 963 0.23 31.44 -18.56
N THR C 964 1.07 31.08 -17.59
CA THR C 964 2.51 31.13 -17.71
C THR C 964 3.09 29.74 -17.98
N ASP C 965 2.29 28.83 -18.53
CA ASP C 965 2.67 27.45 -18.71
C ASP C 965 2.33 26.98 -20.10
N LEU C 966 2.69 27.75 -21.11
CA LEU C 966 2.42 27.33 -22.48
C LEU C 966 3.54 26.41 -22.94
N THR C 967 3.17 25.21 -23.38
CA THR C 967 4.14 24.18 -23.74
C THR C 967 4.81 24.51 -25.06
N GLU C 968 6.13 24.41 -25.09
CA GLU C 968 6.95 24.93 -26.17
C GLU C 968 7.64 23.83 -26.97
N LYS C 969 6.97 22.68 -27.14
CA LYS C 969 7.33 21.64 -28.11
C LYS C 969 8.73 21.07 -27.89
N THR C 970 8.87 20.33 -26.79
CA THR C 970 10.13 19.72 -26.41
C THR C 970 10.43 18.52 -27.30
N GLU C 971 11.48 17.77 -26.95
CA GLU C 971 11.95 16.65 -27.76
C GLU C 971 11.00 15.48 -27.81
N LEU C 972 9.98 15.44 -26.95
CA LEU C 972 8.91 14.48 -27.06
C LEU C 972 7.75 14.98 -27.89
N ASP C 973 7.94 16.08 -28.62
CA ASP C 973 6.89 16.67 -29.43
C ASP C 973 7.35 17.01 -30.84
N ILE C 974 8.61 16.80 -31.17
CA ILE C 974 9.15 17.22 -32.45
C ILE C 974 9.10 16.05 -33.43
N ASP C 975 9.24 16.39 -34.70
CA ASP C 975 9.13 15.41 -35.78
C ASP C 975 10.50 15.18 -36.40
N ALA C 976 10.82 13.91 -36.64
CA ALA C 976 12.03 13.50 -37.35
C ALA C 976 11.58 12.78 -38.61
N ILE C 977 11.77 13.41 -39.75
CA ILE C 977 11.02 13.11 -40.96
C ILE C 977 11.85 12.26 -41.90
N ALA C 978 11.29 11.14 -42.34
CA ALA C 978 11.92 10.28 -43.35
C ALA C 978 10.97 10.07 -44.50
N ASP C 979 11.51 9.55 -45.60
CA ASP C 979 10.77 9.31 -46.83
C ASP C 979 10.25 7.88 -46.88
N PHE C 980 8.98 7.74 -47.20
CA PHE C 980 8.32 6.44 -47.28
C PHE C 980 7.79 6.25 -48.69
N LYS C 981 7.88 5.03 -49.20
CA LYS C 981 7.39 4.71 -50.53
C LYS C 981 5.96 4.20 -50.38
N ILE C 982 5.01 4.97 -50.88
CA ILE C 982 3.60 4.59 -50.88
C ILE C 982 3.24 4.12 -52.29
N ASN C 983 2.54 2.98 -52.37
CA ASN C 983 2.27 2.33 -53.65
C ASN C 983 1.31 3.12 -54.54
N GLY C 984 0.54 4.04 -54.00
CA GLY C 984 -0.37 4.81 -54.84
C GLY C 984 0.19 6.15 -55.24
N MET C 985 1.49 6.34 -55.07
CA MET C 985 2.12 7.63 -55.33
C MET C 985 3.33 7.46 -56.25
N PRO C 986 3.62 8.46 -57.08
CA PRO C 986 4.77 8.32 -57.98
C PRO C 986 6.11 8.43 -57.28
N GLU C 987 6.24 9.28 -56.27
CA GLU C 987 7.49 9.47 -55.55
C GLU C 987 7.28 9.21 -54.07
N ASP C 988 8.38 9.09 -53.34
CA ASP C 988 8.30 8.89 -51.89
C ASP C 988 7.82 10.16 -51.19
N VAL C 989 7.17 9.96 -50.05
CA VAL C 989 6.47 11.02 -49.34
C VAL C 989 7.14 11.20 -47.98
N PRO C 990 7.47 12.42 -47.57
CA PRO C 990 8.13 12.62 -46.27
C PRO C 990 7.14 12.72 -45.12
N LEU C 991 7.20 11.76 -44.20
CA LEU C 991 6.42 11.84 -42.97
C LEU C 991 7.30 11.50 -41.79
N SER C 992 6.76 11.76 -40.60
CA SER C 992 7.53 11.71 -39.37
C SER C 992 7.61 10.29 -38.82
N VAL C 993 8.81 9.91 -38.38
CA VAL C 993 9.02 8.61 -37.76
C VAL C 993 8.74 8.67 -36.26
N THR C 994 8.53 9.85 -35.69
CA THR C 994 8.29 9.96 -34.26
C THR C 994 6.91 10.50 -33.86
N PRO C 995 5.80 9.84 -34.22
CA PRO C 995 4.53 10.27 -33.65
C PRO C 995 4.14 9.56 -32.37
N GLY C 996 4.84 8.50 -31.99
CA GLY C 996 4.47 7.77 -30.82
C GLY C 996 5.62 7.54 -29.88
N ILE C 997 6.51 8.53 -29.75
CA ILE C 997 7.67 8.37 -28.87
C ILE C 997 7.26 8.53 -27.41
N GLN C 998 6.47 9.57 -27.10
CA GLN C 998 6.06 9.80 -25.72
C GLN C 998 5.16 8.67 -25.22
N SER C 999 4.31 8.15 -26.10
CA SER C 999 3.46 7.02 -25.76
C SER C 999 4.26 5.75 -25.52
N ALA C 1000 5.27 5.50 -26.36
CA ALA C 1000 6.08 4.29 -26.19
C ALA C 1000 6.97 4.37 -24.97
N LEU C 1001 7.43 5.57 -24.61
CA LEU C 1001 8.16 5.72 -23.35
C LEU C 1001 7.25 5.45 -22.16
N ASN C 1002 6.02 5.96 -22.19
CA ASN C 1002 5.09 5.68 -21.09
C ASN C 1002 4.67 4.22 -21.02
N ILE C 1003 4.67 3.53 -22.17
CA ILE C 1003 4.40 2.09 -22.17
C ILE C 1003 5.57 1.34 -21.55
N LEU C 1004 6.79 1.72 -21.89
CA LEU C 1004 7.97 1.02 -21.41
C LEU C 1004 8.17 1.23 -19.92
N GLN C 1005 7.90 2.43 -19.41
CA GLN C 1005 8.15 2.71 -18.00
C GLN C 1005 7.14 2.07 -17.05
N SER C 1006 5.98 1.64 -17.54
CA SER C 1006 4.93 1.18 -16.64
C SER C 1006 5.00 -0.33 -16.48
N TYR C 1007 5.06 -0.78 -15.23
CA TYR C 1007 5.02 -2.21 -14.93
C TYR C 1007 3.60 -2.69 -14.64
N LYS C 1008 2.68 -2.36 -15.52
CA LYS C 1008 1.34 -2.93 -15.46
C LYS C 1008 0.76 -3.20 -16.84
N SER C 1009 1.53 -2.97 -17.90
CA SER C 1009 1.07 -3.26 -19.25
C SER C 1009 1.42 -4.71 -19.58
N ASP C 1010 1.22 -5.09 -20.84
CA ASP C 1010 1.58 -6.42 -21.28
C ASP C 1010 3.08 -6.49 -21.51
N ILE C 1011 3.56 -7.66 -21.91
CA ILE C 1011 4.94 -7.76 -22.37
C ILE C 1011 5.00 -7.71 -23.89
N HIS C 1012 3.89 -7.97 -24.58
CA HIS C 1012 3.88 -7.76 -26.03
C HIS C 1012 3.90 -6.29 -26.36
N TYR C 1013 3.09 -5.49 -25.63
CA TYR C 1013 3.07 -4.05 -25.84
C TYR C 1013 4.39 -3.42 -25.42
N ARG C 1014 5.00 -3.94 -24.36
CA ARG C 1014 6.26 -3.42 -23.90
C ARG C 1014 7.40 -3.78 -24.85
N LYS C 1015 7.36 -4.98 -25.43
CA LYS C 1015 8.39 -5.37 -26.38
C LYS C 1015 8.26 -4.61 -27.69
N SER C 1016 7.02 -4.36 -28.13
CA SER C 1016 6.83 -3.57 -29.34
C SER C 1016 7.19 -2.11 -29.13
N ALA C 1017 6.96 -1.58 -27.93
CA ALA C 1017 7.40 -0.23 -27.60
C ALA C 1017 8.91 -0.13 -27.62
N TYR C 1018 9.60 -1.12 -27.05
CA TYR C 1018 11.06 -1.14 -27.08
C TYR C 1018 11.59 -1.23 -28.51
N LYS C 1019 10.95 -2.05 -29.35
CA LYS C 1019 11.36 -2.14 -30.75
C LYS C 1019 11.14 -0.83 -31.48
N TYR C 1020 10.08 -0.09 -31.14
CA TYR C 1020 9.85 1.20 -31.75
C TYR C 1020 10.92 2.22 -31.36
N LEU C 1021 11.27 2.28 -30.07
CA LEU C 1021 12.28 3.23 -29.62
C LEU C 1021 13.64 2.92 -30.22
N THR C 1022 14.00 1.64 -30.31
CA THR C 1022 15.27 1.29 -30.93
C THR C 1022 15.24 1.52 -32.44
N CYS C 1023 14.07 1.45 -33.07
CA CYS C 1023 13.96 1.81 -34.48
C CYS C 1023 14.28 3.28 -34.70
N VAL C 1024 13.70 4.16 -33.87
CA VAL C 1024 13.96 5.60 -34.00
C VAL C 1024 15.42 5.91 -33.66
N LEU C 1025 15.98 5.22 -32.66
CA LEU C 1025 17.35 5.47 -32.26
C LEU C 1025 18.35 5.01 -33.31
N LEU C 1026 18.14 3.82 -33.89
CA LEU C 1026 19.02 3.37 -34.94
C LEU C 1026 18.85 4.16 -36.22
N LEU C 1027 17.68 4.77 -36.43
CA LEU C 1027 17.55 5.71 -37.55
C LEU C 1027 18.36 6.98 -37.30
N MET C 1028 18.40 7.45 -36.06
CA MET C 1028 19.27 8.59 -35.75
C MET C 1028 20.74 8.23 -35.80
N THR C 1029 21.09 6.96 -35.64
CA THR C 1029 22.47 6.51 -35.62
C THR C 1029 22.95 6.00 -36.98
N LYS C 1030 22.04 5.82 -37.94
CA LYS C 1030 22.37 5.17 -39.21
C LYS C 1030 23.36 5.96 -40.04
N SER C 1031 23.19 7.27 -40.13
CA SER C 1031 24.03 8.07 -41.02
C SER C 1031 25.39 8.41 -40.42
N SER C 1032 25.80 7.74 -39.35
CA SER C 1032 27.18 7.73 -38.89
C SER C 1032 27.69 6.31 -38.74
N ALA C 1033 26.92 5.32 -39.16
CA ALA C 1033 27.29 3.93 -39.00
C ALA C 1033 27.98 3.36 -40.23
N GLU C 1034 28.41 4.21 -41.15
CA GLU C 1034 29.14 3.78 -42.32
C GLU C 1034 30.63 4.05 -42.11
N PHE C 1035 31.45 3.07 -42.48
CA PHE C 1035 32.87 3.19 -42.20
C PHE C 1035 33.66 3.08 -43.49
N PRO C 1036 34.76 3.82 -43.62
CA PRO C 1036 35.58 3.72 -44.83
C PRO C 1036 36.28 2.37 -44.93
N THR C 1037 36.84 2.13 -46.11
CA THR C 1037 37.48 0.86 -46.42
C THR C 1037 38.84 0.71 -45.75
N ASN C 1038 39.40 1.79 -45.23
CA ASN C 1038 40.70 1.79 -44.57
C ASN C 1038 40.59 2.42 -43.20
N TYR C 1039 39.57 2.02 -42.44
CA TYR C 1039 39.30 2.66 -41.17
C TYR C 1039 40.28 2.25 -40.09
N THR C 1040 40.87 1.06 -40.20
CA THR C 1040 41.81 0.59 -39.20
C THR C 1040 43.10 1.39 -39.24
N GLU C 1041 43.67 1.59 -40.43
CA GLU C 1041 44.90 2.36 -40.51
C GLU C 1041 44.64 3.84 -40.27
N LEU C 1042 43.45 4.33 -40.61
CA LEU C 1042 43.12 5.72 -40.29
C LEU C 1042 42.95 5.92 -38.79
N LEU C 1043 42.35 4.95 -38.10
CA LEU C 1043 42.23 5.03 -36.64
C LEU C 1043 43.60 4.92 -35.97
N LYS C 1044 44.48 4.05 -36.48
CA LYS C 1044 45.82 3.93 -35.92
C LYS C 1044 46.64 5.20 -36.15
N THR C 1045 46.51 5.79 -37.35
CA THR C 1045 47.19 7.04 -37.65
C THR C 1045 46.67 8.17 -36.77
N ALA C 1046 45.36 8.26 -36.59
CA ALA C 1046 44.79 9.31 -35.77
C ALA C 1046 45.05 9.11 -34.28
N VAL C 1047 45.39 7.89 -33.85
CA VAL C 1047 45.69 7.73 -32.43
C VAL C 1047 47.19 7.89 -32.14
N ASN C 1048 48.08 7.60 -33.10
CA ASN C 1048 49.48 7.92 -32.85
C ASN C 1048 49.85 9.31 -33.35
N SER C 1049 48.93 10.04 -33.95
CA SER C 1049 49.13 11.45 -34.27
C SER C 1049 48.76 12.37 -33.14
N ILE C 1050 48.33 11.82 -32.00
CA ILE C 1050 48.06 12.66 -30.84
C ILE C 1050 49.36 12.99 -30.11
N LYS C 1051 50.32 12.07 -30.13
CA LYS C 1051 51.60 12.23 -29.44
C LYS C 1051 52.59 13.08 -30.20
N LEU C 1052 52.17 13.84 -31.20
CA LEU C 1052 53.05 14.72 -31.94
C LEU C 1052 52.76 16.17 -31.59
N GLU C 1053 53.79 17.00 -31.73
CA GLU C 1053 53.72 18.41 -31.36
C GLU C 1053 53.77 19.28 -32.61
N ARG C 1054 52.99 20.36 -32.59
CA ARG C 1054 52.91 21.37 -33.66
C ARG C 1054 52.45 20.73 -34.97
N ILE C 1055 51.22 20.21 -34.93
CA ILE C 1055 50.59 19.71 -36.15
C ILE C 1055 50.18 20.91 -36.98
N GLY C 1056 50.73 21.01 -38.18
CA GLY C 1056 50.41 22.13 -39.05
C GLY C 1056 48.98 22.05 -39.54
N ILE C 1057 48.27 23.16 -39.44
CA ILE C 1057 46.86 23.24 -39.83
C ILE C 1057 46.79 23.99 -41.15
N GLU C 1058 46.21 23.35 -42.16
CA GLU C 1058 45.99 24.02 -43.43
C GLU C 1058 44.92 25.08 -43.24
N LYS C 1059 45.19 26.29 -43.70
CA LYS C 1059 44.28 27.40 -43.48
C LYS C 1059 43.41 27.65 -44.70
N ASN C 1060 42.14 27.93 -44.45
CA ASN C 1060 41.22 28.27 -45.52
C ASN C 1060 40.23 29.30 -44.99
N PHE C 1061 39.69 30.10 -45.91
CA PHE C 1061 38.85 31.24 -45.58
C PHE C 1061 37.45 30.97 -46.14
N ASP C 1062 36.63 30.28 -45.36
CA ASP C 1062 35.26 30.02 -45.76
C ASP C 1062 34.45 29.79 -44.50
N LEU C 1063 33.25 30.37 -44.47
CA LEU C 1063 32.40 30.29 -43.31
C LEU C 1063 31.64 28.98 -43.27
N GLU C 1064 31.26 28.58 -42.07
CA GLU C 1064 30.41 27.43 -41.86
C GLU C 1064 29.04 27.91 -41.40
N PRO C 1065 27.98 27.16 -41.66
CA PRO C 1065 26.66 27.55 -41.14
C PRO C 1065 26.59 27.41 -39.63
N THR C 1066 25.59 28.08 -39.06
CA THR C 1066 25.43 28.15 -37.61
C THR C 1066 24.70 26.89 -37.11
N VAL C 1067 24.27 26.93 -35.85
CA VAL C 1067 23.91 25.72 -35.14
C VAL C 1067 22.40 25.50 -35.04
N ASN C 1068 21.62 26.60 -34.91
CA ASN C 1068 20.19 26.57 -34.62
C ASN C 1068 19.92 25.81 -33.31
N LYS C 1069 20.27 26.50 -32.22
CA LYS C 1069 20.40 25.91 -30.88
C LYS C 1069 19.16 25.19 -30.40
N ARG C 1070 17.96 25.62 -30.81
CA ARG C 1070 16.75 24.98 -30.32
C ARG C 1070 16.57 23.60 -30.93
N ASP C 1071 16.76 23.49 -32.25
CA ASP C 1071 16.65 22.19 -32.91
C ASP C 1071 17.80 21.26 -32.53
N TYR C 1072 18.99 21.82 -32.33
CA TYR C 1072 20.12 21.03 -31.84
C TYR C 1072 19.84 20.49 -30.45
N SER C 1073 19.26 21.32 -29.58
CA SER C 1073 18.98 20.88 -28.22
C SER C 1073 17.87 19.84 -28.19
N ASN C 1074 16.88 19.99 -29.06
CA ASN C 1074 15.81 19.01 -29.11
C ASN C 1074 16.29 17.68 -29.66
N GLN C 1075 17.13 17.70 -30.70
CA GLN C 1075 17.67 16.44 -31.22
C GLN C 1075 18.64 15.78 -30.25
N GLU C 1076 19.42 16.59 -29.53
CA GLU C 1076 20.34 16.05 -28.53
C GLU C 1076 19.59 15.40 -27.38
N ASN C 1077 18.57 16.08 -26.86
CA ASN C 1077 17.77 15.50 -25.79
C ASN C 1077 16.95 14.30 -26.26
N LEU C 1078 16.57 14.27 -27.54
CA LEU C 1078 15.83 13.12 -28.06
C LEU C 1078 16.72 11.89 -28.12
N PHE C 1079 17.94 12.04 -28.65
CA PHE C 1079 18.89 10.93 -28.64
C PHE C 1079 19.22 10.48 -27.22
N LEU C 1080 19.28 11.43 -26.30
CA LEU C 1080 19.56 11.10 -24.91
C LEU C 1080 18.42 10.31 -24.28
N ARG C 1081 17.16 10.69 -24.54
CA ARG C 1081 16.02 9.94 -24.00
C ARG C 1081 15.94 8.54 -24.57
N LEU C 1082 16.25 8.37 -25.86
CA LEU C 1082 16.20 7.04 -26.46
C LEU C 1082 17.31 6.15 -25.92
N LEU C 1083 18.50 6.71 -25.71
CA LEU C 1083 19.60 5.96 -25.11
C LEU C 1083 19.31 5.60 -23.65
N GLU C 1084 18.64 6.50 -22.93
CA GLU C 1084 18.28 6.20 -21.55
C GLU C 1084 17.22 5.13 -21.47
N SER C 1085 16.34 5.04 -22.46
CA SER C 1085 15.38 3.94 -22.44
C SER C 1085 16.00 2.62 -22.87
N VAL C 1086 17.05 2.65 -23.70
CA VAL C 1086 17.82 1.43 -23.95
C VAL C 1086 18.49 0.96 -22.66
N PHE C 1087 19.01 1.90 -21.85
CA PHE C 1087 19.56 1.53 -20.55
C PHE C 1087 18.50 1.01 -19.59
N TYR C 1088 17.30 1.59 -19.63
CA TYR C 1088 16.23 1.15 -18.75
C TYR C 1088 15.68 -0.20 -19.14
N ALA C 1089 15.78 -0.57 -20.43
CA ALA C 1089 15.24 -1.83 -20.91
C ALA C 1089 15.94 -3.04 -20.34
N THR C 1090 17.13 -2.87 -19.76
CA THR C 1090 17.85 -3.96 -19.12
C THR C 1090 17.32 -4.29 -17.74
N SER C 1091 16.32 -3.58 -17.25
CA SER C 1091 15.70 -3.90 -15.97
C SER C 1091 14.54 -4.85 -16.12
N ILE C 1092 14.21 -5.24 -17.35
CA ILE C 1092 13.06 -6.09 -17.64
C ILE C 1092 13.58 -7.43 -18.12
N LYS C 1093 13.08 -8.50 -17.51
CA LYS C 1093 13.33 -9.84 -18.02
C LYS C 1093 12.66 -10.01 -19.36
N GLU C 1094 13.24 -10.88 -20.20
CA GLU C 1094 12.91 -11.14 -21.61
C GLU C 1094 12.91 -9.88 -22.50
N LEU C 1095 13.51 -8.79 -22.03
CA LEU C 1095 13.95 -7.68 -22.86
C LEU C 1095 15.40 -7.36 -22.60
N LYS C 1096 16.09 -8.13 -21.76
CA LYS C 1096 17.39 -7.76 -21.26
C LYS C 1096 18.51 -8.17 -22.20
N ASP C 1097 18.34 -9.27 -22.94
CA ASP C 1097 19.44 -9.83 -23.71
C ASP C 1097 19.74 -8.98 -24.94
N ASP C 1098 18.71 -8.66 -25.71
CA ASP C 1098 18.90 -7.81 -26.88
C ASP C 1098 19.21 -6.37 -26.49
N ALA C 1099 18.71 -5.92 -25.32
CA ALA C 1099 19.08 -4.60 -24.84
C ALA C 1099 20.56 -4.53 -24.48
N MET C 1100 21.09 -5.58 -23.84
CA MET C 1100 22.51 -5.60 -23.52
C MET C 1100 23.37 -5.75 -24.77
N ASP C 1101 22.90 -6.49 -25.77
CA ASP C 1101 23.66 -6.63 -27.01
C ASP C 1101 23.71 -5.32 -27.78
N LEU C 1102 22.55 -4.65 -27.91
CA LEU C 1102 22.50 -3.35 -28.57
C LEU C 1102 23.29 -2.31 -27.79
N LEU C 1103 23.29 -2.40 -26.46
CA LEU C 1103 24.05 -1.46 -25.65
C LEU C 1103 25.55 -1.67 -25.82
N ASN C 1104 26.00 -2.92 -25.94
CA ASN C 1104 27.41 -3.16 -26.19
C ASN C 1104 27.83 -2.62 -27.56
N ASN C 1105 26.96 -2.78 -28.56
CA ASN C 1105 27.27 -2.23 -29.88
C ASN C 1105 27.29 -0.70 -29.87
N LEU C 1106 26.36 -0.08 -29.14
CA LEU C 1106 26.33 1.38 -29.07
C LEU C 1106 27.52 1.93 -28.31
N LEU C 1107 27.95 1.23 -27.25
CA LEU C 1107 29.07 1.72 -26.47
C LEU C 1107 30.38 1.59 -27.22
N ASP C 1108 30.62 0.46 -27.87
CA ASP C 1108 31.86 0.43 -28.64
C ASP C 1108 31.74 1.10 -30.00
N HIS C 1109 30.56 1.62 -30.36
CA HIS C 1109 30.48 2.61 -31.44
C HIS C 1109 30.88 3.99 -30.97
N PHE C 1110 30.40 4.39 -29.80
CA PHE C 1110 30.75 5.71 -29.28
C PHE C 1110 32.22 5.78 -28.87
N CYS C 1111 32.81 4.66 -28.47
CA CYS C 1111 34.24 4.62 -28.22
C CYS C 1111 35.05 4.85 -29.50
N LEU C 1112 34.56 4.35 -30.63
CA LEU C 1112 35.24 4.63 -31.90
C LEU C 1112 34.96 6.02 -32.43
N LEU C 1113 33.83 6.61 -32.04
CA LEU C 1113 33.54 7.97 -32.46
C LEU C 1113 34.19 9.02 -31.58
N GLN C 1114 34.68 8.64 -30.40
CA GLN C 1114 35.38 9.59 -29.53
C GLN C 1114 36.72 10.04 -30.12
N VAL C 1115 37.34 9.23 -30.97
CA VAL C 1115 38.64 9.61 -31.51
C VAL C 1115 38.54 10.80 -32.46
N ASN C 1116 37.36 11.04 -33.04
CA ASN C 1116 37.16 12.24 -33.84
C ASN C 1116 37.12 13.48 -32.96
N THR C 1117 36.50 13.39 -31.79
CA THR C 1117 36.49 14.50 -30.85
C THR C 1117 37.89 14.75 -30.30
N THR C 1118 38.66 13.68 -30.08
CA THR C 1118 40.04 13.84 -29.64
C THR C 1118 40.89 14.51 -30.72
N LEU C 1119 40.71 14.11 -31.97
CA LEU C 1119 41.45 14.72 -33.07
C LEU C 1119 41.03 16.17 -33.31
N LEU C 1120 39.78 16.50 -33.05
CA LEU C 1120 39.31 17.86 -33.22
C LEU C 1120 39.56 18.75 -32.03
N ASN C 1121 39.96 18.18 -30.89
CA ASN C 1121 40.38 19.03 -29.79
C ASN C 1121 41.81 19.52 -29.95
N LYS C 1122 42.55 19.01 -30.94
CA LYS C 1122 43.82 19.62 -31.30
C LYS C 1122 43.66 20.83 -32.20
N ARG C 1123 42.43 21.14 -32.60
CA ARG C 1123 42.14 22.44 -33.20
C ARG C 1123 42.12 23.55 -32.16
N ASN C 1124 41.93 23.20 -30.88
CA ASN C 1124 42.08 24.14 -29.78
C ASN C 1124 43.55 24.41 -29.43
N TYR C 1125 44.48 23.68 -30.02
CA TYR C 1125 45.92 23.87 -29.86
C TYR C 1125 46.49 24.03 -31.27
N ASN C 1126 47.83 23.98 -31.39
CA ASN C 1126 48.59 24.18 -32.62
C ASN C 1126 48.30 25.57 -33.22
N GLY C 1127 48.68 26.58 -32.45
CA GLY C 1127 48.31 27.96 -32.74
C GLY C 1127 47.42 28.49 -31.64
N THR C 1128 47.91 29.46 -30.89
CA THR C 1128 47.17 29.94 -29.73
C THR C 1128 45.98 30.80 -30.12
N PHE C 1129 45.98 31.36 -31.33
CA PHE C 1129 44.78 32.02 -31.84
C PHE C 1129 44.75 31.80 -33.35
N ASN C 1130 44.05 30.75 -33.76
CA ASN C 1130 43.80 30.49 -35.17
C ASN C 1130 42.33 30.70 -35.45
N ILE C 1131 42.05 31.38 -36.57
CA ILE C 1131 40.70 31.79 -36.88
C ILE C 1131 40.40 31.37 -38.31
N ASP C 1132 41.43 30.91 -39.02
CA ASP C 1132 41.33 30.59 -40.44
C ASP C 1132 41.39 29.08 -40.71
N LEU C 1133 40.89 28.28 -39.78
CA LEU C 1133 40.96 26.84 -39.91
C LEU C 1133 39.59 26.29 -40.32
N LYS C 1134 39.55 24.99 -40.58
CA LYS C 1134 38.37 24.33 -41.10
C LYS C 1134 37.84 23.34 -40.08
N ASN C 1135 36.55 23.44 -39.75
CA ASN C 1135 35.90 22.53 -38.84
C ASN C 1135 34.70 21.88 -39.50
N PRO C 1136 34.41 20.60 -39.22
CA PRO C 1136 33.14 20.03 -39.62
C PRO C 1136 32.02 20.68 -38.82
N ASN C 1137 30.92 20.96 -39.51
CA ASN C 1137 30.05 22.05 -39.10
C ASN C 1137 29.38 21.92 -37.72
N PHE C 1138 28.39 21.06 -37.56
CA PHE C 1138 27.66 20.99 -36.29
C PHE C 1138 26.96 19.65 -36.23
N MET C 1139 27.39 18.79 -35.32
CA MET C 1139 26.87 17.44 -35.24
C MET C 1139 26.65 17.09 -33.77
N LEU C 1140 26.02 15.95 -33.54
CA LEU C 1140 25.96 15.39 -32.19
C LEU C 1140 27.33 14.82 -31.87
N ASP C 1141 28.04 15.43 -30.94
CA ASP C 1141 29.49 15.31 -30.85
C ASP C 1141 29.98 14.08 -30.12
N SER C 1142 29.15 13.03 -29.95
CA SER C 1142 29.47 11.80 -29.25
C SER C 1142 29.91 12.02 -27.81
N SER C 1143 29.52 13.14 -27.23
CA SER C 1143 29.72 13.45 -25.82
C SER C 1143 28.40 13.42 -25.09
N LEU C 1144 27.44 12.69 -25.64
CA LEU C 1144 26.17 12.46 -24.99
C LEU C 1144 26.07 11.06 -24.45
N ILE C 1145 27.17 10.31 -24.50
CA ILE C 1145 27.37 9.19 -23.58
C ILE C 1145 27.92 9.69 -22.25
N LEU C 1146 28.36 10.94 -22.20
CA LEU C 1146 28.72 11.62 -20.97
C LEU C 1146 27.52 12.16 -20.21
N ASP C 1147 26.31 11.95 -20.73
CA ASP C 1147 25.09 12.29 -20.03
C ASP C 1147 24.19 11.09 -19.83
N ALA C 1148 24.52 9.95 -20.43
CA ALA C 1148 23.72 8.74 -20.30
C ALA C 1148 24.29 7.76 -19.29
N ILE C 1149 25.61 7.63 -19.20
CA ILE C 1149 26.21 6.74 -18.20
C ILE C 1149 26.11 7.35 -16.80
N PRO C 1150 26.32 8.66 -16.56
CA PRO C 1150 25.92 9.21 -15.27
C PRO C 1150 24.41 9.24 -15.03
N PHE C 1151 23.58 9.07 -16.05
CA PHE C 1151 22.16 8.89 -15.80
C PHE C 1151 21.88 7.49 -15.27
N ALA C 1152 22.56 6.49 -15.82
CA ALA C 1152 22.28 5.11 -15.45
C ALA C 1152 22.78 4.78 -14.05
N LEU C 1153 23.80 5.49 -13.59
CA LEU C 1153 24.29 5.29 -12.23
C LEU C 1153 23.43 5.96 -11.19
N SER C 1154 22.69 6.99 -11.57
CA SER C 1154 21.88 7.74 -10.65
C SER C 1154 20.43 7.30 -10.68
N TYR C 1155 20.14 6.16 -11.27
CA TYR C 1155 18.76 5.78 -11.47
C TYR C 1155 18.27 4.90 -10.33
N TYR C 1156 16.97 4.94 -10.08
CA TYR C 1156 16.40 4.39 -8.86
C TYR C 1156 16.18 2.89 -8.89
N ILE C 1157 16.43 2.22 -10.01
CA ILE C 1157 16.52 0.77 -10.05
C ILE C 1157 18.00 0.40 -9.90
N PRO C 1158 18.36 -0.44 -8.93
CA PRO C 1158 19.77 -0.86 -8.85
C PRO C 1158 20.21 -1.80 -9.96
N GLU C 1159 19.26 -2.50 -10.59
CA GLU C 1159 19.60 -3.38 -11.70
C GLU C 1159 20.02 -2.63 -12.95
N VAL C 1160 19.75 -1.32 -13.04
CA VAL C 1160 20.34 -0.52 -14.11
C VAL C 1160 21.58 0.23 -13.66
N ARG C 1161 21.79 0.40 -12.36
CA ARG C 1161 23.09 0.89 -11.91
C ARG C 1161 24.17 -0.15 -12.14
N GLU C 1162 23.81 -1.43 -12.03
CA GLU C 1162 24.73 -2.50 -12.41
C GLU C 1162 25.06 -2.45 -13.90
N VAL C 1163 24.07 -2.12 -14.73
CA VAL C 1163 24.32 -1.97 -16.16
C VAL C 1163 25.15 -0.73 -16.43
N GLY C 1164 25.01 0.31 -15.62
CA GLY C 1164 25.86 1.48 -15.75
C GLY C 1164 27.31 1.20 -15.43
N VAL C 1165 27.57 0.43 -14.38
CA VAL C 1165 28.97 0.13 -14.08
C VAL C 1165 29.53 -0.89 -15.07
N LEU C 1166 28.70 -1.76 -15.63
CA LEU C 1166 29.16 -2.63 -16.70
C LEU C 1166 29.49 -1.84 -17.96
N ALA C 1167 28.71 -0.79 -18.22
CA ALA C 1167 28.99 0.11 -19.33
C ALA C 1167 30.31 0.84 -19.13
N TYR C 1168 30.58 1.27 -17.90
CA TYR C 1168 31.85 1.94 -17.63
C TYR C 1168 33.03 1.00 -17.77
N LYS C 1169 32.88 -0.26 -17.33
CA LYS C 1169 33.94 -1.25 -17.51
C LYS C 1169 34.19 -1.53 -18.99
N ARG C 1170 33.11 -1.59 -19.78
CA ARG C 1170 33.26 -1.86 -21.21
C ARG C 1170 33.94 -0.72 -21.93
N ILE C 1171 33.56 0.52 -21.66
CA ILE C 1171 34.23 1.63 -22.32
C ILE C 1171 35.64 1.84 -21.79
N TYR C 1172 35.94 1.41 -20.56
CA TYR C 1172 37.31 1.41 -20.08
C TYR C 1172 38.17 0.43 -20.87
N GLU C 1173 37.64 -0.78 -21.10
CA GLU C 1173 38.37 -1.78 -21.88
C GLU C 1173 38.59 -1.32 -23.32
N LYS C 1174 37.56 -0.74 -23.94
CA LYS C 1174 37.68 -0.34 -25.33
C LYS C 1174 38.57 0.89 -25.49
N SER C 1175 38.51 1.83 -24.54
CA SER C 1175 39.38 3.00 -24.59
C SER C 1175 40.83 2.63 -24.32
N CYS C 1176 41.07 1.64 -23.46
CA CYS C 1176 42.44 1.17 -23.27
C CYS C 1176 42.91 0.35 -24.47
N LEU C 1177 41.98 -0.25 -25.21
CA LEU C 1177 42.35 -1.02 -26.39
C LEU C 1177 42.76 -0.12 -27.54
N ILE C 1178 41.93 0.87 -27.89
CA ILE C 1178 42.20 1.64 -29.10
C ILE C 1178 43.18 2.78 -28.89
N TYR C 1179 43.54 3.09 -27.66
CA TYR C 1179 44.54 4.12 -27.36
C TYR C 1179 45.83 3.54 -26.81
N GLY C 1180 45.73 2.62 -25.87
CA GLY C 1180 46.85 2.27 -25.01
C GLY C 1180 46.71 2.94 -23.66
N GLU C 1181 47.20 2.26 -22.63
CA GLU C 1181 46.95 2.67 -21.25
C GLU C 1181 47.63 3.99 -20.90
N GLU C 1182 48.74 4.30 -21.56
CA GLU C 1182 49.51 5.49 -21.18
C GLU C 1182 48.82 6.79 -21.58
N LEU C 1183 47.90 6.76 -22.54
CA LEU C 1183 47.21 7.98 -22.95
C LEU C 1183 45.70 7.84 -23.03
N ALA C 1184 45.15 6.67 -22.71
CA ALA C 1184 43.70 6.58 -22.58
C ALA C 1184 43.20 7.26 -21.32
N LEU C 1185 44.08 7.51 -20.37
CA LEU C 1185 43.74 8.23 -19.15
C LEU C 1185 43.87 9.72 -19.29
N SER C 1186 44.33 10.20 -20.45
CA SER C 1186 44.48 11.62 -20.68
C SER C 1186 43.70 12.13 -21.88
N HIS C 1187 43.22 11.25 -22.77
CA HIS C 1187 42.55 11.68 -23.97
C HIS C 1187 41.24 10.96 -24.27
N SER C 1188 41.03 9.77 -23.74
CA SER C 1188 39.82 9.02 -24.04
C SER C 1188 38.66 9.44 -23.14
N PHE C 1189 37.61 8.62 -23.10
CA PHE C 1189 36.46 8.88 -22.23
C PHE C 1189 36.85 8.88 -20.76
N ILE C 1190 37.87 8.09 -20.40
CA ILE C 1190 38.15 7.80 -18.98
C ILE C 1190 38.52 9.03 -18.16
N PRO C 1191 39.30 10.02 -18.66
CA PRO C 1191 39.37 11.27 -17.89
C PRO C 1191 38.05 12.01 -17.88
N GLU C 1192 37.44 12.16 -19.06
CA GLU C 1192 36.32 13.07 -19.24
C GLU C 1192 35.13 12.66 -18.39
N LEU C 1193 34.74 11.38 -18.51
CA LEU C 1193 33.65 10.84 -17.73
C LEU C 1193 33.96 10.85 -16.24
N ALA C 1194 35.25 10.75 -15.87
CA ALA C 1194 35.63 10.85 -14.46
C ALA C 1194 35.31 12.21 -13.89
N LYS C 1195 35.49 13.26 -14.70
CA LYS C 1195 35.10 14.59 -14.25
C LYS C 1195 33.60 14.68 -14.04
N GLN C 1196 32.84 13.98 -14.88
CA GLN C 1196 31.40 13.87 -14.70
C GLN C 1196 31.04 13.25 -13.38
N PHE C 1197 31.81 12.23 -12.96
CA PHE C 1197 31.57 11.59 -11.67
C PHE C 1197 31.79 12.56 -10.53
N ILE C 1198 32.81 13.42 -10.65
CA ILE C 1198 33.04 14.42 -9.62
C ILE C 1198 31.90 15.42 -9.61
N HIS C 1199 31.36 15.74 -10.79
CA HIS C 1199 30.23 16.63 -10.84
C HIS C 1199 28.96 16.00 -10.29
N LEU C 1200 28.88 14.67 -10.25
CA LEU C 1200 27.71 14.07 -9.65
C LEU C 1200 27.76 14.18 -8.13
N CYS C 1201 28.93 14.45 -7.56
CA CYS C 1201 29.04 14.57 -6.12
C CYS C 1201 28.50 15.89 -5.62
N TYR C 1202 28.33 16.87 -6.50
CA TYR C 1202 27.91 18.21 -6.12
C TYR C 1202 26.45 18.47 -6.41
N ASP C 1203 25.71 17.47 -6.85
CA ASP C 1203 24.31 17.66 -7.17
C ASP C 1203 23.48 17.79 -5.89
N GLU C 1204 22.18 18.05 -6.06
CA GLU C 1204 21.34 18.42 -4.94
C GLU C 1204 20.36 17.34 -4.55
N THR C 1205 20.65 16.09 -4.87
CA THR C 1205 19.80 14.99 -4.45
C THR C 1205 20.66 13.76 -4.26
N TYR C 1206 20.22 12.85 -3.39
CA TYR C 1206 21.06 11.73 -3.00
C TYR C 1206 21.20 10.66 -4.06
N TYR C 1207 20.43 10.73 -5.14
CA TYR C 1207 20.56 9.73 -6.20
C TYR C 1207 21.83 9.98 -6.99
N ASN C 1208 22.07 11.24 -7.36
CA ASN C 1208 23.26 11.59 -8.13
C ASN C 1208 24.52 11.46 -7.31
N LYS C 1209 24.44 11.64 -6.00
CA LYS C 1209 25.61 11.42 -5.16
C LYS C 1209 25.99 9.95 -5.10
N ARG C 1210 24.98 9.07 -5.06
CA ARG C 1210 25.24 7.64 -5.12
C ARG C 1210 25.82 7.25 -6.48
N GLY C 1211 25.35 7.87 -7.54
CA GLY C 1211 25.95 7.63 -8.85
C GLY C 1211 27.37 8.12 -8.94
N GLY C 1212 27.68 9.25 -8.29
CA GLY C 1212 29.03 9.75 -8.31
C GLY C 1212 29.99 8.90 -7.51
N VAL C 1213 29.57 8.41 -6.34
CA VAL C 1213 30.46 7.54 -5.57
C VAL C 1213 30.57 6.17 -6.21
N LEU C 1214 29.55 5.74 -6.96
CA LEU C 1214 29.68 4.50 -7.71
C LEU C 1214 30.68 4.63 -8.85
N GLY C 1215 30.62 5.74 -9.58
CA GLY C 1215 31.58 5.97 -10.63
C GLY C 1215 32.99 6.17 -10.11
N ILE C 1216 33.13 6.83 -8.96
CA ILE C 1216 34.45 7.03 -8.38
C ILE C 1216 35.02 5.72 -7.87
N LYS C 1217 34.18 4.85 -7.31
CA LYS C 1217 34.68 3.58 -6.80
C LYS C 1217 35.09 2.66 -7.94
N VAL C 1218 34.36 2.66 -9.06
CA VAL C 1218 34.81 1.80 -10.15
C VAL C 1218 36.01 2.43 -10.87
N LEU C 1219 36.14 3.75 -10.84
CA LEU C 1219 37.31 4.40 -11.41
C LEU C 1219 38.57 4.07 -10.64
N ILE C 1220 38.54 4.25 -9.31
CA ILE C 1220 39.73 3.94 -8.51
C ILE C 1220 39.94 2.45 -8.31
N ASP C 1221 38.97 1.60 -8.63
CA ASP C 1221 39.31 0.18 -8.74
C ASP C 1221 39.95 -0.14 -10.07
N ASN C 1222 39.62 0.57 -11.14
CA ASN C 1222 40.30 0.33 -12.41
C ASN C 1222 41.72 0.90 -12.40
N VAL C 1223 41.85 2.22 -12.28
CA VAL C 1223 43.17 2.83 -12.42
C VAL C 1223 43.85 2.87 -11.04
N LYS C 1224 44.79 1.95 -10.85
CA LYS C 1224 45.75 2.00 -9.77
C LYS C 1224 47.14 1.64 -10.23
N SER C 1225 47.28 1.07 -11.43
CA SER C 1225 48.59 0.69 -11.94
C SER C 1225 49.41 1.90 -12.36
N SER C 1226 48.74 2.97 -12.77
CA SER C 1226 49.41 4.20 -13.18
C SER C 1226 49.27 5.23 -12.06
N SER C 1227 50.34 5.98 -11.83
CA SER C 1227 50.37 6.93 -10.74
C SER C 1227 50.41 8.38 -11.24
N VAL C 1228 49.87 8.62 -12.44
CA VAL C 1228 49.76 9.96 -12.95
C VAL C 1228 48.32 10.47 -12.92
N PHE C 1229 47.33 9.59 -13.14
CA PHE C 1229 45.96 10.03 -13.21
C PHE C 1229 45.39 10.30 -11.83
N LEU C 1230 45.49 9.32 -10.93
CA LEU C 1230 44.89 9.45 -9.61
C LEU C 1230 45.65 10.42 -8.73
N LYS C 1231 46.90 10.71 -9.06
CA LYS C 1231 47.64 11.75 -8.36
C LYS C 1231 47.48 13.12 -9.01
N LYS C 1232 47.12 13.18 -10.29
CA LYS C 1232 46.78 14.48 -10.87
C LYS C 1232 45.40 14.93 -10.44
N TYR C 1233 44.46 14.00 -10.34
CA TYR C 1233 43.06 14.29 -10.06
C TYR C 1233 42.70 14.14 -8.60
N GLN C 1234 43.68 14.15 -7.69
CA GLN C 1234 43.42 13.76 -6.30
C GLN C 1234 42.66 14.82 -5.54
N TYR C 1235 42.94 16.10 -5.81
CA TYR C 1235 42.32 17.18 -5.05
C TYR C 1235 40.83 17.29 -5.37
N ASN C 1236 40.47 17.16 -6.65
CA ASN C 1236 39.08 17.27 -7.05
C ASN C 1236 38.27 16.06 -6.59
N LEU C 1237 38.86 14.86 -6.66
CA LEU C 1237 38.18 13.67 -6.18
C LEU C 1237 37.98 13.71 -4.68
N ALA C 1238 38.97 14.20 -3.94
CA ALA C 1238 38.84 14.34 -2.49
C ALA C 1238 37.79 15.38 -2.12
N ASN C 1239 37.74 16.49 -2.85
CA ASN C 1239 36.71 17.49 -2.57
C ASN C 1239 35.32 17.00 -2.94
N GLY C 1240 35.19 16.18 -3.98
CA GLY C 1240 33.89 15.61 -4.30
C GLY C 1240 33.42 14.62 -3.25
N LEU C 1241 34.30 13.70 -2.84
CA LEU C 1241 33.95 12.75 -1.79
C LEU C 1241 33.76 13.40 -0.43
N LEU C 1242 34.34 14.57 -0.23
CA LEU C 1242 34.09 15.33 0.99
C LEU C 1242 32.78 16.09 0.92
N PHE C 1243 32.39 16.54 -0.27
CA PHE C 1243 31.12 17.23 -0.42
C PHE C 1243 29.95 16.26 -0.34
N VAL C 1244 30.17 14.98 -0.65
CA VAL C 1244 29.12 14.00 -0.39
C VAL C 1244 28.88 13.87 1.12
N LEU C 1245 29.94 13.99 1.93
CA LEU C 1245 29.78 13.89 3.37
C LEU C 1245 29.16 15.16 3.96
N LYS C 1246 29.58 16.33 3.49
CA LYS C 1246 29.01 17.58 4.00
C LYS C 1246 27.56 17.74 3.58
N ASP C 1247 27.32 17.76 2.28
CA ASP C 1247 25.97 17.94 1.76
C ASP C 1247 25.38 16.57 1.49
N THR C 1248 24.59 16.08 2.43
CA THR C 1248 23.69 14.95 2.22
C THR C 1248 22.62 15.10 3.26
N GLN C 1249 21.37 14.99 2.86
CA GLN C 1249 20.27 15.17 3.78
C GLN C 1249 20.21 14.00 4.78
N SER C 1250 19.60 14.27 5.92
CA SER C 1250 19.64 13.32 7.02
C SER C 1250 18.78 12.09 6.76
N GLU C 1251 17.78 12.21 5.90
CA GLU C 1251 16.92 11.08 5.58
C GLU C 1251 17.37 10.34 4.34
N ALA C 1252 18.49 10.72 3.76
CA ALA C 1252 19.09 9.91 2.72
C ALA C 1252 19.63 8.63 3.35
N PRO C 1253 19.73 7.55 2.56
CA PRO C 1253 20.26 6.29 3.09
C PRO C 1253 21.70 6.41 3.58
N SER C 1254 22.03 5.56 4.54
CA SER C 1254 23.31 5.66 5.22
C SER C 1254 24.47 5.19 4.37
N ALA C 1255 24.23 4.38 3.35
CA ALA C 1255 25.32 3.85 2.54
C ALA C 1255 25.97 4.90 1.66
N ILE C 1256 25.33 6.05 1.47
CA ILE C 1256 25.91 7.13 0.67
C ILE C 1256 27.13 7.71 1.37
N THR C 1257 26.93 8.21 2.59
CA THR C 1257 28.04 8.80 3.33
C THR C 1257 29.01 7.75 3.82
N ASP C 1258 28.55 6.52 4.07
CA ASP C 1258 29.46 5.45 4.45
C ASP C 1258 30.38 5.07 3.30
N SER C 1259 29.82 4.94 2.09
CA SER C 1259 30.65 4.65 0.94
C SER C 1259 31.55 5.81 0.58
N ALA C 1260 31.09 7.04 0.81
CA ALA C 1260 31.95 8.20 0.56
C ALA C 1260 33.12 8.26 1.54
N GLU C 1261 32.88 7.92 2.80
CA GLU C 1261 33.96 7.89 3.78
C GLU C 1261 34.96 6.79 3.49
N LYS C 1262 34.46 5.60 3.11
CA LYS C 1262 35.36 4.51 2.75
C LYS C 1262 36.16 4.82 1.50
N LEU C 1263 35.55 5.52 0.54
CA LEU C 1263 36.27 5.89 -0.68
C LEU C 1263 37.30 6.96 -0.42
N LEU C 1264 36.99 7.91 0.46
CA LEU C 1264 37.97 8.96 0.79
C LEU C 1264 39.16 8.38 1.52
N ILE C 1265 38.91 7.44 2.45
CA ILE C 1265 40.00 6.80 3.18
C ILE C 1265 40.84 5.93 2.23
N ASP C 1266 40.20 5.24 1.29
CA ASP C 1266 40.94 4.42 0.34
C ASP C 1266 41.75 5.27 -0.64
N LEU C 1267 41.20 6.40 -1.08
CA LEU C 1267 41.92 7.28 -1.99
C LEU C 1267 43.10 7.94 -1.31
N LEU C 1268 42.93 8.37 -0.06
CA LEU C 1268 44.06 8.93 0.67
C LEU C 1268 45.07 7.87 1.07
N SER C 1269 44.66 6.61 1.17
CA SER C 1269 45.62 5.54 1.39
C SER C 1269 46.39 5.23 0.13
N ILE C 1270 45.79 5.44 -1.04
CA ILE C 1270 46.51 5.21 -2.29
C ILE C 1270 47.49 6.33 -2.57
N THR C 1271 47.03 7.59 -2.54
CA THR C 1271 47.88 8.68 -3.01
C THR C 1271 48.93 9.11 -2.01
N PHE C 1272 48.76 8.82 -0.72
CA PHE C 1272 49.77 9.15 0.29
C PHE C 1272 50.67 7.97 0.60
N ALA C 1273 50.73 6.97 -0.28
CA ALA C 1273 51.57 5.82 0.00
C ALA C 1273 53.03 6.09 -0.33
N ASP C 1274 53.29 6.93 -1.33
CA ASP C 1274 54.65 7.15 -1.79
C ASP C 1274 55.36 8.27 -1.05
N VAL C 1275 54.64 9.10 -0.31
CA VAL C 1275 55.28 10.22 0.40
C VAL C 1275 56.01 9.69 1.63
N LYS C 1276 57.32 9.90 1.66
CA LYS C 1276 58.16 9.48 2.77
C LYS C 1276 58.81 10.63 3.51
N GLU C 1277 59.11 11.73 2.81
CA GLU C 1277 59.68 12.89 3.46
C GLU C 1277 58.61 13.57 4.31
N GLU C 1278 58.96 13.90 5.55
CA GLU C 1278 58.00 14.48 6.49
C GLU C 1278 57.61 15.89 6.09
N ASP C 1279 58.47 16.61 5.39
CA ASP C 1279 58.19 17.95 4.93
C ASP C 1279 57.92 18.01 3.42
N LEU C 1280 57.28 16.97 2.89
CA LEU C 1280 57.03 16.87 1.46
C LEU C 1280 55.60 17.33 1.19
N GLY C 1281 55.47 18.55 0.70
CA GLY C 1281 54.22 18.99 0.09
C GLY C 1281 54.53 20.04 -0.94
N ASN C 1282 54.14 19.81 -2.20
CA ASN C 1282 54.53 20.71 -3.28
C ASN C 1282 53.41 21.64 -3.72
N LYS C 1283 52.33 21.11 -4.27
CA LYS C 1283 51.20 21.96 -4.62
C LYS C 1283 49.87 21.32 -4.18
N VAL C 1284 49.76 20.01 -4.37
CA VAL C 1284 48.48 19.34 -4.28
C VAL C 1284 48.32 18.55 -2.99
N LEU C 1285 49.43 18.09 -2.39
CA LEU C 1285 49.33 17.47 -1.08
C LEU C 1285 49.06 18.52 -0.02
N GLU C 1286 49.64 19.71 -0.22
CA GLU C 1286 49.35 20.86 0.63
C GLU C 1286 47.86 21.22 0.57
N ASN C 1287 47.28 21.21 -0.63
CA ASN C 1287 45.87 21.56 -0.77
C ASN C 1287 44.95 20.47 -0.25
N THR C 1288 45.33 19.20 -0.41
CA THR C 1288 44.52 18.11 0.14
C THR C 1288 44.52 18.13 1.66
N LEU C 1289 45.70 18.31 2.26
CA LEU C 1289 45.76 18.44 3.71
C LEU C 1289 45.07 19.70 4.19
N THR C 1290 45.10 20.78 3.41
CA THR C 1290 44.41 22.01 3.79
C THR C 1290 42.90 21.81 3.79
N ASP C 1291 42.36 21.15 2.76
CA ASP C 1291 40.92 20.93 2.72
C ASP C 1291 40.46 19.91 3.74
N ILE C 1292 41.34 18.99 4.15
CA ILE C 1292 40.97 18.09 5.23
C ILE C 1292 40.97 18.83 6.57
N VAL C 1293 42.07 19.48 6.91
CA VAL C 1293 42.18 20.02 8.27
C VAL C 1293 41.47 21.35 8.44
N CYS C 1294 40.96 21.95 7.37
CA CYS C 1294 40.12 23.12 7.52
C CYS C 1294 38.65 22.74 7.68
N GLU C 1295 38.36 21.44 7.76
CA GLU C 1295 36.99 20.96 7.88
C GLU C 1295 36.77 20.12 9.13
N LEU C 1296 37.66 20.24 10.11
CA LEU C 1296 37.43 19.65 11.41
C LEU C 1296 36.44 20.46 12.24
N SER C 1297 36.09 21.66 11.79
CA SER C 1297 35.17 22.54 12.50
C SER C 1297 33.88 22.73 11.71
N ASN C 1298 33.37 21.66 11.13
CA ASN C 1298 32.17 21.76 10.34
C ASN C 1298 30.93 21.72 11.22
N ALA C 1299 29.79 21.99 10.60
CA ALA C 1299 28.53 21.88 11.32
C ALA C 1299 28.03 20.44 11.36
N ASN C 1300 28.41 19.65 10.39
CA ASN C 1300 28.00 18.26 10.30
C ASN C 1300 28.99 17.39 11.04
N PRO C 1301 28.54 16.49 11.93
CA PRO C 1301 29.49 15.64 12.66
C PRO C 1301 30.09 14.53 11.82
N LYS C 1302 29.42 14.13 10.73
CA LYS C 1302 29.93 13.06 9.88
C LYS C 1302 31.23 13.47 9.20
N VAL C 1303 31.27 14.69 8.67
CA VAL C 1303 32.49 15.13 7.99
C VAL C 1303 33.59 15.44 9.00
N ARG C 1304 33.23 15.83 10.23
CA ARG C 1304 34.24 16.02 11.27
C ARG C 1304 34.92 14.71 11.64
N ASN C 1305 34.12 13.66 11.88
CA ASN C 1305 34.67 12.36 12.19
C ASN C 1305 35.41 11.75 11.00
N ALA C 1306 34.97 12.04 9.78
CA ALA C 1306 35.66 11.54 8.60
C ALA C 1306 37.00 12.24 8.40
N CYS C 1307 37.08 13.53 8.71
CA CYS C 1307 38.37 14.23 8.62
C CYS C 1307 39.32 13.77 9.71
N GLN C 1308 38.80 13.49 10.92
CA GLN C 1308 39.65 12.93 11.97
C GLN C 1308 40.16 11.54 11.62
N LYS C 1309 39.29 10.70 11.05
CA LYS C 1309 39.71 9.36 10.66
C LYS C 1309 40.70 9.41 9.50
N SER C 1310 40.52 10.34 8.57
CA SER C 1310 41.45 10.42 7.46
C SER C 1310 42.78 11.02 7.87
N LEU C 1311 42.79 11.88 8.90
CA LEU C 1311 44.07 12.31 9.45
C LEU C 1311 44.75 11.18 10.20
N HIS C 1312 43.98 10.29 10.80
CA HIS C 1312 44.60 9.16 11.51
C HIS C 1312 45.10 8.08 10.57
N THR C 1313 44.44 7.84 9.44
CA THR C 1313 44.88 6.78 8.55
C THR C 1313 45.95 7.20 7.57
N ILE C 1314 46.39 8.47 7.59
CA ILE C 1314 47.55 8.89 6.82
C ILE C 1314 48.71 9.23 7.73
N SER C 1315 48.54 9.12 9.03
CA SER C 1315 49.64 9.16 9.97
C SER C 1315 50.06 7.78 10.42
N ASN C 1316 49.20 6.78 10.22
CA ASN C 1316 49.58 5.40 10.40
C ASN C 1316 50.10 4.77 9.11
N LEU C 1317 49.75 5.35 7.97
CA LEU C 1317 50.24 4.87 6.69
C LEU C 1317 51.71 5.22 6.51
N THR C 1318 52.02 6.52 6.51
CA THR C 1318 53.40 6.97 6.50
C THR C 1318 53.80 7.45 7.90
N GLY C 1319 55.08 7.40 8.18
CA GLY C 1319 55.58 7.75 9.50
C GLY C 1319 55.68 9.25 9.73
N ILE C 1320 54.55 9.94 9.70
CA ILE C 1320 54.48 11.37 9.92
C ILE C 1320 53.53 11.61 11.09
N PRO C 1321 53.87 12.44 12.06
CA PRO C 1321 52.90 12.79 13.11
C PRO C 1321 51.78 13.64 12.55
N ILE C 1322 50.67 13.66 13.29
CA ILE C 1322 49.51 14.44 12.88
C ILE C 1322 49.82 15.93 12.97
N VAL C 1323 50.66 16.32 13.94
CA VAL C 1323 50.98 17.73 14.10
C VAL C 1323 52.01 18.21 13.09
N LYS C 1324 52.66 17.29 12.37
CA LYS C 1324 53.48 17.68 11.23
C LYS C 1324 52.65 17.84 9.97
N LEU C 1325 51.51 17.16 9.88
CA LEU C 1325 50.58 17.38 8.78
C LEU C 1325 49.91 18.74 8.90
N MET C 1326 49.70 19.23 10.12
CA MET C 1326 49.16 20.55 10.36
C MET C 1326 50.31 21.45 10.78
N ASP C 1327 51.01 22.01 9.80
CA ASP C 1327 52.07 22.97 10.10
C ASP C 1327 51.86 24.22 9.27
N HIS C 1328 51.31 24.04 8.08
CA HIS C 1328 51.05 25.13 7.14
C HIS C 1328 49.60 25.56 7.11
N SER C 1329 48.68 24.63 7.37
CA SER C 1329 47.26 24.91 7.25
C SER C 1329 46.56 24.97 8.60
N LYS C 1330 47.33 24.97 9.70
CA LYS C 1330 46.71 25.03 11.01
C LYS C 1330 46.15 26.41 11.32
N GLN C 1331 46.75 27.46 10.74
CA GLN C 1331 46.26 28.80 11.00
C GLN C 1331 44.93 29.05 10.29
N PHE C 1332 44.73 28.45 9.12
CA PHE C 1332 43.46 28.58 8.42
C PHE C 1332 42.34 27.83 9.12
N LEU C 1333 42.68 26.88 10.01
CA LEU C 1333 41.70 26.23 10.86
C LEU C 1333 41.45 27.02 12.14
N LEU C 1334 42.50 27.53 12.76
CA LEU C 1334 42.37 28.12 14.09
C LEU C 1334 41.90 29.57 14.05
N SER C 1335 42.44 30.37 13.13
CA SER C 1335 42.13 31.80 13.10
C SER C 1335 40.66 32.15 12.84
N PRO C 1336 39.85 31.40 12.06
CA PRO C 1336 38.41 31.65 12.11
C PRO C 1336 37.75 31.30 13.44
N ILE C 1337 38.34 30.41 14.23
CA ILE C 1337 37.72 30.06 15.51
C ILE C 1337 38.03 31.10 16.57
N PHE C 1338 39.29 31.51 16.65
CA PHE C 1338 39.71 32.44 17.70
C PHE C 1338 39.28 33.88 17.44
N ALA C 1339 38.80 34.20 16.24
CA ALA C 1339 38.33 35.55 15.96
C ALA C 1339 36.86 35.73 16.35
N LYS C 1340 35.99 34.83 15.93
CA LYS C 1340 34.58 34.92 16.28
C LYS C 1340 34.39 34.53 17.74
N PRO C 1341 33.62 35.28 18.51
CA PRO C 1341 33.60 35.10 19.97
C PRO C 1341 32.69 34.00 20.47
N LEU C 1342 32.17 33.13 19.60
CA LEU C 1342 31.35 31.96 19.95
C LEU C 1342 30.09 32.33 20.73
N ARG C 1343 29.55 33.51 20.50
CA ARG C 1343 28.29 33.91 21.09
C ARG C 1343 27.21 34.23 20.07
N ALA C 1344 27.58 34.76 18.92
CA ALA C 1344 26.63 35.07 17.85
C ALA C 1344 26.44 33.94 16.87
N LEU C 1345 27.26 32.92 16.93
CA LEU C 1345 27.19 31.81 16.00
C LEU C 1345 26.03 30.88 16.35
N PRO C 1346 25.44 30.19 15.38
CA PRO C 1346 24.43 29.18 15.68
C PRO C 1346 25.05 27.96 16.33
N PHE C 1347 24.18 27.04 16.77
CA PHE C 1347 24.61 25.94 17.63
C PHE C 1347 25.52 24.95 16.92
N THR C 1348 25.24 24.65 15.65
CA THR C 1348 26.05 23.67 14.93
C THR C 1348 27.45 24.17 14.63
N MET C 1349 27.65 25.48 14.63
CA MET C 1349 28.99 26.00 14.46
C MET C 1349 29.72 26.09 15.78
N GLN C 1350 29.00 26.32 16.88
CA GLN C 1350 29.64 26.28 18.19
C GLN C 1350 30.10 24.86 18.51
N ILE C 1351 29.25 23.88 18.18
CA ILE C 1351 29.61 22.46 18.34
C ILE C 1351 30.83 22.12 17.48
N GLY C 1352 30.87 22.64 16.25
CA GLY C 1352 31.99 22.33 15.38
C GLY C 1352 33.29 22.96 15.82
N ASN C 1353 33.24 24.21 16.31
CA ASN C 1353 34.44 24.87 16.79
C ASN C 1353 34.98 24.19 18.06
N VAL C 1354 34.09 23.84 18.98
CA VAL C 1354 34.51 23.17 20.21
C VAL C 1354 35.05 21.77 19.92
N ASP C 1355 34.46 21.05 18.96
CA ASP C 1355 34.95 19.73 18.61
C ASP C 1355 36.31 19.79 17.92
N ALA C 1356 36.53 20.81 17.08
CA ALA C 1356 37.83 20.96 16.43
C ALA C 1356 38.92 21.32 17.44
N ILE C 1357 38.60 22.17 18.41
CA ILE C 1357 39.59 22.51 19.42
C ILE C 1357 39.84 21.34 20.37
N THR C 1358 38.83 20.51 20.62
CA THR C 1358 39.02 19.30 21.41
C THR C 1358 39.95 18.32 20.69
N PHE C 1359 39.76 18.13 19.39
CA PHE C 1359 40.67 17.27 18.64
C PHE C 1359 42.08 17.85 18.58
N CYS C 1360 42.22 19.17 18.49
CA CYS C 1360 43.55 19.77 18.47
C CYS C 1360 44.24 19.68 19.83
N LEU C 1361 43.47 19.73 20.91
CA LEU C 1361 44.06 19.62 22.24
C LEU C 1361 44.36 18.18 22.62
N SER C 1362 43.64 17.21 22.04
CA SER C 1362 43.95 15.81 22.32
C SER C 1362 45.21 15.31 21.63
N LEU C 1363 45.77 16.06 20.70
CA LEU C 1363 46.98 15.68 20.02
C LEU C 1363 48.21 15.86 20.91
N PRO C 1364 49.31 15.17 20.61
CA PRO C 1364 50.55 15.39 21.37
C PRO C 1364 51.14 16.79 21.13
N ASN C 1365 51.29 17.53 22.23
CA ASN C 1365 52.11 18.74 22.43
C ASN C 1365 52.03 19.78 21.30
N THR C 1366 50.83 20.33 21.11
CA THR C 1366 50.63 21.39 20.12
C THR C 1366 49.41 22.20 20.56
N PHE C 1367 49.42 23.51 20.22
CA PHE C 1367 48.31 24.46 20.41
C PHE C 1367 47.98 24.67 21.89
N LEU C 1368 48.93 25.32 22.58
CA LEU C 1368 48.84 25.60 24.00
C LEU C 1368 48.70 27.09 24.29
N THR C 1369 48.58 27.92 23.26
CA THR C 1369 48.82 29.35 23.37
C THR C 1369 47.52 30.13 23.56
N PHE C 1370 47.41 30.80 24.72
CA PHE C 1370 46.50 31.93 25.06
C PHE C 1370 45.09 31.84 24.47
N ASN C 1371 44.42 30.72 24.73
CA ASN C 1371 43.01 30.57 24.41
C ASN C 1371 42.15 30.54 25.68
N GLU C 1372 42.56 31.30 26.69
CA GLU C 1372 41.86 31.31 27.98
C GLU C 1372 40.51 32.02 27.87
N GLU C 1373 40.41 32.99 26.96
CA GLU C 1373 39.17 33.74 26.80
C GLU C 1373 38.06 32.87 26.24
N LEU C 1374 38.40 31.89 25.39
CA LEU C 1374 37.39 30.99 24.86
C LEU C 1374 36.89 30.04 25.94
N PHE C 1375 37.80 29.56 26.80
CA PHE C 1375 37.40 28.70 27.91
C PHE C 1375 36.51 29.43 28.90
N ARG C 1376 36.84 30.69 29.19
CA ARG C 1376 36.01 31.47 30.10
C ARG C 1376 34.63 31.74 29.52
N LEU C 1377 34.57 32.08 28.22
CA LEU C 1377 33.25 32.34 27.63
C LEU C 1377 32.43 31.07 27.47
N LEU C 1378 33.06 29.93 27.20
CA LEU C 1378 32.27 28.70 27.07
C LEU C 1378 31.81 28.19 28.44
N GLN C 1379 32.63 28.34 29.48
CA GLN C 1379 32.15 27.93 30.80
C GLN C 1379 31.08 28.88 31.31
N GLU C 1380 31.12 30.16 30.94
CA GLU C 1380 30.03 31.03 31.34
C GLU C 1380 28.82 30.92 30.43
N SER C 1381 28.96 30.30 29.25
CA SER C 1381 27.82 29.99 28.42
C SER C 1381 27.20 28.63 28.75
N ILE C 1382 27.92 27.78 29.47
CA ILE C 1382 27.35 26.51 29.91
C ILE C 1382 26.89 26.55 31.38
N VAL C 1383 27.36 27.53 32.17
CA VAL C 1383 26.99 27.57 33.58
C VAL C 1383 25.53 28.01 33.77
N LEU C 1384 24.95 28.74 32.84
CA LEU C 1384 23.63 29.31 33.04
C LEU C 1384 22.56 28.40 32.45
N ALA C 1385 21.31 28.73 32.79
CA ALA C 1385 20.16 27.99 32.30
C ALA C 1385 19.95 28.26 30.81
N ASP C 1386 19.09 27.42 30.21
CA ASP C 1386 18.85 27.48 28.78
C ASP C 1386 17.39 27.83 28.44
N ALA C 1387 16.67 28.42 29.40
CA ALA C 1387 15.27 28.77 29.22
C ALA C 1387 15.19 30.26 28.91
N GLU C 1388 14.98 30.57 27.63
CA GLU C 1388 14.88 31.91 27.01
C GLU C 1388 15.89 32.92 27.55
N ASP C 1389 17.14 32.50 27.70
CA ASP C 1389 18.20 33.34 28.25
C ASP C 1389 19.45 33.14 27.40
N GLU C 1390 20.59 33.62 27.92
CA GLU C 1390 21.80 33.79 27.10
C GLU C 1390 22.46 32.45 26.81
N SER C 1391 21.85 31.72 25.86
CA SER C 1391 22.55 30.66 25.17
C SER C 1391 22.49 30.88 23.66
N LEU C 1392 21.80 31.94 23.23
CA LEU C 1392 21.44 32.13 21.83
C LEU C 1392 21.68 33.58 21.44
N SER C 1393 21.54 33.86 20.16
CA SER C 1393 21.59 35.23 19.66
C SER C 1393 20.37 35.62 18.85
N THR C 1394 19.88 34.71 17.99
CA THR C 1394 18.68 34.97 17.20
C THR C 1394 17.73 33.78 17.13
N ASN C 1395 18.11 32.60 17.63
CA ASN C 1395 17.27 31.41 17.59
C ASN C 1395 16.73 31.16 19.00
N ILE C 1396 15.55 31.71 19.26
CA ILE C 1396 14.92 31.57 20.58
C ILE C 1396 14.40 30.15 20.77
N GLN C 1397 14.11 29.81 22.04
CA GLN C 1397 13.52 28.50 22.37
C GLN C 1397 12.29 28.74 23.24
N LYS C 1398 11.19 29.08 22.59
CA LYS C 1398 9.86 28.94 23.17
C LYS C 1398 8.84 28.52 22.13
N THR C 1399 9.26 28.33 20.88
CA THR C 1399 8.40 27.91 19.79
C THR C 1399 8.98 26.74 19.02
N THR C 1400 10.18 26.28 19.36
CA THR C 1400 10.80 25.14 18.71
C THR C 1400 11.17 24.10 19.75
N GLU C 1401 10.81 22.85 19.48
CA GLU C 1401 11.09 21.73 20.37
C GLU C 1401 11.68 20.60 19.54
N TYR C 1402 12.74 19.98 20.07
CA TYR C 1402 13.50 18.84 19.54
C TYR C 1402 14.35 19.20 18.32
N SER C 1403 14.17 20.39 17.77
CA SER C 1403 15.05 20.86 16.72
C SER C 1403 16.28 21.54 17.29
N THR C 1404 16.12 22.20 18.44
CA THR C 1404 17.21 22.89 19.11
C THR C 1404 17.63 22.22 20.41
N SER C 1405 16.79 21.36 20.98
CA SER C 1405 17.13 20.74 22.26
C SER C 1405 18.25 19.72 22.08
N GLU C 1406 18.22 18.97 20.98
CA GLU C 1406 19.29 18.01 20.72
C GLU C 1406 20.60 18.72 20.40
N GLN C 1407 20.55 19.81 19.64
CA GLN C 1407 21.74 20.61 19.39
C GLN C 1407 22.27 21.24 20.68
N LEU C 1408 21.37 21.63 21.58
CA LEU C 1408 21.77 22.17 22.87
C LEU C 1408 22.43 21.12 23.74
N VAL C 1409 21.93 19.89 23.71
CA VAL C 1409 22.52 18.81 24.48
C VAL C 1409 23.90 18.46 23.93
N GLN C 1410 24.03 18.41 22.60
CA GLN C 1410 25.34 18.14 22.01
C GLN C 1410 26.33 19.27 22.28
N LEU C 1411 25.85 20.51 22.31
CA LEU C 1411 26.71 21.65 22.64
C LEU C 1411 27.17 21.60 24.08
N ARG C 1412 26.28 21.22 25.00
CA ARG C 1412 26.64 21.13 26.41
C ARG C 1412 27.65 20.01 26.65
N ILE C 1413 27.46 18.85 26.02
CA ILE C 1413 28.40 17.76 26.26
C ILE C 1413 29.71 18.03 25.53
N ALA C 1414 29.69 18.80 24.44
CA ALA C 1414 30.94 19.16 23.77
C ALA C 1414 31.75 20.13 24.61
N CYS C 1415 31.09 21.12 25.21
CA CYS C 1415 31.79 22.04 26.10
C CYS C 1415 32.31 21.33 27.35
N ILE C 1416 31.57 20.34 27.84
CA ILE C 1416 32.03 19.57 29.00
C ILE C 1416 33.25 18.74 28.64
N LYS C 1417 33.26 18.13 27.45
CA LYS C 1417 34.42 17.37 26.99
C LYS C 1417 35.63 18.27 26.80
N LEU C 1418 35.42 19.49 26.28
CA LEU C 1418 36.52 20.42 26.10
C LEU C 1418 37.09 20.88 27.43
N LEU C 1419 36.22 21.14 28.41
CA LEU C 1419 36.70 21.52 29.73
C LEU C 1419 37.44 20.38 30.42
N ALA C 1420 37.02 19.13 30.19
CA ALA C 1420 37.74 18.00 30.78
C ALA C 1420 39.10 17.80 30.13
N ILE C 1421 39.20 17.96 28.81
CA ILE C 1421 40.48 17.83 28.13
C ILE C 1421 41.42 18.96 28.53
N ALA C 1422 40.88 20.17 28.70
CA ALA C 1422 41.71 21.29 29.14
C ALA C 1422 42.14 21.14 30.59
N LEU C 1423 41.29 20.56 31.43
CA LEU C 1423 41.65 20.34 32.82
C LEU C 1423 42.62 19.19 33.01
N LYS C 1424 42.68 18.26 32.05
CA LYS C 1424 43.66 17.19 32.14
C LYS C 1424 45.08 17.66 31.87
N ASN C 1425 45.27 18.87 31.34
CA ASN C 1425 46.59 19.38 31.02
C ASN C 1425 47.12 20.21 32.18
N GLU C 1426 48.34 19.90 32.59
CA GLU C 1426 48.96 20.58 33.73
C GLU C 1426 49.44 21.97 33.31
N GLU C 1427 49.24 22.95 34.22
CA GLU C 1427 49.68 24.34 34.08
C GLU C 1427 49.06 25.01 32.86
N PHE C 1428 47.85 24.60 32.51
CA PHE C 1428 47.12 25.17 31.39
C PHE C 1428 45.74 25.59 31.88
N ALA C 1429 45.22 24.83 32.83
CA ALA C 1429 44.03 25.23 33.56
C ALA C 1429 44.14 24.95 35.05
N THR C 1430 45.25 24.35 35.50
CA THR C 1430 45.38 23.98 36.90
C THR C 1430 45.87 25.15 37.75
N ALA C 1431 47.05 25.68 37.41
CA ALA C 1431 47.69 26.71 38.20
C ALA C 1431 47.43 28.11 37.66
N GLN C 1432 46.47 28.26 36.77
CA GLN C 1432 46.12 29.56 36.21
C GLN C 1432 45.06 30.23 37.07
N GLN C 1433 45.32 31.49 37.45
CA GLN C 1433 44.40 32.37 38.18
C GLN C 1433 44.04 31.81 39.56
N GLY C 1434 44.80 30.87 40.10
CA GLY C 1434 44.40 30.21 41.32
C GLY C 1434 43.23 29.28 41.09
N ASN C 1435 42.05 29.71 41.55
CA ASN C 1435 40.84 28.89 41.48
C ASN C 1435 40.07 29.16 40.18
N ILE C 1436 40.58 28.61 39.09
CA ILE C 1436 39.79 28.51 37.87
C ILE C 1436 39.34 27.08 37.59
N ARG C 1437 40.00 26.07 38.16
CA ARG C 1437 39.49 24.71 38.05
C ARG C 1437 38.34 24.49 39.02
N ILE C 1438 38.31 25.22 40.12
CA ILE C 1438 37.17 25.20 41.02
C ILE C 1438 35.97 25.83 40.35
N ARG C 1439 36.21 26.86 39.53
CA ARG C 1439 35.14 27.56 38.83
C ARG C 1439 34.45 26.68 37.80
N ILE C 1440 35.16 25.72 37.21
CA ILE C 1440 34.52 24.77 36.30
C ILE C 1440 34.14 23.46 36.97
N LEU C 1441 34.71 23.14 38.14
CA LEU C 1441 34.18 22.02 38.90
C LEU C 1441 32.82 22.36 39.50
N ALA C 1442 32.59 23.63 39.78
CA ALA C 1442 31.24 24.08 40.15
C ALA C 1442 30.27 23.89 38.99
N VAL C 1443 30.74 24.10 37.75
CA VAL C 1443 29.91 23.84 36.58
C VAL C 1443 29.64 22.34 36.44
N PHE C 1444 30.67 21.53 36.65
CA PHE C 1444 30.53 20.08 36.58
C PHE C 1444 29.60 19.52 37.65
N PHE C 1445 29.51 20.18 38.80
CA PHE C 1445 28.54 19.76 39.79
C PHE C 1445 27.16 20.36 39.54
N LYS C 1446 27.10 21.51 38.88
CA LYS C 1446 25.81 22.10 38.54
C LYS C 1446 25.14 21.38 37.38
N THR C 1447 25.92 20.73 36.51
CA THR C 1447 25.34 20.03 35.38
C THR C 1447 24.89 18.62 35.73
N MET C 1448 25.06 18.19 36.98
CA MET C 1448 24.49 16.91 37.41
C MET C 1448 23.13 17.11 38.05
N LEU C 1449 22.27 17.87 37.36
CA LEU C 1449 20.87 17.96 37.69
C LEU C 1449 19.99 18.04 36.45
N LYS C 1450 20.57 17.98 35.26
CA LYS C 1450 19.77 17.93 34.04
C LYS C 1450 19.10 16.57 33.94
N THR C 1451 17.88 16.57 33.39
CA THR C 1451 17.11 15.34 33.30
C THR C 1451 17.61 14.41 32.20
N SER C 1452 18.43 14.89 31.29
CA SER C 1452 18.95 14.04 30.22
C SER C 1452 20.02 13.11 30.77
N PRO C 1453 19.94 11.81 30.49
CA PRO C 1453 20.97 10.89 30.97
C PRO C 1453 22.28 10.98 30.20
N GLU C 1454 22.27 11.50 28.97
CA GLU C 1454 23.50 11.59 28.19
C GLU C 1454 24.44 12.62 28.77
N ILE C 1455 23.90 13.76 29.19
CA ILE C 1455 24.72 14.78 29.85
C ILE C 1455 25.23 14.28 31.19
N ILE C 1456 24.42 13.46 31.88
CA ILE C 1456 24.83 12.88 33.16
C ILE C 1456 25.98 11.92 32.98
N ASN C 1457 25.91 11.05 31.96
CA ASN C 1457 26.99 10.10 31.71
C ASN C 1457 28.26 10.82 31.24
N THR C 1458 28.10 11.88 30.45
CA THR C 1458 29.26 12.63 29.97
C THR C 1458 29.95 13.39 31.10
N THR C 1459 29.18 14.02 31.98
CA THR C 1459 29.83 14.70 33.09
C THR C 1459 30.33 13.73 34.14
N TYR C 1460 29.79 12.51 34.21
CA TYR C 1460 30.38 11.52 35.10
C TYR C 1460 31.72 11.05 34.56
N GLU C 1461 31.82 10.91 33.24
CA GLU C 1461 33.11 10.60 32.63
C GLU C 1461 34.10 11.74 32.84
N ALA C 1462 33.62 12.98 32.80
CA ALA C 1462 34.48 14.13 33.04
C ALA C 1462 34.97 14.16 34.48
N LEU C 1463 34.10 13.86 35.45
CA LEU C 1463 34.51 13.83 36.86
C LEU C 1463 35.48 12.69 37.13
N LYS C 1464 35.22 11.49 36.59
CA LYS C 1464 36.11 10.38 36.85
C LYS C 1464 37.42 10.48 36.07
N GLY C 1465 37.48 11.34 35.06
CA GLY C 1465 38.75 11.59 34.41
C GLY C 1465 39.49 12.76 35.00
N SER C 1466 38.77 13.66 35.66
CA SER C 1466 39.37 14.88 36.21
C SER C 1466 39.68 14.81 37.69
N LEU C 1467 39.12 13.84 38.42
CA LEU C 1467 39.40 13.72 39.84
C LEU C 1467 40.56 12.79 40.13
N ALA C 1468 41.31 12.39 39.10
CA ALA C 1468 42.57 11.70 39.35
C ALA C 1468 43.60 12.64 39.96
N GLU C 1469 43.58 13.91 39.57
CA GLU C 1469 44.42 14.94 40.17
C GLU C 1469 43.65 15.67 41.28
N ASN C 1470 43.24 14.89 42.28
CA ASN C 1470 42.41 15.39 43.36
C ASN C 1470 43.22 16.29 44.29
N SER C 1471 42.50 17.13 45.04
CA SER C 1471 43.13 18.03 45.98
C SER C 1471 42.20 18.23 47.17
N LYS C 1472 42.78 18.69 48.28
CA LYS C 1472 41.98 18.96 49.47
C LYS C 1472 41.23 20.29 49.35
N LEU C 1473 41.80 21.27 48.64
CA LEU C 1473 41.31 22.63 48.42
C LEU C 1473 39.84 22.73 48.00
N PRO C 1474 39.25 21.76 47.24
CA PRO C 1474 37.79 21.76 47.15
C PRO C 1474 37.16 21.35 48.46
N LYS C 1475 36.63 22.33 49.19
CA LYS C 1475 35.88 22.09 50.42
C LYS C 1475 34.65 22.96 50.55
N GLU C 1476 34.50 24.00 49.73
CA GLU C 1476 33.36 24.89 49.76
C GLU C 1476 32.29 24.56 48.72
N LEU C 1477 32.69 24.22 47.49
CA LEU C 1477 31.71 23.85 46.49
C LEU C 1477 31.11 22.47 46.72
N LEU C 1478 31.73 21.63 47.55
CA LEU C 1478 31.09 20.39 47.94
C LEU C 1478 29.88 20.64 48.83
N GLN C 1479 29.88 21.74 49.58
CA GLN C 1479 28.69 22.12 50.32
C GLN C 1479 27.72 22.90 49.45
N ASN C 1480 28.00 23.05 48.16
CA ASN C 1480 27.09 23.70 47.23
C ASN C 1480 26.83 22.91 45.97
N GLY C 1481 27.66 21.91 45.65
CA GLY C 1481 27.46 21.10 44.47
C GLY C 1481 26.49 19.95 44.67
N LEU C 1482 26.79 19.10 45.65
CA LEU C 1482 25.94 17.98 46.00
C LEU C 1482 24.89 18.34 47.04
N LYS C 1483 24.76 19.61 47.38
CA LYS C 1483 23.79 20.05 48.36
C LYS C 1483 22.34 20.11 47.86
N PRO C 1484 22.01 20.57 46.63
CA PRO C 1484 20.60 20.47 46.21
C PRO C 1484 20.10 19.05 46.03
N LEU C 1485 20.97 18.11 45.65
CA LEU C 1485 20.53 16.73 45.52
C LEU C 1485 20.25 16.09 46.89
N LEU C 1486 21.10 16.36 47.87
CA LEU C 1486 20.84 15.86 49.21
C LEU C 1486 19.68 16.56 49.88
N MET C 1487 19.41 17.81 49.52
CA MET C 1487 18.19 18.45 50.02
C MET C 1487 16.95 17.93 49.30
N ASN C 1488 17.09 17.48 48.05
CA ASN C 1488 16.00 16.80 47.36
C ASN C 1488 15.74 15.43 47.98
N LEU C 1489 16.77 14.79 48.52
CA LEU C 1489 16.64 13.50 49.18
C LEU C 1489 15.86 13.57 50.49
N SER C 1490 15.62 14.76 51.04
CA SER C 1490 14.99 14.90 52.34
C SER C 1490 13.49 14.64 52.25
N ASP C 1491 12.77 15.03 53.31
CA ASP C 1491 11.33 14.73 53.44
C ASP C 1491 10.57 15.59 52.43
N HIS C 1492 10.54 15.08 51.20
CA HIS C 1492 9.93 15.76 50.07
C HIS C 1492 8.95 14.81 49.41
N GLN C 1493 9.26 13.51 49.48
CA GLN C 1493 8.44 12.36 49.06
C GLN C 1493 8.25 12.28 47.55
N LYS C 1494 8.79 13.23 46.79
CA LYS C 1494 8.69 13.23 45.34
C LYS C 1494 10.10 13.25 44.80
N LEU C 1495 10.69 12.07 44.65
CA LEU C 1495 12.01 11.91 44.07
C LEU C 1495 11.89 11.64 42.59
N THR C 1496 12.92 12.02 41.84
CA THR C 1496 12.95 11.75 40.42
C THR C 1496 13.94 10.64 40.12
N VAL C 1497 13.79 10.04 38.95
CA VAL C 1497 14.67 8.97 38.51
C VAL C 1497 16.03 9.51 38.04
N PRO C 1498 16.15 10.56 37.20
CA PRO C 1498 17.51 11.06 36.90
C PRO C 1498 18.15 11.78 38.06
N GLY C 1499 17.38 12.29 39.02
CA GLY C 1499 17.96 12.82 40.24
C GLY C 1499 18.68 11.75 41.04
N LEU C 1500 18.05 10.58 41.18
CA LEU C 1500 18.71 9.47 41.85
C LEU C 1500 19.85 8.89 41.00
N ASP C 1501 19.75 9.03 39.67
CA ASP C 1501 20.85 8.61 38.81
C ASP C 1501 22.08 9.47 39.01
N ALA C 1502 21.89 10.79 39.04
CA ALA C 1502 22.98 11.71 39.35
C ALA C 1502 23.46 11.56 40.78
N LEU C 1503 22.57 11.19 41.69
CA LEU C 1503 22.97 10.91 43.07
C LEU C 1503 23.87 9.68 43.15
N SER C 1504 23.59 8.66 42.34
CA SER C 1504 24.48 7.50 42.29
C SER C 1504 25.83 7.86 41.67
N LYS C 1505 25.81 8.63 40.58
CA LYS C 1505 27.04 9.00 39.91
C LYS C 1505 27.91 9.91 40.78
N LEU C 1506 27.29 10.70 41.66
CA LEU C 1506 28.07 11.43 42.65
C LEU C 1506 28.45 10.54 43.83
N LEU C 1507 27.65 9.51 44.10
CA LEU C 1507 27.88 8.59 45.20
C LEU C 1507 29.00 7.60 44.92
N GLU C 1508 29.48 7.56 43.70
CA GLU C 1508 30.69 6.77 43.46
C GLU C 1508 31.99 7.42 44.06
N LEU C 1509 31.95 8.51 44.84
CA LEU C 1509 33.09 9.07 45.54
C LEU C 1509 33.09 8.59 47.00
N LEU C 1510 33.98 9.16 47.82
CA LEU C 1510 34.08 8.75 49.22
C LEU C 1510 34.05 9.94 50.18
N ILE C 1511 33.76 11.14 49.71
CA ILE C 1511 33.80 12.33 50.54
C ILE C 1511 32.39 12.88 50.73
N ALA C 1512 32.21 13.65 51.80
CA ALA C 1512 31.04 14.47 52.16
C ALA C 1512 29.81 13.67 52.56
N TYR C 1513 29.83 12.34 52.54
CA TYR C 1513 28.76 11.53 53.12
C TYR C 1513 29.35 10.42 53.98
N PHE C 1514 30.35 10.78 54.78
CA PHE C 1514 31.00 9.84 55.68
C PHE C 1514 30.05 9.35 56.78
N LYS C 1515 29.10 10.19 57.19
CA LYS C 1515 28.03 9.72 58.06
C LYS C 1515 27.06 8.88 57.24
N VAL C 1516 26.93 7.60 57.58
CA VAL C 1516 26.01 6.71 56.85
C VAL C 1516 24.67 6.85 57.53
N GLU C 1517 23.98 7.93 57.18
CA GLU C 1517 22.59 8.16 57.54
C GLU C 1517 21.75 8.38 56.31
N ILE C 1518 22.37 8.41 55.14
CA ILE C 1518 21.65 8.44 53.88
C ILE C 1518 20.84 7.17 53.71
N GLY C 1519 21.34 6.03 54.21
CA GLY C 1519 20.61 4.78 54.12
C GLY C 1519 19.34 4.75 54.93
N ARG C 1520 19.33 5.44 56.08
CA ARG C 1520 18.11 5.51 56.88
C ARG C 1520 17.03 6.32 56.17
N LYS C 1521 17.41 7.46 55.57
CA LYS C 1521 16.46 8.24 54.80
C LYS C 1521 16.03 7.52 53.54
N LEU C 1522 16.91 6.70 52.96
CA LEU C 1522 16.56 5.92 51.79
C LEU C 1522 15.57 4.81 52.13
N LEU C 1523 15.75 4.16 53.28
CA LEU C 1523 14.78 3.15 53.69
C LEU C 1523 13.47 3.77 54.14
N ASP C 1524 13.52 5.01 54.66
CA ASP C 1524 12.29 5.70 55.00
C ASP C 1524 11.52 6.08 53.73
N HIS C 1525 12.24 6.52 52.69
CA HIS C 1525 11.58 6.84 51.43
C HIS C 1525 11.13 5.58 50.70
N LEU C 1526 11.84 4.48 50.88
CA LEU C 1526 11.45 3.22 50.26
C LEU C 1526 10.20 2.66 50.91
N THR C 1527 10.10 2.75 52.24
CA THR C 1527 8.89 2.34 52.93
C THR C 1527 7.73 3.26 52.62
N ALA C 1528 8.00 4.53 52.35
CA ALA C 1528 6.95 5.47 51.97
C ALA C 1528 6.63 5.44 50.49
N TRP C 1529 7.38 4.67 49.70
CA TRP C 1529 7.02 4.43 48.32
C TRP C 1529 6.41 3.07 48.09
N CYS C 1530 6.66 2.11 48.98
CA CYS C 1530 5.94 0.84 48.98
C CYS C 1530 4.78 0.86 49.97
N ARG C 1531 3.96 1.90 49.91
CA ARG C 1531 2.78 1.97 50.76
C ARG C 1531 1.67 1.11 50.18
N VAL C 1532 0.47 1.24 50.73
CA VAL C 1532 -0.63 0.43 50.26
C VAL C 1532 -1.45 1.26 49.28
N GLU C 1533 -1.52 2.57 49.55
CA GLU C 1533 -2.30 3.45 48.70
C GLU C 1533 -1.63 3.68 47.34
N VAL C 1534 -0.30 3.73 47.31
CA VAL C 1534 0.40 3.89 46.04
C VAL C 1534 0.46 2.56 45.29
N LEU C 1535 0.54 1.44 46.01
CA LEU C 1535 0.48 0.13 45.37
C LEU C 1535 -0.93 -0.21 44.90
N ASP C 1536 -1.95 0.48 45.42
CA ASP C 1536 -3.29 0.34 44.91
C ASP C 1536 -3.44 0.98 43.54
N THR C 1537 -2.63 2.01 43.26
CA THR C 1537 -2.58 2.58 41.91
C THR C 1537 -1.88 1.65 40.94
N LEU C 1538 -1.00 0.77 41.45
CA LEU C 1538 -0.33 -0.22 40.63
C LEU C 1538 -1.26 -1.35 40.21
N PHE C 1539 -2.41 -1.48 40.85
CA PHE C 1539 -3.37 -2.55 40.56
C PHE C 1539 -4.00 -2.32 39.20
N GLY C 1540 -3.92 -3.33 38.32
CA GLY C 1540 -4.56 -3.30 37.03
C GLY C 1540 -3.62 -3.11 35.86
N GLN C 1541 -2.43 -2.56 36.07
CA GLN C 1541 -1.51 -2.29 34.97
C GLN C 1541 -0.24 -3.12 35.15
N ASP C 1542 0.72 -2.88 34.26
CA ASP C 1542 1.93 -3.68 34.22
C ASP C 1542 2.89 -3.19 35.31
N LEU C 1543 4.15 -3.62 35.26
CA LEU C 1543 5.04 -3.31 36.37
C LEU C 1543 6.40 -2.85 35.86
N ALA C 1544 6.47 -2.32 34.66
CA ALA C 1544 7.73 -1.81 34.13
C ALA C 1544 7.65 -0.42 33.55
N GLU C 1545 6.45 0.11 33.31
CA GLU C 1545 6.30 1.47 32.84
C GLU C 1545 5.77 2.41 33.91
N GLN C 1546 5.55 1.91 35.11
CA GLN C 1546 5.03 2.73 36.19
C GLN C 1546 6.14 3.50 36.89
N MET C 1547 5.85 4.72 37.29
CA MET C 1547 6.79 5.60 37.97
C MET C 1547 7.21 5.12 39.37
N PRO C 1548 6.32 4.62 40.26
CA PRO C 1548 6.84 4.13 41.55
C PRO C 1548 7.74 2.91 41.43
N THR C 1549 7.55 2.08 40.39
CA THR C 1549 8.47 0.97 40.18
C THR C 1549 9.85 1.47 39.79
N LYS C 1550 9.93 2.46 38.90
CA LYS C 1550 11.22 3.02 38.53
C LYS C 1550 11.89 3.74 39.69
N ILE C 1551 11.09 4.39 40.54
CA ILE C 1551 11.65 5.08 41.70
C ILE C 1551 12.19 4.08 42.72
N ILE C 1552 11.45 3.00 42.96
CA ILE C 1552 11.92 1.96 43.90
C ILE C 1552 13.14 1.24 43.35
N VAL C 1553 13.19 1.02 42.04
CA VAL C 1553 14.35 0.41 41.41
C VAL C 1553 15.58 1.30 41.57
N SER C 1554 15.41 2.62 41.41
CA SER C 1554 16.54 3.53 41.58
C SER C 1554 16.98 3.62 43.05
N ILE C 1555 16.02 3.58 43.97
CA ILE C 1555 16.35 3.63 45.40
C ILE C 1555 17.13 2.40 45.83
N ILE C 1556 16.70 1.21 45.37
CA ILE C 1556 17.43 -0.01 45.64
C ILE C 1556 18.79 -0.01 44.93
N ASN C 1557 18.87 0.64 43.77
CA ASN C 1557 20.11 0.66 43.01
C ASN C 1557 21.17 1.53 43.67
N ILE C 1558 20.77 2.61 44.34
CA ILE C 1558 21.79 3.46 44.95
C ILE C 1558 22.16 2.99 46.36
N PHE C 1559 21.68 1.81 46.75
CA PHE C 1559 22.24 1.12 47.91
C PHE C 1559 23.52 0.38 47.56
N HIS C 1560 23.80 0.19 46.27
CA HIS C 1560 25.01 -0.50 45.84
C HIS C 1560 26.24 0.32 46.12
N LEU C 1561 26.14 1.65 46.04
CA LEU C 1561 27.27 2.55 46.14
C LEU C 1561 27.37 3.21 47.52
N LEU C 1562 26.82 2.59 48.54
CA LEU C 1562 26.91 3.12 49.89
C LEU C 1562 28.29 2.86 50.49
N PRO C 1563 28.70 3.61 51.52
CA PRO C 1563 30.00 3.37 52.16
C PRO C 1563 30.05 2.01 52.83
N PRO C 1564 31.18 1.32 52.74
CA PRO C 1564 31.27 -0.06 53.27
C PRO C 1564 31.39 -0.12 54.79
N GLN C 1565 30.30 0.19 55.46
CA GLN C 1565 30.26 0.10 56.91
C GLN C 1565 29.52 -1.17 57.29
N ALA C 1566 29.25 -1.35 58.57
CA ALA C 1566 28.50 -2.50 59.07
C ALA C 1566 27.05 -2.39 58.60
N ASP C 1567 26.71 -3.10 57.52
CA ASP C 1567 25.43 -2.92 56.87
C ASP C 1567 24.32 -3.54 57.69
N MET C 1568 23.77 -2.76 58.62
CA MET C 1568 22.58 -3.13 59.36
C MET C 1568 21.32 -3.00 58.52
N PHE C 1569 21.42 -2.40 57.34
CA PHE C 1569 20.32 -2.33 56.39
C PHE C 1569 20.36 -3.45 55.37
N LEU C 1570 20.89 -4.62 55.75
CA LEU C 1570 20.85 -5.80 54.91
C LEU C 1570 19.55 -6.57 55.14
N ASN C 1571 19.27 -6.86 56.41
CA ASN C 1571 18.07 -7.61 56.78
C ASN C 1571 16.81 -6.84 56.47
N ASP C 1572 16.82 -5.53 56.75
CA ASP C 1572 15.65 -4.69 56.50
C ASP C 1572 15.38 -4.58 55.01
N LEU C 1573 16.42 -4.39 54.21
CA LEU C 1573 16.26 -4.27 52.76
C LEU C 1573 15.80 -5.59 52.14
N LEU C 1574 16.37 -6.71 52.59
CA LEU C 1574 15.99 -8.01 52.05
C LEU C 1574 14.55 -8.37 52.40
N LEU C 1575 14.16 -8.14 53.66
CA LEU C 1575 12.78 -8.40 54.05
C LEU C 1575 11.81 -7.45 53.37
N LYS C 1576 12.22 -6.20 53.11
CA LYS C 1576 11.32 -5.27 52.47
C LYS C 1576 11.12 -5.60 50.99
N VAL C 1577 12.18 -6.03 50.30
CA VAL C 1577 12.02 -6.40 48.89
C VAL C 1577 11.24 -7.70 48.76
N MET C 1578 11.46 -8.65 49.68
CA MET C 1578 10.67 -9.89 49.62
C MET C 1578 9.21 -9.65 50.00
N LEU C 1579 8.93 -8.74 50.92
CA LEU C 1579 7.55 -8.40 51.23
C LEU C 1579 6.90 -7.62 50.10
N LEU C 1580 7.68 -6.81 49.39
CA LEU C 1580 7.14 -6.09 48.23
C LEU C 1580 6.85 -7.03 47.07
N GLU C 1581 7.65 -8.08 46.92
CA GLU C 1581 7.37 -9.08 45.90
C GLU C 1581 6.17 -9.93 46.28
N ARG C 1582 6.01 -10.24 47.57
CA ARG C 1582 4.86 -11.01 47.99
C ARG C 1582 3.58 -10.19 47.97
N LYS C 1583 3.69 -8.87 48.12
CA LYS C 1583 2.51 -8.02 48.12
C LYS C 1583 2.03 -7.73 46.70
N LEU C 1584 2.94 -7.74 45.73
CA LEU C 1584 2.56 -7.69 44.33
C LEU C 1584 2.35 -9.07 43.74
N ARG C 1585 2.36 -10.10 44.60
CA ARG C 1585 2.02 -11.51 44.32
C ARG C 1585 2.71 -12.08 43.08
N LEU C 1586 3.95 -11.65 42.83
CA LEU C 1586 4.73 -12.21 41.73
C LEU C 1586 5.79 -13.16 42.29
N GLN C 1587 5.83 -14.38 41.73
CA GLN C 1587 6.72 -15.43 42.20
C GLN C 1587 7.80 -15.75 41.19
N LEU C 1588 8.01 -14.90 40.20
CA LEU C 1588 9.02 -15.10 39.17
C LEU C 1588 9.90 -13.86 39.17
N ASP C 1589 10.67 -13.66 38.10
CA ASP C 1589 11.53 -12.50 37.98
C ASP C 1589 10.75 -11.20 38.11
N SER C 1590 11.31 -10.26 38.88
CA SER C 1590 10.70 -9.01 39.28
C SER C 1590 11.58 -7.85 38.83
N PRO C 1591 11.05 -6.62 38.74
CA PRO C 1591 11.88 -5.51 38.26
C PRO C 1591 13.03 -5.14 39.16
N PHE C 1592 12.89 -5.29 40.48
CA PHE C 1592 13.90 -4.87 41.44
C PHE C 1592 14.68 -6.03 42.05
N ARG C 1593 14.99 -7.04 41.24
CA ARG C 1593 15.91 -8.07 41.67
C ARG C 1593 17.32 -7.88 41.11
N THR C 1594 17.45 -7.14 40.01
CA THR C 1594 18.78 -6.82 39.50
C THR C 1594 19.52 -5.79 40.36
N PRO C 1595 18.92 -4.67 40.81
CA PRO C 1595 19.65 -3.82 41.75
C PRO C 1595 19.92 -4.47 43.09
N LEU C 1596 19.04 -5.37 43.53
CA LEU C 1596 19.32 -6.08 44.77
C LEU C 1596 20.42 -7.11 44.58
N ALA C 1597 20.55 -7.69 43.39
CA ALA C 1597 21.69 -8.57 43.13
C ALA C 1597 22.99 -7.79 43.10
N ARG C 1598 22.95 -6.57 42.54
CA ARG C 1598 24.14 -5.73 42.57
C ARG C 1598 24.46 -5.24 43.97
N TYR C 1599 23.45 -5.14 44.84
CA TYR C 1599 23.74 -4.84 46.24
C TYR C 1599 24.33 -6.05 46.95
N LEU C 1600 23.81 -7.24 46.67
CA LEU C 1600 24.19 -8.42 47.44
C LEU C 1600 25.56 -8.93 47.06
N ASN C 1601 25.94 -8.85 45.79
CA ASN C 1601 27.25 -9.40 45.45
C ASN C 1601 28.39 -8.49 45.86
N ARG C 1602 28.12 -7.24 46.20
CA ARG C 1602 29.19 -6.32 46.55
C ARG C 1602 29.81 -6.70 47.89
N PHE C 1603 29.01 -6.73 48.94
CA PHE C 1603 29.53 -7.14 50.24
C PHE C 1603 29.77 -8.63 50.30
N HIS C 1604 28.70 -9.42 50.14
CA HIS C 1604 28.63 -10.85 49.85
C HIS C 1604 29.28 -11.76 50.90
N ASN C 1605 29.94 -11.19 51.90
CA ASN C 1605 30.43 -11.95 53.04
C ASN C 1605 29.37 -12.12 54.13
N PRO C 1606 28.64 -11.07 54.59
CA PRO C 1606 27.62 -11.37 55.60
C PRO C 1606 26.35 -11.95 55.04
N VAL C 1607 26.11 -11.87 53.73
CA VAL C 1607 24.87 -12.43 53.20
C VAL C 1607 24.94 -13.95 53.15
N THR C 1608 26.13 -14.55 53.10
CA THR C 1608 26.22 -16.00 53.18
C THR C 1608 25.88 -16.50 54.57
N GLU C 1609 26.32 -15.78 55.60
CA GLU C 1609 25.94 -16.13 56.97
C GLU C 1609 24.48 -15.81 57.24
N TYR C 1610 23.94 -14.75 56.63
CA TYR C 1610 22.52 -14.47 56.77
C TYR C 1610 21.68 -15.53 56.06
N PHE C 1611 22.19 -16.07 54.97
CA PHE C 1611 21.50 -17.17 54.30
C PHE C 1611 21.59 -18.44 55.12
N LYS C 1612 22.76 -18.75 55.68
CA LYS C 1612 22.91 -19.96 56.49
C LYS C 1612 22.15 -19.87 57.81
N LYS C 1613 21.85 -18.67 58.29
CA LYS C 1613 21.01 -18.54 59.47
C LYS C 1613 19.53 -18.58 59.15
N ASN C 1614 19.15 -18.54 57.87
CA ASN C 1614 17.74 -18.64 57.47
C ASN C 1614 17.64 -19.54 56.24
N MET C 1615 17.47 -20.84 56.47
CA MET C 1615 17.25 -21.77 55.38
C MET C 1615 15.93 -22.51 55.50
N THR C 1616 15.17 -22.28 56.56
CA THR C 1616 13.84 -22.85 56.66
C THR C 1616 12.82 -22.05 55.87
N LEU C 1617 13.18 -20.86 55.41
CA LEU C 1617 12.29 -20.04 54.60
C LEU C 1617 12.38 -20.49 53.15
N ARG C 1618 11.24 -20.84 52.56
CA ARG C 1618 11.23 -21.27 51.16
C ARG C 1618 11.42 -20.09 50.23
N GLN C 1619 10.82 -18.94 50.56
CA GLN C 1619 10.88 -17.78 49.69
C GLN C 1619 12.28 -17.20 49.61
N LEU C 1620 13.04 -17.26 50.71
CA LEU C 1620 14.42 -16.79 50.66
C LEU C 1620 15.28 -17.70 49.82
N VAL C 1621 15.02 -19.00 49.84
CA VAL C 1621 15.77 -19.93 49.01
C VAL C 1621 15.48 -19.70 47.54
N LEU C 1622 14.20 -19.50 47.18
CA LEU C 1622 13.86 -19.20 45.79
C LEU C 1622 14.45 -17.85 45.35
N PHE C 1623 14.44 -16.88 46.25
CA PHE C 1623 14.96 -15.55 45.95
C PHE C 1623 16.47 -15.59 45.72
N MET C 1624 17.20 -16.33 46.54
CA MET C 1624 18.65 -16.41 46.38
C MET C 1624 19.03 -17.26 45.17
N CYS C 1625 18.29 -18.35 44.92
CA CYS C 1625 18.57 -19.14 43.72
C CYS C 1625 18.24 -18.40 42.43
N ASN C 1626 17.34 -17.43 42.48
CA ASN C 1626 17.16 -16.59 41.32
C ASN C 1626 18.20 -15.47 41.23
N ILE C 1627 18.72 -15.01 42.37
CA ILE C 1627 19.70 -13.94 42.36
C ILE C 1627 21.05 -14.43 41.85
N VAL C 1628 21.49 -15.62 42.30
CA VAL C 1628 22.82 -16.14 41.99
C VAL C 1628 23.01 -16.37 40.49
N GLN C 1629 21.96 -16.77 39.78
CA GLN C 1629 22.07 -17.02 38.34
C GLN C 1629 22.27 -15.76 37.51
N ARG C 1630 22.07 -14.57 38.10
CA ARG C 1630 22.19 -13.35 37.33
C ARG C 1630 23.66 -13.02 37.08
N PRO C 1631 23.98 -12.42 35.91
CA PRO C 1631 25.37 -12.07 35.62
C PRO C 1631 25.90 -10.89 36.41
N GLU C 1632 25.05 -10.21 37.17
CA GLU C 1632 25.47 -9.12 38.04
C GLU C 1632 25.83 -9.61 39.42
N ALA C 1633 25.97 -10.92 39.61
CA ALA C 1633 26.34 -11.51 40.89
C ALA C 1633 27.39 -12.60 40.67
N LYS C 1634 28.43 -12.28 39.91
CA LYS C 1634 29.42 -13.27 39.52
C LYS C 1634 30.28 -13.73 40.68
N GLU C 1635 30.40 -12.94 41.74
CA GLU C 1635 31.20 -13.32 42.91
C GLU C 1635 30.37 -13.89 44.04
N LEU C 1636 29.06 -13.67 44.04
CA LEU C 1636 28.19 -14.38 44.98
C LEU C 1636 28.00 -15.83 44.59
N ALA C 1637 28.21 -16.16 43.31
CA ALA C 1637 28.04 -17.53 42.85
C ALA C 1637 29.16 -18.41 43.37
N GLU C 1638 30.40 -17.94 43.28
CA GLU C 1638 31.51 -18.72 43.82
C GLU C 1638 31.57 -18.67 45.34
N ASP C 1639 30.85 -17.74 45.96
CA ASP C 1639 30.73 -17.77 47.41
C ASP C 1639 29.80 -18.88 47.88
N PHE C 1640 28.86 -19.29 47.02
CA PHE C 1640 27.92 -20.35 47.37
C PHE C 1640 28.44 -21.73 47.00
N GLU C 1641 29.30 -21.82 45.98
CA GLU C 1641 29.78 -23.12 45.51
C GLU C 1641 30.71 -23.79 46.51
N LYS C 1642 31.35 -23.04 47.40
CA LYS C 1642 32.21 -23.60 48.42
C LYS C 1642 31.49 -23.83 49.73
N GLU C 1643 30.15 -23.66 49.76
CA GLU C 1643 29.37 -23.82 50.98
C GLU C 1643 28.21 -24.77 50.79
N LEU C 1644 28.29 -25.68 49.81
CA LEU C 1644 27.20 -26.61 49.59
C LEU C 1644 27.16 -27.71 50.64
N ASP C 1645 28.32 -28.12 51.16
CA ASP C 1645 28.36 -29.16 52.17
C ASP C 1645 27.82 -28.68 53.50
N ASN C 1646 27.97 -27.39 53.80
CA ASN C 1646 27.36 -26.83 55.00
C ASN C 1646 25.83 -26.84 54.88
N PHE C 1647 25.31 -26.57 53.68
CA PHE C 1647 23.88 -26.68 53.43
C PHE C 1647 23.42 -28.13 53.57
N TYR C 1648 24.23 -29.07 53.10
CA TYR C 1648 23.95 -30.50 53.22
C TYR C 1648 23.84 -30.93 54.68
N ASP C 1649 24.83 -30.57 55.49
CA ASP C 1649 24.82 -30.93 56.90
C ASP C 1649 23.71 -30.24 57.65
N PHE C 1650 23.38 -29.00 57.27
CA PHE C 1650 22.26 -28.29 57.87
C PHE C 1650 20.95 -29.01 57.63
N TYR C 1651 20.67 -29.36 56.37
CA TYR C 1651 19.39 -29.99 56.06
C TYR C 1651 19.32 -31.41 56.59
N ILE C 1652 20.43 -32.15 56.56
CA ILE C 1652 20.44 -33.52 57.08
C ILE C 1652 20.24 -33.53 58.59
N SER C 1653 20.91 -32.62 59.31
CA SER C 1653 20.73 -32.56 60.75
C SER C 1653 19.43 -31.92 61.18
N ASN C 1654 18.77 -31.15 60.31
CA ASN C 1654 17.52 -30.50 60.69
C ASN C 1654 16.28 -31.19 60.17
N ILE C 1655 16.41 -32.24 59.37
CA ILE C 1655 15.25 -33.08 59.05
C ILE C 1655 14.63 -33.76 60.28
N PRO C 1656 15.36 -34.51 61.13
CA PRO C 1656 14.66 -35.23 62.19
C PRO C 1656 14.19 -34.37 63.35
N LYS C 1657 14.53 -33.08 63.39
CA LYS C 1657 14.00 -32.22 64.44
C LYS C 1657 12.52 -31.90 64.21
N ASN C 1658 12.09 -31.84 62.96
CA ASN C 1658 10.72 -31.48 62.61
C ASN C 1658 9.96 -32.62 61.96
N GLN C 1659 10.49 -33.17 60.86
CA GLN C 1659 9.90 -34.25 60.07
C GLN C 1659 8.51 -33.92 59.52
N VAL C 1660 8.15 -32.63 59.48
CA VAL C 1660 6.87 -32.21 58.90
C VAL C 1660 7.06 -31.30 57.70
N ARG C 1661 8.25 -30.74 57.51
CA ARG C 1661 8.58 -29.90 56.36
C ARG C 1661 9.81 -30.46 55.68
N VAL C 1662 9.80 -31.77 55.46
CA VAL C 1662 10.97 -32.43 54.89
C VAL C 1662 10.98 -32.28 53.37
N VAL C 1663 9.82 -32.14 52.74
CA VAL C 1663 9.78 -31.92 51.30
C VAL C 1663 10.26 -30.53 50.96
N SER C 1664 10.08 -29.56 51.85
CA SER C 1664 10.63 -28.23 51.65
C SER C 1664 12.15 -28.25 51.68
N PHE C 1665 12.72 -29.04 52.59
CA PHE C 1665 14.17 -29.17 52.65
C PHE C 1665 14.71 -29.88 51.44
N PHE C 1666 13.98 -30.88 50.93
CA PHE C 1666 14.45 -31.57 49.73
C PHE C 1666 14.37 -30.67 48.49
N THR C 1667 13.30 -29.88 48.36
CA THR C 1667 13.21 -28.94 47.25
C THR C 1667 14.30 -27.88 47.35
N ASN C 1668 14.62 -27.42 48.56
CA ASN C 1668 15.67 -26.43 48.74
C ASN C 1668 17.04 -26.97 48.36
N MET C 1669 17.34 -28.21 48.76
CA MET C 1669 18.63 -28.77 48.40
C MET C 1669 18.73 -29.04 46.90
N VAL C 1670 17.62 -29.49 46.28
CA VAL C 1670 17.64 -29.79 44.86
C VAL C 1670 17.81 -28.52 44.03
N ASP C 1671 17.06 -27.45 44.34
CA ASP C 1671 17.24 -26.28 43.49
C ASP C 1671 18.48 -25.47 43.87
N LEU C 1672 19.04 -25.67 45.07
CA LEU C 1672 20.35 -25.08 45.34
C LEU C 1672 21.44 -25.76 44.51
N PHE C 1673 21.42 -27.09 44.43
CA PHE C 1673 22.40 -27.78 43.59
C PHE C 1673 22.16 -27.51 42.11
N ASN C 1674 20.90 -27.35 41.71
CA ASN C 1674 20.59 -27.02 40.32
C ASN C 1674 21.04 -25.61 39.97
N THR C 1675 20.96 -24.69 40.92
CA THR C 1675 21.49 -23.35 40.68
C THR C 1675 23.00 -23.36 40.59
N MET C 1676 23.65 -24.16 41.43
CA MET C 1676 25.11 -24.24 41.39
C MET C 1676 25.62 -24.92 40.12
N VAL C 1677 24.83 -25.80 39.51
CA VAL C 1677 25.27 -26.39 38.24
C VAL C 1677 24.83 -25.54 37.05
N ILE C 1678 23.80 -24.71 37.21
CA ILE C 1678 23.37 -23.85 36.10
C ILE C 1678 24.34 -22.69 35.91
N THR C 1679 24.85 -22.12 37.00
CA THR C 1679 25.77 -20.99 36.93
C THR C 1679 27.11 -21.35 36.32
N ASN C 1680 27.48 -22.62 36.30
CA ASN C 1680 28.64 -23.09 35.58
C ASN C 1680 28.21 -23.74 34.27
N GLY C 1681 29.18 -23.97 33.38
CA GLY C 1681 28.86 -24.60 32.11
C GLY C 1681 28.57 -26.08 32.26
N ASP C 1682 29.43 -26.80 32.96
CA ASP C 1682 29.26 -28.20 33.29
C ASP C 1682 29.17 -28.31 34.80
N GLU C 1683 29.26 -29.54 35.31
CA GLU C 1683 29.18 -29.82 36.74
C GLU C 1683 30.21 -29.04 37.54
N TRP C 1684 29.73 -28.42 38.62
CA TRP C 1684 30.63 -27.79 39.59
C TRP C 1684 31.54 -28.82 40.24
N LEU C 1685 31.05 -30.06 40.38
CA LEU C 1685 31.87 -31.17 40.83
C LEU C 1685 32.96 -31.53 39.84
N LYS C 1686 32.83 -31.08 38.59
CA LYS C 1686 33.64 -31.49 37.43
C LYS C 1686 33.60 -33.01 37.30
N LYS C 1687 32.37 -33.49 37.02
CA LYS C 1687 31.92 -34.87 36.96
C LYS C 1687 32.51 -35.76 38.07
N LYS C 1688 32.57 -35.22 39.29
CA LYS C 1688 33.00 -36.02 40.43
C LYS C 1688 31.90 -36.98 40.89
N GLY C 1689 30.75 -36.43 41.27
CA GLY C 1689 29.61 -37.27 41.61
C GLY C 1689 29.60 -37.76 43.04
N ASN C 1690 29.89 -36.88 44.00
CA ASN C 1690 29.80 -37.21 45.41
C ASN C 1690 28.66 -36.50 46.11
N MET C 1691 28.35 -35.27 45.70
CA MET C 1691 27.16 -34.62 46.23
C MET C 1691 25.88 -35.15 45.62
N ILE C 1692 25.98 -35.77 44.43
CA ILE C 1692 24.79 -36.34 43.80
C ILE C 1692 24.35 -37.61 44.52
N LEU C 1693 25.31 -38.41 44.99
CA LEU C 1693 24.96 -39.54 45.84
C LEU C 1693 24.41 -39.10 47.18
N LYS C 1694 24.90 -37.97 47.71
CA LYS C 1694 24.32 -37.39 48.91
C LYS C 1694 22.89 -36.94 48.68
N LEU C 1695 22.61 -36.42 47.48
CA LEU C 1695 21.24 -36.08 47.12
C LEU C 1695 20.38 -37.33 46.95
N LYS C 1696 20.97 -38.44 46.51
CA LYS C 1696 20.23 -39.69 46.41
C LYS C 1696 19.83 -40.22 47.78
N ASP C 1697 20.77 -40.19 48.74
CA ASP C 1697 20.41 -40.57 50.11
C ASP C 1697 19.44 -39.57 50.74
N MET C 1698 19.53 -38.30 50.35
CA MET C 1698 18.55 -37.29 50.77
C MET C 1698 17.15 -37.65 50.28
N LEU C 1699 17.05 -38.10 49.03
CA LEU C 1699 15.76 -38.49 48.46
C LEU C 1699 15.20 -39.74 49.12
N ASN C 1700 16.07 -40.73 49.38
CA ASN C 1700 15.62 -41.94 50.07
C ASN C 1700 15.16 -41.63 51.48
N LEU C 1701 15.85 -40.72 52.15
CA LEU C 1701 15.50 -40.41 53.53
C LEU C 1701 14.22 -39.59 53.60
N THR C 1702 13.99 -38.68 52.66
CA THR C 1702 12.73 -37.94 52.70
C THR C 1702 11.56 -38.80 52.23
N LEU C 1703 11.81 -39.81 51.39
CA LEU C 1703 10.73 -40.72 51.03
C LEU C 1703 10.37 -41.63 52.20
N LYS C 1704 11.37 -42.09 52.95
CA LYS C 1704 11.08 -42.87 54.16
C LYS C 1704 10.39 -42.02 55.22
N THR C 1705 10.77 -40.74 55.32
CA THR C 1705 10.15 -39.86 56.30
C THR C 1705 8.69 -39.56 55.93
N ILE C 1706 8.41 -39.43 54.64
CA ILE C 1706 7.02 -39.20 54.23
C ILE C 1706 6.22 -40.49 54.23
N LYS C 1707 6.87 -41.65 54.21
CA LYS C 1707 6.14 -42.91 54.28
C LYS C 1707 5.84 -43.35 55.71
N GLU C 1708 6.73 -43.05 56.66
CA GLU C 1708 6.45 -43.43 58.05
C GLU C 1708 5.45 -42.47 58.69
N ASN C 1709 5.81 -41.19 58.79
CA ASN C 1709 4.92 -40.17 59.32
C ASN C 1709 3.94 -39.74 58.23
N SER C 1710 2.64 -39.84 58.52
CA SER C 1710 1.61 -39.55 57.53
C SER C 1710 1.06 -38.15 57.77
N PHE C 1711 1.78 -37.15 57.28
CA PHE C 1711 1.34 -35.76 57.39
C PHE C 1711 0.77 -35.20 56.09
N TYR C 1712 1.57 -35.16 55.02
CA TYR C 1712 1.17 -34.48 53.79
C TYR C 1712 1.95 -35.08 52.63
N ILE C 1713 1.29 -35.92 51.84
CA ILE C 1713 1.97 -36.72 50.81
C ILE C 1713 1.54 -36.30 49.42
N ASP C 1714 2.44 -36.57 48.46
CA ASP C 1714 2.22 -36.47 47.01
C ASP C 1714 1.84 -35.05 46.59
N HIS C 1715 2.80 -34.16 46.77
CA HIS C 1715 2.62 -32.74 46.49
C HIS C 1715 2.96 -32.39 45.05
N LEU C 1716 2.81 -31.12 44.73
CA LEU C 1716 3.34 -30.56 43.49
C LEU C 1716 4.84 -30.35 43.57
N GLN C 1717 5.31 -29.73 44.66
CA GLN C 1717 6.72 -29.39 44.76
C GLN C 1717 7.59 -30.62 44.93
N LEU C 1718 7.04 -31.68 45.50
CA LEU C 1718 7.78 -32.94 45.57
C LEU C 1718 8.01 -33.53 44.17
N ASN C 1719 6.99 -33.49 43.32
CA ASN C 1719 7.13 -34.02 41.97
C ASN C 1719 8.04 -33.15 41.12
N GLN C 1720 7.98 -31.84 41.29
CA GLN C 1720 8.88 -30.97 40.53
C GLN C 1720 10.32 -31.09 41.01
N SER C 1721 10.53 -31.31 42.31
CA SER C 1721 11.88 -31.54 42.81
C SER C 1721 12.45 -32.86 42.34
N ILE C 1722 11.61 -33.91 42.28
CA ILE C 1722 12.07 -35.19 41.78
C ILE C 1722 12.38 -35.11 40.29
N ALA C 1723 11.61 -34.31 39.54
CA ALA C 1723 11.90 -34.10 38.13
C ALA C 1723 13.22 -33.36 37.94
N LYS C 1724 13.49 -32.34 38.76
CA LYS C 1724 14.77 -31.62 38.67
C LYS C 1724 15.93 -32.51 39.09
N PHE C 1725 15.72 -33.37 40.08
CA PHE C 1725 16.77 -34.27 40.53
C PHE C 1725 17.10 -35.31 39.48
N GLN C 1726 16.07 -35.86 38.82
CA GLN C 1726 16.33 -36.79 37.72
C GLN C 1726 17.00 -36.10 36.55
N ALA C 1727 16.68 -34.83 36.30
CA ALA C 1727 17.33 -34.08 35.24
C ALA C 1727 18.81 -33.90 35.51
N LEU C 1728 19.18 -33.51 36.74
CA LEU C 1728 20.60 -33.33 37.02
C LEU C 1728 21.35 -34.66 37.14
N TYR C 1729 20.68 -35.72 37.63
CA TYR C 1729 21.30 -37.04 37.70
C TYR C 1729 21.61 -37.57 36.31
N LEU C 1730 20.62 -37.53 35.41
CA LEU C 1730 20.85 -38.01 34.06
C LEU C 1730 21.68 -37.03 33.24
N ARG C 1731 21.80 -35.78 33.68
CA ARG C 1731 22.75 -34.86 33.09
C ARG C 1731 24.18 -35.25 33.46
N PHE C 1732 24.39 -35.67 34.71
CA PHE C 1732 25.71 -36.14 35.10
C PHE C 1732 26.04 -37.48 34.48
N THR C 1733 25.04 -38.35 34.29
CA THR C 1733 25.30 -39.69 33.80
C THR C 1733 25.69 -39.70 32.33
N GLU C 1734 25.22 -38.74 31.55
CA GLU C 1734 25.67 -38.60 30.16
C GLU C 1734 26.96 -37.81 30.04
N LEU C 1735 27.60 -37.51 31.16
CA LEU C 1735 28.79 -36.68 31.21
C LEU C 1735 29.83 -37.37 32.09
N SER C 1736 30.09 -38.64 31.81
CA SER C 1736 31.01 -39.42 32.60
C SER C 1736 31.69 -40.45 31.72
N GLU C 1737 32.66 -41.16 32.29
CA GLU C 1737 33.36 -42.23 31.61
C GLU C 1737 32.84 -43.62 31.96
N ARG C 1738 32.21 -43.79 33.11
CA ARG C 1738 31.57 -45.04 33.52
C ARG C 1738 30.07 -44.79 33.61
N ASP C 1739 29.38 -44.97 32.49
CA ASP C 1739 27.95 -44.75 32.42
C ASP C 1739 27.15 -46.00 32.77
N GLN C 1740 27.81 -47.11 33.05
CA GLN C 1740 27.14 -48.41 33.11
C GLN C 1740 26.61 -48.74 34.50
N ASN C 1741 27.38 -48.46 35.54
CA ASN C 1741 26.83 -48.65 36.88
C ASN C 1741 25.85 -47.60 37.42
N PRO C 1742 25.99 -46.26 37.24
CA PRO C 1742 25.05 -45.37 37.94
C PRO C 1742 23.66 -45.32 37.32
N LEU C 1743 23.51 -45.76 36.07
CA LEU C 1743 22.17 -45.90 35.49
C LEU C 1743 21.38 -47.01 36.19
N LEU C 1744 22.02 -48.15 36.40
CA LEU C 1744 21.37 -49.23 37.13
C LEU C 1744 21.20 -48.87 38.60
N LEU C 1745 22.12 -48.06 39.14
CA LEU C 1745 21.93 -47.56 40.51
C LEU C 1745 20.75 -46.61 40.60
N ASP C 1746 20.51 -45.82 39.54
CA ASP C 1746 19.31 -45.00 39.50
C ASP C 1746 18.06 -45.86 39.40
N PHE C 1747 18.14 -47.00 38.71
CA PHE C 1747 17.01 -47.93 38.70
C PHE C 1747 16.78 -48.55 40.07
N ILE C 1748 17.83 -48.79 40.83
CA ILE C 1748 17.69 -49.21 42.22
C ILE C 1748 17.04 -48.11 43.05
N ASP C 1749 17.34 -46.84 42.74
CA ASP C 1749 16.94 -45.71 43.58
C ASP C 1749 15.43 -45.55 43.70
N PHE C 1750 14.68 -45.85 42.64
CA PHE C 1750 13.23 -45.82 42.70
C PHE C 1750 12.62 -47.22 42.60
N SER C 1751 13.24 -48.17 43.29
CA SER C 1751 12.67 -49.51 43.37
C SER C 1751 11.39 -49.51 44.20
N PHE C 1752 11.41 -48.83 45.35
CA PHE C 1752 10.26 -48.86 46.24
C PHE C 1752 9.11 -47.99 45.76
N SER C 1753 9.42 -46.88 45.09
CA SER C 1753 8.42 -45.85 44.84
C SER C 1753 8.87 -45.05 43.62
N ASN C 1754 8.31 -43.86 43.46
CA ASN C 1754 8.79 -42.82 42.54
C ASN C 1754 8.72 -43.23 41.07
N GLY C 1755 7.51 -43.48 40.62
CA GLY C 1755 7.24 -43.66 39.19
C GLY C 1755 7.80 -44.96 38.64
N ILE C 1756 7.50 -45.19 37.37
CA ILE C 1756 8.04 -46.35 36.68
C ILE C 1756 9.10 -45.98 35.64
N LYS C 1757 9.09 -44.74 35.13
CA LYS C 1757 10.08 -44.21 34.20
C LYS C 1757 9.87 -42.71 34.11
N ALA C 1758 10.97 -41.97 34.04
CA ALA C 1758 10.88 -40.55 33.72
C ALA C 1758 10.58 -40.45 32.23
N SER C 1759 9.33 -40.10 31.91
CA SER C 1759 8.84 -40.15 30.54
C SER C 1759 9.53 -39.10 29.69
N TYR C 1760 10.28 -39.58 28.68
CA TYR C 1760 11.10 -38.76 27.78
C TYR C 1760 12.12 -37.91 28.54
N SER C 1761 12.55 -38.39 29.71
CA SER C 1761 13.69 -37.84 30.44
C SER C 1761 14.70 -38.92 30.79
N LEU C 1762 14.24 -40.11 31.19
CA LEU C 1762 15.10 -41.27 31.33
C LEU C 1762 15.12 -42.11 30.07
N LYS C 1763 13.95 -42.31 29.45
CA LYS C 1763 13.86 -43.03 28.20
C LYS C 1763 14.49 -42.28 27.04
N LYS C 1764 14.63 -40.96 27.14
CA LYS C 1764 15.41 -40.24 26.14
C LYS C 1764 16.90 -40.54 26.29
N PHE C 1765 17.36 -40.70 27.52
CA PHE C 1765 18.75 -41.08 27.74
C PHE C 1765 19.00 -42.51 27.26
N ILE C 1766 18.02 -43.40 27.43
CA ILE C 1766 18.16 -44.76 26.92
C ILE C 1766 18.08 -44.76 25.39
N PHE C 1767 17.30 -43.86 24.81
CA PHE C 1767 17.32 -43.77 23.35
C PHE C 1767 18.62 -43.17 22.83
N HIS C 1768 19.32 -42.39 23.65
CA HIS C 1768 20.71 -42.06 23.34
C HIS C 1768 21.64 -43.24 23.53
N ASN C 1769 21.33 -44.13 24.48
CA ASN C 1769 22.12 -45.33 24.73
C ASN C 1769 22.14 -46.24 23.51
N ILE C 1770 21.04 -46.30 22.77
CA ILE C 1770 20.94 -47.15 21.59
C ILE C 1770 21.57 -46.43 20.39
N ILE C 1771 22.90 -46.32 20.39
CA ILE C 1771 23.63 -45.71 19.27
C ILE C 1771 23.58 -46.66 18.08
N ALA C 1772 23.60 -46.12 16.87
CA ALA C 1772 23.52 -46.93 15.67
C ALA C 1772 24.84 -47.65 15.37
N SER C 1773 24.73 -48.97 15.20
CA SER C 1773 25.76 -49.95 14.82
C SER C 1773 26.81 -50.25 15.89
N SER C 1774 26.64 -49.73 17.12
CA SER C 1774 27.54 -49.96 18.27
C SER C 1774 29.02 -49.69 17.96
N ASN C 1775 29.29 -48.55 17.30
CA ASN C 1775 30.65 -48.23 16.86
C ASN C 1775 31.60 -48.11 18.05
N LYS C 1776 31.17 -47.35 19.07
CA LYS C 1776 31.94 -47.23 20.31
C LYS C 1776 32.02 -48.53 21.09
N GLU C 1777 30.96 -49.35 21.06
CA GLU C 1777 30.75 -50.67 21.71
C GLU C 1777 30.42 -50.54 23.19
N LYS C 1778 30.12 -49.32 23.69
CA LYS C 1778 29.73 -49.19 25.09
C LYS C 1778 28.40 -49.90 25.33
N GLN C 1779 27.49 -49.82 24.36
CA GLN C 1779 26.17 -50.44 24.46
C GLN C 1779 26.26 -51.96 24.62
N ASN C 1780 27.21 -52.62 23.93
CA ASN C 1780 27.36 -54.07 24.08
C ASN C 1780 27.74 -54.38 25.52
N ASN C 1781 28.63 -53.57 26.11
CA ASN C 1781 28.97 -53.73 27.52
C ASN C 1781 27.75 -53.48 28.38
N PHE C 1782 26.93 -52.49 27.99
CA PHE C 1782 25.72 -52.21 28.74
C PHE C 1782 24.77 -53.40 28.68
N ILE C 1783 24.61 -54.01 27.51
CA ILE C 1783 23.76 -55.21 27.38
C ILE C 1783 24.31 -56.32 28.26
N ASN C 1784 25.64 -56.38 28.43
CA ASN C 1784 26.26 -57.38 29.28
C ASN C 1784 25.87 -57.20 30.75
N ASP C 1785 26.15 -56.03 31.31
CA ASP C 1785 25.73 -55.88 32.71
C ASP C 1785 24.23 -55.61 32.85
N ALA C 1786 23.53 -55.32 31.75
CA ALA C 1786 22.08 -55.29 31.74
C ALA C 1786 21.50 -56.67 31.95
N THR C 1787 21.99 -57.67 31.23
CA THR C 1787 21.45 -59.00 31.46
C THR C 1787 21.97 -59.56 32.79
N LEU C 1788 23.13 -59.10 33.26
CA LEU C 1788 23.51 -59.42 34.63
C LEU C 1788 22.58 -58.78 35.65
N PHE C 1789 22.03 -57.59 35.35
CA PHE C 1789 20.98 -57.01 36.17
C PHE C 1789 19.69 -57.81 36.09
N VAL C 1790 19.40 -58.40 34.93
CA VAL C 1790 18.17 -59.18 34.77
C VAL C 1790 18.25 -60.48 35.56
N LEU C 1791 19.34 -61.25 35.40
CA LEU C 1791 19.39 -62.57 36.02
C LEU C 1791 19.56 -62.47 37.53
N SER C 1792 20.32 -61.49 38.01
CA SER C 1792 20.47 -61.29 39.44
C SER C 1792 19.21 -60.68 40.01
N ASP C 1793 18.78 -61.19 41.15
CA ASP C 1793 17.59 -60.69 41.83
C ASP C 1793 17.92 -59.55 42.78
N LYS C 1794 18.60 -58.54 42.25
CA LYS C 1794 19.02 -57.39 43.03
C LYS C 1794 17.96 -56.31 43.11
N CYS C 1795 16.81 -56.51 42.49
CA CYS C 1795 15.75 -55.52 42.51
C CYS C 1795 14.42 -56.24 42.29
N LEU C 1796 13.34 -55.47 42.35
CA LEU C 1796 12.02 -56.04 42.18
C LEU C 1796 11.72 -56.20 40.69
N ASP C 1797 10.53 -56.72 40.37
CA ASP C 1797 10.21 -57.07 38.99
C ASP C 1797 9.99 -55.85 38.11
N ALA C 1798 9.71 -54.67 38.67
CA ALA C 1798 9.41 -53.52 37.84
C ALA C 1798 10.65 -52.97 37.15
N ARG C 1799 11.78 -52.94 37.86
CA ARG C 1799 12.98 -52.47 37.21
C ARG C 1799 13.61 -53.51 36.30
N ILE C 1800 13.36 -54.80 36.54
CA ILE C 1800 13.73 -55.78 35.54
C ILE C 1800 12.81 -55.71 34.31
N PHE C 1801 11.58 -55.21 34.49
CA PHE C 1801 10.73 -54.94 33.32
C PHE C 1801 11.24 -53.73 32.54
N VAL C 1802 11.78 -52.71 33.23
CA VAL C 1802 12.44 -51.62 32.50
C VAL C 1802 13.72 -52.14 31.82
N LEU C 1803 14.33 -53.18 32.41
CA LEU C 1803 15.46 -53.82 31.74
C LEU C 1803 15.02 -54.58 30.50
N LYS C 1804 13.82 -55.18 30.52
CA LYS C 1804 13.21 -55.69 29.29
C LYS C 1804 13.09 -54.61 28.24
N ASN C 1805 12.59 -53.43 28.67
CA ASN C 1805 12.42 -52.29 27.77
C ASN C 1805 13.72 -51.93 27.07
N VAL C 1806 14.80 -51.76 27.83
CA VAL C 1806 16.07 -51.33 27.21
C VAL C 1806 16.69 -52.45 26.36
N ILE C 1807 16.68 -53.70 26.85
CA ILE C 1807 17.35 -54.79 26.13
C ILE C 1807 16.60 -55.14 24.84
N ASN C 1808 15.29 -55.37 24.93
CA ASN C 1808 14.52 -55.68 23.74
C ASN C 1808 14.41 -54.48 22.81
N SER C 1809 14.50 -53.25 23.35
CA SER C 1809 14.44 -52.09 22.49
C SER C 1809 15.70 -51.95 21.64
N THR C 1810 16.88 -52.16 22.23
CA THR C 1810 18.08 -52.09 21.39
C THR C 1810 18.18 -53.29 20.47
N LEU C 1811 17.64 -54.44 20.87
CA LEU C 1811 17.68 -55.61 19.99
C LEU C 1811 16.78 -55.43 18.77
N ILE C 1812 15.55 -54.98 18.96
CA ILE C 1812 14.68 -54.79 17.79
C ILE C 1812 14.97 -53.49 17.08
N TYR C 1813 15.74 -52.57 17.67
CA TYR C 1813 16.22 -51.43 16.92
C TYR C 1813 17.36 -51.84 15.99
N GLU C 1814 18.22 -52.76 16.45
CA GLU C 1814 19.23 -53.31 15.54
C GLU C 1814 18.60 -54.23 14.51
N VAL C 1815 17.48 -54.87 14.85
CA VAL C 1815 16.79 -55.70 13.87
C VAL C 1815 16.13 -54.84 12.80
N ALA C 1816 15.47 -53.75 13.21
CA ALA C 1816 14.65 -52.99 12.28
C ALA C 1816 15.48 -52.12 11.35
N THR C 1817 16.19 -51.13 11.91
CA THR C 1817 16.90 -50.17 11.06
C THR C 1817 18.37 -50.56 10.92
N SER C 1818 18.58 -51.82 10.57
CA SER C 1818 19.87 -52.44 10.21
C SER C 1818 19.57 -53.83 9.70
N GLY C 1819 20.61 -54.61 9.43
CA GLY C 1819 20.44 -56.02 9.19
C GLY C 1819 20.09 -56.76 10.47
N SER C 1820 19.42 -57.89 10.32
CA SER C 1820 18.94 -58.65 11.47
C SER C 1820 20.09 -59.41 12.09
N LEU C 1821 20.66 -58.83 13.17
CA LEU C 1821 21.79 -59.39 13.92
C LEU C 1821 23.01 -59.65 13.02
N LYS C 1822 23.42 -58.61 12.30
CA LYS C 1822 24.57 -58.69 11.42
C LYS C 1822 25.79 -57.95 11.97
N SER C 1823 25.62 -57.08 12.95
CA SER C 1823 26.73 -56.31 13.50
C SER C 1823 27.22 -56.85 14.83
N TYR C 1824 26.33 -57.43 15.65
CA TYR C 1824 26.75 -57.93 16.96
C TYR C 1824 27.55 -59.22 16.82
N LEU C 1825 27.02 -60.19 16.09
CA LEU C 1825 27.68 -61.48 15.89
C LEU C 1825 27.93 -61.66 14.40
N VAL C 1826 29.19 -61.94 14.04
CA VAL C 1826 29.60 -62.08 12.65
C VAL C 1826 30.19 -63.46 12.36
N GLU C 1827 31.08 -63.95 13.21
CA GLU C 1827 31.58 -65.32 13.13
C GLU C 1827 31.73 -65.90 14.54
N ASP C 1828 30.68 -65.69 15.35
CA ASP C 1828 30.66 -65.93 16.80
C ASP C 1828 31.77 -65.16 17.50
N LYS C 1829 32.00 -63.94 17.02
CA LYS C 1829 32.93 -63.02 17.66
C LYS C 1829 32.15 -62.18 18.66
N LYS C 1830 32.69 -62.05 19.87
CA LYS C 1830 32.15 -61.38 21.06
C LYS C 1830 30.64 -61.50 21.27
N PRO C 1831 30.08 -62.71 21.54
CA PRO C 1831 28.67 -62.77 21.97
C PRO C 1831 28.50 -62.12 23.34
N LYS C 1832 29.21 -62.65 24.34
CA LYS C 1832 29.46 -62.05 25.65
C LYS C 1832 28.23 -61.83 26.53
N TRP C 1833 27.05 -62.16 26.03
CA TRP C 1833 25.85 -62.25 26.86
C TRP C 1833 25.01 -63.45 26.49
N LEU C 1834 25.27 -64.08 25.35
CA LEU C 1834 24.45 -65.19 24.89
C LEU C 1834 24.69 -66.45 25.72
N GLU C 1835 25.88 -66.58 26.31
CA GLU C 1835 26.10 -67.68 27.25
C GLU C 1835 25.39 -67.44 28.57
N LEU C 1836 25.23 -66.17 28.97
CA LEU C 1836 24.38 -65.86 30.10
C LEU C 1836 22.93 -66.12 29.77
N LEU C 1837 22.56 -65.91 28.51
CA LEU C 1837 21.23 -66.28 28.07
C LEU C 1837 21.06 -67.80 28.00
N HIS C 1838 22.14 -68.54 27.74
CA HIS C 1838 22.07 -70.00 27.84
C HIS C 1838 21.82 -70.43 29.28
N ASN C 1839 22.52 -69.80 30.22
CA ASN C 1839 22.29 -70.09 31.64
C ASN C 1839 20.88 -69.68 32.07
N LYS C 1840 20.34 -68.63 31.46
CA LYS C 1840 18.97 -68.21 31.74
C LYS C 1840 17.96 -69.16 31.13
N ILE C 1841 18.17 -69.56 29.88
CA ILE C 1841 17.28 -70.46 29.16
C ILE C 1841 17.28 -71.86 29.80
N TRP C 1842 18.39 -72.31 30.37
CA TRP C 1842 18.42 -73.64 30.99
C TRP C 1842 17.60 -73.78 32.29
N LYS C 1843 17.39 -72.70 33.05
CA LYS C 1843 16.58 -72.72 34.27
C LYS C 1843 15.07 -72.90 34.08
N ASN C 1844 14.56 -72.89 32.85
CA ASN C 1844 13.11 -73.00 32.59
C ASN C 1844 12.48 -74.28 33.11
N SER C 1845 13.29 -75.32 33.34
CA SER C 1845 12.80 -76.60 33.82
C SER C 1845 12.05 -76.43 35.13
N ASN C 1846 11.04 -77.29 35.29
CA ASN C 1846 10.09 -77.26 36.40
C ASN C 1846 9.32 -75.94 36.44
N ALA C 1847 8.90 -75.48 35.24
CA ALA C 1847 8.12 -74.24 35.07
C ALA C 1847 8.83 -73.01 35.61
N ILE C 1848 10.15 -72.88 35.35
CA ILE C 1848 11.07 -71.81 35.80
C ILE C 1848 10.79 -71.27 37.21
N LEU C 1849 10.38 -72.23 38.05
CA LEU C 1849 10.02 -72.08 39.46
C LEU C 1849 8.93 -71.03 39.64
N ALA C 1850 7.97 -71.02 38.70
CA ALA C 1850 6.86 -70.08 38.76
C ALA C 1850 5.99 -70.38 39.98
N TYR C 1851 5.70 -71.66 40.17
CA TYR C 1851 4.93 -72.11 41.33
C TYR C 1851 5.74 -72.00 42.62
N ASP C 1852 7.01 -72.43 42.58
CA ASP C 1852 7.88 -72.43 43.76
C ASP C 1852 8.22 -71.03 44.26
N VAL C 1853 8.51 -70.08 43.36
CA VAL C 1853 8.87 -68.72 43.74
C VAL C 1853 7.77 -67.79 43.23
N LEU C 1854 7.28 -66.93 44.11
CA LEU C 1854 6.16 -66.05 43.79
C LEU C 1854 6.63 -64.74 43.15
N ASP C 1855 6.24 -64.57 41.89
CA ASP C 1855 6.48 -63.37 41.11
C ASP C 1855 5.09 -62.92 40.69
N HIS C 1856 4.76 -61.66 40.96
CA HIS C 1856 3.41 -61.20 40.68
C HIS C 1856 3.27 -60.38 39.40
N HIS C 1857 4.35 -60.01 38.74
CA HIS C 1857 4.25 -59.40 37.42
C HIS C 1857 4.58 -60.46 36.38
N ASP C 1858 3.63 -60.73 35.49
CA ASP C 1858 3.81 -61.71 34.42
C ASP C 1858 4.47 -61.11 33.19
N LEU C 1859 4.97 -59.87 33.29
CA LEU C 1859 5.73 -59.27 32.21
C LEU C 1859 7.10 -59.91 32.04
N PHE C 1860 7.57 -60.65 33.04
CA PHE C 1860 8.90 -61.24 32.97
C PHE C 1860 8.91 -62.42 31.99
N ARG C 1861 7.91 -63.29 32.08
CA ARG C 1861 7.86 -64.43 31.16
C ARG C 1861 7.50 -63.98 29.75
N PHE C 1862 6.71 -62.92 29.62
CA PHE C 1862 6.46 -62.36 28.30
C PHE C 1862 7.71 -61.68 27.74
N GLU C 1863 8.54 -61.10 28.61
CA GLU C 1863 9.84 -60.57 28.20
C GLU C 1863 10.70 -61.68 27.61
N LEU C 1864 10.74 -62.82 28.30
CA LEU C 1864 11.58 -63.92 27.82
C LEU C 1864 11.04 -64.54 26.53
N LEU C 1865 9.71 -64.59 26.41
CA LEU C 1865 9.10 -65.09 25.18
C LEU C 1865 9.38 -64.17 24.00
N GLN C 1866 9.26 -62.86 24.21
CA GLN C 1866 9.57 -61.91 23.16
C GLN C 1866 11.05 -61.89 22.81
N LEU C 1867 11.92 -62.13 23.79
CA LEU C 1867 13.36 -62.19 23.53
C LEU C 1867 13.73 -63.40 22.67
N SER C 1868 13.07 -64.53 22.95
CA SER C 1868 13.26 -65.69 22.07
C SER C 1868 12.65 -65.45 20.71
N ALA C 1869 11.56 -64.71 20.63
CA ALA C 1869 10.97 -64.42 19.33
C ALA C 1869 11.86 -63.49 18.52
N ILE C 1870 12.59 -62.60 19.20
CA ILE C 1870 13.58 -61.75 18.53
C ILE C 1870 14.67 -62.61 17.92
N PHE C 1871 15.16 -63.59 18.68
CA PHE C 1871 16.23 -64.44 18.15
C PHE C 1871 15.75 -65.37 17.05
N ILE C 1872 14.50 -65.83 17.12
CA ILE C 1872 13.97 -66.71 16.08
C ILE C 1872 13.68 -65.95 14.80
N LYS C 1873 12.98 -64.82 14.91
CA LYS C 1873 12.60 -64.04 13.73
C LYS C 1873 13.78 -63.27 13.14
N ALA C 1874 14.83 -63.02 13.91
CA ALA C 1874 15.91 -62.19 13.38
C ALA C 1874 16.86 -63.01 12.50
N ASP C 1875 17.53 -63.99 13.07
CA ASP C 1875 18.54 -64.71 12.30
C ASP C 1875 18.75 -66.10 12.89
N PRO C 1876 17.97 -67.09 12.48
CA PRO C 1876 18.16 -68.46 12.98
C PRO C 1876 19.15 -69.32 12.19
N GLU C 1877 19.97 -68.74 11.30
CA GLU C 1877 20.90 -69.56 10.53
C GLU C 1877 22.35 -69.42 10.96
N ILE C 1878 22.75 -68.28 11.55
CA ILE C 1878 24.12 -68.14 12.02
C ILE C 1878 24.36 -68.85 13.34
N ILE C 1879 23.29 -69.23 14.04
CA ILE C 1879 23.36 -69.91 15.32
C ILE C 1879 22.75 -71.30 15.15
N ALA C 1880 23.45 -72.32 15.65
CA ALA C 1880 22.97 -73.69 15.46
C ALA C 1880 23.08 -74.58 16.70
N GLU C 1881 23.85 -74.22 17.70
CA GLU C 1881 23.99 -75.04 18.90
C GLU C 1881 23.02 -74.63 20.00
N ILE C 1882 22.21 -73.61 19.77
CA ILE C 1882 21.29 -73.10 20.78
C ILE C 1882 19.87 -73.59 20.58
N LYS C 1883 19.60 -74.28 19.46
CA LYS C 1883 18.23 -74.43 18.97
C LYS C 1883 17.41 -75.40 19.80
N LYS C 1884 18.04 -76.43 20.36
CA LYS C 1884 17.30 -77.36 21.21
C LYS C 1884 16.87 -76.69 22.51
N ASP C 1885 17.75 -75.85 23.08
CA ASP C 1885 17.38 -75.06 24.24
C ASP C 1885 16.27 -74.07 23.92
N ILE C 1886 16.30 -73.50 22.71
CA ILE C 1886 15.28 -72.55 22.28
C ILE C 1886 13.93 -73.23 22.16
N ILE C 1887 13.89 -74.41 21.53
CA ILE C 1887 12.61 -75.06 21.31
C ILE C 1887 12.07 -75.67 22.60
N LYS C 1888 12.94 -76.12 23.51
CA LYS C 1888 12.43 -76.61 24.78
C LYS C 1888 11.96 -75.46 25.66
N PHE C 1889 12.59 -74.28 25.53
CA PHE C 1889 12.16 -73.12 26.28
C PHE C 1889 10.82 -72.59 25.79
N CYS C 1890 10.65 -72.53 24.47
CA CYS C 1890 9.38 -72.06 23.93
C CYS C 1890 8.30 -73.13 24.00
N TRP C 1891 8.67 -74.40 24.20
CA TRP C 1891 7.69 -75.45 24.36
C TRP C 1891 7.26 -75.65 25.81
N ASN C 1892 8.08 -75.25 26.78
CA ASN C 1892 7.65 -75.28 28.17
C ASN C 1892 6.56 -74.27 28.48
N PHE C 1893 6.43 -73.22 27.66
CA PHE C 1893 5.36 -72.24 27.82
C PHE C 1893 4.01 -72.75 27.34
N ILE C 1894 3.97 -73.86 26.59
CA ILE C 1894 2.72 -74.40 26.09
C ILE C 1894 1.85 -74.91 27.24
N LYS C 1895 2.47 -75.57 28.21
CA LYS C 1895 1.78 -76.29 29.26
C LYS C 1895 1.23 -75.40 30.37
N LEU C 1896 1.18 -74.08 30.16
CA LEU C 1896 0.60 -73.20 31.15
C LEU C 1896 -0.92 -73.20 31.03
N GLU C 1897 -1.57 -72.36 31.83
CA GLU C 1897 -3.03 -72.31 31.85
C GLU C 1897 -3.59 -70.97 31.40
N ASP C 1898 -2.77 -69.93 31.31
CA ASP C 1898 -3.24 -68.65 30.79
C ASP C 1898 -3.43 -68.73 29.28
N THR C 1899 -4.04 -67.70 28.70
CA THR C 1899 -4.38 -67.71 27.28
C THR C 1899 -3.43 -66.90 26.41
N LEU C 1900 -3.05 -65.69 26.81
CA LEU C 1900 -2.24 -64.87 25.91
C LEU C 1900 -0.80 -65.35 25.88
N ILE C 1901 -0.29 -65.82 27.02
CA ILE C 1901 1.03 -66.45 27.05
C ILE C 1901 1.04 -67.73 26.23
N LYS C 1902 -0.05 -68.49 26.30
CA LYS C 1902 -0.15 -69.74 25.54
C LYS C 1902 -0.17 -69.47 24.04
N GLN C 1903 -0.93 -68.46 23.60
CA GLN C 1903 -0.97 -68.20 22.17
C GLN C 1903 0.27 -67.47 21.68
N SER C 1904 0.94 -66.70 22.53
CA SER C 1904 2.23 -66.14 22.15
C SER C 1904 3.28 -67.23 22.01
N ALA C 1905 3.21 -68.25 22.87
CA ALA C 1905 4.11 -69.39 22.73
C ALA C 1905 3.80 -70.19 21.48
N TYR C 1906 2.51 -70.33 21.14
CA TYR C 1906 2.14 -70.95 19.88
C TYR C 1906 2.65 -70.16 18.69
N LEU C 1907 2.62 -68.83 18.79
CA LEU C 1907 3.12 -67.97 17.72
C LEU C 1907 4.62 -68.12 17.55
N VAL C 1908 5.36 -68.19 18.65
CA VAL C 1908 6.81 -68.29 18.51
C VAL C 1908 7.25 -69.70 18.08
N THR C 1909 6.51 -70.75 18.48
CA THR C 1909 6.91 -72.06 17.97
C THR C 1909 6.48 -72.26 16.53
N SER C 1910 5.43 -71.55 16.08
CA SER C 1910 5.12 -71.58 14.65
C SER C 1910 6.12 -70.76 13.87
N TYR C 1911 6.66 -69.69 14.45
CA TYR C 1911 7.80 -68.99 13.87
C TYR C 1911 8.98 -69.92 13.65
N PHE C 1912 9.31 -70.72 14.68
CA PHE C 1912 10.44 -71.62 14.56
C PHE C 1912 10.20 -72.71 13.52
N ILE C 1913 9.06 -73.40 13.61
CA ILE C 1913 8.82 -74.50 12.67
C ILE C 1913 8.42 -74.01 11.28
N SER C 1914 8.22 -72.70 11.10
CA SER C 1914 8.20 -72.14 9.76
C SER C 1914 9.59 -71.76 9.28
N LYS C 1915 10.51 -71.44 10.20
CA LYS C 1915 11.87 -71.11 9.78
C LYS C 1915 12.62 -72.36 9.31
N PHE C 1916 12.85 -73.30 10.22
CA PHE C 1916 13.63 -74.51 9.94
C PHE C 1916 13.40 -75.50 11.07
N ASP C 1917 14.10 -76.64 10.99
CA ASP C 1917 14.04 -77.74 11.96
C ASP C 1917 12.61 -78.27 12.08
N PHE C 1918 12.14 -78.84 10.98
CA PHE C 1918 10.74 -79.22 10.83
C PHE C 1918 10.53 -80.64 11.34
N PRO C 1919 9.70 -80.86 12.34
CA PRO C 1919 9.29 -82.22 12.71
C PRO C 1919 8.02 -82.61 11.95
N ILE C 1920 7.68 -83.89 12.08
CA ILE C 1920 6.58 -84.48 11.31
C ILE C 1920 5.29 -84.53 12.11
N LYS C 1921 5.35 -85.02 13.34
CA LYS C 1921 4.14 -85.30 14.09
C LYS C 1921 3.54 -84.05 14.72
N VAL C 1922 4.36 -83.28 15.45
CA VAL C 1922 3.82 -82.25 16.33
C VAL C 1922 3.41 -80.98 15.59
N VAL C 1923 3.75 -80.85 14.31
CA VAL C 1923 3.31 -79.69 13.54
C VAL C 1923 1.81 -79.76 13.28
N THR C 1924 1.28 -80.97 13.05
CA THR C 1924 -0.17 -81.14 12.99
C THR C 1924 -0.80 -80.93 14.35
N GLN C 1925 -0.08 -81.27 15.42
CA GLN C 1925 -0.59 -81.08 16.78
C GLN C 1925 -0.70 -79.60 17.11
N VAL C 1926 0.32 -78.81 16.79
CA VAL C 1926 0.24 -77.38 17.06
C VAL C 1926 -0.73 -76.71 16.10
N PHE C 1927 -0.93 -77.28 14.91
CA PHE C 1927 -1.92 -76.75 13.97
C PHE C 1927 -3.34 -76.93 14.51
N VAL C 1928 -3.69 -78.15 14.91
CA VAL C 1928 -5.03 -78.40 15.43
C VAL C 1928 -5.21 -77.76 16.80
N ALA C 1929 -4.13 -77.52 17.54
CA ALA C 1929 -4.25 -76.76 18.77
C ALA C 1929 -4.45 -75.27 18.49
N LEU C 1930 -3.94 -74.78 17.36
CA LEU C 1930 -4.15 -73.40 16.97
C LEU C 1930 -5.58 -73.15 16.57
N LEU C 1931 -6.14 -74.03 15.74
CA LEU C 1931 -7.49 -73.81 15.24
C LEU C 1931 -8.57 -74.46 16.08
N ARG C 1932 -8.35 -74.62 17.38
CA ARG C 1932 -9.39 -75.15 18.25
C ARG C 1932 -9.38 -74.38 19.57
N SER C 1933 -10.58 -73.97 20.00
CA SER C 1933 -10.83 -73.31 21.28
C SER C 1933 -10.03 -72.02 21.42
N SER C 1934 -10.34 -71.07 20.53
CA SER C 1934 -9.70 -69.76 20.54
C SER C 1934 -10.79 -68.71 20.76
N HIS C 1935 -10.75 -68.03 21.90
CA HIS C 1935 -11.75 -67.05 22.25
C HIS C 1935 -11.33 -65.67 21.77
N VAL C 1936 -12.01 -64.63 22.28
CA VAL C 1936 -11.96 -63.31 21.65
C VAL C 1936 -10.64 -62.58 21.90
N GLU C 1937 -9.97 -62.85 23.02
CA GLU C 1937 -8.79 -62.06 23.38
C GLU C 1937 -7.55 -62.40 22.57
N ALA C 1938 -7.53 -63.51 21.86
CA ALA C 1938 -6.34 -63.96 21.15
C ALA C 1938 -6.66 -64.24 19.68
N ARG C 1939 -7.36 -63.31 19.03
CA ARG C 1939 -7.70 -63.53 17.63
C ARG C 1939 -6.56 -63.12 16.71
N TYR C 1940 -5.90 -62.00 17.02
CA TYR C 1940 -4.80 -61.54 16.19
C TYR C 1940 -3.59 -62.46 16.32
N LEU C 1941 -3.41 -63.06 17.49
CA LEU C 1941 -2.31 -63.99 17.70
C LEU C 1941 -2.48 -65.24 16.86
N VAL C 1942 -3.68 -65.82 16.85
CA VAL C 1942 -3.88 -67.00 16.00
C VAL C 1942 -3.94 -66.62 14.53
N LYS C 1943 -4.29 -65.37 14.19
CA LYS C 1943 -4.23 -64.96 12.79
C LYS C 1943 -2.79 -64.91 12.29
N GLN C 1944 -1.90 -64.29 13.06
CA GLN C 1944 -0.49 -64.26 12.70
C GLN C 1944 0.11 -65.66 12.71
N SER C 1945 -0.31 -66.49 13.68
CA SER C 1945 0.24 -67.83 13.82
C SER C 1945 -0.14 -68.71 12.63
N LEU C 1946 -1.40 -68.65 12.20
CA LEU C 1946 -1.82 -69.45 11.05
C LEU C 1946 -1.24 -68.91 9.75
N ASP C 1947 -1.18 -67.58 9.61
CA ASP C 1947 -0.61 -66.99 8.41
C ASP C 1947 0.89 -67.24 8.28
N VAL C 1948 1.58 -67.52 9.38
CA VAL C 1948 2.97 -67.93 9.29
C VAL C 1948 3.10 -69.44 9.10
N LEU C 1949 2.26 -70.23 9.78
CA LEU C 1949 2.43 -71.67 9.80
C LEU C 1949 1.98 -72.34 8.51
N THR C 1950 0.80 -71.98 7.99
CA THR C 1950 0.23 -72.76 6.88
C THR C 1950 0.93 -72.78 5.52
N PRO C 1951 1.71 -71.77 5.05
CA PRO C 1951 2.34 -71.95 3.73
C PRO C 1951 3.47 -72.95 3.72
N VAL C 1952 4.10 -73.23 4.86
CA VAL C 1952 5.06 -74.32 4.91
C VAL C 1952 4.42 -75.64 5.31
N LEU C 1953 3.26 -75.60 5.99
CA LEU C 1953 2.53 -76.82 6.27
C LEU C 1953 1.95 -77.40 5.00
N HIS C 1954 1.54 -76.54 4.06
CA HIS C 1954 1.06 -77.01 2.77
C HIS C 1954 2.18 -77.67 1.96
N GLU C 1955 3.36 -77.06 1.94
CA GLU C 1955 4.44 -77.58 1.12
C GLU C 1955 5.18 -78.75 1.78
N ARG C 1956 5.02 -78.95 3.09
CA ARG C 1956 5.63 -80.08 3.76
C ARG C 1956 4.64 -81.18 4.11
N MET C 1957 3.34 -80.94 3.90
CA MET C 1957 2.35 -82.00 3.92
C MET C 1957 2.25 -82.68 2.56
N ASN C 1958 2.44 -81.91 1.49
CA ASN C 1958 2.42 -82.42 0.13
C ASN C 1958 3.76 -82.94 -0.33
N ALA C 1959 4.73 -83.09 0.58
CA ALA C 1959 5.96 -83.79 0.22
C ALA C 1959 5.67 -85.26 -0.07
N ALA C 1960 4.77 -85.85 0.70
CA ALA C 1960 4.12 -87.10 0.33
C ALA C 1960 2.74 -86.77 -0.25
N GLY C 1961 2.32 -87.58 -1.23
CA GLY C 1961 1.15 -87.27 -2.03
C GLY C 1961 -0.17 -87.35 -1.31
N THR C 1962 -0.55 -88.57 -0.90
CA THR C 1962 -1.83 -88.84 -0.24
C THR C 1962 -2.12 -88.15 1.11
N PRO C 1963 -1.13 -87.69 1.95
CA PRO C 1963 -1.57 -86.89 3.11
C PRO C 1963 -2.08 -85.50 2.72
N ASP C 1964 -3.39 -85.33 2.84
CA ASP C 1964 -4.03 -84.04 2.69
C ASP C 1964 -5.08 -83.86 3.78
N THR C 1965 -4.79 -84.41 4.97
CA THR C 1965 -5.73 -84.38 6.07
C THR C 1965 -5.82 -83.02 6.75
N TRP C 1966 -4.95 -82.07 6.39
CA TRP C 1966 -4.99 -80.74 6.98
C TRP C 1966 -6.10 -79.87 6.41
N ILE C 1967 -6.88 -80.38 5.46
CA ILE C 1967 -8.13 -79.76 5.07
C ILE C 1967 -9.25 -80.44 5.84
N ASN C 1968 -9.06 -81.72 6.12
CA ASN C 1968 -10.06 -82.47 6.88
C ASN C 1968 -10.11 -82.02 8.33
N TRP C 1969 -8.99 -81.56 8.88
CA TRP C 1969 -9.00 -80.99 10.23
C TRP C 1969 -9.81 -79.70 10.28
N VAL C 1970 -9.65 -78.84 9.27
CA VAL C 1970 -10.41 -77.61 9.20
C VAL C 1970 -11.88 -77.90 9.00
N LYS C 1971 -12.20 -78.94 8.22
CA LYS C 1971 -13.59 -79.32 8.03
C LYS C 1971 -14.21 -79.87 9.31
N ARG C 1972 -13.45 -80.69 10.05
CA ARG C 1972 -13.95 -81.24 11.31
C ARG C 1972 -14.17 -80.16 12.35
N VAL C 1973 -13.25 -79.20 12.46
CA VAL C 1973 -13.46 -78.15 13.46
C VAL C 1973 -14.49 -77.14 12.97
N MET C 1974 -14.71 -77.02 11.67
CA MET C 1974 -15.72 -76.10 11.16
C MET C 1974 -17.11 -76.66 11.38
N VAL C 1975 -17.27 -77.98 11.25
CA VAL C 1975 -18.54 -78.61 11.59
C VAL C 1975 -18.68 -78.91 13.08
N GLU C 1976 -17.62 -78.72 13.86
CA GLU C 1976 -17.74 -78.93 15.30
C GLU C 1976 -18.52 -77.82 15.97
N ASN C 1977 -18.01 -76.59 15.91
CA ASN C 1977 -18.71 -75.44 16.52
C ASN C 1977 -19.60 -74.77 15.48
N SER C 1978 -20.61 -75.51 15.03
CA SER C 1978 -21.44 -75.08 13.92
C SER C 1978 -22.38 -73.97 14.33
N SER C 1979 -22.54 -73.00 13.42
CA SER C 1979 -23.50 -71.88 13.53
C SER C 1979 -23.27 -71.03 14.77
N SER C 1980 -22.02 -70.92 15.20
CA SER C 1980 -21.67 -70.14 16.37
C SER C 1980 -20.73 -69.01 15.97
N GLN C 1981 -20.35 -68.20 16.96
CA GLN C 1981 -19.54 -67.02 16.67
C GLN C 1981 -18.09 -67.38 16.41
N ASN C 1982 -17.61 -68.46 17.02
CA ASN C 1982 -16.20 -68.84 16.88
C ASN C 1982 -15.88 -69.44 15.52
N ASN C 1983 -16.89 -69.75 14.71
CA ASN C 1983 -16.66 -70.25 13.36
C ASN C 1983 -16.13 -69.17 12.43
N ILE C 1984 -16.38 -67.89 12.74
CA ILE C 1984 -16.02 -66.76 11.88
C ILE C 1984 -14.51 -66.65 11.71
N LEU C 1985 -13.75 -67.04 12.74
CA LEU C 1985 -12.30 -67.11 12.64
C LEU C 1985 -11.86 -68.09 11.56
N TYR C 1986 -12.55 -69.22 11.46
CA TYR C 1986 -12.29 -70.13 10.35
C TYR C 1986 -12.86 -69.64 9.04
N GLN C 1987 -13.91 -68.81 9.10
CA GLN C 1987 -14.51 -68.30 7.88
C GLN C 1987 -13.59 -67.32 7.17
N PHE C 1988 -12.84 -66.51 7.92
CA PHE C 1988 -11.78 -65.75 7.27
C PHE C 1988 -10.39 -66.34 7.53
N LEU C 1989 -10.32 -67.60 7.95
CA LEU C 1989 -9.08 -68.34 7.76
C LEU C 1989 -8.92 -68.71 6.29
N ILE C 1990 -9.97 -69.23 5.66
CA ILE C 1990 -9.88 -69.65 4.27
C ILE C 1990 -9.93 -68.48 3.30
N SER C 1991 -10.11 -67.26 3.79
CA SER C 1991 -10.16 -66.09 2.92
C SER C 1991 -8.84 -65.37 2.79
N HIS C 1992 -7.94 -65.48 3.78
CA HIS C 1992 -6.71 -64.71 3.64
C HIS C 1992 -5.71 -65.42 2.72
N PRO C 1993 -5.44 -66.76 2.84
CA PRO C 1993 -4.91 -67.46 1.66
C PRO C 1993 -6.00 -68.16 0.88
N ASP C 1994 -5.89 -68.15 -0.45
CA ASP C 1994 -6.87 -68.81 -1.30
C ASP C 1994 -6.27 -69.81 -2.27
N LEU C 1995 -4.98 -69.73 -2.56
CA LEU C 1995 -4.35 -70.62 -3.54
C LEU C 1995 -4.14 -72.03 -3.01
N PHE C 1996 -4.31 -72.24 -1.71
CA PHE C 1996 -4.31 -73.59 -1.13
C PHE C 1996 -5.70 -74.18 -1.08
N PHE C 1997 -6.59 -73.74 -1.97
CA PHE C 1997 -7.98 -74.15 -1.98
C PHE C 1997 -8.37 -74.34 -3.44
N ASN C 1998 -9.69 -74.33 -3.71
CA ASN C 1998 -10.29 -74.85 -4.95
C ASN C 1998 -9.87 -76.30 -5.16
N SER C 1999 -9.87 -77.06 -4.06
CA SER C 1999 -9.72 -78.49 -4.09
C SER C 1999 -10.82 -79.17 -3.32
N ARG C 2000 -11.73 -78.40 -2.71
CA ARG C 2000 -12.88 -78.94 -2.02
C ARG C 2000 -14.13 -78.18 -2.46
N ASP C 2001 -15.29 -78.79 -2.20
CA ASP C 2001 -16.56 -78.23 -2.63
C ASP C 2001 -17.60 -78.14 -1.54
N LEU C 2002 -17.46 -78.87 -0.43
CA LEU C 2002 -18.38 -78.71 0.70
C LEU C 2002 -18.12 -77.41 1.44
N PHE C 2003 -16.91 -76.86 1.29
CA PHE C 2003 -16.59 -75.51 1.74
C PHE C 2003 -17.54 -74.48 1.15
N ILE C 2004 -17.95 -74.67 -0.10
CA ILE C 2004 -18.80 -73.69 -0.80
C ILE C 2004 -20.18 -73.63 -0.18
N SER C 2005 -20.81 -74.79 0.02
CA SER C 2005 -22.10 -74.83 0.68
C SER C 2005 -22.02 -74.37 2.13
N ASN C 2006 -20.90 -74.67 2.79
CA ASN C 2006 -20.70 -74.23 4.17
C ASN C 2006 -20.64 -72.72 4.27
N ILE C 2007 -19.86 -72.07 3.40
CA ILE C 2007 -19.73 -70.62 3.49
C ILE C 2007 -20.97 -69.92 2.98
N ILE C 2008 -21.72 -70.54 2.06
CA ILE C 2008 -22.97 -69.95 1.59
C ILE C 2008 -24.01 -69.97 2.71
N HIS C 2009 -24.12 -71.10 3.41
CA HIS C 2009 -25.02 -71.16 4.55
C HIS C 2009 -24.57 -70.25 5.68
N HIS C 2010 -23.25 -70.08 5.86
CA HIS C 2010 -22.77 -69.20 6.92
C HIS C 2010 -23.06 -67.74 6.62
N MET C 2011 -22.89 -67.31 5.37
CA MET C 2011 -23.19 -65.92 5.06
C MET C 2011 -24.69 -65.68 5.05
N ASN C 2012 -25.49 -66.69 4.68
CA ASN C 2012 -26.93 -66.54 4.74
C ASN C 2012 -27.46 -66.53 6.16
N LYS C 2013 -26.73 -67.13 7.11
CA LYS C 2013 -27.12 -67.04 8.50
C LYS C 2013 -26.54 -65.84 9.21
N ILE C 2014 -25.44 -65.27 8.72
CA ILE C 2014 -24.80 -64.13 9.38
C ILE C 2014 -25.26 -62.80 8.81
N THR C 2015 -25.96 -62.80 7.67
CA THR C 2015 -26.50 -61.54 7.16
C THR C 2015 -27.63 -60.99 8.03
N PHE C 2016 -28.28 -61.82 8.83
CA PHE C 2016 -29.35 -61.35 9.72
C PHE C 2016 -29.35 -62.13 11.03
N SER C 2022 -26.71 -56.74 11.43
CA SER C 2022 -25.61 -56.64 12.37
C SER C 2022 -24.52 -55.72 11.83
N ASP C 2023 -23.26 -56.07 12.12
CA ASP C 2023 -22.12 -55.31 11.64
C ASP C 2023 -21.08 -56.15 10.91
N SER C 2024 -21.27 -57.47 10.86
CA SER C 2024 -20.31 -58.36 10.23
C SER C 2024 -20.62 -58.61 8.76
N HIS C 2025 -21.35 -57.70 8.11
CA HIS C 2025 -21.67 -57.82 6.69
C HIS C 2025 -20.41 -57.81 5.85
N THR C 2026 -19.40 -57.04 6.26
CA THR C 2026 -18.11 -57.02 5.59
C THR C 2026 -17.39 -58.35 5.66
N LEU C 2027 -17.75 -59.22 6.60
CA LEU C 2027 -17.26 -60.59 6.54
C LEU C 2027 -17.86 -61.32 5.34
N ALA C 2028 -19.19 -61.23 5.19
CA ALA C 2028 -19.91 -62.09 4.26
C ALA C 2028 -19.57 -61.78 2.82
N ILE C 2029 -19.34 -60.50 2.51
CA ILE C 2029 -18.90 -60.10 1.18
C ILE C 2029 -17.55 -60.71 0.87
N ASP C 2030 -16.64 -60.74 1.86
CA ASP C 2030 -15.36 -61.42 1.66
C ASP C 2030 -15.53 -62.93 1.59
N LEU C 2031 -16.66 -63.46 2.04
CA LEU C 2031 -16.97 -64.85 1.70
C LEU C 2031 -17.31 -64.96 0.22
N ALA C 2032 -18.18 -64.06 -0.27
CA ALA C 2032 -18.61 -64.13 -1.67
C ALA C 2032 -17.46 -63.81 -2.61
N SER C 2033 -16.61 -62.86 -2.24
CA SER C 2033 -15.40 -62.56 -2.99
C SER C 2033 -14.41 -63.71 -2.98
N LEU C 2034 -14.54 -64.65 -2.03
CA LEU C 2034 -13.79 -65.89 -2.13
C LEU C 2034 -14.31 -66.74 -3.27
N ILE C 2035 -15.63 -66.85 -3.39
CA ILE C 2035 -16.27 -67.84 -4.28
C ILE C 2035 -15.95 -67.52 -5.73
N LEU C 2036 -16.05 -66.25 -6.11
CA LEU C 2036 -15.68 -65.82 -7.45
C LEU C 2036 -14.20 -66.05 -7.72
N TYR C 2037 -13.37 -65.90 -6.70
CA TYR C 2037 -11.95 -66.20 -6.86
C TYR C 2037 -11.70 -67.68 -7.08
N TRP C 2038 -12.62 -68.54 -6.64
CA TRP C 2038 -12.51 -69.93 -7.02
C TRP C 2038 -13.00 -70.15 -8.46
N GLU C 2039 -14.03 -69.40 -8.87
CA GLU C 2039 -14.61 -69.61 -10.20
C GLU C 2039 -13.64 -69.17 -11.28
N ASN C 2040 -13.00 -68.02 -11.10
CA ASN C 2040 -11.92 -67.62 -11.99
C ASN C 2040 -10.69 -68.50 -11.83
N LYS C 2041 -10.60 -69.26 -10.74
CA LYS C 2041 -9.58 -70.28 -10.65
C LYS C 2041 -9.84 -71.44 -11.60
N THR C 2042 -11.11 -71.67 -11.99
CA THR C 2042 -11.41 -72.75 -12.92
C THR C 2042 -10.97 -72.40 -14.34
N LEU C 2043 -10.92 -71.12 -14.67
CA LEU C 2043 -10.53 -70.70 -16.00
C LEU C 2043 -9.04 -70.42 -16.08
N SER C 2089 -21.89 -75.54 -7.40
CA SER C 2089 -22.78 -76.58 -7.89
C SER C 2089 -23.92 -75.97 -8.72
N LEU C 2090 -25.16 -76.37 -8.42
CA LEU C 2090 -26.31 -75.88 -9.15
C LEU C 2090 -27.28 -75.12 -8.28
N HIS C 2091 -27.74 -75.72 -7.16
CA HIS C 2091 -28.68 -75.04 -6.28
C HIS C 2091 -28.02 -73.90 -5.52
N LEU C 2092 -26.73 -74.05 -5.23
CA LEU C 2092 -26.00 -73.02 -4.50
C LEU C 2092 -25.81 -71.76 -5.31
N ARG C 2093 -25.88 -71.86 -6.64
CA ARG C 2093 -25.83 -70.69 -7.50
C ARG C 2093 -27.02 -69.76 -7.23
N GLU C 2094 -28.23 -70.30 -7.31
CA GLU C 2094 -29.40 -69.47 -7.04
C GLU C 2094 -29.49 -69.11 -5.56
N ALA C 2095 -28.91 -69.93 -4.67
CA ALA C 2095 -28.84 -69.57 -3.25
C ALA C 2095 -28.00 -68.31 -3.03
N CYS C 2096 -26.79 -68.28 -3.60
CA CYS C 2096 -25.93 -67.12 -3.36
C CYS C 2096 -26.38 -65.89 -4.12
N THR C 2097 -26.98 -66.06 -5.31
CA THR C 2097 -27.54 -64.89 -5.98
C THR C 2097 -28.77 -64.35 -5.27
N ALA C 2098 -29.58 -65.22 -4.66
CA ALA C 2098 -30.70 -64.73 -3.86
C ALA C 2098 -30.21 -64.01 -2.61
N PHE C 2099 -29.11 -64.50 -2.02
CA PHE C 2099 -28.50 -63.79 -0.90
C PHE C 2099 -27.99 -62.42 -1.31
N LEU C 2100 -27.34 -62.33 -2.48
CA LEU C 2100 -26.78 -61.06 -2.95
C LEU C 2100 -27.89 -60.05 -3.25
N ILE C 2101 -28.96 -60.50 -3.91
CA ILE C 2101 -30.08 -59.62 -4.22
C ILE C 2101 -30.78 -59.17 -2.94
N ARG C 2102 -30.98 -60.09 -2.00
CA ARG C 2102 -31.63 -59.72 -0.74
C ARG C 2102 -30.76 -58.80 0.10
N TYR C 2103 -29.44 -58.94 0.02
CA TYR C 2103 -28.57 -58.03 0.76
C TYR C 2103 -28.55 -56.65 0.14
N VAL C 2104 -28.55 -56.56 -1.19
CA VAL C 2104 -28.48 -55.23 -1.79
C VAL C 2104 -29.83 -54.52 -1.75
N CYS C 2105 -30.94 -55.26 -1.71
CA CYS C 2105 -32.23 -54.62 -1.48
C CYS C 2105 -32.59 -54.52 -0.01
N ALA C 2106 -31.78 -55.09 0.88
CA ALA C 2106 -32.03 -54.93 2.31
C ALA C 2106 -31.67 -53.54 2.80
N SER C 2107 -30.69 -52.90 2.18
CA SER C 2107 -30.28 -51.57 2.58
C SER C 2107 -31.20 -50.52 1.99
N GLU C 2115 -19.36 -48.57 -1.63
CA GLU C 2115 -18.78 -48.97 -0.35
C GLU C 2115 -18.41 -50.44 -0.44
N LEU C 2116 -19.30 -51.27 0.08
CA LEU C 2116 -19.25 -52.71 -0.09
C LEU C 2116 -20.48 -53.25 -0.81
N GLY C 2117 -21.59 -52.51 -0.77
CA GLY C 2117 -22.72 -52.84 -1.62
C GLY C 2117 -22.40 -52.73 -3.09
N LEU C 2118 -21.54 -51.77 -3.45
CA LEU C 2118 -21.08 -51.67 -4.83
C LEU C 2118 -20.19 -52.85 -5.20
N ARG C 2119 -19.43 -53.37 -4.23
CA ARG C 2119 -18.68 -54.61 -4.46
C ARG C 2119 -19.62 -55.78 -4.67
N ALA C 2120 -20.74 -55.80 -3.94
CA ALA C 2120 -21.76 -56.83 -4.17
C ALA C 2120 -22.38 -56.69 -5.56
N ILE C 2121 -22.57 -55.45 -6.03
CA ILE C 2121 -23.08 -55.19 -7.37
C ILE C 2121 -22.13 -55.74 -8.42
N ASN C 2122 -20.84 -55.43 -8.29
CA ASN C 2122 -19.85 -55.88 -9.25
C ASN C 2122 -19.70 -57.39 -9.25
N ILE C 2123 -19.77 -58.00 -8.06
CA ILE C 2123 -19.59 -59.44 -8.02
C ILE C 2123 -20.83 -60.18 -8.53
N LEU C 2124 -22.02 -59.59 -8.40
CA LEU C 2124 -23.18 -60.24 -8.98
C LEU C 2124 -23.20 -60.06 -10.49
N SER C 2125 -22.75 -58.91 -10.96
CA SER C 2125 -22.64 -58.67 -12.40
C SER C 2125 -21.63 -59.58 -13.07
N GLU C 2126 -20.54 -59.93 -12.38
CA GLU C 2126 -19.62 -60.90 -12.98
C GLU C 2126 -20.15 -62.32 -12.80
N LEU C 2127 -20.96 -62.56 -11.77
CA LEU C 2127 -21.40 -63.92 -11.46
C LEU C 2127 -22.57 -64.38 -12.34
N ILE C 2128 -23.41 -63.45 -12.80
CA ILE C 2128 -24.56 -63.85 -13.63
C ILE C 2128 -24.09 -64.39 -14.98
N SER C 2129 -23.04 -63.79 -15.55
CA SER C 2129 -22.54 -64.21 -16.85
C SER C 2129 -21.84 -65.58 -16.85
N ASP C 2130 -21.61 -66.19 -15.69
CA ASP C 2130 -21.03 -67.51 -15.62
C ASP C 2130 -22.10 -68.59 -15.50
N VAL C 2138 -32.23 -64.62 -8.19
CA VAL C 2138 -33.12 -65.50 -8.91
C VAL C 2138 -33.38 -64.89 -10.29
N LYS C 2139 -33.59 -65.73 -11.30
CA LYS C 2139 -33.81 -65.28 -12.66
C LYS C 2139 -35.29 -65.05 -12.98
N LEU C 2140 -36.12 -64.80 -11.97
CA LEU C 2140 -37.52 -64.48 -12.15
C LEU C 2140 -37.82 -63.15 -11.48
N VAL C 2141 -38.97 -62.58 -11.82
CA VAL C 2141 -39.37 -61.28 -11.28
C VAL C 2141 -39.78 -61.45 -9.83
N TYR C 2142 -38.94 -60.97 -8.92
CA TYR C 2142 -39.17 -61.03 -7.48
C TYR C 2142 -39.42 -59.65 -6.88
N PHE C 2143 -39.14 -58.59 -7.63
CA PHE C 2143 -39.12 -57.23 -7.13
C PHE C 2143 -40.49 -56.56 -7.08
N GLU C 2144 -41.58 -57.33 -7.09
CA GLU C 2144 -42.91 -56.73 -7.00
C GLU C 2144 -43.19 -56.17 -5.62
N LYS C 2145 -42.53 -56.68 -4.58
CA LYS C 2145 -42.69 -56.12 -3.25
C LYS C 2145 -41.86 -54.86 -3.05
N PHE C 2146 -40.88 -54.62 -3.90
CA PHE C 2146 -40.07 -53.41 -3.83
C PHE C 2146 -40.62 -52.36 -4.78
N SER C 2154 -40.41 -42.34 3.45
CA SER C 2154 -40.17 -43.66 4.03
C SER C 2154 -38.99 -44.34 3.36
N GLU C 2155 -38.74 -45.60 3.73
CA GLU C 2155 -37.67 -46.38 3.13
C GLU C 2155 -38.10 -47.07 1.84
N ASN C 2156 -39.35 -46.88 1.42
CA ASN C 2156 -39.83 -47.45 0.16
C ASN C 2156 -39.11 -46.84 -1.03
N ILE C 2157 -38.76 -45.56 -0.97
CA ILE C 2157 -38.01 -44.95 -2.05
C ILE C 2157 -36.57 -45.44 -2.07
N LEU C 2158 -36.01 -45.78 -0.90
CA LEU C 2158 -34.67 -46.35 -0.88
C LEU C 2158 -34.66 -47.77 -1.44
N TYR C 2159 -35.71 -48.53 -1.14
CA TYR C 2159 -35.86 -49.84 -1.75
C TYR C 2159 -36.10 -49.73 -3.25
N TYR C 2160 -36.80 -48.67 -3.68
CA TYR C 2160 -36.98 -48.42 -5.11
C TYR C 2160 -35.65 -48.15 -5.80
N CYS C 2161 -34.79 -47.34 -5.18
CA CYS C 2161 -33.48 -47.04 -5.77
C CYS C 2161 -32.58 -48.26 -5.80
N MET C 2162 -32.56 -49.05 -4.73
CA MET C 2162 -31.75 -50.27 -4.72
C MET C 2162 -32.27 -51.30 -5.72
N ASN C 2163 -33.61 -51.37 -5.88
CA ASN C 2163 -34.20 -52.21 -6.90
C ASN C 2163 -33.83 -51.73 -8.30
N ALA C 2164 -33.75 -50.41 -8.49
CA ALA C 2164 -33.37 -49.86 -9.78
C ALA C 2164 -31.92 -50.18 -10.12
N LEU C 2165 -31.03 -50.06 -9.12
CA LEU C 2165 -29.64 -50.45 -9.32
C LEU C 2165 -29.50 -51.94 -9.58
N ASP C 2166 -30.38 -52.76 -8.99
CA ASP C 2166 -30.30 -54.19 -9.26
C ASP C 2166 -30.78 -54.51 -10.67
N VAL C 2167 -31.89 -53.89 -11.09
CA VAL C 2167 -32.45 -54.21 -12.40
C VAL C 2167 -31.68 -53.56 -13.53
N LEU C 2168 -30.78 -52.62 -13.23
CA LEU C 2168 -29.87 -52.12 -14.26
C LEU C 2168 -29.04 -53.25 -14.87
N TYR C 2169 -28.35 -54.02 -14.04
CA TYR C 2169 -27.51 -55.07 -14.59
C TYR C 2169 -28.21 -56.41 -14.70
N VAL C 2170 -29.24 -56.69 -13.88
CA VAL C 2170 -29.82 -58.03 -13.97
C VAL C 2170 -30.72 -58.14 -15.20
N PHE C 2171 -31.09 -57.02 -15.82
CA PHE C 2171 -31.64 -57.04 -17.17
C PHE C 2171 -30.56 -56.96 -18.22
N PHE C 2172 -29.41 -56.38 -17.88
CA PHE C 2172 -28.31 -56.23 -18.84
C PHE C 2172 -27.55 -57.54 -19.04
N LYS C 2173 -27.52 -58.39 -18.01
CA LYS C 2173 -26.64 -59.55 -18.02
C LYS C 2173 -27.33 -60.84 -18.46
N ASN C 2174 -28.64 -60.83 -18.69
CA ASN C 2174 -29.32 -61.99 -19.25
C ASN C 2174 -29.81 -61.68 -20.65
N LYS C 2175 -29.96 -62.74 -21.44
CA LYS C 2175 -30.35 -62.70 -22.86
C LYS C 2175 -29.44 -61.77 -23.65
N THR C 2176 -28.13 -62.06 -23.59
CA THR C 2176 -27.10 -61.14 -24.06
C THR C 2176 -26.88 -61.28 -25.56
N LYS C 2177 -27.96 -61.04 -26.30
CA LYS C 2177 -27.94 -60.85 -27.74
C LYS C 2177 -28.94 -59.78 -28.16
N GLU C 2178 -29.21 -58.84 -27.25
CA GLU C 2178 -30.29 -57.85 -27.33
C GLU C 2178 -31.63 -58.56 -27.55
N TRP C 2179 -32.00 -59.36 -26.55
CA TRP C 2179 -33.15 -60.26 -26.63
C TRP C 2179 -34.16 -59.96 -25.53
N ILE C 2180 -34.24 -58.71 -25.08
CA ILE C 2180 -35.19 -58.33 -24.02
C ILE C 2180 -36.47 -57.90 -24.73
N MET C 2181 -37.26 -58.89 -25.13
CA MET C 2181 -38.62 -58.61 -25.59
C MET C 2181 -39.66 -59.58 -25.05
N GLU C 2182 -39.27 -60.76 -24.58
CA GLU C 2182 -40.24 -61.76 -24.15
C GLU C 2182 -40.84 -61.39 -22.80
N ASN C 2183 -40.07 -60.75 -21.94
CA ASN C 2183 -40.52 -60.34 -20.62
C ASN C 2183 -40.97 -58.89 -20.58
N LEU C 2184 -41.22 -58.27 -21.74
CA LEU C 2184 -41.63 -56.87 -21.78
C LEU C 2184 -42.95 -56.54 -21.10
N PRO C 2185 -44.02 -57.35 -21.14
CA PRO C 2185 -45.19 -57.01 -20.31
C PRO C 2185 -44.92 -57.11 -18.83
N THR C 2186 -44.16 -58.12 -18.40
CA THR C 2186 -43.88 -58.30 -16.98
C THR C 2186 -43.03 -57.17 -16.43
N ILE C 2187 -41.95 -56.82 -17.13
CA ILE C 2187 -41.13 -55.70 -16.69
C ILE C 2187 -41.84 -54.37 -16.93
N GLN C 2188 -42.81 -54.34 -17.85
CA GLN C 2188 -43.59 -53.11 -18.04
C GLN C 2188 -44.49 -52.85 -16.85
N ASN C 2189 -45.20 -53.89 -16.38
CA ASN C 2189 -45.98 -53.75 -15.15
C ASN C 2189 -45.08 -53.63 -13.92
N LEU C 2190 -43.82 -54.07 -13.99
CA LEU C 2190 -42.91 -53.86 -12.89
C LEU C 2190 -42.48 -52.39 -12.80
N LEU C 2191 -42.16 -51.77 -13.93
CA LEU C 2191 -41.67 -50.40 -13.93
C LEU C 2191 -42.77 -49.35 -14.11
N GLU C 2192 -44.03 -49.76 -14.27
CA GLU C 2192 -45.11 -48.76 -14.33
C GLU C 2192 -45.29 -48.02 -13.01
N LYS C 2193 -44.92 -48.64 -11.89
CA LYS C 2193 -45.06 -47.96 -10.60
C LYS C 2193 -43.87 -47.08 -10.27
N CYS C 2194 -42.86 -46.97 -11.15
CA CYS C 2194 -41.75 -46.06 -10.93
C CYS C 2194 -41.39 -45.20 -12.13
N ILE C 2195 -42.00 -45.39 -13.31
CA ILE C 2195 -41.88 -44.38 -14.34
C ILE C 2195 -42.88 -43.26 -14.12
N LYS C 2196 -43.92 -43.50 -13.32
CA LYS C 2196 -44.82 -42.47 -12.84
C LYS C 2196 -44.49 -42.07 -11.42
N SER C 2197 -43.21 -42.12 -11.04
CA SER C 2197 -42.82 -41.92 -9.66
C SER C 2197 -42.88 -40.44 -9.27
N ASP C 2198 -42.09 -39.61 -9.94
CA ASP C 2198 -41.87 -38.22 -9.53
C ASP C 2198 -43.09 -37.38 -9.88
N HIS C 2199 -44.11 -37.53 -9.04
CA HIS C 2199 -45.26 -36.61 -9.01
C HIS C 2199 -45.27 -35.75 -7.77
N HIS C 2200 -44.90 -36.32 -6.62
CA HIS C 2200 -44.80 -35.55 -5.38
C HIS C 2200 -43.60 -35.98 -4.52
N ASP C 2201 -42.73 -36.85 -5.01
CA ASP C 2201 -41.62 -37.38 -4.23
C ASP C 2201 -40.30 -36.99 -4.90
N VAL C 2202 -39.21 -37.61 -4.41
CA VAL C 2202 -37.85 -37.18 -4.73
C VAL C 2202 -37.48 -37.51 -6.17
N GLN C 2203 -36.37 -36.93 -6.63
CA GLN C 2203 -35.89 -37.06 -8.00
C GLN C 2203 -35.00 -38.29 -8.21
N GLU C 2204 -34.48 -38.86 -7.12
CA GLU C 2204 -33.48 -39.92 -7.22
C GLU C 2204 -34.05 -41.20 -7.82
N ALA C 2205 -35.36 -41.42 -7.65
CA ALA C 2205 -36.00 -42.59 -8.25
C ALA C 2205 -35.93 -42.55 -9.78
N LEU C 2206 -36.30 -41.42 -10.38
CA LEU C 2206 -36.19 -41.29 -11.83
C LEU C 2206 -34.75 -41.19 -12.28
N GLN C 2207 -33.91 -40.48 -11.51
CA GLN C 2207 -32.51 -40.32 -11.88
C GLN C 2207 -31.72 -41.61 -11.80
N LYS C 2208 -32.20 -42.60 -11.05
CA LYS C 2208 -31.56 -43.90 -11.01
C LYS C 2208 -32.29 -44.98 -11.79
N VAL C 2209 -33.55 -44.76 -12.20
CA VAL C 2209 -34.22 -45.71 -13.09
C VAL C 2209 -33.97 -45.32 -14.54
N LEU C 2210 -33.37 -44.14 -14.77
CA LEU C 2210 -33.05 -43.68 -16.13
C LEU C 2210 -32.10 -44.63 -16.85
N GLN C 2211 -31.17 -45.25 -16.13
CA GLN C 2211 -30.21 -46.14 -16.77
C GLN C 2211 -30.85 -47.44 -17.24
N VAL C 2212 -31.75 -48.01 -16.44
CA VAL C 2212 -32.37 -49.25 -16.86
C VAL C 2212 -33.45 -48.99 -17.92
N ILE C 2213 -34.07 -47.81 -17.92
CA ILE C 2213 -34.91 -47.46 -19.07
C ILE C 2213 -34.07 -47.29 -20.33
N MET C 2214 -32.88 -46.68 -20.20
CA MET C 2214 -31.99 -46.51 -21.34
C MET C 2214 -31.47 -47.84 -21.86
N LYS C 2215 -31.38 -48.85 -21.00
CA LYS C 2215 -31.04 -50.19 -21.48
C LYS C 2215 -32.25 -50.91 -22.05
N ALA C 2216 -33.44 -50.66 -21.52
CA ALA C 2216 -34.61 -51.41 -21.95
C ALA C 2216 -35.17 -50.93 -23.28
N ILE C 2217 -35.02 -49.64 -23.59
CA ILE C 2217 -35.64 -49.12 -24.81
C ILE C 2217 -34.70 -49.16 -26.01
N LYS C 2218 -33.58 -49.87 -25.89
CA LYS C 2218 -32.78 -50.22 -27.05
C LYS C 2218 -33.01 -51.70 -27.32
N ALA C 2219 -33.86 -51.99 -28.30
CA ALA C 2219 -34.14 -53.34 -28.75
C ALA C 2219 -34.11 -53.41 -30.27
N GLN C 2220 -33.11 -52.76 -30.85
CA GLN C 2220 -32.88 -52.65 -32.30
C GLN C 2220 -34.07 -52.02 -33.04
N GLY C 2221 -34.88 -51.22 -32.34
CA GLY C 2221 -36.06 -50.63 -32.95
C GLY C 2221 -37.14 -51.66 -33.24
N VAL C 2222 -38.25 -51.16 -33.78
CA VAL C 2222 -39.34 -52.00 -34.27
C VAL C 2222 -39.49 -51.73 -35.76
N SER C 2223 -38.78 -52.52 -36.58
CA SER C 2223 -38.96 -52.53 -38.02
C SER C 2223 -39.00 -53.95 -38.59
N VAL C 2224 -38.47 -54.93 -37.89
CA VAL C 2224 -38.57 -56.33 -38.30
C VAL C 2224 -39.34 -57.16 -37.27
N ILE C 2225 -39.45 -56.71 -36.03
CA ILE C 2225 -40.07 -57.47 -34.97
C ILE C 2225 -41.52 -57.01 -34.81
N ILE C 2226 -42.29 -57.77 -34.04
CA ILE C 2226 -43.70 -57.44 -33.78
C ILE C 2226 -43.78 -56.18 -32.91
N GLU C 2227 -44.92 -55.50 -32.98
CA GLU C 2227 -45.15 -54.27 -32.23
C GLU C 2227 -45.35 -54.61 -30.75
N GLU C 2228 -44.23 -54.80 -30.07
CA GLU C 2228 -44.22 -55.06 -28.63
C GLU C 2228 -43.49 -53.96 -27.86
N GLU C 2229 -42.36 -53.48 -28.40
CA GLU C 2229 -41.74 -52.29 -27.85
C GLU C 2229 -42.49 -51.02 -28.24
N SER C 2230 -43.25 -51.07 -29.34
CA SER C 2230 -44.03 -49.93 -29.81
C SER C 2230 -45.17 -49.51 -28.88
N PRO C 2231 -45.96 -50.41 -28.25
CA PRO C 2231 -46.91 -49.92 -27.24
C PRO C 2231 -46.23 -49.34 -26.02
N GLY C 2232 -45.05 -49.85 -25.64
CA GLY C 2232 -44.30 -49.22 -24.57
C GLY C 2232 -43.80 -47.84 -24.94
N LYS C 2233 -43.42 -47.66 -26.21
CA LYS C 2233 -42.99 -46.33 -26.67
C LYS C 2233 -44.13 -45.34 -26.70
N THR C 2234 -45.29 -45.76 -27.21
CA THR C 2234 -46.47 -44.88 -27.17
C THR C 2234 -46.92 -44.60 -25.75
N PHE C 2235 -46.79 -45.59 -24.86
CA PHE C 2235 -47.18 -45.39 -23.47
C PHE C 2235 -46.25 -44.41 -22.76
N ILE C 2236 -44.94 -44.52 -22.99
CA ILE C 2236 -44.04 -43.60 -22.31
C ILE C 2236 -44.10 -42.21 -22.95
N GLN C 2237 -44.46 -42.12 -24.25
CA GLN C 2237 -44.58 -40.79 -24.82
C GLN C 2237 -45.88 -40.10 -24.39
N MET C 2238 -46.97 -40.86 -24.18
CA MET C 2238 -48.14 -40.21 -23.62
C MET C 2238 -47.96 -39.91 -22.14
N LEU C 2239 -47.09 -40.66 -21.44
CA LEU C 2239 -46.73 -40.27 -20.08
C LEU C 2239 -45.97 -38.96 -20.03
N THR C 2240 -45.01 -38.78 -20.95
CA THR C 2240 -44.31 -37.50 -21.03
C THR C 2240 -45.26 -36.37 -21.39
N SER C 2241 -46.24 -36.67 -22.25
CA SER C 2241 -47.27 -35.68 -22.59
C SER C 2241 -48.08 -35.28 -21.37
N VAL C 2242 -48.64 -36.25 -20.65
CA VAL C 2242 -49.53 -35.93 -19.53
C VAL C 2242 -48.76 -35.39 -18.33
N ILE C 2243 -47.44 -35.61 -18.25
CA ILE C 2243 -46.69 -35.00 -17.16
C ILE C 2243 -46.19 -33.62 -17.56
N THR C 2244 -46.10 -33.33 -18.87
CA THR C 2244 -45.79 -31.98 -19.31
C THR C 2244 -47.01 -31.09 -19.42
N GLN C 2245 -48.22 -31.64 -19.36
CA GLN C 2245 -49.39 -30.77 -19.16
C GLN C 2245 -49.47 -30.25 -17.73
N ASP C 2246 -48.74 -30.85 -16.79
CA ASP C 2246 -48.70 -30.37 -15.41
C ASP C 2246 -47.49 -29.47 -15.30
N LEU C 2247 -47.73 -28.17 -15.13
CA LEU C 2247 -46.65 -27.20 -15.03
C LEU C 2247 -46.79 -26.32 -13.78
N GLN C 2248 -47.48 -26.81 -12.75
CA GLN C 2248 -47.76 -25.97 -11.59
C GLN C 2248 -46.69 -26.06 -10.50
N GLU C 2249 -45.90 -27.13 -10.47
CA GLU C 2249 -44.82 -27.25 -9.51
C GLU C 2249 -43.58 -27.76 -10.22
N THR C 2250 -42.45 -27.75 -9.51
CA THR C 2250 -41.17 -28.11 -10.07
C THR C 2250 -40.88 -29.62 -9.98
N SER C 2251 -41.92 -30.45 -9.89
CA SER C 2251 -41.76 -31.90 -9.85
C SER C 2251 -42.21 -32.59 -11.12
N SER C 2252 -43.25 -32.08 -11.78
CA SER C 2252 -43.73 -32.70 -13.01
C SER C 2252 -42.87 -32.36 -14.22
N VAL C 2253 -42.04 -31.33 -14.13
CA VAL C 2253 -41.25 -30.92 -15.29
C VAL C 2253 -40.00 -31.75 -15.49
N THR C 2254 -39.65 -32.59 -14.52
CA THR C 2254 -38.43 -33.39 -14.63
C THR C 2254 -38.66 -34.71 -15.36
N ALA C 2255 -39.82 -35.33 -15.13
CA ALA C 2255 -40.11 -36.64 -15.71
C ALA C 2255 -40.20 -36.56 -17.23
N GLY C 2256 -40.86 -35.53 -17.75
CA GLY C 2256 -41.00 -35.37 -19.17
C GLY C 2256 -39.69 -35.14 -19.88
N VAL C 2257 -38.83 -34.28 -19.31
CA VAL C 2257 -37.58 -33.98 -19.97
C VAL C 2257 -36.61 -35.16 -19.86
N THR C 2258 -36.66 -35.92 -18.76
CA THR C 2258 -35.76 -37.06 -18.63
C THR C 2258 -36.16 -38.20 -19.55
N LEU C 2259 -37.46 -38.54 -19.59
CA LEU C 2259 -37.86 -39.64 -20.45
C LEU C 2259 -37.87 -39.23 -21.92
N ALA C 2260 -38.12 -37.96 -22.22
CA ALA C 2260 -37.95 -37.48 -23.58
C ALA C 2260 -36.49 -37.48 -23.99
N TRP C 2261 -35.57 -37.26 -23.05
CA TRP C 2261 -34.16 -37.33 -23.40
C TRP C 2261 -33.71 -38.76 -23.63
N VAL C 2262 -34.24 -39.72 -22.87
CA VAL C 2262 -33.80 -41.09 -23.14
C VAL C 2262 -34.45 -41.61 -24.42
N LEU C 2263 -35.66 -41.13 -24.76
CA LEU C 2263 -36.24 -41.49 -26.05
C LEU C 2263 -35.49 -40.83 -27.19
N PHE C 2264 -35.02 -39.60 -26.99
CA PHE C 2264 -34.27 -38.90 -28.03
C PHE C 2264 -32.86 -39.45 -28.19
N MET C 2265 -32.26 -39.94 -27.10
CA MET C 2265 -30.95 -40.54 -27.20
C MET C 2265 -31.01 -41.90 -27.87
N ASN C 2266 -31.97 -42.73 -27.44
CA ASN C 2266 -32.05 -44.08 -27.96
C ASN C 2266 -32.87 -44.19 -29.24
N PHE C 2267 -33.53 -43.12 -29.68
CA PHE C 2267 -34.25 -43.13 -30.95
C PHE C 2267 -34.19 -41.74 -31.57
N PRO C 2268 -33.95 -41.64 -32.88
CA PRO C 2268 -34.04 -40.32 -33.53
C PRO C 2268 -35.45 -39.80 -33.60
N ASP C 2269 -36.44 -40.67 -33.73
CA ASP C 2269 -37.83 -40.25 -33.74
C ASP C 2269 -38.32 -40.06 -32.31
N ASN C 2270 -39.09 -39.00 -32.12
CA ASN C 2270 -39.65 -38.67 -30.81
C ASN C 2270 -40.99 -37.97 -31.05
N ILE C 2271 -41.47 -37.23 -30.05
CA ILE C 2271 -42.74 -36.55 -30.23
C ILE C 2271 -42.52 -35.24 -30.98
N VAL C 2272 -42.37 -35.36 -32.29
CA VAL C 2272 -42.23 -34.21 -33.19
C VAL C 2272 -43.53 -33.44 -33.44
N PRO C 2273 -44.73 -34.02 -33.47
CA PRO C 2273 -45.93 -33.16 -33.43
C PRO C 2273 -46.19 -32.54 -32.06
N LEU C 2274 -45.51 -33.00 -31.01
CA LEU C 2274 -45.76 -32.49 -29.67
C LEU C 2274 -44.47 -31.91 -29.11
N LEU C 2275 -43.79 -31.09 -29.90
CA LEU C 2275 -42.57 -30.42 -29.44
C LEU C 2275 -42.85 -29.10 -28.74
N THR C 2276 -44.02 -28.52 -28.95
CA THR C 2276 -44.38 -27.27 -28.26
C THR C 2276 -44.55 -27.36 -26.74
N PRO C 2277 -44.94 -28.49 -26.11
CA PRO C 2277 -44.84 -28.52 -24.64
C PRO C 2277 -43.40 -28.50 -24.14
N LEU C 2278 -42.45 -29.00 -24.93
CA LEU C 2278 -41.04 -28.85 -24.56
C LEU C 2278 -40.63 -27.40 -24.58
N MET C 2279 -41.11 -26.63 -25.56
CA MET C 2279 -40.89 -25.18 -25.57
C MET C 2279 -41.59 -24.52 -24.39
N LYS C 2280 -42.78 -25.03 -24.03
CA LYS C 2280 -43.53 -24.47 -22.91
C LYS C 2280 -42.78 -24.65 -21.60
N THR C 2281 -42.31 -25.88 -21.33
CA THR C 2281 -41.49 -26.13 -20.15
C THR C 2281 -40.15 -25.42 -20.20
N PHE C 2282 -39.60 -25.19 -21.40
CA PHE C 2282 -38.38 -24.41 -21.53
C PHE C 2282 -38.62 -22.95 -21.14
N SER C 2283 -39.77 -22.41 -21.51
CA SER C 2283 -40.11 -21.04 -21.13
C SER C 2283 -40.41 -20.95 -19.63
N LYS C 2284 -41.02 -21.99 -19.06
CA LYS C 2284 -41.19 -22.01 -17.60
C LYS C 2284 -39.85 -22.10 -16.90
N LEU C 2285 -38.92 -22.86 -17.47
CA LEU C 2285 -37.57 -22.94 -16.92
C LEU C 2285 -36.86 -21.60 -17.00
N CYS C 2286 -37.08 -20.85 -18.08
CA CYS C 2286 -36.52 -19.51 -18.19
C CYS C 2286 -37.14 -18.56 -17.17
N LYS C 2287 -38.46 -18.65 -16.96
CA LYS C 2287 -39.11 -17.70 -16.09
C LYS C 2287 -38.94 -18.01 -14.61
N ASP C 2288 -38.57 -19.24 -14.24
CA ASP C 2288 -38.12 -19.44 -12.87
C ASP C 2288 -36.60 -19.42 -12.76
N HIS C 2289 -35.87 -19.37 -13.88
CA HIS C 2289 -34.50 -18.90 -13.83
C HIS C 2289 -34.46 -17.41 -13.57
N LEU C 2290 -35.51 -16.70 -13.97
CA LEU C 2290 -35.69 -15.32 -13.54
C LEU C 2290 -35.85 -15.23 -12.02
N SER C 2291 -36.50 -16.22 -11.40
CA SER C 2291 -36.66 -16.22 -9.95
C SER C 2291 -35.35 -16.51 -9.24
N ILE C 2292 -34.43 -17.25 -9.87
CA ILE C 2292 -33.13 -17.53 -9.29
C ILE C 2292 -32.04 -16.71 -9.98
N SER C 2293 -32.43 -15.62 -10.66
CA SER C 2293 -31.45 -14.72 -11.24
C SER C 2293 -30.91 -13.75 -10.19
N GLN C 2294 -31.80 -13.02 -9.50
CA GLN C 2294 -31.33 -12.09 -8.49
C GLN C 2294 -30.71 -12.74 -7.24
N PRO C 2295 -31.01 -13.99 -6.84
CA PRO C 2295 -30.06 -14.65 -5.94
C PRO C 2295 -29.07 -15.51 -6.72
N LYS C 2296 -27.85 -15.56 -6.19
CA LYS C 2296 -26.83 -16.41 -6.82
C LYS C 2296 -27.02 -17.86 -6.42
N ASP C 2297 -27.25 -18.11 -5.13
CA ASP C 2297 -27.44 -19.47 -4.62
C ASP C 2297 -28.63 -19.47 -3.66
N ALA C 2298 -29.04 -20.67 -3.29
CA ALA C 2298 -30.06 -20.86 -2.28
C ALA C 2298 -29.41 -21.11 -0.92
N MET C 2299 -30.09 -20.67 0.14
CA MET C 2299 -29.58 -20.91 1.48
C MET C 2299 -29.70 -22.38 1.85
N ALA C 2300 -30.90 -22.94 1.69
CA ALA C 2300 -31.12 -24.37 1.80
C ALA C 2300 -31.74 -24.86 0.50
N LEU C 2301 -31.66 -26.18 0.29
CA LEU C 2301 -32.13 -26.87 -0.90
C LEU C 2301 -31.43 -26.30 -2.16
N GLU C 2302 -30.13 -26.54 -2.19
CA GLU C 2302 -29.27 -26.03 -3.26
C GLU C 2302 -29.25 -26.96 -4.46
N GLU C 2303 -29.43 -28.26 -4.23
CA GLU C 2303 -29.39 -29.24 -5.31
C GLU C 2303 -30.53 -29.06 -6.29
N ALA C 2304 -31.68 -28.59 -5.82
CA ALA C 2304 -32.88 -28.43 -6.63
C ALA C 2304 -32.90 -27.14 -7.43
N ARG C 2305 -31.75 -26.50 -7.62
CA ARG C 2305 -31.55 -25.46 -8.61
C ARG C 2305 -30.53 -25.86 -9.66
N ILE C 2306 -29.43 -26.48 -9.25
CA ILE C 2306 -28.46 -26.97 -10.21
C ILE C 2306 -28.97 -28.21 -10.94
N THR C 2307 -29.91 -28.96 -10.36
CA THR C 2307 -30.52 -30.02 -11.18
C THR C 2307 -31.48 -29.44 -12.20
N THR C 2308 -32.07 -28.27 -11.93
CA THR C 2308 -32.86 -27.60 -12.95
C THR C 2308 -31.97 -27.02 -14.03
N LYS C 2309 -30.79 -26.54 -13.65
CA LYS C 2309 -29.79 -26.14 -14.64
C LYS C 2309 -29.32 -27.33 -15.47
N LEU C 2310 -29.19 -28.50 -14.84
CA LEU C 2310 -28.78 -29.71 -15.55
C LEU C 2310 -29.83 -30.15 -16.57
N LEU C 2311 -31.09 -30.19 -16.15
CA LEU C 2311 -32.14 -30.53 -17.12
C LEU C 2311 -32.40 -29.39 -18.09
N GLU C 2312 -31.94 -28.18 -17.78
CA GLU C 2312 -31.92 -27.11 -18.76
C GLU C 2312 -30.89 -27.37 -19.86
N LYS C 2313 -29.70 -27.85 -19.47
CA LYS C 2313 -28.73 -28.28 -20.47
C LYS C 2313 -29.24 -29.48 -21.27
N VAL C 2314 -30.05 -30.33 -20.64
CA VAL C 2314 -30.74 -31.39 -21.38
C VAL C 2314 -31.68 -30.80 -22.41
N LEU C 2315 -32.56 -29.90 -21.98
CA LEU C 2315 -33.63 -29.38 -22.84
C LEU C 2315 -33.08 -28.48 -23.95
N TYR C 2316 -31.92 -27.87 -23.73
CA TYR C 2316 -31.19 -27.13 -24.76
C TYR C 2316 -30.98 -27.98 -26.00
N ILE C 2317 -30.21 -29.05 -25.83
CA ILE C 2317 -29.84 -29.93 -26.94
C ILE C 2317 -31.06 -30.69 -27.43
N LEU C 2318 -32.02 -30.96 -26.54
CA LEU C 2318 -33.18 -31.75 -26.91
C LEU C 2318 -34.11 -30.98 -27.84
N SER C 2319 -34.42 -29.73 -27.50
CA SER C 2319 -35.23 -28.91 -28.39
C SER C 2319 -34.40 -28.22 -29.46
N LEU C 2320 -33.09 -28.39 -29.46
CA LEU C 2320 -32.24 -27.68 -30.40
C LEU C 2320 -31.74 -28.55 -31.55
N LYS C 2321 -31.50 -29.84 -31.31
CA LYS C 2321 -30.89 -30.67 -32.35
C LYS C 2321 -31.86 -30.99 -33.48
N VAL C 2322 -33.16 -30.79 -33.29
CA VAL C 2322 -34.13 -30.86 -34.37
C VAL C 2322 -34.59 -29.44 -34.69
N SER C 2323 -34.41 -29.04 -35.95
CA SER C 2323 -34.76 -27.71 -36.42
C SER C 2323 -35.99 -27.76 -37.33
N LEU C 2324 -36.85 -28.75 -37.13
CA LEU C 2324 -38.07 -28.90 -37.90
C LEU C 2324 -39.26 -28.28 -37.20
N LEU C 2325 -39.02 -27.22 -36.44
CA LEU C 2325 -40.08 -26.52 -35.72
C LEU C 2325 -40.96 -25.73 -36.69
N GLY C 2326 -42.18 -25.44 -36.26
CA GLY C 2326 -43.09 -24.65 -37.05
C GLY C 2326 -43.03 -23.19 -36.67
N ASP C 2327 -44.08 -22.70 -36.03
CA ASP C 2327 -44.08 -21.34 -35.47
C ASP C 2327 -43.35 -21.25 -34.14
N SER C 2328 -42.78 -22.35 -33.66
CA SER C 2328 -42.13 -22.42 -32.37
C SER C 2328 -40.65 -22.05 -32.43
N ARG C 2329 -40.15 -21.56 -33.58
CA ARG C 2329 -38.74 -21.24 -33.64
C ARG C 2329 -38.43 -19.87 -33.04
N ARG C 2330 -39.28 -18.88 -33.28
CA ARG C 2330 -39.01 -17.52 -32.85
C ARG C 2330 -39.15 -17.30 -31.34
N PRO C 2331 -40.19 -17.81 -30.64
CA PRO C 2331 -40.15 -17.69 -29.17
C PRO C 2331 -39.03 -18.49 -28.52
N PHE C 2332 -38.66 -19.64 -29.10
CA PHE C 2332 -37.52 -20.40 -28.60
C PHE C 2332 -36.22 -19.63 -28.74
N LEU C 2333 -36.02 -18.97 -29.89
CA LEU C 2333 -34.82 -18.18 -30.09
C LEU C 2333 -34.81 -16.91 -29.25
N SER C 2334 -35.99 -16.34 -28.96
CA SER C 2334 -36.01 -15.19 -28.07
C SER C 2334 -35.69 -15.58 -26.64
N THR C 2335 -36.15 -16.77 -26.21
CA THR C 2335 -35.74 -17.26 -24.90
C THR C 2335 -34.25 -17.60 -24.85
N VAL C 2336 -33.67 -18.09 -25.95
CA VAL C 2336 -32.22 -18.31 -26.00
C VAL C 2336 -31.47 -17.00 -25.88
N ALA C 2337 -31.95 -15.95 -26.57
CA ALA C 2337 -31.32 -14.63 -26.46
C ALA C 2337 -31.48 -14.05 -25.06
N LEU C 2338 -32.61 -14.32 -24.40
CA LEU C 2338 -32.78 -13.90 -23.01
C LEU C 2338 -31.85 -14.66 -22.08
N LEU C 2339 -31.54 -15.90 -22.43
CA LEU C 2339 -30.59 -16.68 -21.63
C LEU C 2339 -29.18 -16.14 -21.80
N ILE C 2340 -28.81 -15.71 -23.01
CA ILE C 2340 -27.53 -15.03 -23.21
C ILE C 2340 -27.53 -13.67 -22.52
N ASP C 2341 -28.72 -13.07 -22.36
CA ASP C 2341 -28.83 -11.72 -21.80
C ASP C 2341 -28.42 -11.69 -20.33
N HIS C 2342 -29.11 -12.44 -19.48
CA HIS C 2342 -28.90 -12.32 -18.05
C HIS C 2342 -27.73 -13.19 -17.58
N SER C 2343 -27.37 -13.01 -16.31
CA SER C 2343 -26.16 -13.59 -15.74
C SER C 2343 -26.37 -15.09 -15.49
N MET C 2344 -25.63 -15.91 -16.22
CA MET C 2344 -25.68 -17.36 -16.11
C MET C 2344 -24.30 -17.90 -15.74
N ASP C 2345 -24.18 -19.22 -15.76
CA ASP C 2345 -22.91 -19.88 -15.54
C ASP C 2345 -22.29 -20.21 -16.90
N GLN C 2346 -20.96 -20.20 -16.94
CA GLN C 2346 -20.25 -20.29 -18.21
C GLN C 2346 -20.29 -21.70 -18.80
N ASN C 2347 -20.48 -22.72 -17.96
CA ASN C 2347 -20.32 -24.11 -18.39
C ASN C 2347 -21.39 -24.58 -19.36
N PHE C 2348 -22.52 -23.88 -19.44
CA PHE C 2348 -23.50 -24.15 -20.48
C PHE C 2348 -23.66 -23.00 -21.46
N LEU C 2349 -23.13 -21.81 -21.15
CA LEU C 2349 -23.01 -20.79 -22.18
C LEU C 2349 -22.00 -21.23 -23.25
N ARG C 2350 -20.95 -21.94 -22.85
CA ARG C 2350 -20.07 -22.53 -23.85
C ARG C 2350 -20.75 -23.64 -24.62
N LYS C 2351 -21.70 -24.35 -23.98
CA LYS C 2351 -22.47 -25.36 -24.68
C LYS C 2351 -23.38 -24.73 -25.74
N ILE C 2352 -24.01 -23.60 -25.42
CA ILE C 2352 -24.88 -23.00 -26.42
C ILE C 2352 -24.10 -22.25 -27.49
N VAL C 2353 -22.86 -21.80 -27.22
CA VAL C 2353 -22.11 -21.25 -28.35
C VAL C 2353 -21.54 -22.37 -29.22
N ASN C 2354 -21.29 -23.56 -28.66
CA ASN C 2354 -20.99 -24.71 -29.53
C ASN C 2354 -22.22 -25.14 -30.32
N MET C 2355 -23.40 -24.98 -29.72
CA MET C 2355 -24.63 -25.31 -30.43
C MET C 2355 -24.90 -24.31 -31.56
N SER C 2356 -24.56 -23.04 -31.35
CA SER C 2356 -24.66 -22.06 -32.42
C SER C 2356 -23.61 -22.30 -33.50
N ARG C 2357 -22.45 -22.82 -33.11
CA ARG C 2357 -21.46 -23.24 -34.08
C ARG C 2357 -21.98 -24.40 -34.94
N SER C 2358 -22.78 -25.29 -34.36
CA SER C 2358 -23.42 -26.31 -35.19
C SER C 2358 -24.57 -25.74 -36.01
N TRP C 2359 -25.22 -24.67 -35.53
CA TRP C 2359 -26.29 -24.02 -36.29
C TRP C 2359 -25.76 -23.40 -37.58
N ILE C 2360 -24.68 -22.63 -37.47
CA ILE C 2360 -24.32 -21.73 -38.56
C ILE C 2360 -23.65 -22.50 -39.71
N PHE C 2361 -22.77 -23.44 -39.40
CA PHE C 2361 -21.83 -23.98 -40.36
C PHE C 2361 -22.40 -25.13 -41.19
N ASN C 2362 -23.71 -25.22 -41.35
CA ASN C 2362 -24.30 -26.21 -42.24
C ASN C 2362 -25.53 -25.61 -42.90
N THR C 2363 -25.92 -26.19 -44.03
CA THR C 2363 -27.13 -25.79 -44.71
C THR C 2363 -28.26 -26.77 -44.39
N GLU C 2364 -29.44 -26.22 -44.13
CA GLU C 2364 -30.61 -27.02 -43.79
C GLU C 2364 -31.86 -26.21 -44.13
N ILE C 2365 -33.01 -26.66 -43.61
CA ILE C 2365 -34.32 -26.12 -43.94
C ILE C 2365 -34.65 -25.01 -42.94
N PHE C 2366 -33.65 -24.61 -42.14
CA PHE C 2366 -33.71 -23.42 -41.31
C PHE C 2366 -33.91 -22.26 -42.27
N PRO C 2367 -35.08 -21.61 -42.24
CA PRO C 2367 -35.57 -20.91 -43.44
C PRO C 2367 -34.82 -19.64 -43.81
N THR C 2368 -34.13 -18.99 -42.88
CA THR C 2368 -33.35 -17.81 -43.22
C THR C 2368 -32.15 -17.69 -42.30
N VAL C 2369 -31.17 -16.91 -42.75
CA VAL C 2369 -29.94 -16.72 -41.98
C VAL C 2369 -29.99 -15.49 -41.09
N LYS C 2370 -31.02 -14.66 -41.20
CA LYS C 2370 -31.12 -13.49 -40.34
C LYS C 2370 -31.45 -13.88 -38.90
N GLU C 2371 -32.03 -15.06 -38.69
CA GLU C 2371 -32.23 -15.53 -37.33
C GLU C 2371 -30.92 -15.96 -36.69
N LYS C 2372 -30.05 -16.62 -37.49
CA LYS C 2372 -28.68 -16.89 -37.04
C LYS C 2372 -27.92 -15.61 -36.76
N ALA C 2373 -28.14 -14.60 -37.59
CA ALA C 2373 -27.48 -13.30 -37.40
C ALA C 2373 -27.94 -12.62 -36.12
N ALA C 2374 -29.24 -12.65 -35.84
CA ALA C 2374 -29.77 -12.02 -34.64
C ALA C 2374 -29.38 -12.78 -33.39
N ILE C 2375 -29.21 -14.11 -33.48
CA ILE C 2375 -28.80 -14.84 -32.29
C ILE C 2375 -27.29 -14.79 -32.08
N LEU C 2376 -26.51 -14.51 -33.14
CA LEU C 2376 -25.08 -14.39 -32.94
C LEU C 2376 -24.66 -12.98 -32.58
N THR C 2377 -25.42 -11.97 -33.01
CA THR C 2377 -25.12 -10.59 -32.65
C THR C 2377 -25.41 -10.33 -31.16
N LYS C 2378 -26.22 -11.18 -30.52
CA LYS C 2378 -26.45 -11.04 -29.10
C LYS C 2378 -25.23 -11.42 -28.27
N MET C 2379 -24.27 -12.14 -28.85
CA MET C 2379 -23.08 -12.60 -28.15
C MET C 2379 -22.00 -11.53 -28.00
N LEU C 2380 -22.31 -10.26 -28.23
CA LEU C 2380 -21.37 -9.18 -27.95
C LEU C 2380 -21.43 -8.73 -26.50
N ALA C 2381 -22.34 -9.28 -25.70
CA ALA C 2381 -22.40 -8.98 -24.29
C ALA C 2381 -21.44 -9.80 -23.46
N PHE C 2382 -20.67 -10.69 -24.09
CA PHE C 2382 -19.74 -11.52 -23.33
C PHE C 2382 -18.53 -10.72 -22.86
N GLU C 2383 -18.09 -9.74 -23.63
CA GLU C 2383 -17.01 -8.87 -23.19
C GLU C 2383 -17.49 -7.71 -22.33
N ILE C 2384 -18.76 -7.34 -22.46
CA ILE C 2384 -19.31 -6.29 -21.61
C ILE C 2384 -19.56 -6.82 -20.20
N ARG C 2385 -20.12 -8.01 -20.08
CA ARG C 2385 -20.37 -8.59 -18.77
C ARG C 2385 -19.09 -9.09 -18.11
N GLY C 2386 -18.05 -9.34 -18.88
CA GLY C 2386 -16.76 -9.73 -18.34
C GLY C 2386 -16.41 -11.19 -18.47
N GLU C 2387 -16.85 -11.86 -19.54
CA GLU C 2387 -16.54 -13.27 -19.75
C GLU C 2387 -15.57 -13.39 -20.91
N PRO C 2388 -14.29 -13.63 -20.66
CA PRO C 2388 -13.31 -13.64 -21.76
C PRO C 2388 -13.32 -14.93 -22.57
N SER C 2389 -13.64 -16.06 -21.96
CA SER C 2389 -13.54 -17.35 -22.65
C SER C 2389 -14.68 -17.54 -23.64
N LEU C 2390 -15.90 -17.18 -23.25
CA LEU C 2390 -17.04 -17.28 -24.15
C LEU C 2390 -16.91 -16.31 -25.32
N SER C 2391 -16.40 -15.11 -25.05
CA SER C 2391 -16.12 -14.16 -26.12
C SER C 2391 -14.99 -14.65 -27.01
N LYS C 2392 -14.01 -15.35 -26.45
CA LYS C 2392 -12.93 -15.92 -27.27
C LYS C 2392 -13.47 -16.98 -28.22
N LEU C 2393 -14.37 -17.84 -27.72
CA LEU C 2393 -15.02 -18.84 -28.57
C LEU C 2393 -15.89 -18.18 -29.64
N PHE C 2394 -16.60 -17.12 -29.26
CA PHE C 2394 -17.50 -16.43 -30.19
C PHE C 2394 -16.72 -15.74 -31.31
N TYR C 2395 -15.65 -15.04 -30.98
CA TYR C 2395 -14.85 -14.41 -32.03
C TYR C 2395 -14.06 -15.44 -32.81
N GLU C 2396 -13.78 -16.61 -32.23
CA GLU C 2396 -13.21 -17.70 -33.01
C GLU C 2396 -14.19 -18.22 -34.06
N ILE C 2397 -15.47 -18.37 -33.71
CA ILE C 2397 -16.39 -18.88 -34.73
C ILE C 2397 -16.76 -17.81 -35.76
N VAL C 2398 -16.72 -16.52 -35.38
CA VAL C 2398 -16.89 -15.45 -36.38
C VAL C 2398 -15.70 -15.43 -37.34
N LEU C 2399 -14.50 -15.62 -36.80
CA LEU C 2399 -13.30 -15.67 -37.62
C LEU C 2399 -13.28 -16.89 -38.53
N LYS C 2400 -13.83 -18.01 -38.05
CA LYS C 2400 -13.95 -19.20 -38.90
C LYS C 2400 -15.00 -19.01 -39.98
N LEU C 2401 -16.06 -18.26 -39.68
CA LEU C 2401 -17.05 -17.90 -40.68
C LEU C 2401 -16.45 -17.02 -41.77
N PHE C 2402 -15.52 -16.14 -41.39
CA PHE C 2402 -14.80 -15.36 -42.39
C PHE C 2402 -13.62 -16.10 -43.01
N ASP C 2403 -13.27 -17.27 -42.49
CA ASP C 2403 -12.16 -18.04 -43.04
C ASP C 2403 -12.58 -18.72 -44.34
N GLN C 2404 -13.72 -19.42 -44.32
CA GLN C 2404 -14.19 -20.16 -45.50
C GLN C 2404 -15.01 -19.27 -46.43
N GLU C 2405 -14.42 -18.13 -46.80
CA GLU C 2405 -15.05 -17.20 -47.74
C GLU C 2405 -13.94 -16.39 -48.37
N HIS C 2406 -13.83 -16.46 -49.70
CA HIS C 2406 -12.89 -15.64 -50.44
C HIS C 2406 -13.60 -14.59 -51.26
N PHE C 2407 -14.53 -15.00 -52.13
CA PHE C 2407 -15.53 -14.12 -52.73
C PHE C 2407 -16.84 -14.90 -52.62
N ASN C 2408 -17.52 -14.74 -51.48
CA ASN C 2408 -18.65 -15.60 -51.17
C ASN C 2408 -19.56 -14.88 -50.18
N ASN C 2409 -20.75 -15.44 -50.00
CA ASN C 2409 -21.71 -14.99 -49.01
C ASN C 2409 -22.21 -16.19 -48.20
N THR C 2410 -21.27 -17.02 -47.74
CA THR C 2410 -21.60 -18.07 -46.78
C THR C 2410 -22.00 -17.50 -45.44
N GLU C 2411 -21.59 -16.27 -45.15
CA GLU C 2411 -22.08 -15.48 -44.03
C GLU C 2411 -23.40 -14.82 -44.42
N ILE C 2412 -23.84 -13.89 -43.58
CA ILE C 2412 -24.66 -12.79 -44.04
C ILE C 2412 -23.84 -11.53 -43.76
N THR C 2413 -24.19 -10.44 -44.44
CA THR C 2413 -23.35 -9.25 -44.44
C THR C 2413 -23.36 -8.49 -43.14
N VAL C 2414 -24.15 -8.88 -42.14
CA VAL C 2414 -24.05 -8.19 -40.85
C VAL C 2414 -22.89 -8.72 -40.02
N ARG C 2415 -22.31 -9.87 -40.39
CA ARG C 2415 -21.09 -10.30 -39.74
C ARG C 2415 -19.92 -9.43 -40.14
N MET C 2416 -19.93 -8.88 -41.35
CA MET C 2416 -18.97 -7.87 -41.75
C MET C 2416 -19.23 -6.54 -41.06
N GLU C 2417 -20.41 -6.35 -40.48
CA GLU C 2417 -20.73 -5.03 -39.93
C GLU C 2417 -20.41 -4.94 -38.45
N GLN C 2418 -21.17 -5.64 -37.61
CA GLN C 2418 -20.94 -5.42 -36.18
C GLN C 2418 -19.79 -6.24 -35.58
N PRO C 2419 -19.81 -7.58 -35.58
CA PRO C 2419 -18.82 -8.29 -34.76
C PRO C 2419 -17.44 -8.37 -35.38
N PHE C 2420 -17.31 -8.10 -36.67
CA PHE C 2420 -15.99 -7.94 -37.26
C PHE C 2420 -15.34 -6.67 -36.74
N LEU C 2421 -16.07 -5.55 -36.77
CA LEU C 2421 -15.50 -4.28 -36.34
C LEU C 2421 -15.27 -4.26 -34.84
N VAL C 2422 -16.16 -4.86 -34.06
CA VAL C 2422 -15.87 -4.97 -32.63
C VAL C 2422 -14.74 -5.97 -32.41
N GLY C 2423 -14.61 -6.96 -33.30
CA GLY C 2423 -13.56 -7.95 -33.19
C GLY C 2423 -12.16 -7.43 -33.47
N THR C 2424 -12.02 -6.24 -34.05
CA THR C 2424 -10.73 -5.60 -34.24
C THR C 2424 -10.35 -4.71 -33.07
N ARG C 2425 -10.94 -4.95 -31.90
CA ARG C 2425 -10.85 -4.07 -30.76
C ARG C 2425 -10.76 -4.82 -29.44
N VAL C 2426 -10.63 -6.15 -29.48
CA VAL C 2426 -11.04 -7.01 -28.37
C VAL C 2426 -9.96 -7.28 -27.35
N GLU C 2427 -8.86 -6.52 -27.39
CA GLU C 2427 -7.69 -6.57 -26.50
C GLU C 2427 -7.12 -7.98 -26.31
N ASP C 2428 -7.36 -8.88 -27.26
CA ASP C 2428 -6.76 -10.21 -27.31
C ASP C 2428 -6.01 -10.28 -28.62
N ILE C 2429 -4.69 -10.42 -28.55
CA ILE C 2429 -3.82 -10.01 -29.64
C ILE C 2429 -3.95 -10.92 -30.86
N GLY C 2430 -4.21 -12.21 -30.65
CA GLY C 2430 -4.26 -13.13 -31.78
C GLY C 2430 -5.49 -12.93 -32.66
N ILE C 2431 -6.67 -12.90 -32.04
CA ILE C 2431 -7.90 -12.73 -32.82
C ILE C 2431 -7.98 -11.33 -33.40
N ARG C 2432 -7.47 -10.33 -32.67
CA ARG C 2432 -7.43 -8.96 -33.18
C ARG C 2432 -6.50 -8.85 -34.40
N LYS C 2433 -5.34 -9.50 -34.33
CA LYS C 2433 -4.41 -9.47 -35.44
C LYS C 2433 -4.97 -10.20 -36.64
N ARG C 2434 -5.72 -11.28 -36.41
CA ARG C 2434 -6.31 -12.02 -37.52
C ARG C 2434 -7.44 -11.25 -38.19
N PHE C 2435 -8.29 -10.59 -37.39
CA PHE C 2435 -9.34 -9.73 -37.94
C PHE C 2435 -8.76 -8.59 -38.75
N MET C 2436 -7.72 -7.94 -38.22
CA MET C 2436 -7.15 -6.81 -38.94
C MET C 2436 -6.37 -7.25 -40.17
N THR C 2437 -5.78 -8.44 -40.17
CA THR C 2437 -5.06 -8.83 -41.38
C THR C 2437 -6.00 -9.31 -42.47
N ILE C 2438 -7.17 -9.87 -42.13
CA ILE C 2438 -8.08 -10.18 -43.23
C ILE C 2438 -8.79 -8.92 -43.73
N LEU C 2439 -9.01 -7.93 -42.86
CA LEU C 2439 -9.50 -6.64 -43.35
C LEU C 2439 -8.47 -5.92 -44.20
N ASP C 2440 -7.18 -6.08 -43.89
CA ASP C 2440 -6.13 -5.49 -44.73
C ASP C 2440 -6.02 -6.22 -46.06
N ASN C 2441 -6.13 -7.54 -46.06
CA ASN C 2441 -6.01 -8.29 -47.30
C ASN C 2441 -7.25 -8.16 -48.19
N SER C 2442 -8.38 -7.71 -47.65
CA SER C 2442 -9.56 -7.53 -48.48
C SER C 2442 -9.42 -6.33 -49.40
N LEU C 2443 -8.77 -5.26 -48.94
CA LEU C 2443 -8.68 -4.03 -49.71
C LEU C 2443 -7.62 -4.11 -50.79
N GLU C 2444 -7.51 -3.06 -51.58
CA GLU C 2444 -6.47 -2.89 -52.58
C GLU C 2444 -5.27 -2.18 -51.96
N ARG C 2445 -4.11 -2.31 -52.62
CA ARG C 2445 -2.86 -1.77 -52.10
C ARG C 2445 -2.58 -0.36 -52.57
N ASP C 2446 -3.61 0.41 -52.92
CA ASP C 2446 -3.44 1.79 -53.36
C ASP C 2446 -3.86 2.73 -52.24
N ILE C 2447 -3.26 3.92 -52.22
CA ILE C 2447 -3.56 4.86 -51.14
C ILE C 2447 -4.86 5.60 -51.40
N LYS C 2448 -5.22 5.81 -52.67
CA LYS C 2448 -6.47 6.52 -52.97
C LYS C 2448 -7.67 5.65 -52.65
N GLU C 2449 -7.59 4.35 -52.96
CA GLU C 2449 -8.68 3.44 -52.67
C GLU C 2449 -8.85 3.24 -51.18
N ARG C 2450 -7.76 3.16 -50.43
CA ARG C 2450 -7.87 2.99 -48.99
C ARG C 2450 -8.31 4.26 -48.28
N LEU C 2451 -7.92 5.42 -48.81
CA LEU C 2451 -8.41 6.68 -48.27
C LEU C 2451 -9.90 6.84 -48.53
N TYR C 2452 -10.35 6.48 -49.72
CA TYR C 2452 -11.78 6.49 -50.00
C TYR C 2452 -12.52 5.42 -49.22
N TYR C 2453 -11.85 4.33 -48.85
CA TYR C 2453 -12.50 3.33 -48.01
C TYR C 2453 -12.67 3.85 -46.59
N VAL C 2454 -11.66 4.48 -46.02
CA VAL C 2454 -11.79 4.94 -44.65
C VAL C 2454 -12.65 6.20 -44.55
N ILE C 2455 -12.87 6.93 -45.64
CA ILE C 2455 -13.74 8.09 -45.55
C ILE C 2455 -15.15 7.77 -46.03
N ARG C 2456 -15.29 7.30 -47.27
CA ARG C 2456 -16.62 7.04 -47.84
C ARG C 2456 -17.19 5.71 -47.39
N ASP C 2457 -16.50 4.61 -47.70
CA ASP C 2457 -17.14 3.30 -47.81
C ASP C 2457 -17.43 2.66 -46.45
N GLN C 2458 -16.46 2.69 -45.55
CA GLN C 2458 -16.60 1.97 -44.29
C GLN C 2458 -17.55 2.69 -43.34
N ASN C 2459 -18.41 1.93 -42.69
CA ASN C 2459 -19.37 2.44 -41.73
C ASN C 2459 -18.85 2.16 -40.32
N TRP C 2460 -18.40 3.21 -39.64
CA TRP C 2460 -17.83 3.08 -38.31
C TRP C 2460 -18.85 3.31 -37.21
N GLU C 2461 -20.11 2.97 -37.43
CA GLU C 2461 -21.11 3.23 -36.42
C GLU C 2461 -21.06 2.24 -35.27
N PHE C 2462 -20.46 1.07 -35.48
CA PHE C 2462 -20.42 0.04 -34.45
C PHE C 2462 -19.24 0.25 -33.52
N ILE C 2463 -18.12 0.70 -34.06
CA ILE C 2463 -16.99 1.16 -33.26
C ILE C 2463 -17.18 2.67 -33.18
N ALA C 2464 -17.90 3.14 -32.19
CA ALA C 2464 -18.20 4.55 -32.11
C ALA C 2464 -17.90 5.16 -30.76
N ASP C 2465 -17.49 4.35 -29.79
CA ASP C 2465 -17.00 4.85 -28.51
C ASP C 2465 -15.47 4.82 -28.42
N TYR C 2466 -14.83 4.00 -29.22
CA TYR C 2466 -13.43 3.69 -29.44
C TYR C 2466 -12.87 4.56 -30.55
N PRO C 2467 -11.62 5.05 -30.45
CA PRO C 2467 -11.05 5.82 -31.56
C PRO C 2467 -10.74 4.95 -32.76
N TRP C 2468 -11.59 5.02 -33.78
CA TRP C 2468 -11.47 4.12 -34.91
C TRP C 2468 -10.41 4.55 -35.90
N LEU C 2469 -9.83 5.74 -35.73
CA LEU C 2469 -8.79 6.21 -36.63
C LEU C 2469 -7.57 5.31 -36.58
N ASN C 2470 -7.35 4.68 -35.42
CA ASN C 2470 -6.44 3.56 -35.24
C ASN C 2470 -6.59 2.55 -36.36
N GLN C 2471 -7.80 1.99 -36.50
CA GLN C 2471 -8.08 1.04 -37.58
C GLN C 2471 -7.88 1.69 -38.93
N ALA C 2472 -8.27 2.97 -39.06
CA ALA C 2472 -8.09 3.69 -40.30
C ALA C 2472 -6.63 3.82 -40.66
N LEU C 2473 -5.79 4.07 -39.66
CA LEU C 2473 -4.35 4.16 -39.90
C LEU C 2473 -3.81 2.81 -40.33
N GLN C 2474 -4.32 1.72 -39.74
CA GLN C 2474 -3.89 0.39 -40.12
C GLN C 2474 -4.31 0.03 -41.52
N LEU C 2475 -5.32 0.72 -42.07
CA LEU C 2475 -5.60 0.51 -43.48
C LEU C 2475 -4.65 1.31 -44.34
N LEU C 2476 -4.36 2.56 -43.96
CA LEU C 2476 -3.55 3.43 -44.81
C LEU C 2476 -2.10 2.97 -44.81
N TYR C 2477 -1.60 2.55 -43.64
CA TYR C 2477 -0.29 1.93 -43.56
C TYR C 2477 -0.21 0.59 -44.30
N GLY C 2478 -1.35 -0.01 -44.67
CA GLY C 2478 -1.31 -1.16 -45.54
C GLY C 2478 -0.89 -0.83 -46.96
N SER C 2479 -0.97 0.43 -47.37
CA SER C 2479 -0.62 0.81 -48.73
C SER C 2479 0.85 1.17 -48.89
N PHE C 2480 1.67 0.96 -47.88
CA PHE C 2480 3.07 1.35 -47.90
C PHE C 2480 3.90 0.27 -48.55
N ASN C 2481 5.15 0.60 -48.83
CA ASN C 2481 6.14 -0.35 -49.29
C ASN C 2481 7.17 -0.58 -48.20
N ARG C 2482 7.74 -1.78 -48.18
CA ARG C 2482 8.69 -2.18 -47.14
C ARG C 2482 10.09 -1.90 -47.63
N GLU C 2483 10.52 -0.66 -47.41
CA GLU C 2483 11.73 -0.10 -47.99
C GLU C 2483 12.86 -0.12 -46.97
N LYS C 2484 13.93 -0.84 -47.30
CA LYS C 2484 15.11 -0.96 -46.44
C LYS C 2484 15.98 0.29 -46.41
N GLU C 2485 15.62 1.31 -47.19
CA GLU C 2485 16.39 2.55 -47.25
C GLU C 2485 15.70 3.65 -46.46
N LEU C 2486 15.11 3.31 -45.32
CA LEU C 2486 14.55 4.31 -44.44
C LEU C 2486 15.68 5.07 -43.78
N SER C 2487 15.64 6.40 -43.90
CA SER C 2487 16.73 7.24 -43.40
C SER C 2487 16.20 8.64 -43.17
N LEU C 2488 16.54 9.22 -42.03
CA LEU C 2488 16.12 10.57 -41.70
C LEU C 2488 16.87 11.58 -42.55
N LYS C 2489 16.29 12.77 -42.69
CA LYS C 2489 16.93 13.81 -43.49
C LYS C 2489 16.83 15.18 -42.85
N ASN C 2490 16.57 15.24 -41.55
CA ASN C 2490 16.26 16.49 -40.88
C ASN C 2490 17.11 16.73 -39.62
N ILE C 2491 18.01 15.83 -39.28
CA ILE C 2491 18.55 15.79 -37.93
C ILE C 2491 20.00 16.23 -37.79
N TYR C 2492 20.80 16.21 -38.87
CA TYR C 2492 22.25 16.45 -38.87
C TYR C 2492 22.95 15.67 -37.76
N CYS C 2493 23.01 14.36 -37.97
CA CYS C 2493 23.23 13.39 -36.91
C CYS C 2493 24.67 13.40 -36.44
N LEU C 2494 24.99 12.39 -35.64
CA LEU C 2494 26.24 12.32 -34.91
C LEU C 2494 27.41 12.09 -35.85
N SER C 2495 28.61 12.31 -35.33
CA SER C 2495 29.81 12.54 -36.12
C SER C 2495 30.24 11.29 -36.86
N PRO C 2496 30.21 11.27 -38.19
CA PRO C 2496 30.58 10.06 -38.91
C PRO C 2496 32.08 9.88 -38.93
N PRO C 2497 32.55 8.64 -39.01
CA PRO C 2497 33.98 8.38 -39.12
C PRO C 2497 34.53 8.50 -40.53
N SER C 2498 33.72 8.95 -41.49
CA SER C 2498 34.18 8.99 -42.88
C SER C 2498 35.03 10.22 -43.15
N ILE C 2499 34.46 11.41 -42.96
CA ILE C 2499 35.19 12.64 -43.20
C ILE C 2499 35.99 13.06 -41.97
N LEU C 2500 35.60 12.63 -40.77
CA LEU C 2500 36.28 13.06 -39.56
C LEU C 2500 37.66 12.44 -39.41
N GLN C 2501 37.94 11.35 -40.11
CA GLN C 2501 39.28 10.84 -40.22
C GLN C 2501 39.98 11.35 -41.47
N GLU C 2502 39.47 12.43 -42.05
CA GLU C 2502 40.18 13.20 -43.07
C GLU C 2502 40.45 14.61 -42.59
N TYR C 2503 40.14 14.91 -41.34
CA TYR C 2503 40.47 16.20 -40.72
C TYR C 2503 41.82 16.13 -40.01
N LEU C 2504 42.83 15.67 -40.74
CA LEU C 2504 44.22 15.72 -40.31
C LEU C 2504 45.02 16.15 -41.53
N PRO C 2505 45.27 17.46 -41.67
CA PRO C 2505 45.54 18.05 -42.99
C PRO C 2505 46.85 17.67 -43.68
N GLU C 2506 48.01 17.89 -43.07
CA GLU C 2506 49.26 17.53 -43.75
C GLU C 2506 50.29 16.82 -42.89
N ASN C 2507 50.26 16.93 -41.57
CA ASN C 2507 51.26 16.31 -40.71
C ASN C 2507 50.67 15.00 -40.20
N ALA C 2508 50.91 13.92 -40.95
CA ALA C 2508 50.29 12.64 -40.64
C ALA C 2508 51.14 11.54 -41.24
N GLU C 2509 51.75 10.72 -40.39
CA GLU C 2509 52.48 9.53 -40.83
C GLU C 2509 51.48 8.39 -40.92
N MET C 2510 50.96 8.17 -42.13
CA MET C 2510 49.93 7.16 -42.34
C MET C 2510 50.53 5.77 -42.22
N VAL C 2511 50.00 4.98 -41.28
CA VAL C 2511 50.52 3.64 -41.07
C VAL C 2511 50.08 2.74 -42.24
N THR C 2512 50.93 1.77 -42.56
CA THR C 2512 50.76 0.94 -43.74
C THR C 2512 50.58 -0.51 -43.33
N GLU C 2513 49.31 -0.93 -43.21
CA GLU C 2513 48.90 -2.33 -43.09
C GLU C 2513 49.51 -3.01 -41.86
N VAL C 2514 49.13 -2.52 -40.68
CA VAL C 2514 49.49 -3.15 -39.43
C VAL C 2514 48.27 -3.94 -38.95
N ASN C 2515 48.35 -5.26 -39.10
CA ASN C 2515 47.18 -6.14 -38.99
C ASN C 2515 47.50 -7.38 -38.15
N ASP C 2516 48.12 -7.16 -36.99
CA ASP C 2516 48.48 -8.27 -36.11
C ASP C 2516 47.95 -8.05 -34.70
N LEU C 2517 46.89 -7.28 -34.56
CA LEU C 2517 46.40 -6.87 -33.25
C LEU C 2517 45.06 -7.53 -32.95
N GLU C 2518 44.58 -7.26 -31.73
CA GLU C 2518 43.19 -7.49 -31.38
C GLU C 2518 42.30 -6.32 -31.76
N LEU C 2519 42.89 -5.16 -32.05
CA LEU C 2519 42.12 -4.00 -32.48
C LEU C 2519 41.59 -4.19 -33.89
N SER C 2520 42.40 -4.79 -34.77
CA SER C 2520 42.07 -4.89 -36.18
C SER C 2520 40.90 -5.82 -36.43
N ASN C 2521 40.74 -6.86 -35.60
CA ASN C 2521 39.55 -7.69 -35.74
C ASN C 2521 38.35 -7.10 -35.01
N PHE C 2522 38.59 -6.37 -33.93
CA PHE C 2522 37.49 -5.70 -33.21
C PHE C 2522 36.83 -4.65 -34.08
N VAL C 2523 37.62 -3.89 -34.84
CA VAL C 2523 37.09 -2.83 -35.68
C VAL C 2523 36.25 -3.41 -36.82
N LYS C 2524 36.74 -4.46 -37.49
CA LYS C 2524 35.99 -5.02 -38.60
C LYS C 2524 34.77 -5.81 -38.12
N GLY C 2525 34.85 -6.43 -36.94
CA GLY C 2525 33.66 -7.05 -36.38
C GLY C 2525 32.61 -6.04 -35.97
N HIS C 2526 33.05 -4.87 -35.48
CA HIS C 2526 32.11 -3.82 -35.15
C HIS C 2526 31.50 -3.18 -36.40
N ILE C 2527 32.28 -3.08 -37.49
CA ILE C 2527 31.73 -2.57 -38.74
C ILE C 2527 30.67 -3.51 -39.29
N ALA C 2528 30.97 -4.81 -39.30
CA ALA C 2528 29.98 -5.79 -39.74
C ALA C 2528 28.79 -5.89 -38.80
N SER C 2529 28.97 -5.54 -37.52
CA SER C 2529 27.83 -5.51 -36.61
C SER C 2529 26.95 -4.30 -36.84
N MET C 2530 27.54 -3.12 -37.05
CA MET C 2530 26.75 -1.92 -37.24
C MET C 2530 26.17 -1.82 -38.65
N GLN C 2531 26.65 -2.62 -39.59
CA GLN C 2531 26.01 -2.64 -40.91
C GLN C 2531 24.63 -3.29 -40.84
N GLY C 2532 24.54 -4.45 -40.19
CA GLY C 2532 23.26 -5.12 -40.06
C GLY C 2532 22.33 -4.53 -39.02
N LEU C 2533 22.87 -3.72 -38.12
CA LEU C 2533 22.04 -3.16 -37.05
C LEU C 2533 21.29 -1.93 -37.51
N CYS C 2534 21.86 -1.13 -38.42
CA CYS C 2534 21.27 0.12 -38.83
C CYS C 2534 20.56 0.03 -40.18
N ARG C 2535 20.23 -1.17 -40.63
CA ARG C 2535 19.41 -1.36 -41.84
C ARG C 2535 17.95 -1.44 -41.39
N ILE C 2536 17.26 -0.32 -41.42
CA ILE C 2536 15.91 -0.21 -40.92
C ILE C 2536 14.94 -0.23 -42.10
N ILE C 2537 14.03 -1.20 -42.11
CA ILE C 2537 12.99 -1.30 -43.12
C ILE C 2537 11.85 -0.40 -42.68
N SER C 2538 10.84 -0.19 -43.53
CA SER C 2538 9.64 0.50 -43.09
C SER C 2538 8.71 -0.40 -42.28
N SER C 2539 8.87 -1.71 -42.41
CA SER C 2539 7.92 -2.66 -41.85
C SER C 2539 7.91 -2.63 -40.33
N ASP C 2540 9.10 -2.64 -39.73
CA ASP C 2540 9.19 -2.72 -38.28
C ASP C 2540 8.73 -1.43 -37.62
N PHE C 2541 9.02 -0.28 -38.23
CA PHE C 2541 8.48 0.99 -37.74
C PHE C 2541 6.97 1.00 -37.80
N ILE C 2542 6.39 0.56 -38.92
CA ILE C 2542 4.93 0.58 -39.08
C ILE C 2542 4.26 -0.36 -38.07
N ASP C 2543 4.65 -1.63 -38.08
CA ASP C 2543 3.91 -2.55 -37.23
C ASP C 2543 4.28 -2.48 -35.76
N SER C 2544 5.40 -1.82 -35.40
CA SER C 2544 5.64 -1.55 -34.00
C SER C 2544 4.93 -0.31 -33.55
N LEU C 2545 4.67 0.64 -34.46
CA LEU C 2545 3.84 1.79 -34.10
C LEU C 2545 2.37 1.42 -34.00
N ILE C 2546 1.94 0.37 -34.72
CA ILE C 2546 0.53 -0.03 -34.71
C ILE C 2546 0.09 -0.46 -33.31
N GLU C 2547 0.91 -1.20 -32.60
CA GLU C 2547 0.50 -1.63 -31.26
C GLU C 2547 0.70 -0.58 -30.19
N ILE C 2548 1.30 0.57 -30.53
CA ILE C 2548 1.27 1.67 -29.59
C ILE C 2548 -0.12 2.30 -29.59
N PHE C 2549 -0.85 2.16 -30.70
CA PHE C 2549 -2.17 2.77 -30.82
C PHE C 2549 -3.17 2.10 -29.91
N TYR C 2550 -2.97 0.82 -29.60
CA TYR C 2550 -3.92 0.08 -28.79
C TYR C 2550 -3.78 0.36 -27.31
N GLN C 2551 -2.67 0.97 -26.90
CA GLN C 2551 -2.47 1.36 -25.53
C GLN C 2551 -2.73 2.84 -25.31
N ASP C 2552 -2.15 3.70 -26.15
CA ASP C 2552 -2.31 5.12 -26.00
C ASP C 2552 -3.06 5.69 -27.19
N PRO C 2553 -4.11 6.48 -26.98
CA PRO C 2553 -4.82 7.10 -28.11
C PRO C 2553 -4.25 8.43 -28.56
N LYS C 2554 -3.06 8.80 -28.08
CA LYS C 2554 -2.40 10.02 -28.49
C LYS C 2554 -1.32 9.78 -29.54
N ALA C 2555 -0.92 8.53 -29.73
CA ALA C 2555 -0.14 8.19 -30.91
C ALA C 2555 -1.01 8.13 -32.14
N ILE C 2556 -2.29 7.82 -31.96
CA ILE C 2556 -3.23 7.86 -33.06
C ILE C 2556 -3.44 9.29 -33.54
N HIS C 2557 -3.55 10.23 -32.60
CA HIS C 2557 -3.71 11.64 -32.92
C HIS C 2557 -2.52 12.17 -33.70
N ARG C 2558 -1.32 11.95 -33.18
CA ARG C 2558 -0.11 12.45 -33.84
C ARG C 2558 0.16 11.73 -35.15
N ALA C 2559 -0.12 10.43 -35.21
CA ALA C 2559 0.09 9.67 -36.44
C ALA C 2559 -0.88 10.11 -37.53
N TRP C 2560 -2.13 10.39 -37.16
CA TRP C 2560 -3.09 10.86 -38.16
C TRP C 2560 -2.77 12.26 -38.64
N VAL C 2561 -2.36 13.15 -37.73
CA VAL C 2561 -2.05 14.52 -38.12
C VAL C 2561 -0.77 14.56 -38.96
N THR C 2562 0.17 13.65 -38.75
CA THR C 2562 1.30 13.61 -39.67
C THR C 2562 0.97 12.93 -40.99
N LEU C 2563 0.10 11.93 -41.01
CA LEU C 2563 -0.08 11.15 -42.23
C LEU C 2563 -1.08 11.79 -43.19
N PHE C 2564 -2.22 12.25 -42.70
CA PHE C 2564 -3.33 12.61 -43.56
C PHE C 2564 -3.10 13.82 -44.46
N PRO C 2565 -2.43 14.91 -44.05
CA PRO C 2565 -2.08 15.95 -45.03
C PRO C 2565 -1.09 15.51 -46.09
N GLN C 2566 -0.42 14.38 -45.93
CA GLN C 2566 0.48 13.88 -46.95
C GLN C 2566 -0.21 12.94 -47.93
N VAL C 2567 -1.16 12.13 -47.46
CA VAL C 2567 -1.91 11.27 -48.36
C VAL C 2567 -3.10 11.97 -49.00
N TYR C 2568 -3.41 13.19 -48.56
CA TYR C 2568 -4.40 13.98 -49.29
C TYR C 2568 -3.86 14.43 -50.65
N LYS C 2569 -2.53 14.48 -50.82
CA LYS C 2569 -1.95 14.85 -52.10
C LYS C 2569 -2.23 13.83 -53.20
N SER C 2570 -2.57 12.60 -52.84
CA SER C 2570 -2.91 11.60 -53.86
C SER C 2570 -4.26 11.87 -54.50
N ILE C 2571 -5.14 12.58 -53.80
CA ILE C 2571 -6.43 12.99 -54.36
C ILE C 2571 -6.13 14.04 -55.42
N PRO C 2572 -6.45 13.80 -56.68
CA PRO C 2572 -6.12 14.77 -57.73
C PRO C 2572 -7.13 15.90 -57.79
N LYS C 2573 -6.88 16.84 -58.70
CA LYS C 2573 -7.87 17.86 -58.98
C LYS C 2573 -9.00 17.24 -59.79
N ASN C 2574 -10.12 17.97 -59.88
CA ASN C 2574 -11.41 17.51 -60.39
C ASN C 2574 -11.95 16.31 -59.58
N GLU C 2575 -11.47 16.14 -58.35
CA GLU C 2575 -12.02 15.16 -57.43
C GLU C 2575 -12.03 15.68 -55.99
N LYS C 2576 -11.63 16.94 -55.77
CA LYS C 2576 -11.63 17.49 -54.42
C LYS C 2576 -13.03 17.78 -53.91
N TYR C 2577 -13.98 18.04 -54.82
CA TYR C 2577 -15.33 18.36 -54.38
C TYR C 2577 -16.03 17.15 -53.78
N GLY C 2578 -15.93 16.00 -54.43
CA GLY C 2578 -16.48 14.78 -53.87
C GLY C 2578 -15.80 14.33 -52.60
N PHE C 2579 -14.49 14.58 -52.51
CA PHE C 2579 -13.74 14.21 -51.31
C PHE C 2579 -14.13 15.10 -50.13
N VAL C 2580 -14.26 16.41 -50.35
CA VAL C 2580 -14.64 17.27 -49.25
C VAL C 2580 -16.11 17.05 -48.87
N ARG C 2581 -16.95 16.64 -49.83
CA ARG C 2581 -18.34 16.34 -49.49
C ARG C 2581 -18.44 15.06 -48.67
N SER C 2582 -17.60 14.07 -48.98
CA SER C 2582 -17.52 12.88 -48.15
C SER C 2582 -16.93 13.17 -46.78
N ILE C 2583 -16.06 14.18 -46.68
CA ILE C 2583 -15.55 14.60 -45.38
C ILE C 2583 -16.66 15.23 -44.53
N ILE C 2584 -17.51 16.06 -45.15
CA ILE C 2584 -18.65 16.64 -44.42
C ILE C 2584 -19.62 15.53 -44.01
N THR C 2585 -19.81 14.53 -44.87
CA THR C 2585 -20.70 13.43 -44.54
C THR C 2585 -20.16 12.60 -43.38
N LEU C 2586 -18.84 12.42 -43.33
CA LEU C 2586 -18.22 11.69 -42.23
C LEU C 2586 -18.29 12.48 -40.93
N LEU C 2587 -18.06 13.79 -40.99
CA LEU C 2587 -18.08 14.60 -39.78
C LEU C 2587 -19.49 14.86 -39.27
N SER C 2588 -20.50 14.79 -40.14
CA SER C 2588 -21.87 15.07 -39.75
C SER C 2588 -22.64 13.82 -39.36
N LYS C 2589 -21.95 12.73 -39.06
CA LYS C 2589 -22.63 11.49 -38.73
C LYS C 2589 -23.21 11.59 -37.33
N PRO C 2590 -24.38 10.98 -37.08
CA PRO C 2590 -25.00 11.10 -35.76
C PRO C 2590 -24.43 10.17 -34.71
N TYR C 2591 -23.58 9.21 -35.08
CA TYR C 2591 -23.08 8.28 -34.09
C TYR C 2591 -21.88 8.82 -33.32
N HIS C 2592 -21.47 10.06 -33.56
CA HIS C 2592 -20.37 10.64 -32.83
C HIS C 2592 -20.75 11.05 -31.41
N THR C 2593 -22.03 10.95 -31.03
CA THR C 2593 -22.43 11.29 -29.68
C THR C 2593 -22.00 10.25 -28.65
N ARG C 2594 -21.49 9.10 -29.10
CA ARG C 2594 -20.85 8.14 -28.22
C ARG C 2594 -19.42 8.52 -27.90
N GLN C 2595 -18.96 9.68 -28.37
CA GLN C 2595 -17.67 10.26 -28.02
C GLN C 2595 -17.80 11.71 -27.59
N ILE C 2596 -19.00 12.13 -27.18
CA ILE C 2596 -19.17 13.50 -26.70
C ILE C 2596 -18.47 13.70 -25.36
N SER C 2597 -18.62 12.74 -24.45
CA SER C 2597 -18.02 12.82 -23.13
C SER C 2597 -16.59 12.24 -23.20
N SER C 2598 -15.75 12.95 -23.95
CA SER C 2598 -14.35 12.58 -24.07
C SER C 2598 -13.55 13.82 -24.42
N ARG C 2599 -12.28 13.82 -24.02
CA ARG C 2599 -11.38 14.92 -24.35
C ARG C 2599 -10.59 14.64 -25.61
N THR C 2600 -10.57 13.41 -26.09
CA THR C 2600 -9.74 12.98 -27.21
C THR C 2600 -10.61 12.33 -28.28
N ASN C 2601 -11.65 13.04 -28.70
CA ASN C 2601 -12.57 12.56 -29.70
C ASN C 2601 -11.87 12.34 -31.03
N VAL C 2602 -12.53 11.55 -31.88
CA VAL C 2602 -12.10 11.42 -33.26
C VAL C 2602 -12.32 12.73 -34.02
N ILE C 2603 -13.30 13.54 -33.59
CA ILE C 2603 -13.55 14.84 -34.21
C ILE C 2603 -12.39 15.80 -34.01
N ASN C 2604 -11.78 15.79 -32.81
CA ASN C 2604 -10.57 16.59 -32.60
C ASN C 2604 -9.42 16.08 -33.45
N MET C 2605 -9.22 14.76 -33.45
CA MET C 2605 -8.13 14.14 -34.22
C MET C 2605 -8.30 14.32 -35.71
N LEU C 2606 -9.52 14.54 -36.18
CA LEU C 2606 -9.78 14.74 -37.59
C LEU C 2606 -9.79 16.21 -37.98
N LEU C 2607 -10.37 17.09 -37.15
CA LEU C 2607 -10.31 18.53 -37.42
C LEU C 2607 -8.90 19.07 -37.35
N ASP C 2608 -8.07 18.49 -36.48
CA ASP C 2608 -6.68 18.91 -36.41
C ASP C 2608 -5.92 18.58 -37.70
N SER C 2609 -6.23 17.44 -38.31
CA SER C 2609 -5.63 17.13 -39.60
C SER C 2609 -6.26 17.88 -40.74
N ILE C 2610 -7.51 18.35 -40.59
CA ILE C 2610 -8.06 19.27 -41.58
C ILE C 2610 -7.30 20.58 -41.56
N SER C 2611 -6.92 21.04 -40.37
CA SER C 2611 -6.27 22.33 -40.21
C SER C 2611 -4.84 22.38 -40.72
N LYS C 2612 -4.26 21.27 -41.16
CA LYS C 2612 -2.88 21.24 -41.63
C LYS C 2612 -2.78 21.08 -43.14
N ILE C 2613 -3.80 21.51 -43.87
CA ILE C 2613 -3.91 21.21 -45.30
C ILE C 2613 -3.94 22.49 -46.14
N GLU C 2614 -4.77 23.45 -45.74
CA GLU C 2614 -4.97 24.79 -46.32
C GLU C 2614 -5.57 24.76 -47.72
N SER C 2615 -5.92 23.58 -48.24
CA SER C 2615 -6.66 23.45 -49.49
C SER C 2615 -8.11 23.09 -49.21
N LEU C 2616 -8.36 21.99 -48.51
CA LEU C 2616 -9.71 21.66 -48.10
C LEU C 2616 -10.06 22.29 -46.77
N GLU C 2617 -9.19 23.15 -46.23
CA GLU C 2617 -9.33 23.69 -44.87
C GLU C 2617 -10.49 24.65 -44.75
N LEU C 2618 -11.20 24.89 -45.85
CA LEU C 2618 -12.54 25.43 -45.78
C LEU C 2618 -13.55 24.30 -45.88
N PRO C 2619 -14.14 23.86 -44.77
CA PRO C 2619 -15.37 23.12 -44.84
C PRO C 2619 -16.52 24.10 -44.71
N PRO C 2620 -17.79 23.64 -44.73
CA PRO C 2620 -18.93 24.57 -44.60
C PRO C 2620 -19.03 25.54 -43.44
N HIS C 2621 -18.19 25.41 -42.42
CA HIS C 2621 -17.83 26.42 -41.43
C HIS C 2621 -18.97 26.99 -40.58
N LEU C 2622 -20.20 26.54 -40.75
CA LEU C 2622 -21.16 26.52 -39.67
C LEU C 2622 -21.27 25.12 -39.11
N VAL C 2623 -20.60 24.16 -39.76
CA VAL C 2623 -20.36 22.84 -39.19
C VAL C 2623 -19.25 22.91 -38.17
N LYS C 2624 -18.24 23.75 -38.41
CA LYS C 2624 -17.15 23.88 -37.47
C LYS C 2624 -17.61 24.54 -36.20
N TYR C 2625 -18.49 25.51 -36.33
CA TYR C 2625 -19.08 26.14 -35.17
C TYR C 2625 -20.08 25.22 -34.48
N LEU C 2626 -20.68 24.28 -35.20
CA LEU C 2626 -21.52 23.32 -34.51
C LEU C 2626 -20.78 22.03 -34.12
N ALA C 2627 -19.51 21.87 -34.47
CA ALA C 2627 -18.71 20.76 -33.94
C ALA C 2627 -18.06 21.15 -32.62
N ILE C 2628 -18.93 21.64 -31.73
CA ILE C 2628 -18.68 22.31 -30.46
C ILE C 2628 -19.61 21.62 -29.46
N SER C 2629 -20.44 20.74 -30.00
CA SER C 2629 -21.00 19.66 -29.20
C SER C 2629 -19.89 18.75 -28.67
N TYR C 2630 -18.82 18.60 -29.44
CA TYR C 2630 -17.56 18.00 -29.01
C TYR C 2630 -16.73 19.09 -28.35
N ASN C 2631 -15.45 18.89 -28.09
CA ASN C 2631 -14.74 20.03 -27.54
C ASN C 2631 -14.30 20.97 -28.67
N ALA C 2632 -13.29 20.56 -29.42
CA ALA C 2632 -12.84 21.12 -30.70
C ALA C 2632 -12.89 22.64 -30.84
N TRP C 2633 -12.61 23.37 -29.77
CA TRP C 2633 -12.80 24.81 -29.79
C TRP C 2633 -11.71 25.48 -30.61
N TYR C 2634 -10.46 25.18 -30.30
CA TYR C 2634 -9.36 25.82 -31.00
C TYR C 2634 -9.05 25.12 -32.30
N GLN C 2635 -9.41 23.84 -32.44
CA GLN C 2635 -9.37 23.20 -33.74
C GLN C 2635 -10.37 23.81 -34.72
N SER C 2636 -11.46 24.39 -34.21
CA SER C 2636 -12.40 25.12 -35.04
C SER C 2636 -12.02 26.58 -35.23
N ILE C 2637 -11.42 27.21 -34.22
CA ILE C 2637 -10.99 28.59 -34.35
C ILE C 2637 -9.81 28.69 -35.32
N ASN C 2638 -8.96 27.67 -35.37
CA ASN C 2638 -7.89 27.61 -36.38
C ASN C 2638 -8.45 27.55 -37.79
N ILE C 2639 -9.48 26.73 -37.99
CA ILE C 2639 -10.11 26.60 -39.30
C ILE C 2639 -10.81 27.89 -39.69
N LEU C 2640 -11.58 28.46 -38.78
CA LEU C 2640 -12.35 29.68 -39.07
C LEU C 2640 -11.47 30.92 -39.21
N GLU C 2641 -10.28 30.93 -38.63
CA GLU C 2641 -9.37 32.05 -38.80
C GLU C 2641 -8.41 31.85 -39.97
N SER C 2642 -8.28 30.63 -40.47
CA SER C 2642 -7.55 30.41 -41.70
C SER C 2642 -8.40 30.62 -42.94
N ILE C 2643 -9.63 31.11 -42.81
CA ILE C 2643 -10.43 31.58 -43.93
C ILE C 2643 -10.42 33.10 -43.96
N GLN C 2644 -10.25 33.74 -42.81
CA GLN C 2644 -10.07 35.19 -42.78
C GLN C 2644 -8.81 35.61 -43.51
N SER C 2645 -7.75 34.81 -43.43
CA SER C 2645 -6.49 35.12 -44.07
C SER C 2645 -6.23 34.25 -45.29
N ASN C 2646 -7.28 33.90 -46.01
CA ASN C 2646 -7.17 33.11 -47.23
C ASN C 2646 -7.81 33.91 -48.37
N THR C 2647 -7.32 33.69 -49.59
CA THR C 2647 -7.92 34.29 -50.77
C THR C 2647 -9.04 33.35 -51.24
N SER C 2648 -10.08 33.35 -50.42
CA SER C 2648 -11.31 32.60 -50.64
C SER C 2648 -12.44 33.51 -51.05
N ILE C 2649 -12.14 34.58 -51.77
CA ILE C 2649 -13.15 35.57 -52.10
C ILE C 2649 -13.79 35.07 -53.38
N ASP C 2650 -14.73 34.14 -53.21
CA ASP C 2650 -15.67 33.77 -54.24
C ASP C 2650 -17.04 34.38 -53.97
N ASN C 2651 -17.33 34.65 -52.70
CA ASN C 2651 -18.59 35.27 -52.33
C ASN C 2651 -18.34 36.26 -51.20
N THR C 2652 -19.26 37.21 -51.10
CA THR C 2652 -19.34 38.07 -49.94
C THR C 2652 -20.34 37.53 -48.92
N LYS C 2653 -20.90 36.36 -49.18
CA LYS C 2653 -21.77 35.67 -48.24
C LYS C 2653 -21.15 34.41 -47.68
N ILE C 2654 -19.97 34.03 -48.14
CA ILE C 2654 -19.19 33.04 -47.44
C ILE C 2654 -18.37 33.71 -46.34
N ILE C 2655 -17.87 34.91 -46.63
CA ILE C 2655 -17.03 35.63 -45.70
C ILE C 2655 -17.83 36.10 -44.50
N GLU C 2656 -19.05 36.61 -44.72
CA GLU C 2656 -19.85 37.09 -43.60
C GLU C 2656 -20.39 35.94 -42.76
N ALA C 2657 -20.61 34.78 -43.37
CA ALA C 2657 -21.02 33.62 -42.57
C ALA C 2657 -19.86 33.03 -41.79
N ASN C 2658 -18.65 33.09 -42.36
CA ASN C 2658 -17.44 32.77 -41.62
C ASN C 2658 -17.26 33.67 -40.41
N GLU C 2659 -17.48 34.97 -40.60
CA GLU C 2659 -17.37 35.90 -39.50
C GLU C 2659 -18.45 35.70 -38.47
N ASP C 2660 -19.66 35.29 -38.89
CA ASP C 2660 -20.72 34.99 -37.95
C ASP C 2660 -20.36 33.80 -37.07
N ALA C 2661 -19.84 32.72 -37.67
CA ALA C 2661 -19.46 31.55 -36.89
C ALA C 2661 -18.28 31.84 -35.97
N LEU C 2662 -17.34 32.66 -36.43
CA LEU C 2662 -16.20 33.01 -35.58
C LEU C 2662 -16.63 33.87 -34.40
N LEU C 2663 -17.53 34.82 -34.62
CA LEU C 2663 -18.01 35.65 -33.53
C LEU C 2663 -18.83 34.86 -32.54
N GLU C 2664 -19.56 33.85 -33.01
CA GLU C 2664 -20.33 33.04 -32.08
C GLU C 2664 -19.45 32.09 -31.28
N LEU C 2665 -18.34 31.64 -31.86
CA LEU C 2665 -17.39 30.88 -31.05
C LEU C 2665 -16.70 31.75 -30.02
N TYR C 2666 -16.41 33.01 -30.36
CA TYR C 2666 -15.86 33.95 -29.40
C TYR C 2666 -16.84 34.30 -28.30
N VAL C 2667 -18.13 34.33 -28.60
CA VAL C 2667 -19.14 34.55 -27.58
C VAL C 2667 -19.24 33.33 -26.66
N ASN C 2668 -19.18 32.14 -27.24
CA ASN C 2668 -19.27 30.92 -26.43
C ASN C 2668 -18.04 30.74 -25.55
N LEU C 2669 -16.90 31.27 -25.95
CA LEU C 2669 -15.72 31.24 -25.09
C LEU C 2669 -15.59 32.47 -24.22
N GLN C 2670 -16.52 33.42 -24.33
CA GLN C 2670 -16.55 34.68 -23.58
C GLN C 2670 -15.29 35.52 -23.78
N GLU C 2671 -14.69 35.43 -24.95
CA GLU C 2671 -13.52 36.25 -25.28
C GLU C 2671 -14.04 37.50 -25.96
N GLU C 2672 -14.37 38.51 -25.16
CA GLU C 2672 -15.12 39.65 -25.65
C GLU C 2672 -14.26 40.66 -26.39
N ASP C 2673 -12.97 40.74 -26.10
CA ASP C 2673 -12.12 41.71 -26.79
C ASP C 2673 -11.92 41.33 -28.25
N MET C 2674 -11.75 40.04 -28.53
CA MET C 2674 -11.71 39.58 -29.91
C MET C 2674 -13.05 39.72 -30.60
N PHE C 2675 -14.15 39.60 -29.85
CA PHE C 2675 -15.50 39.81 -30.37
C PHE C 2675 -15.68 41.25 -30.84
N TYR C 2676 -15.30 42.22 -30.00
CA TYR C 2676 -15.44 43.62 -30.36
C TYR C 2676 -14.47 44.02 -31.45
N GLY C 2677 -13.27 43.46 -31.44
CA GLY C 2677 -12.32 43.75 -32.51
C GLY C 2677 -12.78 43.24 -33.86
N LEU C 2678 -13.26 41.99 -33.92
CA LEU C 2678 -13.75 41.45 -35.17
C LEU C 2678 -15.02 42.14 -35.64
N TRP C 2679 -15.90 42.54 -34.71
CA TRP C 2679 -17.12 43.20 -35.10
C TRP C 2679 -16.85 44.58 -35.67
N ARG C 2680 -16.01 45.38 -35.02
CA ARG C 2680 -15.76 46.68 -35.61
C ARG C 2680 -14.63 46.66 -36.62
N ARG C 2681 -14.13 45.49 -36.97
CA ARG C 2681 -13.44 45.35 -38.25
C ARG C 2681 -14.39 45.00 -39.39
N ARG C 2682 -15.52 44.34 -39.09
CA ARG C 2682 -16.45 43.91 -40.14
C ARG C 2682 -17.69 44.78 -40.28
N ALA C 2683 -17.91 45.76 -39.41
CA ALA C 2683 -19.14 46.54 -39.44
C ALA C 2683 -19.13 47.56 -40.56
N LYS C 2684 -20.33 47.91 -41.02
CA LYS C 2684 -20.51 48.85 -42.12
C LYS C 2684 -21.01 50.22 -41.69
N TYR C 2685 -21.87 50.30 -40.69
CA TYR C 2685 -22.26 51.59 -40.15
C TYR C 2685 -21.13 52.14 -39.28
N THR C 2686 -21.12 53.46 -39.12
CA THR C 2686 -20.14 54.07 -38.24
C THR C 2686 -20.65 54.16 -36.81
N GLU C 2687 -21.96 54.36 -36.64
CA GLU C 2687 -22.54 54.38 -35.30
C GLU C 2687 -22.45 53.01 -34.64
N THR C 2688 -22.43 51.94 -35.42
CA THR C 2688 -22.12 50.63 -34.88
C THR C 2688 -20.71 50.58 -34.29
N ASN C 2689 -19.73 51.19 -34.97
CA ASN C 2689 -18.37 51.22 -34.46
C ASN C 2689 -18.27 52.04 -33.19
N ILE C 2690 -18.95 53.18 -33.14
CA ILE C 2690 -18.92 54.03 -31.95
C ILE C 2690 -19.62 53.34 -30.78
N GLY C 2691 -20.74 52.68 -31.04
CA GLY C 2691 -21.45 52.00 -29.99
C GLY C 2691 -20.71 50.78 -29.46
N LEU C 2692 -20.03 50.05 -30.34
CA LEU C 2692 -19.23 48.92 -29.90
C LEU C 2692 -18.02 49.38 -29.10
N SER C 2693 -17.43 50.52 -29.45
CA SER C 2693 -16.30 51.02 -28.67
C SER C 2693 -16.73 51.48 -27.28
N TYR C 2694 -17.84 52.20 -27.19
CA TYR C 2694 -18.35 52.60 -25.89
C TYR C 2694 -18.82 51.40 -25.08
N GLU C 2695 -19.28 50.34 -25.74
CA GLU C 2695 -19.70 49.15 -25.03
C GLU C 2695 -18.51 48.34 -24.53
N GLN C 2696 -17.40 48.34 -25.26
CA GLN C 2696 -16.23 47.66 -24.78
C GLN C 2696 -15.63 48.39 -23.58
N ILE C 2697 -15.62 49.72 -23.63
CA ILE C 2697 -15.07 50.48 -22.50
C ILE C 2697 -15.94 50.34 -21.27
N GLY C 2698 -17.26 50.34 -21.44
CA GLY C 2698 -18.12 50.14 -20.30
C GLY C 2698 -19.03 51.33 -20.06
N LEU C 2699 -19.13 52.20 -21.06
CA LEU C 2699 -20.03 53.34 -21.01
C LEU C 2699 -21.27 52.94 -21.77
N TRP C 2700 -22.29 52.49 -21.04
CA TRP C 2700 -23.44 51.87 -21.67
C TRP C 2700 -24.55 52.84 -22.02
N ASP C 2701 -24.57 54.03 -21.41
CA ASP C 2701 -25.56 55.03 -21.79
C ASP C 2701 -25.29 55.57 -23.19
N LYS C 2702 -24.04 55.96 -23.46
CA LYS C 2702 -23.68 56.45 -24.77
C LYS C 2702 -23.72 55.36 -25.83
N ALA C 2703 -23.39 54.13 -25.45
CA ALA C 2703 -23.52 53.01 -26.38
C ALA C 2703 -24.96 52.73 -26.73
N GLN C 2704 -25.86 52.86 -25.75
CA GLN C 2704 -27.28 52.66 -25.98
C GLN C 2704 -27.84 53.73 -26.92
N GLN C 2705 -27.42 54.98 -26.72
CA GLN C 2705 -27.83 56.06 -27.62
C GLN C 2705 -27.30 55.85 -29.03
N LEU C 2706 -26.06 55.36 -29.16
CA LEU C 2706 -25.51 55.14 -30.50
C LEU C 2706 -26.17 53.95 -31.20
N TYR C 2707 -26.57 52.93 -30.46
CA TYR C 2707 -27.33 51.84 -31.07
C TYR C 2707 -28.71 52.29 -31.51
N GLU C 2708 -29.34 53.21 -30.76
CA GLU C 2708 -30.61 53.77 -31.21
C GLU C 2708 -30.43 54.59 -32.48
N VAL C 2709 -29.35 55.36 -32.57
CA VAL C 2709 -29.08 56.15 -33.77
C VAL C 2709 -28.82 55.26 -34.97
N ALA C 2710 -28.08 54.16 -34.76
CA ALA C 2710 -27.84 53.23 -35.86
C ALA C 2710 -29.09 52.47 -36.27
N GLN C 2711 -30.01 52.22 -35.33
CA GLN C 2711 -31.27 51.58 -35.69
C GLN C 2711 -32.19 52.54 -36.44
N VAL C 2712 -32.12 53.83 -36.15
CA VAL C 2712 -33.00 54.80 -36.82
C VAL C 2712 -32.56 54.99 -38.26
N LYS C 2713 -31.24 55.11 -38.50
CA LYS C 2713 -30.73 55.38 -39.85
C LYS C 2713 -30.86 54.20 -40.79
N ALA C 2714 -31.23 53.02 -40.31
CA ALA C 2714 -31.47 51.89 -41.19
C ALA C 2714 -32.91 51.78 -41.64
N ARG C 2715 -33.85 52.39 -40.90
CA ARG C 2715 -35.24 52.38 -41.32
C ARG C 2715 -35.47 53.32 -42.49
N SER C 2716 -34.72 54.41 -42.56
CA SER C 2716 -34.91 55.45 -43.55
C SER C 2716 -33.58 55.81 -44.20
N GLY C 2717 -32.83 54.80 -44.61
CA GLY C 2717 -31.52 55.04 -45.20
C GLY C 2717 -31.31 54.35 -46.53
N ALA C 2718 -30.07 54.38 -47.01
CA ALA C 2718 -29.71 53.77 -48.29
C ALA C 2718 -28.70 52.64 -48.13
N LEU C 2719 -28.70 51.99 -46.95
CA LEU C 2719 -27.77 50.91 -46.70
C LEU C 2719 -28.54 49.65 -46.28
N PRO C 2720 -28.09 48.47 -46.71
CA PRO C 2720 -28.88 47.25 -46.48
C PRO C 2720 -28.71 46.55 -45.14
N TYR C 2721 -27.74 46.95 -44.31
CA TYR C 2721 -27.47 46.54 -42.93
C TYR C 2721 -27.29 45.02 -42.71
N SER C 2722 -27.19 44.22 -43.77
CA SER C 2722 -26.64 42.86 -43.80
C SER C 2722 -27.33 41.80 -42.93
N GLN C 2723 -28.42 42.13 -42.24
CA GLN C 2723 -29.22 41.25 -41.37
C GLN C 2723 -28.44 40.62 -40.22
N SER C 2724 -27.23 41.09 -39.95
CA SER C 2724 -26.42 40.62 -38.85
C SER C 2724 -26.01 41.74 -37.93
N GLU C 2725 -25.95 42.97 -38.44
CA GLU C 2725 -25.80 44.15 -37.61
C GLU C 2725 -27.09 44.52 -36.93
N TYR C 2726 -28.23 44.15 -37.52
CA TYR C 2726 -29.53 44.50 -36.97
C TYR C 2726 -29.78 43.77 -35.66
N ALA C 2727 -29.46 42.47 -35.64
CA ALA C 2727 -29.53 41.70 -34.41
C ALA C 2727 -28.53 42.19 -33.38
N LEU C 2728 -27.37 42.67 -33.83
CA LEU C 2728 -26.38 43.24 -32.92
C LEU C 2728 -26.91 44.49 -32.26
N TRP C 2729 -27.58 45.35 -33.02
CA TRP C 2729 -28.16 46.56 -32.44
C TRP C 2729 -29.22 46.23 -31.42
N GLU C 2730 -30.11 45.28 -31.75
CA GLU C 2730 -31.19 44.90 -30.83
C GLU C 2730 -30.66 44.29 -29.54
N ASP C 2731 -29.81 43.26 -29.66
CA ASP C 2731 -29.34 42.53 -28.50
C ASP C 2731 -28.39 43.34 -27.65
N ASN C 2732 -27.53 44.15 -28.26
CA ASN C 2732 -26.61 44.94 -27.47
C ASN C 2732 -27.31 46.12 -26.83
N TRP C 2733 -28.40 46.61 -27.43
CA TRP C 2733 -29.25 47.56 -26.72
C TRP C 2733 -29.84 46.93 -25.47
N ILE C 2734 -30.31 45.68 -25.58
CA ILE C 2734 -30.87 44.99 -24.42
C ILE C 2734 -29.81 44.75 -23.35
N GLN C 2735 -28.57 44.46 -23.77
CA GLN C 2735 -27.51 44.23 -22.79
C GLN C 2735 -27.10 45.52 -22.07
N CYS C 2736 -27.02 46.64 -22.81
CA CYS C 2736 -26.72 47.92 -22.16
C CYS C 2736 -27.85 48.34 -21.23
N ALA C 2737 -29.09 48.06 -21.60
CA ALA C 2737 -30.21 48.39 -20.73
C ALA C 2737 -30.28 47.46 -19.52
N GLU C 2738 -29.74 46.24 -19.65
CA GLU C 2738 -29.63 45.37 -18.50
C GLU C 2738 -28.56 45.84 -17.54
N LYS C 2739 -27.42 46.30 -18.07
CA LYS C 2739 -26.36 46.81 -17.21
C LYS C 2739 -26.80 48.09 -16.51
N LEU C 2740 -27.56 48.93 -17.19
CA LEU C 2740 -28.02 50.17 -16.58
C LEU C 2740 -29.21 49.97 -15.64
N GLN C 2741 -29.72 48.74 -15.53
CA GLN C 2741 -30.81 48.35 -14.63
C GLN C 2741 -32.09 49.12 -14.91
N HIS C 2742 -32.49 49.12 -16.18
CA HIS C 2742 -33.80 49.60 -16.58
C HIS C 2742 -34.72 48.41 -16.74
N TRP C 2743 -35.15 47.87 -15.60
CA TRP C 2743 -35.94 46.65 -15.65
C TRP C 2743 -37.40 46.91 -15.96
N ASP C 2744 -37.90 48.13 -15.73
CA ASP C 2744 -39.29 48.41 -16.03
C ASP C 2744 -39.55 48.52 -17.52
N VAL C 2745 -38.55 48.94 -18.29
CA VAL C 2745 -38.68 48.96 -19.75
C VAL C 2745 -38.64 47.54 -20.29
N LEU C 2746 -37.68 46.76 -19.80
CA LEU C 2746 -37.46 45.43 -20.32
C LEU C 2746 -38.54 44.44 -19.92
N THR C 2747 -39.25 44.73 -18.82
CA THR C 2747 -40.36 43.86 -18.42
C THR C 2747 -41.49 43.91 -19.43
N GLU C 2748 -41.88 45.10 -19.85
CA GLU C 2748 -42.91 45.18 -20.87
C GLU C 2748 -42.38 44.90 -22.26
N LEU C 2749 -41.07 45.03 -22.49
CA LEU C 2749 -40.52 44.55 -23.75
C LEU C 2749 -40.59 43.02 -23.83
N ALA C 2750 -40.38 42.33 -22.72
CA ALA C 2750 -40.56 40.90 -22.67
C ALA C 2750 -42.02 40.49 -22.54
N LYS C 2751 -42.91 41.42 -22.19
CA LYS C 2751 -44.33 41.13 -22.28
C LYS C 2751 -44.86 41.32 -23.68
N HIS C 2752 -44.20 42.16 -24.47
CA HIS C 2752 -44.61 42.42 -25.84
C HIS C 2752 -44.30 41.26 -26.78
N GLU C 2753 -43.37 40.38 -26.41
CA GLU C 2753 -43.00 39.24 -27.24
C GLU C 2753 -42.56 38.10 -26.34
N GLY C 2754 -42.88 36.87 -26.73
CA GLY C 2754 -42.60 35.72 -25.90
C GLY C 2754 -41.13 35.43 -25.69
N PHE C 2755 -40.65 35.68 -24.47
CA PHE C 2755 -39.21 35.69 -24.21
C PHE C 2755 -38.93 35.57 -22.72
N THR C 2756 -37.86 34.82 -22.38
CA THR C 2756 -37.33 34.67 -21.02
C THR C 2756 -36.37 35.76 -20.63
N ASP C 2757 -36.45 36.92 -21.28
CA ASP C 2757 -36.08 38.15 -20.63
C ASP C 2757 -37.00 38.41 -19.45
N LEU C 2758 -38.25 37.95 -19.57
CA LEU C 2758 -39.22 38.04 -18.49
C LEU C 2758 -38.79 37.23 -17.27
N LEU C 2759 -38.13 36.10 -17.49
CA LEU C 2759 -37.59 35.35 -16.36
C LEU C 2759 -36.41 36.08 -15.73
N LEU C 2760 -35.64 36.82 -16.51
CA LEU C 2760 -34.48 37.53 -15.98
C LEU C 2760 -34.85 38.83 -15.28
N GLU C 2761 -36.13 39.12 -15.07
CA GLU C 2761 -36.49 40.00 -13.96
C GLU C 2761 -36.89 39.14 -12.77
N CYS C 2762 -35.87 38.49 -12.22
CA CYS C 2762 -35.97 37.89 -10.90
C CYS C 2762 -35.88 38.96 -9.84
N GLY C 2763 -35.17 40.04 -10.11
CA GLY C 2763 -35.24 41.24 -9.31
C GLY C 2763 -35.85 42.35 -10.11
N TRP C 2764 -37.09 42.73 -9.80
CA TRP C 2764 -37.88 43.65 -10.61
C TRP C 2764 -38.58 44.67 -9.72
N ARG C 2765 -37.84 45.24 -8.77
CA ARG C 2765 -38.36 46.08 -7.68
C ARG C 2765 -39.48 45.34 -6.93
N VAL C 2766 -39.10 44.20 -6.37
CA VAL C 2766 -40.04 43.19 -5.90
C VAL C 2766 -39.81 42.92 -4.42
N ALA C 2767 -40.92 42.76 -3.69
CA ALA C 2767 -40.88 42.39 -2.30
C ALA C 2767 -41.66 41.12 -1.99
N ASP C 2768 -42.37 40.54 -2.96
CA ASP C 2768 -43.21 39.39 -2.69
C ASP C 2768 -42.76 38.12 -3.39
N TRP C 2769 -42.68 38.11 -4.74
CA TRP C 2769 -42.42 36.92 -5.58
C TRP C 2769 -43.42 35.78 -5.29
N ASN C 2770 -44.61 36.11 -4.77
CA ASN C 2770 -45.54 35.08 -4.33
C ASN C 2770 -46.95 35.32 -4.83
N SER C 2771 -47.30 36.59 -5.06
CA SER C 2771 -48.62 36.88 -5.60
C SER C 2771 -48.71 36.47 -7.06
N ASP C 2772 -47.59 36.45 -7.76
CA ASP C 2772 -47.50 35.99 -9.14
C ASP C 2772 -46.63 34.73 -9.24
N ARG C 2773 -46.82 33.81 -8.29
CA ARG C 2773 -46.02 32.59 -8.26
C ARG C 2773 -46.38 31.67 -9.42
N ASP C 2774 -47.68 31.55 -9.72
CA ASP C 2774 -48.13 30.70 -10.83
C ASP C 2774 -47.72 31.29 -12.18
N ALA C 2775 -47.74 32.61 -12.30
CA ALA C 2775 -47.33 33.26 -13.54
C ALA C 2775 -45.85 33.10 -13.82
N LEU C 2776 -45.05 32.80 -12.79
CA LEU C 2776 -43.65 32.47 -12.98
C LEU C 2776 -43.43 30.97 -13.13
N GLU C 2777 -44.25 30.14 -12.48
CA GLU C 2777 -44.10 28.70 -12.62
C GLU C 2777 -44.45 28.24 -14.03
N GLN C 2778 -45.47 28.85 -14.65
CA GLN C 2778 -45.79 28.48 -16.03
C GLN C 2778 -44.73 28.95 -17.00
N SER C 2779 -44.15 30.14 -16.75
CA SER C 2779 -43.07 30.64 -17.59
C SER C 2779 -41.81 29.80 -17.45
N VAL C 2780 -41.56 29.25 -16.28
CA VAL C 2780 -40.42 28.35 -16.10
C VAL C 2780 -40.70 27.01 -16.76
N LYS C 2781 -41.88 26.44 -16.52
CA LYS C 2781 -42.17 25.08 -16.98
C LYS C 2781 -42.33 25.02 -18.50
N SER C 2782 -42.75 26.11 -19.14
CA SER C 2782 -42.83 26.11 -20.60
C SER C 2782 -41.46 26.14 -21.24
N VAL C 2783 -40.45 26.61 -20.53
CA VAL C 2783 -39.12 26.77 -21.07
C VAL C 2783 -38.12 25.81 -20.43
N MET C 2784 -38.50 25.08 -19.38
CA MET C 2784 -37.58 24.12 -18.78
C MET C 2784 -37.65 22.75 -19.46
N ASP C 2785 -37.61 22.79 -20.78
CA ASP C 2785 -37.14 21.72 -21.62
C ASP C 2785 -35.99 22.32 -22.41
N VAL C 2786 -35.11 21.46 -22.93
CA VAL C 2786 -33.72 21.75 -23.27
C VAL C 2786 -33.11 22.69 -22.21
N PRO C 2787 -32.90 22.19 -21.00
CA PRO C 2787 -32.60 23.08 -19.88
C PRO C 2787 -31.16 23.59 -19.91
N THR C 2788 -31.02 24.81 -19.45
CA THR C 2788 -29.77 25.50 -19.23
C THR C 2788 -29.54 25.62 -17.72
N PRO C 2789 -28.31 25.91 -17.28
CA PRO C 2789 -28.10 26.13 -15.84
C PRO C 2789 -28.87 27.30 -15.26
N ARG C 2790 -29.19 28.31 -16.07
CA ARG C 2790 -29.91 29.47 -15.56
C ARG C 2790 -31.38 29.16 -15.30
N ARG C 2791 -32.04 28.46 -16.23
CA ARG C 2791 -33.44 28.11 -16.02
C ARG C 2791 -33.58 27.06 -14.93
N GLN C 2792 -32.59 26.19 -14.79
CA GLN C 2792 -32.56 25.26 -13.67
C GLN C 2792 -32.37 25.99 -12.34
N MET C 2793 -31.58 27.06 -12.33
CA MET C 2793 -31.46 27.90 -11.13
C MET C 2793 -32.77 28.57 -10.79
N PHE C 2794 -33.53 28.98 -11.81
CA PHE C 2794 -34.84 29.59 -11.55
C PHE C 2794 -35.84 28.58 -10.99
N LYS C 2795 -35.80 27.36 -11.50
CA LYS C 2795 -36.67 26.30 -10.98
C LYS C 2795 -36.32 25.95 -9.53
N THR C 2796 -35.03 25.90 -9.21
CA THR C 2796 -34.60 25.65 -7.85
C THR C 2796 -34.98 26.78 -6.91
N PHE C 2797 -34.94 28.03 -7.40
CA PHE C 2797 -35.37 29.13 -6.56
C PHE C 2797 -36.88 29.13 -6.33
N LEU C 2798 -37.65 28.69 -7.32
CA LEU C 2798 -39.09 28.54 -7.11
C LEU C 2798 -39.40 27.48 -6.08
N ALA C 2799 -38.66 26.37 -6.09
CA ALA C 2799 -38.86 25.35 -5.07
C ALA C 2799 -38.42 25.83 -3.69
N LEU C 2800 -37.37 26.65 -3.64
CA LEU C 2800 -36.91 27.21 -2.38
C LEU C 2800 -37.93 28.19 -1.81
N GLN C 2801 -38.55 29.00 -2.67
CA GLN C 2801 -39.59 29.91 -2.19
C GLN C 2801 -40.84 29.16 -1.78
N ASN C 2802 -41.12 28.02 -2.43
CA ASN C 2802 -42.23 27.18 -2.00
C ASN C 2802 -41.99 26.59 -0.62
N PHE C 2803 -40.76 26.18 -0.33
CA PHE C 2803 -40.41 25.76 1.02
C PHE C 2803 -40.45 26.92 2.00
N ALA C 2804 -40.14 28.14 1.53
CA ALA C 2804 -40.07 29.28 2.43
C ALA C 2804 -41.45 29.76 2.86
N GLU C 2805 -42.30 30.10 1.87
CA GLU C 2805 -43.59 30.69 2.21
C GLU C 2805 -44.57 29.69 2.77
N SER C 2806 -44.34 28.40 2.56
CA SER C 2806 -45.18 27.33 3.11
C SER C 2806 -44.25 26.41 3.86
N ARG C 2807 -44.20 26.55 5.18
CA ARG C 2807 -43.33 25.74 6.01
C ARG C 2807 -43.79 24.29 6.00
N LYS C 2808 -42.88 23.41 6.42
CA LYS C 2808 -42.95 21.97 6.15
C LYS C 2808 -43.15 21.76 4.65
N GLY C 2809 -42.12 22.16 3.93
CA GLY C 2809 -42.19 22.21 2.49
C GLY C 2809 -41.87 20.87 1.87
N ASP C 2810 -40.88 20.84 0.99
CA ASP C 2810 -40.66 19.69 0.13
C ASP C 2810 -39.35 18.98 0.40
N GLN C 2811 -38.27 19.74 0.63
CA GLN C 2811 -36.88 19.26 0.58
C GLN C 2811 -36.58 18.54 -0.73
N GLU C 2812 -37.19 19.02 -1.80
CA GLU C 2812 -36.77 18.76 -3.17
C GLU C 2812 -35.76 19.80 -3.62
N VAL C 2813 -35.59 20.86 -2.81
CA VAL C 2813 -34.52 21.82 -3.04
C VAL C 2813 -33.16 21.14 -2.91
N ARG C 2814 -33.05 20.15 -2.02
CA ARG C 2814 -31.85 19.34 -1.93
C ARG C 2814 -31.64 18.43 -3.13
N LYS C 2815 -32.66 18.25 -3.98
CA LYS C 2815 -32.54 17.48 -5.21
C LYS C 2815 -32.34 18.37 -6.41
N LEU C 2816 -32.99 19.54 -6.41
CA LEU C 2816 -32.86 20.45 -7.54
C LEU C 2816 -31.48 21.11 -7.55
N CYS C 2817 -30.93 21.41 -6.36
CA CYS C 2817 -29.55 21.90 -6.28
C CYS C 2817 -28.56 20.86 -6.79
N ASP C 2818 -28.81 19.58 -6.53
CA ASP C 2818 -27.89 18.55 -6.99
C ASP C 2818 -28.00 18.31 -8.49
N GLU C 2819 -29.20 18.38 -9.05
CA GLU C 2819 -29.29 18.27 -10.50
C GLU C 2819 -28.75 19.53 -11.18
N GLY C 2820 -28.81 20.68 -10.52
CA GLY C 2820 -28.19 21.86 -11.07
C GLY C 2820 -26.67 21.80 -11.03
N ILE C 2821 -26.12 21.21 -9.96
CA ILE C 2821 -24.69 21.01 -9.87
C ILE C 2821 -24.22 20.02 -10.94
N GLN C 2822 -24.99 18.97 -11.20
CA GLN C 2822 -24.61 18.03 -12.25
C GLN C 2822 -24.72 18.65 -13.65
N LEU C 2823 -25.73 19.49 -13.87
CA LEU C 2823 -25.84 20.22 -15.14
C LEU C 2823 -24.67 21.17 -15.35
N SER C 2824 -24.27 21.88 -14.29
CA SER C 2824 -23.12 22.77 -14.36
C SER C 2824 -21.82 22.01 -14.55
N LEU C 2825 -21.73 20.78 -14.05
CA LEU C 2825 -20.51 19.99 -14.27
C LEU C 2825 -20.43 19.48 -15.70
N ILE C 2826 -21.57 19.13 -16.31
CA ILE C 2826 -21.57 18.79 -17.73
C ILE C 2826 -21.16 19.98 -18.57
N LYS C 2827 -21.66 21.17 -18.20
CA LYS C 2827 -21.26 22.39 -18.89
C LYS C 2827 -19.80 22.76 -18.65
N TRP C 2828 -19.24 22.37 -17.51
CA TRP C 2828 -17.83 22.64 -17.24
C TRP C 2828 -16.94 21.74 -18.08
N VAL C 2829 -17.30 20.47 -18.22
CA VAL C 2829 -16.50 19.57 -19.05
C VAL C 2829 -16.69 19.89 -20.53
N SER C 2830 -17.80 20.50 -20.93
CA SER C 2830 -17.95 20.87 -22.34
C SER C 2830 -17.06 22.04 -22.78
N LEU C 2831 -16.52 22.80 -21.85
CA LEU C 2831 -15.65 23.94 -22.11
C LEU C 2831 -14.20 23.48 -22.21
N PRO C 2832 -13.25 24.34 -22.62
CA PRO C 2832 -11.85 23.92 -22.61
C PRO C 2832 -11.30 23.63 -21.22
N ILE C 2833 -10.15 22.94 -21.19
CA ILE C 2833 -9.54 22.52 -19.94
C ILE C 2833 -9.01 23.72 -19.18
N ARG C 2834 -8.20 24.54 -19.84
CA ARG C 2834 -7.67 25.73 -19.22
C ARG C 2834 -8.78 26.75 -19.02
N TYR C 2835 -8.58 27.60 -18.03
CA TYR C 2835 -9.61 28.56 -17.62
C TYR C 2835 -9.83 29.60 -18.70
N THR C 2836 -11.06 29.67 -19.19
CA THR C 2836 -11.59 30.69 -20.07
C THR C 2836 -12.41 31.67 -19.25
N PRO C 2837 -12.72 32.87 -19.76
CA PRO C 2837 -13.65 33.75 -19.05
C PRO C 2837 -15.05 33.21 -18.90
N ALA C 2838 -15.44 32.22 -19.68
CA ALA C 2838 -16.75 31.61 -19.55
C ALA C 2838 -16.87 30.76 -18.30
N HIS C 2839 -15.75 30.33 -17.71
CA HIS C 2839 -15.79 29.53 -16.50
C HIS C 2839 -16.16 30.36 -15.27
N LYS C 2840 -16.05 31.68 -15.35
CA LYS C 2840 -16.35 32.55 -14.23
C LYS C 2840 -17.82 32.54 -13.89
N TRP C 2841 -18.68 32.39 -14.89
CA TRP C 2841 -20.10 32.31 -14.62
C TRP C 2841 -20.48 30.95 -14.05
N LEU C 2842 -19.74 29.90 -14.39
CA LEU C 2842 -19.98 28.61 -13.75
C LEU C 2842 -19.54 28.63 -12.30
N LEU C 2843 -18.46 29.36 -11.98
CA LEU C 2843 -18.07 29.53 -10.59
C LEU C 2843 -19.10 30.36 -9.81
N HIS C 2844 -19.67 31.38 -10.45
CA HIS C 2844 -20.76 32.12 -9.82
C HIS C 2844 -22.00 31.26 -9.61
N GLY C 2845 -22.27 30.33 -10.53
CA GLY C 2845 -23.38 29.41 -10.34
C GLY C 2845 -23.15 28.41 -9.22
N PHE C 2846 -21.90 27.99 -9.02
CA PHE C 2846 -21.57 27.16 -7.87
C PHE C 2846 -21.83 27.88 -6.56
N GLN C 2847 -21.42 29.15 -6.49
CA GLN C 2847 -21.71 29.96 -5.31
C GLN C 2847 -23.20 30.16 -5.11
N GLN C 2848 -23.97 30.26 -6.19
CA GLN C 2848 -25.42 30.42 -6.06
C GLN C 2848 -26.09 29.16 -5.53
N TYR C 2849 -25.62 27.98 -5.95
CA TYR C 2849 -26.19 26.75 -5.42
C TYR C 2849 -25.83 26.55 -3.95
N MET C 2850 -24.61 26.90 -3.56
CA MET C 2850 -24.25 26.80 -2.15
C MET C 2850 -25.00 27.80 -1.29
N GLU C 2851 -25.29 28.99 -1.83
CA GLU C 2851 -26.13 29.92 -1.08
C GLU C 2851 -27.58 29.46 -1.04
N PHE C 2852 -28.03 28.71 -2.03
CA PHE C 2852 -29.36 28.10 -1.96
C PHE C 2852 -29.45 27.08 -0.82
N LEU C 2853 -28.41 26.25 -0.65
CA LEU C 2853 -28.44 25.28 0.44
C LEU C 2853 -28.32 25.94 1.80
N GLU C 2854 -27.52 27.01 1.89
CA GLU C 2854 -27.47 27.75 3.15
C GLU C 2854 -28.78 28.49 3.42
N ALA C 2855 -29.48 28.93 2.40
CA ALA C 2855 -30.80 29.53 2.60
C ALA C 2855 -31.82 28.49 3.04
N THR C 2856 -31.66 27.25 2.57
CA THR C 2856 -32.48 26.16 3.08
C THR C 2856 -32.27 25.95 4.58
N GLN C 2857 -31.00 25.99 5.02
CA GLN C 2857 -30.72 25.89 6.45
C GLN C 2857 -31.26 27.09 7.23
N ILE C 2858 -31.18 28.30 6.65
CA ILE C 2858 -31.71 29.50 7.29
C ILE C 2858 -33.22 29.40 7.46
N TYR C 2859 -33.92 28.93 6.42
CA TYR C 2859 -35.38 28.86 6.50
C TYR C 2859 -35.84 27.74 7.43
N ALA C 2860 -35.08 26.64 7.48
CA ALA C 2860 -35.41 25.58 8.42
C ALA C 2860 -35.20 26.01 9.86
N ASN C 2861 -34.18 26.81 10.12
CA ASN C 2861 -34.03 27.39 11.45
C ASN C 2861 -35.09 28.47 11.71
N LEU C 2862 -35.56 29.12 10.66
CA LEU C 2862 -36.56 30.16 10.78
C LEU C 2862 -37.96 29.63 10.99
N HIS C 2863 -38.20 28.35 10.68
CA HIS C 2863 -39.52 27.78 10.87
C HIS C 2863 -39.72 27.20 12.26
N THR C 2864 -38.65 26.95 13.01
CA THR C 2864 -38.75 26.39 14.35
C THR C 2864 -38.65 27.45 15.43
N THR C 2865 -38.43 28.71 15.08
CA THR C 2865 -38.40 29.79 16.05
C THR C 2865 -39.78 30.42 16.25
N THR C 2866 -40.85 29.69 15.94
CA THR C 2866 -42.21 30.18 16.12
C THR C 2866 -42.62 30.20 17.60
N VAL C 2867 -41.85 29.55 18.46
CA VAL C 2867 -42.16 29.48 19.89
C VAL C 2867 -41.44 30.60 20.64
N GLN C 2868 -40.97 31.60 19.88
CA GLN C 2868 -40.23 32.77 20.37
C GLN C 2868 -38.96 32.32 21.09
N ASN C 2869 -38.17 31.50 20.41
CA ASN C 2869 -36.88 31.03 20.92
C ASN C 2869 -35.75 31.89 20.36
N LEU C 2870 -35.86 33.19 20.60
CA LEU C 2870 -34.85 34.12 20.12
C LEU C 2870 -33.61 34.05 21.02
N ASP C 2871 -32.49 34.48 20.44
CA ASP C 2871 -31.15 34.46 21.03
C ASP C 2871 -30.68 33.06 21.40
N SER C 2872 -31.26 32.04 20.82
CA SER C 2872 -30.84 30.66 20.93
C SER C 2872 -30.67 30.02 19.56
N LYS C 2873 -31.53 30.39 18.61
CA LYS C 2873 -31.39 30.00 17.22
C LYS C 2873 -31.08 31.18 16.31
N ALA C 2874 -31.08 32.40 16.85
CA ALA C 2874 -30.66 33.55 16.07
C ALA C 2874 -29.15 33.59 15.87
N GLN C 2875 -28.39 32.86 16.68
CA GLN C 2875 -26.95 32.84 16.52
C GLN C 2875 -26.53 32.09 15.25
N GLU C 2876 -27.28 31.05 14.88
CA GLU C 2876 -27.01 30.35 13.62
C GLU C 2876 -27.33 31.24 12.43
N ILE C 2877 -28.41 32.01 12.51
CA ILE C 2877 -28.78 32.94 11.45
C ILE C 2877 -27.72 34.02 11.33
N LYS C 2878 -27.24 34.54 12.46
CA LYS C 2878 -26.18 35.55 12.43
C LYS C 2878 -24.88 34.99 11.89
N ARG C 2879 -24.58 33.71 12.16
CA ARG C 2879 -23.36 33.12 11.62
C ARG C 2879 -23.44 32.93 10.11
N ILE C 2880 -24.59 32.49 9.60
CA ILE C 2880 -24.69 32.32 8.15
C ILE C 2880 -24.74 33.66 7.44
N LEU C 2881 -25.37 34.68 8.04
CA LEU C 2881 -25.33 36.01 7.43
C LEU C 2881 -23.94 36.62 7.48
N GLN C 2882 -23.16 36.34 8.53
CA GLN C 2882 -21.78 36.81 8.57
C GLN C 2882 -20.91 36.09 7.56
N ALA C 2883 -21.20 34.82 7.29
CA ALA C 2883 -20.50 34.12 6.22
C ALA C 2883 -20.87 34.69 4.85
N TRP C 2884 -22.12 35.12 4.69
CA TRP C 2884 -22.54 35.73 3.43
C TRP C 2884 -21.93 37.11 3.23
N ARG C 2885 -21.67 37.85 4.30
CA ARG C 2885 -21.13 39.19 4.14
C ARG C 2885 -19.69 39.18 3.65
N ASP C 2886 -18.93 38.14 3.95
CA ASP C 2886 -17.56 38.04 3.48
C ASP C 2886 -17.46 37.28 2.17
N ARG C 2887 -18.56 36.75 1.66
CA ARG C 2887 -18.56 35.96 0.44
C ARG C 2887 -19.26 36.77 -0.63
N LEU C 2888 -18.51 37.61 -1.32
CA LEU C 2888 -18.99 38.48 -2.37
C LEU C 2888 -17.94 38.52 -3.46
N PRO C 2889 -18.33 38.76 -4.74
CA PRO C 2889 -17.36 38.63 -5.83
C PRO C 2889 -16.27 39.69 -5.85
N ASN C 2890 -15.34 39.56 -6.78
CA ASN C 2890 -14.28 40.54 -6.90
C ASN C 2890 -14.85 41.84 -7.44
N THR C 2891 -14.18 42.95 -7.13
CA THR C 2891 -14.74 44.24 -7.47
C THR C 2891 -14.65 44.56 -8.95
N TRP C 2892 -13.79 43.88 -9.70
CA TRP C 2892 -13.71 44.05 -11.13
C TRP C 2892 -14.57 43.07 -11.89
N ASP C 2893 -15.32 42.23 -11.19
CA ASP C 2893 -16.24 41.33 -11.86
C ASP C 2893 -17.42 42.11 -12.40
N ASP C 2894 -18.19 41.45 -13.24
CA ASP C 2894 -19.26 42.10 -14.00
C ASP C 2894 -20.35 42.62 -13.08
N VAL C 2895 -20.98 43.72 -13.50
CA VAL C 2895 -22.06 44.27 -12.68
C VAL C 2895 -23.31 43.43 -12.77
N ASN C 2896 -23.42 42.57 -13.78
CA ASN C 2896 -24.51 41.60 -13.78
C ASN C 2896 -24.27 40.51 -12.74
N MET C 2897 -23.00 40.14 -12.51
CA MET C 2897 -22.67 39.18 -11.46
C MET C 2897 -23.01 39.75 -10.08
N TRP C 2898 -22.57 40.99 -9.84
CA TRP C 2898 -22.89 41.69 -8.61
C TRP C 2898 -24.39 41.88 -8.44
N ASN C 2899 -25.07 42.23 -9.51
CA ASN C 2899 -26.51 42.49 -9.43
C ASN C 2899 -27.29 41.20 -9.19
N ASP C 2900 -26.84 40.09 -9.77
CA ASP C 2900 -27.51 38.81 -9.56
C ASP C 2900 -27.36 38.36 -8.10
N LEU C 2901 -26.13 38.48 -7.55
CA LEU C 2901 -25.92 38.11 -6.15
C LEU C 2901 -26.70 39.02 -5.21
N VAL C 2902 -26.75 40.33 -5.52
CA VAL C 2902 -27.48 41.29 -4.70
C VAL C 2902 -28.97 41.02 -4.72
N THR C 2903 -29.55 40.74 -5.89
CA THR C 2903 -30.99 40.52 -5.96
C THR C 2903 -31.41 39.23 -5.29
N TRP C 2904 -30.63 38.16 -5.44
CA TRP C 2904 -31.08 36.94 -4.79
C TRP C 2904 -30.78 36.94 -3.29
N ARG C 2905 -29.78 37.70 -2.83
CA ARG C 2905 -29.64 37.91 -1.39
C ARG C 2905 -30.74 38.80 -0.85
N GLN C 2906 -31.26 39.73 -1.64
CA GLN C 2906 -32.40 40.53 -1.19
C GLN C 2906 -33.66 39.70 -1.09
N HIS C 2907 -33.83 38.70 -1.96
CA HIS C 2907 -34.93 37.75 -1.79
C HIS C 2907 -34.80 36.96 -0.50
N ALA C 2908 -33.59 36.43 -0.24
CA ALA C 2908 -33.36 35.64 0.97
C ALA C 2908 -33.47 36.47 2.24
N PHE C 2909 -33.22 37.78 2.17
CA PHE C 2909 -33.42 38.62 3.34
C PHE C 2909 -34.87 39.03 3.51
N GLN C 2910 -35.60 39.17 2.40
CA GLN C 2910 -37.01 39.50 2.48
C GLN C 2910 -37.80 38.37 3.13
N VAL C 2911 -37.36 37.13 2.96
CA VAL C 2911 -38.05 36.03 3.64
C VAL C 2911 -37.91 36.12 5.17
N ILE C 2912 -36.71 36.40 5.67
CA ILE C 2912 -36.57 36.46 7.13
C ILE C 2912 -37.19 37.74 7.68
N ASN C 2913 -37.24 38.81 6.88
CA ASN C 2913 -37.92 40.01 7.35
C ASN C 2913 -39.44 39.82 7.35
N ASN C 2914 -39.95 38.95 6.47
CA ASN C 2914 -41.37 38.63 6.52
C ASN C 2914 -41.70 37.72 7.69
N ALA C 2915 -40.79 36.78 8.01
CA ALA C 2915 -41.12 35.85 9.07
C ALA C 2915 -40.86 36.40 10.47
N TYR C 2916 -40.04 37.43 10.61
CA TYR C 2916 -39.90 38.09 11.91
C TYR C 2916 -40.95 39.17 12.13
N LEU C 2917 -41.83 39.40 11.16
CA LEU C 2917 -42.83 40.46 11.23
C LEU C 2917 -43.99 40.17 12.20
N PRO C 2918 -44.52 38.93 12.32
CA PRO C 2918 -45.50 38.72 13.41
C PRO C 2918 -44.91 38.79 14.80
N LEU C 2919 -43.63 38.49 14.96
CA LEU C 2919 -42.99 38.42 16.27
C LEU C 2919 -42.45 39.75 16.77
N ILE C 2920 -42.80 40.86 16.15
CA ILE C 2920 -42.34 42.17 16.63
C ILE C 2920 -43.05 42.62 17.91
N PRO C 2921 -44.38 42.77 18.01
CA PRO C 2921 -44.92 43.42 19.21
C PRO C 2921 -45.01 42.52 20.42
N ALA C 2922 -44.79 41.21 20.27
CA ALA C 2922 -44.89 40.27 21.37
C ALA C 2922 -43.60 40.18 22.19
N LEU C 2923 -42.60 41.01 21.88
CA LEU C 2923 -41.35 40.98 22.63
C LEU C 2923 -41.50 41.63 24.00
N GLN C 2924 -42.33 42.65 24.10
CA GLN C 2924 -42.55 43.35 25.37
C GLN C 2924 -43.45 42.54 26.30
N ALA C 2936 -31.55 46.67 20.04
CA ALA C 2936 -32.86 47.18 19.67
C ALA C 2936 -33.86 46.04 19.49
N TYR C 2937 -33.86 45.41 18.32
CA TYR C 2937 -34.78 44.34 18.02
C TYR C 2937 -34.18 43.46 16.94
N ARG C 2938 -34.79 42.29 16.74
CA ARG C 2938 -34.24 41.25 15.87
C ARG C 2938 -34.75 41.33 14.44
N GLY C 2939 -35.59 42.31 14.12
CA GLY C 2939 -35.88 42.59 12.73
C GLY C 2939 -34.67 43.24 12.10
N TYR C 2940 -34.01 42.53 11.19
CA TYR C 2940 -32.70 42.96 10.72
C TYR C 2940 -32.77 44.14 9.76
N HIS C 2941 -33.37 43.91 8.58
CA HIS C 2941 -33.34 44.83 7.44
C HIS C 2941 -31.92 45.29 7.13
N GLU C 2942 -31.01 44.32 7.03
CA GLU C 2942 -29.65 44.57 6.59
C GLU C 2942 -29.50 44.47 5.08
N ILE C 2943 -30.64 44.52 4.38
CA ILE C 2943 -30.70 44.68 2.92
C ILE C 2943 -29.89 45.90 2.49
N ALA C 2944 -29.91 46.95 3.32
CA ALA C 2944 -29.12 48.16 3.08
C ALA C 2944 -27.64 47.86 2.89
N TRP C 2945 -27.11 46.86 3.60
CA TRP C 2945 -25.72 46.43 3.40
C TRP C 2945 -25.50 46.00 1.96
N VAL C 2946 -26.35 45.10 1.46
CA VAL C 2946 -26.16 44.62 0.10
C VAL C 2946 -26.74 45.59 -0.91
N ILE C 2947 -27.26 46.73 -0.46
CA ILE C 2947 -27.43 47.85 -1.37
C ILE C 2947 -26.17 48.70 -1.39
N ASN C 2948 -25.63 49.01 -0.20
CA ASN C 2948 -24.52 49.96 -0.11
C ASN C 2948 -23.26 49.39 -0.74
N ARG C 2949 -22.95 48.13 -0.45
CA ARG C 2949 -21.85 47.44 -1.09
C ARG C 2949 -22.05 47.32 -2.60
N PHE C 2950 -23.30 47.26 -3.06
CA PHE C 2950 -23.52 47.36 -4.49
C PHE C 2950 -23.33 48.78 -4.98
N ALA C 2951 -23.85 49.76 -4.24
CA ALA C 2951 -23.77 51.15 -4.67
C ALA C 2951 -22.35 51.68 -4.63
N HIS C 2952 -21.50 51.06 -3.82
CA HIS C 2952 -20.07 51.33 -3.90
C HIS C 2952 -19.50 50.82 -5.21
N VAL C 2953 -19.79 49.56 -5.55
CA VAL C 2953 -19.01 48.91 -6.60
C VAL C 2953 -19.41 49.41 -7.98
N ALA C 2954 -20.66 49.87 -8.15
CA ALA C 2954 -21.04 50.50 -9.41
C ALA C 2954 -20.33 51.82 -9.59
N ARG C 2955 -20.04 52.52 -8.48
CA ARG C 2955 -19.21 53.71 -8.59
C ARG C 2955 -17.79 53.36 -8.96
N LYS C 2956 -17.33 52.15 -8.65
CA LYS C 2956 -16.05 51.70 -9.16
C LYS C 2956 -16.13 51.39 -10.65
N HIS C 2957 -17.30 51.04 -11.14
CA HIS C 2957 -17.48 50.67 -12.53
C HIS C 2957 -17.86 51.85 -13.40
N ASN C 2958 -17.72 53.07 -12.88
CA ASN C 2958 -18.06 54.33 -13.56
C ASN C 2958 -19.50 54.36 -14.04
N MET C 2959 -20.41 54.00 -13.14
CA MET C 2959 -21.85 54.05 -13.39
C MET C 2959 -22.47 54.92 -12.31
N PRO C 2960 -22.35 56.24 -12.41
CA PRO C 2960 -22.84 57.10 -11.33
C PRO C 2960 -24.34 57.25 -11.28
N ASP C 2961 -25.03 57.03 -12.40
CA ASP C 2961 -26.48 57.20 -12.43
C ASP C 2961 -27.18 56.11 -11.62
N VAL C 2962 -26.75 54.86 -11.77
CA VAL C 2962 -27.30 53.80 -10.95
C VAL C 2962 -26.72 53.85 -9.54
N CYS C 2963 -25.59 54.53 -9.35
CA CYS C 2963 -25.04 54.71 -8.02
C CYS C 2963 -25.85 55.72 -7.22
N ILE C 2964 -26.41 56.73 -7.89
CA ILE C 2964 -27.38 57.60 -7.24
C ILE C 2964 -28.72 56.88 -7.08
N SER C 2965 -29.14 56.14 -8.11
CA SER C 2965 -30.44 55.50 -8.10
C SER C 2965 -30.52 54.33 -7.12
N GLN C 2966 -29.38 53.74 -6.74
CA GLN C 2966 -29.41 52.70 -5.72
C GLN C 2966 -29.47 53.25 -4.31
N LEU C 2967 -29.12 54.52 -4.12
CA LEU C 2967 -29.29 55.16 -2.82
C LEU C 2967 -30.64 55.87 -2.73
N ALA C 2968 -31.68 55.13 -3.10
CA ALA C 2968 -33.07 55.54 -2.93
C ALA C 2968 -33.92 54.41 -2.42
N ARG C 2969 -33.44 53.17 -2.47
CA ARG C 2969 -34.10 52.03 -1.88
C ARG C 2969 -33.65 51.78 -0.45
N ILE C 2970 -33.03 52.78 0.18
CA ILE C 2970 -32.58 52.69 1.57
C ILE C 2970 -33.59 53.26 2.55
N TYR C 2971 -34.65 53.91 2.06
CA TYR C 2971 -35.66 54.55 2.90
C TYR C 2971 -36.82 53.62 3.24
N THR C 2972 -36.59 52.31 3.28
CA THR C 2972 -37.66 51.39 3.66
C THR C 2972 -37.93 51.37 5.15
N LEU C 2973 -36.97 51.82 5.97
CA LEU C 2973 -37.14 52.00 7.40
C LEU C 2973 -36.67 53.41 7.76
N PRO C 2974 -37.49 54.19 8.47
CA PRO C 2974 -37.20 55.61 8.67
C PRO C 2974 -36.21 55.91 9.78
N ASN C 2975 -35.53 54.93 10.35
CA ASN C 2975 -34.58 55.20 11.41
C ASN C 2975 -33.18 55.39 10.85
N ILE C 2976 -32.37 56.13 11.59
CA ILE C 2976 -30.98 56.39 11.23
C ILE C 2976 -30.11 55.39 11.96
N GLU C 2977 -29.46 54.51 11.21
CA GLU C 2977 -28.69 53.41 11.77
C GLU C 2977 -27.21 53.80 11.83
N ILE C 2978 -26.46 53.05 12.64
CA ILE C 2978 -25.06 53.37 12.90
C ILE C 2978 -24.16 53.11 11.70
N GLN C 2979 -24.63 52.34 10.71
CA GLN C 2979 -23.83 52.00 9.54
C GLN C 2979 -24.55 52.20 8.22
N GLU C 2980 -25.88 52.26 8.21
CA GLU C 2980 -26.60 52.56 6.97
C GLU C 2980 -26.38 54.02 6.57
N ALA C 2981 -26.51 54.93 7.53
CA ALA C 2981 -26.33 56.35 7.27
C ALA C 2981 -24.88 56.68 6.94
N PHE C 2982 -23.93 55.93 7.50
CA PHE C 2982 -22.49 56.07 7.24
C PHE C 2982 -22.17 55.92 5.76
N LEU C 2983 -22.39 54.72 5.22
CA LEU C 2983 -22.09 54.47 3.82
C LEU C 2983 -23.06 55.19 2.89
N LYS C 2984 -24.29 55.43 3.35
CA LYS C 2984 -25.27 56.17 2.54
C LYS C 2984 -24.82 57.61 2.28
N LEU C 2985 -24.48 58.33 3.35
CA LEU C 2985 -24.04 59.71 3.18
C LEU C 2985 -22.66 59.80 2.56
N ARG C 2986 -21.77 58.82 2.84
CA ARG C 2986 -20.45 58.83 2.22
C ARG C 2986 -20.53 58.59 0.72
N GLU C 2987 -21.38 57.65 0.28
CA GLU C 2987 -21.51 57.41 -1.14
C GLU C 2987 -22.28 58.53 -1.84
N GLN C 2988 -23.24 59.15 -1.15
CA GLN C 2988 -23.94 60.27 -1.78
C GLN C 2988 -23.06 61.50 -1.90
N ALA C 2989 -22.12 61.69 -0.97
CA ALA C 2989 -21.16 62.78 -1.11
C ALA C 2989 -20.07 62.45 -2.13
N LYS C 2990 -19.70 61.17 -2.26
CA LYS C 2990 -18.74 60.78 -3.29
C LYS C 2990 -19.36 60.71 -4.68
N CYS C 2991 -20.70 60.73 -4.76
CA CYS C 2991 -21.37 60.80 -6.06
C CYS C 2991 -21.09 62.14 -6.74
N HIS C 2992 -21.20 63.22 -5.99
CA HIS C 2992 -21.07 64.57 -6.53
C HIS C 2992 -19.65 65.09 -6.42
N TYR C 2993 -18.70 64.31 -6.92
CA TYR C 2993 -17.29 64.68 -6.90
C TYR C 2993 -16.72 64.99 -8.28
N GLN C 2994 -17.20 64.31 -9.31
CA GLN C 2994 -16.86 64.60 -10.68
C GLN C 2994 -18.06 65.23 -11.39
N ASN C 2995 -17.87 65.55 -12.68
CA ASN C 2995 -18.84 66.28 -13.51
C ASN C 2995 -19.20 67.62 -12.85
N MET C 2996 -18.20 68.52 -12.86
CA MET C 2996 -18.06 69.69 -11.98
C MET C 2996 -19.24 70.66 -11.93
N ASN C 2997 -20.26 70.48 -12.76
CA ASN C 2997 -21.56 71.13 -12.56
C ASN C 2997 -22.44 70.41 -11.53
N GLU C 2998 -21.87 69.52 -10.71
CA GLU C 2998 -22.60 68.75 -9.72
C GLU C 2998 -22.04 68.89 -8.31
N LEU C 2999 -20.94 69.62 -8.14
CA LEU C 2999 -20.30 69.74 -6.83
C LEU C 2999 -21.13 70.56 -5.85
N THR C 3000 -21.95 71.48 -6.35
CA THR C 3000 -22.87 72.22 -5.48
C THR C 3000 -23.96 71.32 -4.91
N THR C 3001 -24.33 70.27 -5.66
CA THR C 3001 -25.30 69.30 -5.16
C THR C 3001 -24.71 68.40 -4.07
N GLY C 3002 -23.38 68.33 -3.97
CA GLY C 3002 -22.73 67.68 -2.85
C GLY C 3002 -22.46 68.66 -1.74
N LEU C 3003 -22.40 69.94 -2.08
CA LEU C 3003 -22.18 70.98 -1.08
C LEU C 3003 -23.44 71.22 -0.25
N ASP C 3004 -24.60 71.32 -0.90
CA ASP C 3004 -25.81 71.68 -0.19
C ASP C 3004 -26.41 70.51 0.62
N VAL C 3005 -25.96 69.29 0.40
CA VAL C 3005 -26.50 68.13 1.11
C VAL C 3005 -25.73 67.85 2.40
N ILE C 3006 -24.49 68.31 2.50
CA ILE C 3006 -23.67 68.05 3.69
C ILE C 3006 -23.70 69.28 4.61
N SER C 3007 -23.76 70.47 4.01
CA SER C 3007 -23.69 71.70 4.79
C SER C 3007 -24.93 71.99 5.62
N ASN C 3008 -26.04 71.28 5.38
CA ASN C 3008 -27.25 71.44 6.20
C ASN C 3008 -27.44 70.31 7.19
N THR C 3009 -26.65 69.25 7.11
CA THR C 3009 -26.76 68.10 8.01
C THR C 3009 -25.74 68.26 9.13
N ASN C 3010 -26.24 68.57 10.33
CA ASN C 3010 -25.38 68.75 11.50
C ASN C 3010 -25.68 67.75 12.60
N LEU C 3011 -26.84 67.10 12.58
CA LEU C 3011 -27.14 66.05 13.54
C LEU C 3011 -26.26 64.84 13.28
N VAL C 3012 -25.63 64.32 14.33
CA VAL C 3012 -24.70 63.22 14.18
C VAL C 3012 -25.45 61.92 13.91
N TYR C 3013 -25.00 61.17 12.91
CA TYR C 3013 -25.61 59.90 12.55
C TYR C 3013 -24.86 58.73 13.18
N PHE C 3014 -24.90 58.73 14.52
CA PHE C 3014 -24.27 57.71 15.38
C PHE C 3014 -22.77 57.60 15.14
N GLY C 3015 -22.07 58.69 15.44
CA GLY C 3015 -20.63 58.71 15.32
C GLY C 3015 -20.00 60.09 15.31
N THR C 3016 -18.80 60.19 15.88
CA THR C 3016 -18.03 61.43 15.85
C THR C 3016 -16.94 61.41 14.78
N VAL C 3017 -16.81 60.32 14.03
CA VAL C 3017 -15.87 60.26 12.92
C VAL C 3017 -16.55 60.63 11.61
N GLN C 3018 -17.89 60.55 11.54
CA GLN C 3018 -18.60 60.92 10.33
C GLN C 3018 -18.61 62.43 10.12
N LYS C 3019 -18.62 63.21 11.21
CA LYS C 3019 -18.60 64.66 11.07
C LYS C 3019 -17.24 65.16 10.61
N ALA C 3020 -16.16 64.46 10.96
CA ALA C 3020 -14.83 64.84 10.49
C ALA C 3020 -14.68 64.63 8.98
N GLU C 3021 -15.18 63.50 8.48
CA GLU C 3021 -15.12 63.28 7.04
C GLU C 3021 -16.12 64.15 6.30
N PHE C 3022 -17.24 64.52 6.95
CA PHE C 3022 -18.13 65.53 6.40
C PHE C 3022 -17.42 66.88 6.24
N PHE C 3023 -16.67 67.28 7.27
CA PHE C 3023 -16.00 68.57 7.23
C PHE C 3023 -14.86 68.59 6.22
N THR C 3024 -14.12 67.50 6.10
CA THR C 3024 -13.09 67.51 5.07
C THR C 3024 -13.66 67.33 3.67
N LEU C 3025 -14.85 66.74 3.53
CA LEU C 3025 -15.52 66.74 2.22
C LEU C 3025 -16.04 68.12 1.86
N LYS C 3026 -16.47 68.90 2.87
CA LYS C 3026 -16.72 70.33 2.67
C LYS C 3026 -15.46 71.04 2.21
N GLY C 3027 -14.32 70.64 2.77
CA GLY C 3027 -13.04 71.19 2.31
C GLY C 3027 -12.73 70.85 0.86
N MET C 3028 -12.99 69.61 0.45
CA MET C 3028 -12.81 69.21 -0.95
C MET C 3028 -13.70 70.01 -1.87
N PHE C 3029 -15.00 70.10 -1.53
CA PHE C 3029 -15.95 70.79 -2.40
C PHE C 3029 -15.69 72.29 -2.45
N LEU C 3030 -15.15 72.86 -1.38
CA LEU C 3030 -14.85 74.28 -1.38
C LEU C 3030 -13.52 74.58 -2.06
N SER C 3031 -12.56 73.66 -2.01
CA SER C 3031 -11.29 73.84 -2.68
C SER C 3031 -11.35 73.47 -4.16
N LYS C 3032 -12.38 72.74 -4.58
CA LYS C 3032 -12.53 72.42 -6.00
C LYS C 3032 -12.84 73.68 -6.80
N LEU C 3033 -13.72 74.53 -6.28
CA LEU C 3033 -13.86 75.87 -6.83
C LEU C 3033 -12.72 76.75 -6.30
N ARG C 3034 -12.60 77.94 -6.88
CA ARG C 3034 -11.52 78.85 -6.51
C ARG C 3034 -11.85 79.49 -5.16
N ALA C 3035 -11.17 79.05 -4.11
CA ALA C 3035 -11.38 79.56 -2.77
C ALA C 3035 -10.06 79.40 -2.01
N TYR C 3036 -9.58 80.51 -1.44
CA TYR C 3036 -8.23 80.53 -0.88
C TYR C 3036 -8.22 80.21 0.61
N GLU C 3037 -8.92 81.02 1.41
CA GLU C 3037 -8.81 80.92 2.87
C GLU C 3037 -9.94 80.11 3.50
N GLU C 3038 -11.13 80.12 2.91
CA GLU C 3038 -12.26 79.42 3.50
C GLU C 3038 -12.10 77.90 3.39
N ALA C 3039 -11.46 77.41 2.32
CA ALA C 3039 -11.16 76.00 2.22
C ALA C 3039 -10.10 75.58 3.23
N ASN C 3040 -9.13 76.48 3.50
CA ASN C 3040 -8.15 76.23 4.55
C ASN C 3040 -8.81 76.19 5.92
N GLN C 3041 -9.81 77.05 6.14
CA GLN C 3041 -10.55 77.04 7.40
C GLN C 3041 -11.39 75.76 7.53
N ALA C 3042 -11.96 75.29 6.41
CA ALA C 3042 -12.70 74.04 6.42
C ALA C 3042 -11.80 72.85 6.73
N PHE C 3043 -10.59 72.84 6.16
CA PHE C 3043 -9.64 71.78 6.49
C PHE C 3043 -9.15 71.88 7.93
N ALA C 3044 -9.02 73.10 8.46
CA ALA C 3044 -8.60 73.27 9.85
C ALA C 3044 -9.66 72.76 10.81
N THR C 3045 -10.93 73.10 10.57
CA THR C 3045 -11.99 72.59 11.44
C THR C 3045 -12.30 71.13 11.17
N ALA C 3046 -11.87 70.59 10.02
CA ALA C 3046 -11.92 69.15 9.82
C ALA C 3046 -10.81 68.43 10.55
N VAL C 3047 -9.68 69.09 10.77
CA VAL C 3047 -8.52 68.42 11.33
C VAL C 3047 -8.38 68.62 12.85
N GLN C 3048 -9.03 69.64 13.42
CA GLN C 3048 -8.88 69.85 14.86
C GLN C 3048 -9.70 68.88 15.70
N ILE C 3049 -10.72 68.25 15.11
CA ILE C 3049 -11.70 67.52 15.90
C ILE C 3049 -11.15 66.19 16.39
N ASP C 3050 -10.40 65.47 15.56
CA ASP C 3050 -9.99 64.14 15.94
C ASP C 3050 -8.49 63.92 15.88
N LEU C 3051 -7.81 64.51 14.89
CA LEU C 3051 -6.40 64.26 14.56
C LEU C 3051 -6.15 62.76 14.33
N ASN C 3052 -7.15 62.09 13.74
CA ASN C 3052 -7.05 60.66 13.53
C ASN C 3052 -7.57 60.24 12.15
N LEU C 3053 -7.90 61.20 11.29
CA LEU C 3053 -8.33 60.91 9.92
C LEU C 3053 -7.23 61.38 9.00
N ALA C 3054 -6.54 60.44 8.36
CA ALA C 3054 -5.40 60.78 7.52
C ALA C 3054 -5.83 61.27 6.15
N LYS C 3055 -7.08 61.03 5.76
CA LYS C 3055 -7.57 61.55 4.49
C LYS C 3055 -7.67 63.06 4.53
N ALA C 3056 -7.99 63.63 5.69
CA ALA C 3056 -8.02 65.09 5.83
C ALA C 3056 -6.63 65.68 5.71
N TRP C 3057 -5.62 65.02 6.29
CA TRP C 3057 -4.25 65.49 6.16
C TRP C 3057 -3.77 65.40 4.71
N ALA C 3058 -4.13 64.31 4.02
CA ALA C 3058 -3.72 64.15 2.62
C ALA C 3058 -4.39 65.17 1.72
N GLN C 3059 -5.68 65.46 1.96
CA GLN C 3059 -6.35 66.44 1.13
C GLN C 3059 -5.90 67.86 1.46
N TRP C 3060 -5.50 68.12 2.70
CA TRP C 3060 -4.92 69.42 3.01
C TRP C 3060 -3.56 69.59 2.36
N GLY C 3061 -2.78 68.51 2.28
CA GLY C 3061 -1.53 68.57 1.55
C GLY C 3061 -1.74 68.79 0.06
N PHE C 3062 -2.76 68.15 -0.52
CA PHE C 3062 -3.09 68.38 -1.92
C PHE C 3062 -3.57 69.80 -2.16
N PHE C 3063 -4.32 70.36 -1.21
CA PHE C 3063 -4.80 71.74 -1.32
C PHE C 3063 -3.65 72.74 -1.24
N ASN C 3064 -2.69 72.48 -0.35
CA ASN C 3064 -1.51 73.33 -0.25
C ASN C 3064 -0.63 73.20 -1.50
N ASP C 3065 -0.59 72.02 -2.11
CA ASP C 3065 0.16 71.88 -3.36
C ASP C 3065 -0.54 72.59 -4.51
N ARG C 3066 -1.88 72.58 -4.53
CA ARG C 3066 -2.59 73.30 -5.56
C ARG C 3066 -2.45 74.81 -5.38
N ARG C 3067 -2.30 75.28 -4.15
CA ARG C 3067 -1.94 76.68 -3.96
C ARG C 3067 -0.48 76.95 -4.30
N LEU C 3068 0.39 75.95 -4.16
CA LEU C 3068 1.79 76.13 -4.51
C LEU C 3068 1.99 76.17 -6.02
N SER C 3069 1.13 75.50 -6.78
CA SER C 3069 1.32 75.36 -8.23
C SER C 3069 1.12 76.66 -9.00
N GLU C 3070 0.74 77.76 -8.36
CA GLU C 3070 0.62 79.06 -9.02
C GLU C 3070 1.76 79.99 -8.64
N GLU C 3071 2.83 79.46 -8.07
CA GLU C 3071 3.97 80.25 -7.64
C GLU C 3071 5.21 79.36 -7.70
N PRO C 3072 6.41 79.96 -7.63
CA PRO C 3072 7.60 79.14 -7.39
C PRO C 3072 7.54 78.42 -6.06
N ASN C 3073 8.25 77.30 -5.98
CA ASN C 3073 8.14 76.39 -4.84
C ASN C 3073 9.09 76.74 -3.70
N ASN C 3074 9.67 77.94 -3.69
CA ASN C 3074 10.62 78.34 -2.66
C ASN C 3074 9.98 79.11 -1.52
N ILE C 3075 8.69 79.45 -1.63
CA ILE C 3075 7.99 80.13 -0.55
C ILE C 3075 7.77 79.15 0.60
N SER C 3076 7.96 79.61 1.84
CA SER C 3076 7.82 78.82 3.07
C SER C 3076 6.41 78.31 3.36
N PHE C 3077 5.45 78.61 2.49
CA PHE C 3077 4.13 77.99 2.52
C PHE C 3077 4.20 76.47 2.27
N ALA C 3078 5.25 75.99 1.61
CA ALA C 3078 5.44 74.57 1.37
C ALA C 3078 5.68 73.75 2.64
N SER C 3079 6.08 74.41 3.73
CA SER C 3079 6.29 73.70 4.99
C SER C 3079 4.99 73.16 5.54
N ASN C 3080 3.89 73.90 5.36
CA ASN C 3080 2.57 73.40 5.71
C ASN C 3080 2.21 72.18 4.88
N ALA C 3081 2.56 72.19 3.59
CA ALA C 3081 2.29 71.07 2.71
C ALA C 3081 3.06 69.82 3.14
N ILE C 3082 4.36 69.97 3.43
CA ILE C 3082 5.13 68.80 3.81
C ILE C 3082 4.78 68.33 5.22
N SER C 3083 4.28 69.21 6.09
CA SER C 3083 3.85 68.74 7.40
C SER C 3083 2.54 67.97 7.31
N CYS C 3084 1.59 68.45 6.49
CA CYS C 3084 0.39 67.65 6.28
C CYS C 3084 0.66 66.36 5.51
N TYR C 3085 1.70 66.34 4.67
CA TYR C 3085 2.06 65.11 4.00
C TYR C 3085 2.69 64.10 4.96
N LEU C 3086 3.58 64.57 5.84
CA LEU C 3086 4.21 63.68 6.79
C LEU C 3086 3.24 63.19 7.84
N GLN C 3087 2.26 64.02 8.21
CA GLN C 3087 1.18 63.52 9.05
C GLN C 3087 0.28 62.57 8.27
N ALA C 3088 0.16 62.79 6.96
CA ALA C 3088 -0.68 61.97 6.11
C ALA C 3088 -0.02 60.66 5.71
N ALA C 3089 1.19 60.38 6.17
CA ALA C 3089 1.83 59.10 5.92
C ALA C 3089 2.10 58.32 7.18
N GLY C 3090 1.91 58.91 8.35
CA GLY C 3090 2.19 58.21 9.59
C GLY C 3090 1.08 57.27 10.02
N LEU C 3091 -0.17 57.68 9.84
CA LEU C 3091 -1.31 56.87 10.25
C LEU C 3091 -2.18 56.45 9.08
N TYR C 3092 -1.74 56.71 7.85
CA TYR C 3092 -2.38 56.20 6.64
C TYR C 3092 -1.76 54.88 6.19
N LYS C 3093 -1.22 54.10 7.13
CA LYS C 3093 -0.35 52.98 6.85
C LYS C 3093 -1.10 51.82 6.20
N ASN C 3094 -0.31 50.93 5.57
CA ASN C 3094 -0.78 49.80 4.77
C ASN C 3094 -1.71 50.26 3.66
N SER C 3095 -1.24 51.23 2.88
CA SER C 3095 -2.05 51.78 1.80
C SER C 3095 -1.13 52.29 0.71
N LYS C 3096 -1.70 53.06 -0.21
CA LYS C 3096 -0.93 53.71 -1.27
C LYS C 3096 -0.49 55.05 -0.71
N ILE C 3097 0.69 55.06 -0.10
CA ILE C 3097 1.25 56.27 0.50
C ILE C 3097 2.50 56.74 -0.22
N ARG C 3098 2.95 56.01 -1.23
CA ARG C 3098 4.22 56.33 -1.85
C ARG C 3098 4.17 57.60 -2.68
N GLU C 3099 2.98 58.05 -3.11
CA GLU C 3099 2.92 59.33 -3.79
C GLU C 3099 3.07 60.48 -2.80
N LEU C 3100 2.67 60.28 -1.55
CA LEU C 3100 2.94 61.28 -0.52
C LEU C 3100 4.43 61.36 -0.24
N LEU C 3101 5.11 60.22 -0.29
CA LEU C 3101 6.56 60.19 -0.13
C LEU C 3101 7.27 60.81 -1.32
N CYS C 3102 6.72 60.65 -2.52
CA CYS C 3102 7.26 61.35 -3.69
C CYS C 3102 7.10 62.86 -3.56
N ARG C 3103 5.94 63.30 -3.07
CA ARG C 3103 5.73 64.72 -2.84
C ARG C 3103 6.67 65.27 -1.78
N ILE C 3104 6.93 64.48 -0.74
CA ILE C 3104 7.89 64.89 0.29
C ILE C 3104 9.29 65.03 -0.31
N LEU C 3105 9.74 64.02 -1.06
CA LEU C 3105 11.06 64.08 -1.66
C LEU C 3105 11.20 65.17 -2.72
N TRP C 3106 10.11 65.59 -3.34
CA TRP C 3106 10.23 66.66 -4.32
C TRP C 3106 10.09 68.03 -3.69
N LEU C 3107 9.27 68.19 -2.66
CA LEU C 3107 9.12 69.49 -2.02
C LEU C 3107 10.25 69.80 -1.06
N ILE C 3108 10.95 68.77 -0.56
CA ILE C 3108 12.10 68.98 0.31
C ILE C 3108 13.24 69.59 -0.48
N SER C 3109 13.38 69.24 -1.75
CA SER C 3109 14.56 69.58 -2.54
C SER C 3109 14.58 71.03 -3.02
N ILE C 3110 13.74 71.91 -2.48
CA ILE C 3110 13.82 73.32 -2.83
C ILE C 3110 15.05 73.94 -2.15
N ASP C 3111 15.46 75.09 -2.68
CA ASP C 3111 16.70 75.74 -2.26
C ASP C 3111 16.46 76.96 -1.37
N ASP C 3112 15.54 76.85 -0.42
CA ASP C 3112 15.27 77.94 0.51
C ASP C 3112 16.45 78.20 1.44
N ALA C 3113 16.69 79.48 1.74
CA ALA C 3113 17.73 79.84 2.69
C ALA C 3113 17.23 79.74 4.13
N SER C 3114 15.96 80.09 4.35
CA SER C 3114 15.38 79.98 5.69
C SER C 3114 15.16 78.52 6.05
N GLY C 3115 15.46 78.18 7.30
CA GLY C 3115 15.35 76.81 7.74
C GLY C 3115 13.98 76.44 8.26
N MET C 3116 12.94 76.71 7.48
CA MET C 3116 11.59 76.40 7.89
C MET C 3116 11.15 75.01 7.45
N LEU C 3117 11.63 74.55 6.29
CA LEU C 3117 11.28 73.21 5.82
C LEU C 3117 11.97 72.14 6.64
N THR C 3118 13.21 72.39 7.05
CA THR C 3118 13.90 71.44 7.92
C THR C 3118 13.25 71.39 9.29
N ASN C 3119 12.71 72.51 9.76
CA ASN C 3119 11.91 72.52 10.99
C ASN C 3119 10.62 71.71 10.80
N ALA C 3120 9.97 71.87 9.64
CA ALA C 3120 8.72 71.17 9.38
C ALA C 3120 8.92 69.68 9.21
N PHE C 3121 10.09 69.26 8.73
CA PHE C 3121 10.39 67.84 8.70
C PHE C 3121 10.75 67.32 10.09
N ASP C 3122 11.58 68.08 10.81
CA ASP C 3122 12.21 67.60 12.04
C ASP C 3122 11.39 67.85 13.28
N SER C 3123 10.22 68.48 13.17
CA SER C 3123 9.30 68.58 14.29
C SER C 3123 8.10 67.65 14.13
N PHE C 3124 8.18 66.69 13.23
CA PHE C 3124 7.10 65.74 13.03
C PHE C 3124 7.07 64.76 14.20
N ARG C 3125 5.90 64.65 14.83
CA ARG C 3125 5.72 63.79 16.00
C ARG C 3125 4.92 62.57 15.55
N GLY C 3126 5.63 61.50 15.23
CA GLY C 3126 4.99 60.29 14.77
C GLY C 3126 6.01 59.35 14.19
N GLU C 3127 5.55 58.12 13.96
CA GLU C 3127 6.39 57.05 13.45
C GLU C 3127 6.36 57.08 11.93
N ILE C 3128 7.52 57.29 11.31
CA ILE C 3128 7.60 57.39 9.86
C ILE C 3128 7.49 56.00 9.26
N PRO C 3129 6.80 55.84 8.14
CA PRO C 3129 6.64 54.51 7.54
C PRO C 3129 7.91 54.02 6.88
N VAL C 3130 8.78 53.38 7.67
CA VAL C 3130 10.13 53.03 7.25
C VAL C 3130 10.10 52.03 6.10
N TRP C 3131 9.12 51.13 6.07
CA TRP C 3131 9.10 50.13 5.00
C TRP C 3131 8.73 50.75 3.65
N TYR C 3132 7.90 51.78 3.65
CA TYR C 3132 7.52 52.38 2.38
C TYR C 3132 8.56 53.34 1.84
N TRP C 3133 9.56 53.70 2.62
CA TRP C 3133 10.68 54.49 2.13
C TRP C 3133 11.72 53.64 1.42
N ILE C 3134 11.53 52.33 1.36
CA ILE C 3134 12.48 51.44 0.71
C ILE C 3134 12.47 51.66 -0.80
N THR C 3135 11.29 51.86 -1.37
CA THR C 3135 11.14 51.97 -2.82
C THR C 3135 11.74 53.25 -3.40
N PHE C 3136 12.17 54.19 -2.56
CA PHE C 3136 12.87 55.38 -3.00
C PHE C 3136 14.30 55.40 -2.49
N ILE C 3137 14.87 54.23 -2.19
CA ILE C 3137 16.26 54.16 -1.71
C ILE C 3137 17.28 54.74 -2.68
N PRO C 3138 17.17 54.56 -4.02
CA PRO C 3138 18.07 55.35 -4.89
C PRO C 3138 17.87 56.85 -4.80
N GLN C 3139 16.63 57.33 -4.79
CA GLN C 3139 16.38 58.76 -4.66
C GLN C 3139 16.76 59.32 -3.29
N LEU C 3140 16.86 58.47 -2.27
CA LEU C 3140 17.49 58.90 -1.04
C LEU C 3140 19.01 58.91 -1.19
N LEU C 3141 19.59 57.91 -1.84
CA LEU C 3141 21.04 57.77 -1.87
C LEU C 3141 21.70 58.73 -2.84
N THR C 3142 20.97 59.26 -3.81
CA THR C 3142 21.49 60.36 -4.60
C THR C 3142 21.13 61.70 -3.99
N SER C 3143 20.36 61.70 -2.91
CA SER C 3143 20.04 62.93 -2.21
C SER C 3143 21.12 63.31 -1.22
N LEU C 3144 22.01 62.38 -0.87
CA LEU C 3144 23.15 62.73 -0.03
C LEU C 3144 24.16 63.57 -0.80
N SER C 3145 24.31 63.31 -2.10
CA SER C 3145 25.19 64.12 -2.91
C SER C 3145 24.62 65.52 -3.13
N HIS C 3146 23.30 65.64 -3.23
CA HIS C 3146 22.69 66.94 -3.32
C HIS C 3146 22.69 67.63 -1.97
N LYS C 3147 22.80 68.96 -2.00
CA LYS C 3147 22.86 69.70 -0.77
C LYS C 3147 21.46 69.89 -0.20
N GLU C 3148 21.43 70.55 0.97
CA GLU C 3148 20.22 70.80 1.76
C GLU C 3148 19.46 69.52 2.07
N ALA C 3149 20.19 68.44 2.34
CA ALA C 3149 19.55 67.16 2.60
C ALA C 3149 20.39 66.38 3.61
N ASN C 3150 20.07 66.58 4.89
CA ASN C 3150 20.51 65.70 5.95
C ASN C 3150 19.34 65.18 6.76
N MET C 3151 18.11 65.57 6.39
CA MET C 3151 16.92 64.92 6.91
C MET C 3151 16.64 63.61 6.18
N VAL C 3152 17.29 63.38 5.03
CA VAL C 3152 17.28 62.08 4.38
C VAL C 3152 18.06 61.06 5.21
N ARG C 3153 19.02 61.54 6.01
CA ARG C 3153 19.89 60.67 6.80
C ARG C 3153 19.13 59.95 7.89
N HIS C 3154 18.13 60.60 8.49
CA HIS C 3154 17.31 59.95 9.51
C HIS C 3154 16.51 58.79 8.92
N ILE C 3155 15.99 59.00 7.71
CA ILE C 3155 15.24 57.97 7.02
C ILE C 3155 16.14 56.80 6.66
N LEU C 3156 17.34 57.09 6.15
CA LEU C 3156 18.25 56.00 5.78
C LEU C 3156 18.79 55.26 7.00
N ILE C 3157 18.95 55.95 8.12
CA ILE C 3157 19.40 55.30 9.35
C ILE C 3157 18.30 54.39 9.89
N ARG C 3158 17.05 54.86 9.87
CA ARG C 3158 15.95 54.01 10.30
C ARG C 3158 15.70 52.85 9.35
N ILE C 3159 16.07 52.99 8.08
CA ILE C 3159 15.99 51.87 7.15
C ILE C 3159 17.09 50.84 7.46
N ALA C 3160 18.31 51.30 7.69
CA ALA C 3160 19.45 50.40 7.85
C ALA C 3160 19.39 49.59 9.13
N LYS C 3161 18.72 50.08 10.17
CA LYS C 3161 18.65 49.35 11.43
C LYS C 3161 17.49 48.37 11.49
N SER C 3162 16.51 48.49 10.61
CA SER C 3162 15.36 47.60 10.62
C SER C 3162 15.29 46.70 9.40
N TYR C 3163 15.52 47.26 8.21
CA TYR C 3163 15.52 46.48 6.97
C TYR C 3163 16.90 46.59 6.34
N PRO C 3164 17.83 45.72 6.72
CA PRO C 3164 19.22 45.88 6.31
C PRO C 3164 19.52 45.31 4.93
N GLN C 3165 18.74 44.35 4.44
CA GLN C 3165 19.04 43.75 3.16
C GLN C 3165 18.50 44.55 1.99
N ALA C 3166 17.69 45.57 2.24
CA ALA C 3166 17.20 46.39 1.15
C ALA C 3166 18.22 47.44 0.76
N LEU C 3167 19.01 47.90 1.71
CA LEU C 3167 19.92 49.02 1.49
C LEU C 3167 21.30 48.59 1.05
N HIS C 3168 21.66 47.30 1.25
CA HIS C 3168 23.05 46.88 1.22
C HIS C 3168 23.66 46.98 -0.18
N PHE C 3169 22.98 46.45 -1.19
CA PHE C 3169 23.53 46.43 -2.55
C PHE C 3169 23.60 47.83 -3.14
N GLN C 3170 22.57 48.64 -2.87
CA GLN C 3170 22.59 50.03 -3.32
C GLN C 3170 23.68 50.83 -2.64
N LEU C 3171 23.91 50.55 -1.35
CA LEU C 3171 24.95 51.24 -0.59
C LEU C 3171 26.33 50.90 -1.12
N ARG C 3172 26.59 49.62 -1.38
CA ARG C 3172 27.90 49.25 -1.91
C ARG C 3172 28.11 49.77 -3.32
N THR C 3173 27.05 49.79 -4.14
CA THR C 3173 27.17 50.28 -5.51
C THR C 3173 27.46 51.78 -5.54
N THR C 3174 26.68 52.58 -4.81
CA THR C 3174 26.95 54.01 -4.82
C THR C 3174 28.19 54.39 -4.02
N LYS C 3175 28.62 53.53 -3.08
CA LYS C 3175 29.84 53.80 -2.33
C LYS C 3175 31.06 53.57 -3.20
N GLU C 3176 31.10 52.47 -3.93
CA GLU C 3176 32.19 52.27 -4.89
C GLU C 3176 32.07 53.16 -6.11
N ASP C 3177 30.90 53.78 -6.35
CA ASP C 3177 30.82 54.83 -7.35
C ASP C 3177 31.53 56.09 -6.86
N PHE C 3178 31.19 56.56 -5.66
CA PHE C 3178 31.80 57.80 -5.15
C PHE C 3178 33.24 57.62 -4.71
N ALA C 3179 33.69 56.39 -4.45
CA ALA C 3179 35.05 56.21 -3.96
C ALA C 3179 36.09 56.32 -5.07
N VAL C 3180 35.72 56.04 -6.31
CA VAL C 3180 36.69 56.10 -7.40
C VAL C 3180 36.77 57.47 -8.06
N ILE C 3181 35.86 58.39 -7.73
CA ILE C 3181 35.87 59.72 -8.33
C ILE C 3181 36.56 60.75 -7.46
N GLN C 3182 37.03 60.36 -6.27
CA GLN C 3182 37.74 61.30 -5.40
C GLN C 3182 39.15 61.55 -5.92
N ARG C 3202 33.81 66.29 3.30
CA ARG C 3202 32.79 66.30 2.27
C ARG C 3202 31.70 65.27 2.60
N GLN C 3203 30.46 65.77 2.63
CA GLN C 3203 29.29 65.06 3.17
C GLN C 3203 28.80 63.81 2.43
N PRO C 3204 28.89 63.68 1.05
CA PRO C 3204 28.51 62.40 0.44
C PRO C 3204 29.21 61.14 0.94
N TRP C 3205 30.54 61.08 0.85
CA TRP C 3205 31.22 59.87 1.31
C TRP C 3205 31.23 59.76 2.82
N GLU C 3206 31.14 60.88 3.55
CA GLU C 3206 31.00 60.84 5.00
C GLU C 3206 29.69 60.17 5.40
N TYR C 3207 28.59 60.57 4.76
CA TYR C 3207 27.29 59.96 5.05
C TYR C 3207 27.24 58.51 4.58
N LEU C 3208 27.92 58.20 3.47
CA LEU C 3208 27.93 56.82 3.00
C LEU C 3208 28.73 55.92 3.93
N GLN C 3209 29.87 56.40 4.44
CA GLN C 3209 30.63 55.59 5.40
C GLN C 3209 29.90 55.49 6.74
N GLU C 3210 29.15 56.52 7.13
CA GLU C 3210 28.35 56.41 8.35
C GLU C 3210 27.24 55.38 8.21
N LEU C 3211 26.56 55.37 7.05
CA LEU C 3211 25.52 54.38 6.79
C LEU C 3211 26.10 52.98 6.70
N ASN C 3212 27.28 52.84 6.10
CA ASN C 3212 27.93 51.54 6.03
C ASN C 3212 28.37 51.06 7.40
N ASN C 3213 28.80 51.98 8.27
CA ASN C 3213 29.18 51.59 9.63
C ASN C 3213 27.98 51.18 10.45
N ILE C 3214 26.84 51.87 10.29
CA ILE C 3214 25.63 51.46 10.99
C ILE C 3214 25.12 50.12 10.47
N LEU C 3215 25.24 49.89 9.16
CA LEU C 3215 24.87 48.60 8.58
C LEU C 3215 25.87 47.51 8.94
N LYS C 3216 27.07 47.86 9.34
CA LYS C 3216 28.06 46.83 9.66
C LYS C 3216 28.10 46.47 11.14
N THR C 3217 27.87 47.42 12.05
CA THR C 3217 27.85 47.09 13.47
C THR C 3217 26.60 46.30 13.82
N ALA C 3218 25.42 46.89 13.63
CA ALA C 3218 24.20 46.13 13.67
C ALA C 3218 24.15 45.25 12.44
N TYR C 3219 23.81 43.97 12.63
CA TYR C 3219 23.88 42.86 11.68
C TYR C 3219 25.29 42.72 11.11
N PRO C 3220 26.30 42.26 11.86
CA PRO C 3220 27.63 42.10 11.27
C PRO C 3220 27.79 40.83 10.44
N LEU C 3221 27.08 39.78 10.84
CA LEU C 3221 27.11 38.52 10.11
C LEU C 3221 26.47 38.66 8.74
N LEU C 3222 25.39 39.42 8.67
CA LEU C 3222 24.69 39.66 7.42
C LEU C 3222 25.57 40.40 6.43
N ALA C 3223 26.22 41.48 6.89
CA ALA C 3223 27.11 42.25 6.03
C ALA C 3223 28.32 41.44 5.60
N LEU C 3224 28.82 40.59 6.49
CA LEU C 3224 29.95 39.73 6.13
C LEU C 3224 29.59 38.73 5.03
N SER C 3225 28.43 38.07 5.17
CA SER C 3225 28.03 37.08 4.16
C SER C 3225 27.68 37.73 2.84
N LEU C 3226 27.01 38.88 2.88
CA LEU C 3226 26.64 39.57 1.65
C LEU C 3226 27.86 40.11 0.92
N GLU C 3227 28.84 40.63 1.66
CA GLU C 3227 30.04 41.12 1.02
C GLU C 3227 30.89 40.00 0.44
N SER C 3228 30.92 38.84 1.11
CA SER C 3228 31.67 37.71 0.56
C SER C 3228 31.01 37.16 -0.70
N LEU C 3229 29.67 37.12 -0.71
CA LEU C 3229 28.94 36.67 -1.89
C LEU C 3229 29.14 37.60 -3.08
N VAL C 3230 29.03 38.91 -2.84
CA VAL C 3230 29.21 39.90 -3.90
C VAL C 3230 30.64 39.88 -4.42
N ALA C 3231 31.62 39.71 -3.53
CA ALA C 3231 33.02 39.68 -3.95
C ALA C 3231 33.33 38.43 -4.77
N GLN C 3232 32.76 37.29 -4.40
CA GLN C 3232 33.01 36.08 -5.18
C GLN C 3232 32.36 36.14 -6.55
N ILE C 3233 31.18 36.75 -6.65
CA ILE C 3233 30.57 36.94 -7.97
C ILE C 3233 31.38 37.92 -8.81
N ASN C 3234 31.87 38.99 -8.19
CA ASN C 3234 32.68 39.97 -8.92
C ASN C 3234 34.03 39.44 -9.36
N ASP C 3235 34.59 38.45 -8.65
CA ASP C 3235 35.87 37.94 -9.09
C ASP C 3235 35.78 36.71 -9.98
N ARG C 3236 34.73 35.90 -9.87
CA ARG C 3236 34.75 34.62 -10.57
C ARG C 3236 33.92 34.58 -11.84
N PHE C 3237 32.98 35.51 -12.03
CA PHE C 3237 32.12 35.51 -13.21
C PHE C 3237 32.60 36.47 -14.29
N LYS C 3238 33.89 36.78 -14.28
CA LYS C 3238 34.48 37.63 -15.30
C LYS C 3238 34.63 36.81 -16.59
N SER C 3239 34.29 37.45 -17.71
CA SER C 3239 34.28 36.76 -19.00
C SER C 3239 35.69 36.45 -19.48
N THR C 3240 35.78 35.45 -20.35
CA THR C 3240 37.08 34.99 -20.86
C THR C 3240 37.54 35.88 -22.01
N THR C 3241 38.57 35.43 -22.73
CA THR C 3241 39.15 36.26 -23.78
C THR C 3241 38.29 36.27 -25.03
N ASP C 3242 37.72 35.13 -25.41
CA ASP C 3242 36.92 35.05 -26.62
C ASP C 3242 35.62 35.81 -26.48
N GLU C 3243 35.05 35.86 -25.28
CA GLU C 3243 33.81 36.61 -25.10
C GLU C 3243 34.06 38.11 -25.14
N ASP C 3244 35.20 38.55 -24.62
CA ASP C 3244 35.57 39.96 -24.71
C ASP C 3244 35.88 40.34 -26.14
N LEU C 3245 36.56 39.46 -26.88
CA LEU C 3245 36.80 39.70 -28.29
C LEU C 3245 35.51 39.73 -29.10
N PHE C 3246 34.55 38.89 -28.73
CA PHE C 3246 33.26 38.84 -29.41
C PHE C 3246 32.48 40.13 -29.19
N ARG C 3247 32.41 40.62 -27.95
CA ARG C 3247 31.65 41.85 -27.71
C ARG C 3247 32.38 43.07 -28.27
N LEU C 3248 33.72 43.03 -28.35
CA LEU C 3248 34.45 44.13 -28.97
C LEU C 3248 34.20 44.17 -30.47
N ILE C 3249 34.22 43.02 -31.13
CA ILE C 3249 33.97 42.98 -32.56
C ILE C 3249 32.54 43.33 -32.88
N ASN C 3250 31.61 43.00 -31.98
CA ASN C 3250 30.21 43.39 -32.19
C ASN C 3250 30.01 44.90 -32.07
N VAL C 3251 30.63 45.54 -31.08
CA VAL C 3251 30.44 46.99 -30.98
C VAL C 3251 31.18 47.71 -32.11
N LEU C 3252 32.31 47.15 -32.58
CA LEU C 3252 32.99 47.72 -33.74
C LEU C 3252 32.17 47.56 -35.01
N LEU C 3253 31.49 46.42 -35.16
CA LEU C 3253 30.72 46.17 -36.38
C LEU C 3253 29.45 47.00 -36.42
N ILE C 3254 28.78 47.18 -35.28
CA ILE C 3254 27.60 48.03 -35.32
C ILE C 3254 27.99 49.49 -35.50
N ASP C 3255 29.16 49.90 -35.00
CA ASP C 3255 29.58 51.28 -35.27
C ASP C 3255 30.03 51.46 -36.72
N GLY C 3256 30.64 50.45 -37.33
CA GLY C 3256 31.03 50.56 -38.72
C GLY C 3256 29.84 50.62 -39.66
N THR C 3257 28.86 49.75 -39.45
CA THR C 3257 27.66 49.81 -40.29
C THR C 3257 26.76 50.99 -39.93
N LEU C 3258 26.93 51.59 -38.76
CA LEU C 3258 26.18 52.80 -38.46
C LEU C 3258 26.83 54.03 -39.09
N ASN C 3259 28.15 54.07 -39.13
CA ASN C 3259 28.81 55.21 -39.76
C ASN C 3259 28.83 55.11 -41.28
N TYR C 3260 28.74 53.89 -41.83
CA TYR C 3260 28.67 53.74 -43.27
C TYR C 3260 27.33 54.20 -43.84
N ASN C 3261 26.28 54.24 -43.02
CA ASN C 3261 24.97 54.69 -43.46
C ASN C 3261 24.68 56.11 -43.05
N ARG C 3262 25.68 56.84 -42.56
CA ARG C 3262 25.52 58.25 -42.18
C ARG C 3262 25.62 59.20 -43.36
N LEU C 3263 25.64 58.68 -44.58
CA LEU C 3263 26.00 59.35 -45.82
C LEU C 3263 27.33 60.05 -45.62
N PRO C 3264 28.46 59.33 -45.56
CA PRO C 3264 29.74 60.02 -45.43
C PRO C 3264 30.09 60.76 -46.71
N PHE C 3265 29.91 60.07 -47.84
CA PHE C 3265 30.07 60.53 -49.20
C PHE C 3265 28.86 59.97 -49.96
N PRO C 3266 28.73 60.24 -51.27
CA PRO C 3266 27.89 59.36 -52.11
C PRO C 3266 28.54 58.04 -52.48
N ARG C 3267 29.63 57.67 -51.79
CA ARG C 3267 30.19 56.32 -51.72
C ARG C 3267 30.72 55.82 -53.05
N LYS C 3268 31.73 56.51 -53.57
CA LYS C 3268 32.46 55.98 -54.71
C LYS C 3268 33.38 54.85 -54.27
N ASN C 3269 34.33 55.14 -53.39
CA ASN C 3269 35.25 54.16 -52.82
C ASN C 3269 35.79 54.76 -51.53
N PRO C 3270 35.06 54.67 -50.43
CA PRO C 3270 35.37 55.49 -49.25
C PRO C 3270 36.56 54.97 -48.46
N LYS C 3271 36.94 55.75 -47.46
CA LYS C 3271 38.06 55.45 -46.57
C LYS C 3271 37.64 55.72 -45.13
N LEU C 3272 38.39 55.13 -44.21
CA LEU C 3272 38.08 55.27 -42.79
C LEU C 3272 38.50 56.64 -42.27
N PRO C 3273 37.75 57.18 -41.30
CA PRO C 3273 38.22 58.38 -40.60
C PRO C 3273 39.41 58.05 -39.71
N GLU C 3274 40.08 59.12 -39.27
CA GLU C 3274 41.26 58.92 -38.44
C GLU C 3274 40.90 58.58 -37.00
N ASN C 3275 39.73 58.99 -36.52
CA ASN C 3275 39.39 58.73 -35.13
C ASN C 3275 38.97 57.29 -34.92
N THR C 3276 38.36 56.66 -35.93
CA THR C 3276 38.04 55.24 -35.82
C THR C 3276 39.30 54.40 -35.83
N GLU C 3277 40.29 54.79 -36.66
CA GLU C 3277 41.56 54.06 -36.70
C GLU C 3277 42.35 54.26 -35.41
N LYS C 3278 42.32 55.45 -34.82
CA LYS C 3278 42.99 55.64 -33.55
C LYS C 3278 42.26 54.93 -32.41
N ASN C 3279 40.92 54.82 -32.51
CA ASN C 3279 40.17 54.08 -31.51
C ASN C 3279 40.47 52.59 -31.59
N LEU C 3280 40.60 52.05 -32.80
CA LEU C 3280 40.89 50.62 -32.89
C LEU C 3280 42.34 50.30 -32.61
N VAL C 3281 43.28 51.23 -32.86
CA VAL C 3281 44.65 50.95 -32.43
C VAL C 3281 44.80 51.15 -30.92
N LYS C 3282 43.90 51.91 -30.28
CA LYS C 3282 43.84 51.92 -28.83
C LYS C 3282 43.25 50.61 -28.29
N PHE C 3283 42.18 50.13 -28.92
CA PHE C 3283 41.55 48.89 -28.50
C PHE C 3283 42.44 47.68 -28.75
N SER C 3284 43.34 47.76 -29.73
CA SER C 3284 44.28 46.65 -29.95
C SER C 3284 45.29 46.55 -28.82
N THR C 3285 45.69 47.66 -28.22
CA THR C 3285 46.53 47.60 -27.03
C THR C 3285 45.73 47.29 -25.78
N THR C 3286 44.43 47.58 -25.76
CA THR C 3286 43.56 47.19 -24.66
C THR C 3286 42.95 45.80 -24.88
N LEU C 3287 43.38 45.08 -25.92
CA LEU C 3287 42.97 43.70 -26.15
C LEU C 3287 43.77 42.74 -25.27
N LEU C 3288 43.67 41.46 -25.56
CA LEU C 3288 44.49 40.47 -24.88
C LEU C 3288 45.84 40.39 -25.56
N ALA C 3289 46.89 40.26 -24.73
CA ALA C 3289 48.24 40.50 -25.20
C ALA C 3289 48.77 39.45 -26.18
N PRO C 3290 48.94 38.17 -25.79
CA PRO C 3290 49.92 37.34 -26.54
C PRO C 3290 49.45 36.90 -27.92
N TYR C 3291 48.20 36.49 -28.07
CA TYR C 3291 47.78 35.82 -29.29
C TYR C 3291 46.70 36.54 -30.07
N ILE C 3292 45.92 37.41 -29.44
CA ILE C 3292 44.90 38.15 -30.18
C ILE C 3292 45.54 39.25 -31.01
N ARG C 3293 46.52 39.95 -30.46
CA ARG C 3293 47.13 41.13 -31.08
C ARG C 3293 47.92 40.89 -32.36
N PRO C 3294 48.76 39.85 -32.53
CA PRO C 3294 49.43 39.71 -33.84
C PRO C 3294 48.52 39.31 -34.98
N LYS C 3295 47.29 38.87 -34.72
CA LYS C 3295 46.31 38.65 -35.77
C LYS C 3295 45.35 39.82 -35.94
N PHE C 3296 45.03 40.53 -34.86
CA PHE C 3296 44.21 41.72 -34.97
C PHE C 3296 44.96 42.86 -35.63
N ASN C 3297 46.27 42.94 -35.42
CA ASN C 3297 47.06 43.99 -36.02
C ASN C 3297 47.31 43.76 -37.48
N ALA C 3298 47.21 42.52 -37.96
CA ALA C 3298 47.38 42.19 -39.36
C ALA C 3298 46.16 42.55 -40.20
N ASP C 3299 45.17 43.22 -39.62
CA ASP C 3299 43.95 43.60 -40.31
C ASP C 3299 43.67 45.09 -40.24
N PHE C 3300 44.64 45.90 -39.82
CA PHE C 3300 44.55 47.34 -40.08
C PHE C 3300 45.88 47.97 -40.46
N ILE C 3301 46.97 47.21 -40.53
CA ILE C 3301 48.21 47.80 -41.03
C ILE C 3301 48.26 47.80 -42.55
N ASP C 3302 47.77 46.74 -43.19
CA ASP C 3302 47.94 46.53 -44.63
C ASP C 3302 46.84 47.16 -45.46
N ASN C 3303 46.29 48.29 -44.99
CA ASN C 3303 45.25 49.08 -45.68
C ASN C 3303 43.97 48.28 -45.89
N LYS C 3304 43.69 47.36 -44.97
CA LYS C 3304 42.39 46.73 -44.93
C LYS C 3304 41.26 47.70 -44.56
N PRO C 3305 41.47 48.77 -43.73
CA PRO C 3305 40.40 49.77 -43.65
C PRO C 3305 40.23 50.61 -44.90
N ASP C 3306 39.19 50.28 -45.68
CA ASP C 3306 38.67 51.14 -46.72
C ASP C 3306 37.15 51.09 -46.76
N TYR C 3307 36.53 50.85 -45.60
CA TYR C 3307 35.08 50.79 -45.37
C TYR C 3307 34.35 49.67 -46.10
N GLU C 3308 35.08 48.83 -46.84
CA GLU C 3308 34.48 47.67 -47.49
C GLU C 3308 35.12 46.38 -47.03
N THR C 3309 36.45 46.31 -47.02
CA THR C 3309 37.14 45.16 -46.46
C THR C 3309 37.20 45.23 -44.95
N TYR C 3310 37.00 46.42 -44.37
CA TYR C 3310 36.91 46.53 -42.92
C TYR C 3310 35.64 45.84 -42.41
N ILE C 3311 34.50 46.15 -43.03
CA ILE C 3311 33.25 45.52 -42.64
C ILE C 3311 33.23 44.04 -43.01
N LYS C 3312 33.86 43.66 -44.13
CA LYS C 3312 33.93 42.25 -44.49
C LYS C 3312 34.81 41.47 -43.52
N ARG C 3313 35.91 42.08 -43.08
CA ARG C 3313 36.76 41.46 -42.06
C ARG C 3313 36.02 41.33 -40.75
N LEU C 3314 35.26 42.36 -40.36
CA LEU C 3314 34.53 42.30 -39.09
C LEU C 3314 33.43 41.24 -39.13
N ARG C 3315 32.77 41.08 -40.27
CA ARG C 3315 31.75 40.06 -40.40
C ARG C 3315 32.36 38.66 -40.38
N TYR C 3316 33.51 38.49 -41.04
CA TYR C 3316 34.20 37.21 -41.03
C TYR C 3316 34.65 36.84 -39.61
N TRP C 3317 35.21 37.81 -38.88
CA TRP C 3317 35.67 37.55 -37.53
C TRP C 3317 34.51 37.30 -36.59
N ARG C 3318 33.38 38.01 -36.78
CA ARG C 3318 32.21 37.80 -35.95
C ARG C 3318 31.61 36.41 -36.18
N ARG C 3319 31.57 35.96 -37.43
CA ARG C 3319 31.04 34.62 -37.70
C ARG C 3319 31.95 33.52 -37.16
N ARG C 3320 33.27 33.69 -37.30
CA ARG C 3320 34.19 32.71 -36.76
C ARG C 3320 34.15 32.67 -35.24
N LEU C 3321 34.00 33.83 -34.61
CA LEU C 3321 33.92 33.85 -33.15
C LEU C 3321 32.60 33.29 -32.66
N GLU C 3322 31.51 33.50 -33.39
CA GLU C 3322 30.24 32.93 -32.94
C GLU C 3322 30.22 31.42 -33.13
N ASN C 3323 30.91 30.89 -34.15
CA ASN C 3323 31.02 29.43 -34.25
C ASN C 3323 31.93 28.86 -33.17
N LYS C 3324 32.99 29.59 -32.81
CA LYS C 3324 33.87 29.14 -31.74
C LYS C 3324 33.15 29.13 -30.39
N LEU C 3325 32.37 30.17 -30.10
CA LEU C 3325 31.63 30.21 -28.85
C LEU C 3325 30.43 29.27 -28.85
N ASP C 3326 29.94 28.87 -30.02
CA ASP C 3326 28.87 27.90 -30.07
C ASP C 3326 29.38 26.47 -29.98
N ARG C 3327 30.64 26.23 -30.29
CA ARG C 3327 31.24 24.91 -30.08
C ARG C 3327 31.84 24.76 -28.70
N ALA C 3328 31.57 25.67 -27.77
CA ALA C 3328 32.03 25.55 -26.40
C ALA C 3328 31.05 24.68 -25.62
N SER C 3329 31.19 24.64 -24.30
CA SER C 3329 30.31 23.87 -23.43
C SER C 3329 29.21 24.77 -22.91
N LYS C 3330 27.96 24.36 -23.16
CA LYS C 3330 26.81 25.16 -22.77
C LYS C 3330 26.52 25.11 -21.29
N LYS C 3331 27.11 24.18 -20.56
CA LYS C 3331 26.82 24.00 -19.14
C LYS C 3331 28.12 23.71 -18.42
N GLU C 3332 28.54 24.64 -17.58
CA GLU C 3332 29.79 24.52 -16.86
C GLU C 3332 29.51 24.45 -15.36
N ASN C 3333 30.37 23.73 -14.66
CA ASN C 3333 30.14 23.40 -13.27
C ASN C 3333 30.41 24.59 -12.37
N LEU C 3334 29.57 24.75 -11.34
CA LEU C 3334 29.74 25.87 -10.44
C LEU C 3334 30.91 25.67 -9.50
N GLU C 3335 31.19 24.43 -9.08
CA GLU C 3335 32.31 24.21 -8.18
C GLU C 3335 33.66 24.36 -8.86
N VAL C 3336 33.70 24.28 -10.19
CA VAL C 3336 34.92 24.59 -10.92
C VAL C 3336 35.03 26.09 -11.15
N LEU C 3337 33.92 26.74 -11.46
CA LEU C 3337 33.91 28.17 -11.70
C LEU C 3337 34.10 28.94 -10.41
N CYS C 3338 33.20 28.76 -9.45
CA CYS C 3338 33.25 29.52 -8.19
C CYS C 3338 32.91 28.58 -7.04
N PRO C 3339 33.93 28.02 -6.38
CA PRO C 3339 33.65 27.00 -5.34
C PRO C 3339 33.11 27.57 -4.05
N HIS C 3340 33.09 28.88 -3.88
CA HIS C 3340 32.50 29.46 -2.69
C HIS C 3340 30.98 29.44 -2.73
N LEU C 3341 30.40 29.57 -3.92
CA LEU C 3341 28.95 29.57 -4.06
C LEU C 3341 28.35 28.18 -4.11
N SER C 3342 29.11 27.18 -4.55
CA SER C 3342 28.63 25.81 -4.42
C SER C 3342 28.72 25.32 -2.99
N ASN C 3343 29.61 25.91 -2.19
CA ASN C 3343 29.79 25.58 -0.80
C ASN C 3343 29.07 26.55 0.13
N PHE C 3344 28.11 27.31 -0.40
CA PHE C 3344 27.59 28.49 0.27
C PHE C 3344 26.70 28.13 1.45
N HIS C 3345 25.76 27.21 1.25
CA HIS C 3345 24.72 26.95 2.24
C HIS C 3345 25.24 26.27 3.49
N HIS C 3346 26.43 25.68 3.45
CA HIS C 3346 27.04 25.15 4.66
C HIS C 3346 27.57 26.28 5.53
N GLN C 3347 28.42 27.13 4.96
CA GLN C 3347 29.03 28.23 5.68
C GLN C 3347 28.14 29.46 5.77
N LYS C 3348 26.91 29.39 5.25
CA LYS C 3348 25.92 30.41 5.52
C LYS C 3348 25.22 30.09 6.84
N PHE C 3349 25.06 31.11 7.67
CA PHE C 3349 24.52 30.92 9.01
C PHE C 3349 23.44 31.93 9.34
N GLU C 3350 22.78 32.47 8.32
CA GLU C 3350 21.59 33.30 8.50
C GLU C 3350 20.70 33.13 7.28
N ASP C 3351 19.69 33.97 7.16
CA ASP C 3351 18.70 33.88 6.08
C ASP C 3351 18.88 35.07 5.15
N ILE C 3352 19.73 34.89 4.15
CA ILE C 3352 19.82 35.85 3.06
C ILE C 3352 18.57 35.71 2.20
N GLU C 3353 18.10 36.80 1.64
CA GLU C 3353 16.95 36.75 0.74
C GLU C 3353 17.41 36.82 -0.71
N ILE C 3354 16.56 36.31 -1.59
CA ILE C 3354 16.76 36.43 -3.04
C ILE C 3354 16.84 37.91 -3.38
N PRO C 3355 17.88 38.38 -4.05
CA PRO C 3355 18.00 39.82 -4.30
C PRO C 3355 17.00 40.30 -5.33
N GLY C 3356 16.49 41.49 -5.13
CA GLY C 3356 15.50 42.06 -6.00
C GLY C 3356 14.07 41.79 -5.61
N GLN C 3357 13.82 41.45 -4.35
CA GLN C 3357 12.46 41.28 -3.88
C GLN C 3357 11.89 42.51 -3.23
N TYR C 3358 12.73 43.51 -2.95
CA TYR C 3358 12.26 44.77 -2.43
C TYR C 3358 11.91 45.77 -3.52
N LEU C 3359 12.31 45.50 -4.76
CA LEU C 3359 11.95 46.37 -5.86
C LEU C 3359 10.50 46.18 -6.26
N LEU C 3360 10.02 44.95 -6.22
CA LEU C 3360 8.61 44.69 -6.41
C LEU C 3360 7.89 44.94 -5.09
N ASN C 3361 6.98 45.91 -5.11
CA ASN C 3361 6.43 46.50 -3.90
C ASN C 3361 5.38 45.58 -3.29
N LYS C 3362 5.85 44.55 -2.62
CA LYS C 3362 4.99 43.61 -1.92
C LYS C 3362 5.04 43.91 -0.43
N ASP C 3363 3.91 44.42 0.08
CA ASP C 3363 3.76 45.18 1.32
C ASP C 3363 4.56 44.71 2.55
N ASN C 3364 4.54 43.42 2.81
CA ASN C 3364 5.13 42.86 4.01
C ASN C 3364 6.58 42.44 3.73
N ASN C 3365 7.15 41.70 4.66
CA ASN C 3365 8.49 41.15 4.51
C ASN C 3365 8.55 39.67 4.84
N VAL C 3366 7.50 39.09 5.41
CA VAL C 3366 7.59 37.75 5.94
C VAL C 3366 7.51 36.66 4.90
N HIS C 3367 7.00 36.96 3.71
CA HIS C 3367 6.83 35.93 2.69
C HIS C 3367 7.87 36.01 1.59
N PHE C 3368 8.95 36.74 1.82
CA PHE C 3368 10.04 36.79 0.87
C PHE C 3368 10.74 35.45 0.82
N ILE C 3369 11.25 35.12 -0.36
CA ILE C 3369 11.93 33.85 -0.56
C ILE C 3369 13.38 33.98 -0.14
N LYS C 3370 13.82 33.06 0.70
CA LYS C 3370 15.20 33.01 1.17
C LYS C 3370 15.98 32.05 0.31
N ILE C 3371 17.22 32.41 0.02
CA ILE C 3371 18.08 31.56 -0.80
C ILE C 3371 18.48 30.30 -0.03
N ALA C 3372 18.16 29.15 -0.58
CA ALA C 3372 18.55 27.88 0.01
C ALA C 3372 19.95 27.48 -0.44
N ARG C 3373 20.17 27.42 -1.75
CA ARG C 3373 21.48 27.07 -2.29
C ARG C 3373 21.56 27.54 -3.73
N PHE C 3374 22.79 27.66 -4.20
CA PHE C 3374 23.06 27.86 -5.62
C PHE C 3374 23.12 26.51 -6.30
N LEU C 3375 22.40 26.37 -7.40
CA LEU C 3375 22.41 25.13 -8.13
C LEU C 3375 23.75 24.97 -8.86
N PRO C 3376 24.20 23.74 -9.07
CA PRO C 3376 25.38 23.54 -9.91
C PRO C 3376 25.03 23.67 -11.39
N THR C 3377 25.99 23.32 -12.26
CA THR C 3377 25.92 23.41 -13.73
C THR C 3377 25.29 24.68 -14.28
N VAL C 3378 25.96 25.81 -14.09
CA VAL C 3378 25.47 27.09 -14.62
C VAL C 3378 25.58 27.09 -16.14
N ASP C 3379 24.81 27.97 -16.77
CA ASP C 3379 24.65 27.98 -18.22
C ASP C 3379 25.44 29.12 -18.84
N PHE C 3380 26.12 28.81 -19.94
CA PHE C 3380 26.77 29.83 -20.75
C PHE C 3380 25.88 30.14 -21.95
N VAL C 3381 25.42 31.38 -22.03
CA VAL C 3381 24.43 31.78 -23.02
C VAL C 3381 25.11 32.74 -23.99
N ARG C 3382 25.24 32.33 -25.24
CA ARG C 3382 25.76 33.20 -26.31
C ARG C 3382 24.61 33.96 -26.95
N GLY C 3383 24.62 35.27 -26.84
CA GLY C 3383 23.60 36.10 -27.42
C GLY C 3383 23.92 36.50 -28.84
N THR C 3384 23.32 37.60 -29.27
CA THR C 3384 23.60 38.12 -30.60
C THR C 3384 24.83 39.01 -30.61
N HIS C 3385 24.89 39.96 -29.67
CA HIS C 3385 25.97 40.93 -29.64
C HIS C 3385 26.92 40.75 -28.48
N SER C 3386 26.68 39.77 -27.62
CA SER C 3386 27.50 39.51 -26.44
C SER C 3386 27.21 38.11 -25.94
N SER C 3387 27.69 37.79 -24.76
CA SER C 3387 27.39 36.53 -24.10
C SER C 3387 27.48 36.74 -22.60
N TYR C 3388 26.86 35.85 -21.85
CA TYR C 3388 26.78 35.99 -20.40
C TYR C 3388 26.62 34.60 -19.80
N ARG C 3389 26.58 34.57 -18.47
CA ARG C 3389 26.40 33.35 -17.71
C ARG C 3389 25.15 33.45 -16.87
N ARG C 3390 24.35 32.40 -16.88
CA ARG C 3390 23.11 32.36 -16.12
C ARG C 3390 23.29 31.40 -14.95
N LEU C 3391 23.21 31.90 -13.73
CA LEU C 3391 23.31 31.05 -12.56
C LEU C 3391 21.93 30.90 -11.93
N MET C 3392 21.62 29.69 -11.49
CA MET C 3392 20.35 29.36 -10.90
C MET C 3392 20.47 29.29 -9.38
N ILE C 3393 19.40 29.68 -8.71
CA ILE C 3393 19.34 29.73 -7.25
C ILE C 3393 18.11 28.98 -6.78
N ARG C 3394 18.31 27.96 -5.95
CA ARG C 3394 17.18 27.26 -5.36
C ARG C 3394 16.69 28.04 -4.15
N GLY C 3395 15.40 28.29 -4.10
CA GLY C 3395 14.82 28.97 -2.97
C GLY C 3395 14.40 28.02 -1.88
N HIS C 3396 14.05 28.60 -0.72
CA HIS C 3396 13.67 27.79 0.42
C HIS C 3396 12.27 27.22 0.31
N ASP C 3397 11.50 27.63 -0.70
CA ASP C 3397 10.17 27.09 -0.96
C ASP C 3397 10.17 26.17 -2.17
N GLY C 3398 11.34 25.65 -2.57
CA GLY C 3398 11.45 24.73 -3.67
C GLY C 3398 11.57 25.36 -5.04
N SER C 3399 11.42 26.67 -5.14
CA SER C 3399 11.49 27.36 -6.42
C SER C 3399 12.91 27.63 -6.83
N VAL C 3400 13.14 27.64 -8.13
CA VAL C 3400 14.44 27.96 -8.71
C VAL C 3400 14.33 29.29 -9.45
N HIS C 3401 15.21 30.23 -9.11
CA HIS C 3401 15.27 31.54 -9.73
C HIS C 3401 16.56 31.65 -10.52
N SER C 3402 16.45 32.01 -11.79
CA SER C 3402 17.60 32.18 -12.65
C SER C 3402 17.95 33.65 -12.74
N PHE C 3403 19.23 33.96 -12.68
CA PHE C 3403 19.72 35.31 -12.83
C PHE C 3403 20.81 35.33 -13.88
N ALA C 3404 20.92 36.43 -14.60
CA ALA C 3404 21.95 36.62 -15.61
C ALA C 3404 22.99 37.58 -15.08
N VAL C 3405 24.26 37.23 -15.22
CA VAL C 3405 25.36 38.05 -14.73
C VAL C 3405 25.92 38.82 -15.93
N GLN C 3406 25.48 40.05 -16.09
CA GLN C 3406 26.09 40.96 -17.05
C GLN C 3406 27.34 41.53 -16.41
N TYR C 3407 28.50 41.00 -16.78
CA TYR C 3407 29.72 41.45 -16.10
C TYR C 3407 30.21 42.79 -16.64
N PRO C 3408 30.31 43.04 -17.97
CA PRO C 3408 30.51 44.45 -18.30
C PRO C 3408 29.18 45.17 -18.53
N ALA C 3409 28.50 45.49 -17.43
CA ALA C 3409 27.28 46.26 -17.52
C ALA C 3409 27.61 47.70 -17.91
N VAL C 3410 26.96 48.21 -18.94
CA VAL C 3410 27.29 49.51 -19.50
C VAL C 3410 26.76 50.59 -18.57
N ARG C 3411 27.50 51.71 -18.48
CA ARG C 3411 27.33 52.73 -17.45
C ARG C 3411 26.03 53.51 -17.53
N HIS C 3412 25.14 53.24 -18.49
CA HIS C 3412 23.81 53.81 -18.47
C HIS C 3412 22.80 52.92 -17.76
N SER C 3413 23.25 52.12 -16.80
CA SER C 3413 22.36 51.21 -16.11
C SER C 3413 21.47 51.93 -15.10
N ARG C 3414 21.92 53.05 -14.56
CA ARG C 3414 21.13 53.76 -13.56
C ARG C 3414 19.91 54.42 -14.17
N ARG C 3415 20.02 54.92 -15.41
CA ARG C 3415 18.86 55.47 -16.10
C ARG C 3415 17.84 54.39 -16.42
N GLU C 3416 18.33 53.22 -16.87
CA GLU C 3416 17.48 52.05 -17.09
C GLU C 3416 16.73 51.66 -15.84
N GLU C 3417 17.45 51.56 -14.72
CA GLU C 3417 16.83 51.09 -13.49
C GLU C 3417 15.89 52.13 -12.90
N ARG C 3418 16.14 53.42 -13.14
CA ARG C 3418 15.18 54.41 -12.70
C ARG C 3418 13.92 54.39 -13.55
N MET C 3419 14.04 54.08 -14.84
CA MET C 3419 12.83 53.91 -15.65
C MET C 3419 12.07 52.65 -15.25
N PHE C 3420 12.80 51.59 -14.88
CA PHE C 3420 12.17 50.38 -14.35
C PHE C 3420 11.40 50.68 -13.07
N GLN C 3421 12.01 51.47 -12.18
CA GLN C 3421 11.36 51.85 -10.93
C GLN C 3421 10.12 52.70 -11.18
N LEU C 3422 10.21 53.64 -12.11
CA LEU C 3422 9.08 54.51 -12.40
C LEU C 3422 7.91 53.73 -12.98
N TYR C 3423 8.18 52.85 -13.93
CA TYR C 3423 7.08 52.11 -14.52
C TYR C 3423 6.58 50.98 -13.64
N ARG C 3424 7.33 50.58 -12.63
CA ARG C 3424 6.79 49.67 -11.64
C ARG C 3424 5.97 50.39 -10.58
N LEU C 3425 6.18 51.70 -10.42
CA LEU C 3425 5.33 52.47 -9.52
C LEU C 3425 3.90 52.60 -10.04
N PHE C 3426 3.70 52.49 -11.35
CA PHE C 3426 2.37 52.64 -11.94
C PHE C 3426 1.55 51.37 -11.90
N ASN C 3427 2.12 50.25 -11.46
CA ASN C 3427 1.41 48.98 -11.47
C ASN C 3427 0.33 48.89 -10.40
N LYS C 3428 0.30 49.82 -9.45
CA LYS C 3428 -0.73 49.80 -8.44
C LYS C 3428 -1.94 50.63 -8.84
N SER C 3429 -1.74 51.65 -9.66
CA SER C 3429 -2.87 52.35 -10.25
C SER C 3429 -3.55 51.50 -11.31
N LEU C 3430 -2.80 50.61 -11.95
CA LEU C 3430 -3.28 49.70 -12.99
C LEU C 3430 -3.94 48.45 -12.44
N SER C 3431 -4.20 48.39 -11.15
CA SER C 3431 -4.95 47.29 -10.57
C SER C 3431 -6.10 47.76 -9.71
N LYS C 3432 -6.18 49.05 -9.40
CA LYS C 3432 -7.37 49.59 -8.76
C LYS C 3432 -8.38 50.10 -9.76
N ASN C 3433 -7.96 50.41 -10.98
CA ASN C 3433 -8.91 50.72 -12.03
C ASN C 3433 -9.52 49.43 -12.53
N VAL C 3434 -10.83 49.45 -12.74
CA VAL C 3434 -11.56 48.22 -13.05
C VAL C 3434 -11.25 47.77 -14.47
N GLU C 3435 -11.12 48.71 -15.41
CA GLU C 3435 -10.98 48.35 -16.81
C GLU C 3435 -9.62 47.73 -17.10
N THR C 3436 -8.57 48.21 -16.47
CA THR C 3436 -7.27 47.59 -16.61
C THR C 3436 -7.12 46.34 -15.75
N ARG C 3437 -8.00 46.13 -14.79
CA ARG C 3437 -7.93 44.93 -13.97
C ARG C 3437 -8.65 43.77 -14.60
N ARG C 3438 -9.73 44.04 -15.34
CA ARG C 3438 -10.42 42.98 -16.07
C ARG C 3438 -9.52 42.39 -17.15
N ARG C 3439 -8.77 43.25 -17.82
CA ARG C 3439 -7.86 42.83 -18.88
C ARG C 3439 -6.51 42.41 -18.35
N SER C 3440 -6.30 42.51 -17.03
CA SER C 3440 -5.08 42.09 -16.31
C SER C 3440 -3.84 42.77 -16.86
N ILE C 3441 -3.91 44.08 -16.97
CA ILE C 3441 -2.82 44.87 -17.52
C ILE C 3441 -1.84 45.20 -16.40
N GLN C 3442 -0.60 44.77 -16.54
CA GLN C 3442 0.52 45.21 -15.72
C GLN C 3442 1.65 45.58 -16.65
N PHE C 3443 2.73 46.15 -16.12
CA PHE C 3443 3.74 46.71 -17.00
C PHE C 3443 4.93 45.79 -17.29
N ASN C 3444 5.20 44.79 -16.43
CA ASN C 3444 6.20 43.74 -16.67
C ASN C 3444 7.61 44.31 -16.88
N LEU C 3445 8.12 44.83 -15.87
CA LEU C 3445 9.49 45.32 -15.92
C LEU C 3445 10.44 44.20 -15.52
N PRO C 3446 11.69 44.22 -15.99
CA PRO C 3446 12.68 43.30 -15.46
C PRO C 3446 13.23 43.78 -14.12
N ILE C 3447 13.63 42.84 -13.30
CA ILE C 3447 14.19 43.13 -11.98
C ILE C 3447 15.70 43.01 -12.13
N ALA C 3448 16.37 44.14 -12.24
CA ALA C 3448 17.82 44.21 -12.33
C ALA C 3448 18.34 44.89 -11.07
N ILE C 3449 19.18 44.19 -10.33
CA ILE C 3449 19.74 44.72 -9.09
C ILE C 3449 21.26 44.78 -9.22
N PRO C 3450 21.87 45.95 -9.04
CA PRO C 3450 23.32 46.07 -9.22
C PRO C 3450 24.09 45.62 -8.00
N LEU C 3451 25.20 44.93 -8.25
CA LEU C 3451 26.05 44.46 -7.16
C LEU C 3451 27.18 45.44 -6.87
N SER C 3452 28.01 45.70 -7.86
CA SER C 3452 29.05 46.73 -7.82
C SER C 3452 28.67 47.72 -8.91
N PRO C 3453 29.36 48.87 -9.05
CA PRO C 3453 29.12 49.69 -10.25
C PRO C 3453 29.93 49.22 -11.46
N GLN C 3454 30.04 47.91 -11.64
CA GLN C 3454 30.44 47.30 -12.89
C GLN C 3454 29.58 46.10 -13.28
N VAL C 3455 29.01 45.37 -12.32
CA VAL C 3455 28.30 44.12 -12.54
C VAL C 3455 26.91 44.23 -11.94
N ARG C 3456 25.88 43.88 -12.71
CA ARG C 3456 24.54 43.77 -12.20
C ARG C 3456 23.99 42.40 -12.55
N ILE C 3457 23.06 41.93 -11.74
CA ILE C 3457 22.34 40.69 -12.00
C ILE C 3457 20.92 41.03 -12.43
N MET C 3458 20.45 40.37 -13.46
CA MET C 3458 19.13 40.59 -14.00
C MET C 3458 18.41 39.27 -14.03
N ASN C 3459 17.11 39.28 -13.80
CA ASN C 3459 16.34 38.05 -13.87
C ASN C 3459 16.24 37.61 -15.32
N ASP C 3460 16.52 36.35 -15.58
CA ASP C 3460 16.54 35.88 -16.95
C ASP C 3460 16.25 34.40 -16.96
N SER C 3461 15.06 34.04 -17.40
CA SER C 3461 14.76 32.63 -17.54
C SER C 3461 15.16 32.16 -18.92
N VAL C 3462 15.20 30.84 -19.07
CA VAL C 3462 15.16 30.26 -20.39
C VAL C 3462 13.78 30.52 -20.98
N SER C 3463 13.67 30.34 -22.30
CA SER C 3463 12.50 30.74 -23.10
C SER C 3463 12.22 32.24 -23.01
N PHE C 3464 13.28 33.02 -22.86
CA PHE C 3464 13.29 34.43 -23.24
C PHE C 3464 14.00 34.50 -24.57
N THR C 3465 13.42 35.20 -25.54
CA THR C 3465 14.07 35.40 -26.81
C THR C 3465 13.99 36.85 -27.18
N THR C 3466 14.71 37.24 -28.23
CA THR C 3466 14.53 38.53 -28.85
C THR C 3466 13.90 38.33 -30.21
N LEU C 3467 13.41 39.42 -30.78
CA LEU C 3467 12.92 39.34 -32.14
C LEU C 3467 14.06 39.22 -33.14
N HIS C 3468 15.24 39.72 -32.76
CA HIS C 3468 16.43 39.59 -33.59
C HIS C 3468 16.86 38.14 -33.74
N GLU C 3469 16.70 37.35 -32.69
CA GLU C 3469 17.06 35.94 -32.76
C GLU C 3469 16.13 35.20 -33.70
N ILE C 3470 14.83 35.50 -33.66
CA ILE C 3470 13.85 34.88 -34.55
C ILE C 3470 14.12 35.28 -35.99
N HIS C 3471 14.46 36.55 -36.22
CA HIS C 3471 14.81 37.02 -37.56
C HIS C 3471 16.05 36.34 -38.09
N ASN C 3472 17.04 36.10 -37.23
CA ASN C 3472 18.26 35.44 -37.67
C ASN C 3472 18.02 33.98 -37.98
N GLU C 3473 17.18 33.30 -37.19
CA GLU C 3473 16.84 31.92 -37.49
C GLU C 3473 16.09 31.80 -38.81
N PHE C 3474 15.20 32.76 -39.10
CA PHE C 3474 14.50 32.72 -40.38
C PHE C 3474 15.45 32.99 -41.54
N CYS C 3475 16.38 33.93 -41.38
CA CYS C 3475 17.31 34.24 -42.47
C CYS C 3475 18.28 33.10 -42.71
N LYS C 3476 18.75 32.45 -41.66
CA LYS C 3476 19.68 31.34 -41.82
C LYS C 3476 19.00 30.03 -42.15
N LYS C 3477 17.68 29.94 -41.97
CA LYS C 3477 16.98 28.75 -42.44
C LYS C 3477 16.94 28.72 -43.96
N LYS C 3478 16.84 29.87 -44.60
CA LYS C 3478 17.04 30.01 -46.03
C LYS C 3478 18.53 30.24 -46.29
N GLY C 3479 18.86 30.65 -47.50
CA GLY C 3479 20.26 30.85 -47.83
C GLY C 3479 20.74 32.27 -47.67
N PHE C 3480 20.36 32.95 -46.60
CA PHE C 3480 20.75 34.33 -46.41
C PHE C 3480 21.39 34.50 -45.03
N ASP C 3481 21.80 35.73 -44.76
CA ASP C 3481 22.22 36.21 -43.45
C ASP C 3481 21.83 37.68 -43.46
N PRO C 3482 21.32 38.22 -42.35
CA PRO C 3482 20.60 39.50 -42.40
C PRO C 3482 21.46 40.72 -42.65
N ASP C 3483 22.77 40.58 -42.83
CA ASP C 3483 23.59 41.67 -43.33
C ASP C 3483 23.47 41.82 -44.84
N ASP C 3484 22.90 40.82 -45.53
CA ASP C 3484 22.57 40.95 -46.95
C ASP C 3484 21.49 41.98 -47.17
N ILE C 3485 20.64 42.24 -46.17
CA ILE C 3485 19.63 43.28 -46.29
C ILE C 3485 20.30 44.64 -46.32
N GLN C 3486 21.31 44.83 -45.47
CA GLN C 3486 22.08 46.07 -45.46
C GLN C 3486 22.89 46.21 -46.74
N ASP C 3487 23.43 45.10 -47.26
CA ASP C 3487 24.15 45.15 -48.53
C ASP C 3487 23.21 45.49 -49.68
N PHE C 3488 21.99 44.95 -49.66
CA PHE C 3488 21.02 45.22 -50.71
C PHE C 3488 20.56 46.66 -50.69
N MET C 3489 20.25 47.20 -49.51
CA MET C 3489 19.82 48.58 -49.45
C MET C 3489 20.97 49.53 -49.76
N ALA C 3490 22.20 49.16 -49.40
CA ALA C 3490 23.34 50.00 -49.73
C ALA C 3490 23.62 50.00 -51.22
N ASP C 3491 23.52 48.84 -51.87
CA ASP C 3491 23.77 48.77 -53.31
C ASP C 3491 22.66 49.47 -54.10
N LYS C 3492 21.40 49.25 -53.73
CA LYS C 3492 20.31 49.89 -54.46
C LYS C 3492 20.14 51.36 -54.11
N LEU C 3493 20.71 51.81 -52.99
CA LEU C 3493 20.71 53.23 -52.67
C LEU C 3493 21.92 53.94 -53.27
N ASN C 3494 23.00 53.22 -53.49
CA ASN C 3494 24.20 53.76 -54.12
C ASN C 3494 24.14 53.72 -55.64
N ALA C 3495 23.31 52.84 -56.20
CA ALA C 3495 23.13 52.76 -57.65
C ALA C 3495 22.24 53.86 -58.21
N ALA C 3496 21.73 54.77 -57.39
CA ALA C 3496 20.92 55.86 -57.88
C ALA C 3496 21.49 57.24 -57.60
N HIS C 3497 22.66 57.32 -56.96
CA HIS C 3497 23.34 58.60 -56.82
C HIS C 3497 24.13 59.01 -58.06
N ASP C 3498 24.21 58.14 -59.06
CA ASP C 3498 25.10 58.35 -60.20
C ASP C 3498 24.57 59.43 -61.15
N ASP C 3499 25.31 59.66 -62.22
CA ASP C 3499 24.96 60.69 -63.19
C ASP C 3499 23.77 60.23 -64.04
N ALA C 3500 23.19 61.21 -64.75
CA ALA C 3500 21.90 61.08 -65.45
C ALA C 3500 20.84 60.55 -64.48
N LEU C 3501 20.59 61.37 -63.44
CA LEU C 3501 19.82 61.05 -62.23
C LEU C 3501 18.44 60.49 -62.49
N PRO C 3502 18.23 59.20 -62.18
CA PRO C 3502 16.88 58.64 -62.31
C PRO C 3502 16.00 58.86 -61.10
N ALA C 3503 16.59 59.14 -59.93
CA ALA C 3503 15.82 59.35 -58.70
C ALA C 3503 16.60 60.26 -57.77
N PRO C 3504 16.47 61.59 -57.92
CA PRO C 3504 17.00 62.48 -56.89
C PRO C 3504 16.17 62.46 -55.62
N ASP C 3505 14.89 62.16 -55.73
CA ASP C 3505 14.04 62.02 -54.54
C ASP C 3505 14.37 60.73 -53.81
N MET C 3506 14.81 60.86 -52.55
CA MET C 3506 15.20 59.69 -51.78
C MET C 3506 14.01 58.89 -51.29
N THR C 3507 12.84 59.52 -51.18
CA THR C 3507 11.72 58.88 -50.49
C THR C 3507 11.09 57.78 -51.34
N ILE C 3508 10.88 58.03 -52.63
CA ILE C 3508 10.29 57.02 -53.50
C ILE C 3508 11.23 55.84 -53.70
N LEU C 3509 12.53 56.11 -53.83
CA LEU C 3509 13.52 55.03 -53.92
C LEU C 3509 13.59 54.23 -52.62
N LYS C 3510 13.47 54.91 -51.48
CA LYS C 3510 13.50 54.22 -50.20
C LYS C 3510 12.26 53.35 -50.02
N VAL C 3511 11.11 53.82 -50.48
CA VAL C 3511 9.89 53.02 -50.41
C VAL C 3511 9.97 51.82 -51.34
N GLU C 3512 10.55 51.97 -52.53
CA GLU C 3512 10.61 50.83 -53.43
C GLU C 3512 11.66 49.82 -53.01
N ILE C 3513 12.76 50.24 -52.37
CA ILE C 3513 13.66 49.23 -51.83
C ILE C 3513 13.12 48.62 -50.54
N PHE C 3514 12.25 49.34 -49.82
CA PHE C 3514 11.55 48.74 -48.69
C PHE C 3514 10.60 47.63 -49.14
N ASN C 3515 9.86 47.87 -50.22
CA ASN C 3515 9.01 46.82 -50.77
C ASN C 3515 9.82 45.69 -51.39
N SER C 3516 10.97 45.99 -51.97
CA SER C 3516 11.83 44.93 -52.50
C SER C 3516 12.45 44.09 -51.39
N ILE C 3517 12.71 44.69 -50.23
CA ILE C 3517 13.18 43.90 -49.08
C ILE C 3517 12.05 43.03 -48.55
N GLN C 3518 10.85 43.59 -48.45
CA GLN C 3518 9.71 42.86 -47.92
C GLN C 3518 9.25 41.74 -48.84
N THR C 3519 9.55 41.82 -50.14
CA THR C 3519 9.17 40.75 -51.05
C THR C 3519 10.29 39.77 -51.34
N MET C 3520 11.51 40.26 -51.55
CA MET C 3520 12.60 39.39 -51.96
C MET C 3520 13.22 38.63 -50.79
N PHE C 3521 13.28 39.24 -49.61
CA PHE C 3521 14.07 38.71 -48.52
C PHE C 3521 13.22 38.24 -47.33
N VAL C 3522 12.47 39.14 -46.71
CA VAL C 3522 11.77 38.84 -45.46
C VAL C 3522 10.29 39.15 -45.64
N PRO C 3523 9.43 38.16 -45.87
CA PRO C 3523 8.00 38.44 -45.96
C PRO C 3523 7.41 38.78 -44.60
N SER C 3524 6.19 39.31 -44.63
CA SER C 3524 5.55 39.72 -43.40
C SER C 3524 4.68 38.61 -42.81
N ASN C 3525 5.24 37.41 -42.68
CA ASN C 3525 4.57 36.33 -41.97
C ASN C 3525 5.58 35.51 -41.18
N VAL C 3526 6.75 36.07 -40.89
CA VAL C 3526 7.84 35.32 -40.30
C VAL C 3526 7.56 35.07 -38.83
N LEU C 3527 7.18 36.11 -38.09
CA LEU C 3527 6.97 36.00 -36.66
C LEU C 3527 5.79 35.12 -36.34
N LYS C 3528 4.70 35.25 -37.11
CA LYS C 3528 3.51 34.43 -36.90
C LYS C 3528 3.78 32.96 -37.21
N ASP C 3529 4.54 32.68 -38.28
CA ASP C 3529 4.84 31.31 -38.63
C ASP C 3529 5.79 30.67 -37.62
N HIS C 3530 6.76 31.45 -37.12
CA HIS C 3530 7.65 30.94 -36.09
C HIS C 3530 6.88 30.61 -34.82
N PHE C 3531 5.93 31.45 -34.44
CA PHE C 3531 5.22 31.15 -33.22
C PHE C 3531 4.12 30.10 -33.39
N THR C 3532 3.62 29.88 -34.60
CA THR C 3532 2.73 28.73 -34.80
C THR C 3532 3.53 27.43 -34.80
N SER C 3533 4.74 27.46 -35.35
CA SER C 3533 5.59 26.27 -35.30
C SER C 3533 6.16 26.04 -33.91
N LEU C 3534 6.13 27.05 -33.04
CA LEU C 3534 6.74 26.90 -31.73
C LEU C 3534 5.90 26.07 -30.78
N PHE C 3535 4.60 26.28 -30.77
CA PHE C 3535 3.71 25.60 -29.84
C PHE C 3535 3.12 24.37 -30.48
N THR C 3536 2.96 23.32 -29.69
CA THR C 3536 2.46 22.07 -30.22
C THR C 3536 0.93 22.02 -30.33
N GLN C 3537 0.23 23.05 -29.86
CA GLN C 3537 -1.22 23.12 -29.99
C GLN C 3537 -1.63 24.54 -30.38
N PHE C 3538 -2.79 24.66 -31.02
CA PHE C 3538 -3.27 25.98 -31.38
C PHE C 3538 -3.88 26.71 -30.19
N GLU C 3539 -4.28 26.00 -29.14
CA GLU C 3539 -4.72 26.67 -27.92
C GLU C 3539 -3.58 27.48 -27.32
N ASP C 3540 -2.37 26.93 -27.34
CA ASP C 3540 -1.20 27.61 -26.82
C ASP C 3540 -0.84 28.82 -27.67
N PHE C 3541 -0.91 28.69 -29.00
CA PHE C 3541 -0.59 29.84 -29.84
C PHE C 3541 -1.65 30.93 -29.72
N TRP C 3542 -2.91 30.54 -29.59
CA TRP C 3542 -3.98 31.52 -29.44
C TRP C 3542 -3.86 32.27 -28.12
N LEU C 3543 -3.56 31.57 -27.03
CA LEU C 3543 -3.38 32.23 -25.74
C LEU C 3543 -2.11 33.07 -25.69
N PHE C 3544 -1.06 32.61 -26.38
CA PHE C 3544 0.17 33.38 -26.51
C PHE C 3544 -0.07 34.70 -27.23
N ARG C 3545 -0.81 34.66 -28.32
CA ARG C 3545 -1.10 35.87 -29.09
C ARG C 3545 -2.01 36.81 -28.32
N LYS C 3546 -2.98 36.25 -27.61
CA LYS C 3546 -3.87 37.05 -26.78
C LYS C 3546 -3.13 37.77 -25.68
N GLN C 3547 -2.07 37.18 -25.14
CA GLN C 3547 -1.26 37.87 -24.14
C GLN C 3547 -0.20 38.76 -24.77
N PHE C 3548 0.30 38.40 -25.95
CA PHE C 3548 1.29 39.20 -26.64
C PHE C 3548 0.71 40.54 -27.06
N ALA C 3549 -0.56 40.56 -27.43
CA ALA C 3549 -1.19 41.82 -27.82
C ALA C 3549 -1.30 42.78 -26.65
N SER C 3550 -1.68 42.27 -25.47
CA SER C 3550 -1.80 43.13 -24.30
C SER C 3550 -0.44 43.58 -23.79
N GLN C 3551 0.53 42.68 -23.76
CA GLN C 3551 1.86 43.04 -23.28
C GLN C 3551 2.58 43.94 -24.26
N TYR C 3552 2.33 43.80 -25.56
CA TYR C 3552 2.90 44.71 -26.52
C TYR C 3552 2.20 46.06 -26.48
N SER C 3553 0.94 46.10 -26.10
CA SER C 3553 0.28 47.38 -25.87
C SER C 3553 0.89 48.11 -24.68
N SER C 3554 1.20 47.38 -23.61
CA SER C 3554 1.87 47.98 -22.46
C SER C 3554 3.28 48.45 -22.82
N PHE C 3555 3.99 47.68 -23.65
CA PHE C 3555 5.32 48.06 -24.10
C PHE C 3555 5.27 49.30 -24.98
N VAL C 3556 4.27 49.40 -25.86
CA VAL C 3556 4.12 50.58 -26.70
C VAL C 3556 3.77 51.80 -25.87
N PHE C 3557 2.98 51.62 -24.80
CA PHE C 3557 2.72 52.74 -23.90
C PHE C 3557 3.98 53.18 -23.16
N MET C 3558 4.79 52.23 -22.70
CA MET C 3558 6.02 52.60 -22.00
C MET C 3558 7.04 53.21 -22.94
N SER C 3559 6.98 52.86 -24.22
CA SER C 3559 7.83 53.48 -25.23
C SER C 3559 7.32 54.84 -25.66
N TYR C 3560 6.00 55.05 -25.63
CA TYR C 3560 5.40 56.30 -26.09
C TYR C 3560 5.49 57.37 -25.03
N MET C 3561 4.94 57.09 -23.85
CA MET C 3561 5.18 57.94 -22.70
C MET C 3561 6.64 57.82 -22.33
N MET C 3562 7.25 58.92 -21.88
CA MET C 3562 8.65 59.12 -21.52
C MET C 3562 9.58 59.06 -22.72
N MET C 3563 9.05 58.87 -23.95
CA MET C 3563 9.75 59.13 -25.21
C MET C 3563 11.02 58.32 -25.38
N ILE C 3564 10.97 57.02 -25.04
CA ILE C 3564 12.22 56.27 -25.07
C ILE C 3564 12.58 55.97 -26.52
N ASN C 3565 13.81 55.54 -26.73
CA ASN C 3565 14.50 55.64 -28.00
C ASN C 3565 14.05 54.57 -28.98
N ASN C 3566 14.83 54.39 -30.04
CA ASN C 3566 14.52 53.42 -31.09
C ASN C 3566 14.50 52.00 -30.53
N ARG C 3567 13.40 51.31 -30.75
CA ARG C 3567 13.21 49.96 -30.25
C ARG C 3567 13.54 49.01 -31.38
N THR C 3568 14.83 48.74 -31.53
CA THR C 3568 15.30 47.77 -32.50
C THR C 3568 14.89 46.36 -32.06
N PRO C 3569 14.80 45.41 -32.98
CA PRO C 3569 14.34 44.07 -32.58
C PRO C 3569 15.32 43.22 -31.80
N HIS C 3570 16.44 43.75 -31.33
CA HIS C 3570 17.24 43.03 -30.36
C HIS C 3570 17.07 43.59 -28.96
N LYS C 3571 16.32 44.67 -28.83
CA LYS C 3571 16.02 45.23 -27.52
C LYS C 3571 14.65 44.81 -27.02
N ILE C 3572 13.89 44.04 -27.79
CA ILE C 3572 12.55 43.61 -27.40
C ILE C 3572 12.61 42.11 -27.14
N HIS C 3573 12.34 41.69 -25.92
CA HIS C 3573 12.39 40.30 -25.52
C HIS C 3573 10.99 39.79 -25.26
N VAL C 3574 10.77 38.53 -25.60
CA VAL C 3574 9.47 37.88 -25.48
C VAL C 3574 9.63 36.56 -24.75
N ASP C 3575 8.71 36.28 -23.83
CA ASP C 3575 8.65 35.03 -23.09
C ASP C 3575 7.82 34.02 -23.88
N LYS C 3576 8.44 32.93 -24.28
CA LYS C 3576 7.75 31.93 -25.10
C LYS C 3576 6.94 30.94 -24.29
N THR C 3577 6.69 31.22 -23.02
CA THR C 3577 5.79 30.41 -22.20
C THR C 3577 4.63 31.22 -21.65
N SER C 3578 4.64 32.50 -21.79
CA SER C 3578 3.56 33.34 -21.33
C SER C 3578 3.05 34.32 -22.39
N GLY C 3579 3.94 34.83 -23.23
CA GLY C 3579 3.61 35.94 -24.08
C GLY C 3579 4.02 37.28 -23.52
N ASN C 3580 4.74 37.30 -22.40
CA ASN C 3580 5.13 38.55 -21.78
C ASN C 3580 6.23 39.22 -22.59
N VAL C 3581 6.09 40.52 -22.79
CA VAL C 3581 7.02 41.31 -23.56
C VAL C 3581 7.70 42.29 -22.63
N PHE C 3582 9.02 42.36 -22.70
CA PHE C 3582 9.73 43.42 -22.00
C PHE C 3582 10.85 43.93 -22.88
N THR C 3583 11.52 44.97 -22.42
CA THR C 3583 12.58 45.56 -23.19
C THR C 3583 13.70 46.01 -22.27
N LEU C 3584 14.91 45.98 -22.80
CA LEU C 3584 16.08 46.53 -22.14
C LEU C 3584 16.47 47.81 -22.85
N GLU C 3585 17.42 48.52 -22.23
CA GLU C 3585 17.87 49.84 -22.67
C GLU C 3585 16.71 50.83 -22.75
N MET C 3586 16.05 51.02 -21.61
CA MET C 3586 14.92 51.94 -21.51
C MET C 3586 15.44 53.35 -21.23
N LEU C 3587 16.11 53.92 -22.23
CA LEU C 3587 16.69 55.24 -22.10
C LEU C 3587 15.83 56.24 -22.85
N PRO C 3588 15.31 57.26 -22.19
CA PRO C 3588 14.55 58.29 -22.90
C PRO C 3588 15.43 59.14 -23.81
N SER C 3589 14.79 59.79 -24.77
CA SER C 3589 15.48 60.63 -25.73
C SER C 3589 15.27 62.09 -25.35
N ARG C 3590 16.36 62.76 -25.00
CA ARG C 3590 16.35 64.17 -24.64
C ARG C 3590 17.09 64.93 -25.72
N PHE C 3591 16.36 65.79 -26.43
CA PHE C 3591 17.05 66.55 -27.47
C PHE C 3591 17.50 67.89 -26.92
N PRO C 3592 18.70 68.35 -27.31
CA PRO C 3592 19.21 69.62 -26.76
C PRO C 3592 18.46 70.83 -27.26
N TYR C 3593 17.81 70.74 -28.41
CA TYR C 3593 17.11 71.89 -28.97
C TYR C 3593 15.80 72.12 -28.23
N GLU C 3594 15.46 73.39 -28.03
CA GLU C 3594 14.08 73.76 -27.79
C GLU C 3594 13.45 74.24 -29.08
N ARG C 3595 14.22 74.21 -30.17
CA ARG C 3595 13.81 74.78 -31.43
C ARG C 3595 12.97 73.82 -32.25
N VAL C 3596 13.24 72.51 -32.16
CA VAL C 3596 12.46 71.51 -32.85
C VAL C 3596 11.24 71.14 -32.00
N LYS C 3597 10.05 71.59 -32.46
CA LYS C 3597 8.75 71.40 -31.82
C LYS C 3597 7.66 71.82 -32.79
N PRO C 3598 6.58 71.04 -32.94
CA PRO C 3598 5.41 71.56 -33.66
C PRO C 3598 4.68 72.64 -32.89
N LEU C 3599 4.73 72.60 -31.57
CA LEU C 3599 4.11 73.61 -30.74
C LEU C 3599 5.02 74.84 -30.65
N LEU C 3600 4.46 75.93 -30.13
CA LEU C 3600 5.16 77.20 -30.06
C LEU C 3600 6.17 77.20 -28.90
N LYS C 3601 6.98 78.26 -28.87
CA LYS C 3601 8.06 78.37 -27.89
C LYS C 3601 7.67 79.18 -26.66
N ASN C 3602 6.78 80.15 -26.80
CA ASN C 3602 6.61 81.21 -25.82
C ASN C 3602 5.36 81.05 -24.97
N HIS C 3603 4.21 80.83 -25.59
CA HIS C 3603 2.92 81.02 -24.92
C HIS C 3603 2.44 79.77 -24.19
N ASP C 3604 2.54 78.61 -24.84
CA ASP C 3604 2.07 77.38 -24.20
C ASP C 3604 3.01 76.91 -23.11
N LEU C 3605 4.30 77.24 -23.23
CA LEU C 3605 5.27 76.94 -22.19
C LEU C 3605 6.32 78.04 -22.16
N SER C 3606 6.77 78.39 -20.95
CA SER C 3606 7.71 79.47 -20.74
C SER C 3606 9.01 78.89 -20.19
N LEU C 3607 10.06 78.91 -21.02
CA LEU C 3607 11.35 78.36 -20.63
C LEU C 3607 12.46 79.26 -21.17
N PRO C 3608 13.06 80.09 -20.31
CA PRO C 3608 14.23 80.88 -20.74
C PRO C 3608 15.47 80.03 -21.02
N PRO C 3609 15.71 78.90 -20.34
CA PRO C 3609 16.68 77.95 -20.91
C PRO C 3609 16.07 77.20 -22.08
N ASP C 3610 16.93 76.42 -22.74
CA ASP C 3610 16.56 75.77 -23.98
C ASP C 3610 16.98 74.31 -24.08
N SER C 3611 17.69 73.76 -23.09
CA SER C 3611 18.32 72.46 -23.31
C SER C 3611 17.36 71.25 -23.24
N PRO C 3612 16.63 70.95 -22.13
CA PRO C 3612 15.92 69.66 -22.11
C PRO C 3612 14.50 69.69 -22.65
N ILE C 3613 14.15 68.78 -23.56
CA ILE C 3613 12.81 68.81 -24.15
C ILE C 3613 12.09 67.47 -24.13
N PHE C 3614 12.78 66.33 -24.05
CA PHE C 3614 12.21 64.96 -24.13
C PHE C 3614 11.39 64.78 -25.41
N HIS C 3615 12.08 64.78 -26.52
CA HIS C 3615 11.44 64.66 -27.82
C HIS C 3615 11.80 63.34 -28.49
N ASN C 3616 10.95 62.93 -29.44
CA ASN C 3616 11.15 61.70 -30.19
C ASN C 3616 11.56 62.03 -31.62
N ASN C 3617 12.55 61.31 -32.13
CA ASN C 3617 13.17 61.60 -33.42
C ASN C 3617 12.60 60.76 -34.56
N GLU C 3618 12.00 59.62 -34.26
CA GLU C 3618 11.64 58.62 -35.26
C GLU C 3618 10.48 59.11 -36.13
N PRO C 3619 10.40 58.64 -37.37
CA PRO C 3619 9.21 58.95 -38.18
C PRO C 3619 7.94 58.33 -37.64
N VAL C 3620 8.00 57.08 -37.20
CA VAL C 3620 6.86 56.34 -36.66
C VAL C 3620 6.65 56.72 -35.20
N PRO C 3621 5.42 56.79 -34.71
CA PRO C 3621 5.21 57.12 -33.29
C PRO C 3621 5.63 56.03 -32.33
N PHE C 3622 5.53 54.77 -32.74
CA PHE C 3622 6.05 53.65 -31.98
C PHE C 3622 6.45 52.55 -32.97
N ARG C 3623 6.74 51.37 -32.45
CA ARG C 3623 7.12 50.25 -33.30
C ARG C 3623 5.95 49.31 -33.47
N LEU C 3624 5.33 49.33 -34.64
CA LEU C 3624 4.35 48.33 -35.05
C LEU C 3624 4.72 47.96 -36.47
N THR C 3625 5.64 47.03 -36.62
CA THR C 3625 6.19 46.67 -37.92
C THR C 3625 5.27 45.66 -38.59
N PRO C 3626 5.47 45.35 -39.88
CA PRO C 3626 4.65 44.32 -40.52
C PRO C 3626 4.63 42.94 -39.88
N ASN C 3627 5.74 42.47 -39.32
CA ASN C 3627 5.76 41.13 -38.76
C ASN C 3627 5.03 41.08 -37.43
N ILE C 3628 5.18 42.12 -36.61
CA ILE C 3628 4.43 42.21 -35.36
C ILE C 3628 2.95 42.35 -35.64
N GLN C 3629 2.60 43.15 -36.65
CA GLN C 3629 1.20 43.36 -37.00
C GLN C 3629 0.56 42.11 -37.59
N SER C 3630 1.33 41.29 -38.28
CA SER C 3630 0.79 40.04 -38.77
C SER C 3630 0.75 38.98 -37.68
N LEU C 3631 1.57 39.11 -36.64
CA LEU C 3631 1.44 38.22 -35.50
C LEU C 3631 0.21 38.54 -34.67
N ILE C 3632 -0.02 39.81 -34.39
CA ILE C 3632 -1.18 40.22 -33.57
C ILE C 3632 -2.47 39.98 -34.34
N GLY C 3633 -2.48 40.17 -35.64
CA GLY C 3633 -3.67 39.96 -36.42
C GLY C 3633 -4.47 41.22 -36.60
N ASP C 3634 -5.71 41.04 -37.02
CA ASP C 3634 -6.62 42.16 -37.24
C ASP C 3634 -7.65 42.33 -36.13
N SER C 3635 -8.14 41.23 -35.58
CA SER C 3635 -9.12 41.29 -34.51
C SER C 3635 -8.47 41.76 -33.21
N ALA C 3636 -7.28 41.27 -32.90
CA ALA C 3636 -6.61 41.62 -31.67
C ALA C 3636 -5.96 42.99 -31.73
N LEU C 3637 -5.58 43.46 -32.92
CA LEU C 3637 -5.04 44.81 -33.05
C LEU C 3637 -6.12 45.86 -32.87
N GLU C 3638 -7.36 45.51 -33.16
CA GLU C 3638 -8.48 46.42 -33.01
C GLU C 3638 -9.12 46.31 -31.63
N GLY C 3639 -9.18 45.12 -31.07
CA GLY C 3639 -9.89 44.92 -29.82
C GLY C 3639 -9.03 44.76 -28.59
N ILE C 3640 -7.77 44.36 -28.74
CA ILE C 3640 -6.89 44.14 -27.61
C ILE C 3640 -5.76 45.16 -27.57
N PHE C 3641 -5.16 45.50 -28.71
CA PHE C 3641 -4.04 46.43 -28.69
C PHE C 3641 -4.51 47.85 -28.36
N ALA C 3642 -5.42 48.39 -29.17
CA ALA C 3642 -5.82 49.78 -29.03
C ALA C 3642 -6.64 50.03 -27.78
N VAL C 3643 -7.46 49.06 -27.37
CA VAL C 3643 -8.32 49.28 -26.21
C VAL C 3643 -7.51 49.26 -24.93
N ASN C 3644 -6.50 48.39 -24.84
CA ASN C 3644 -5.64 48.41 -23.66
C ASN C 3644 -4.77 49.65 -23.65
N LEU C 3645 -4.32 50.08 -24.82
CA LEU C 3645 -3.55 51.32 -24.91
C LEU C 3645 -4.39 52.54 -24.54
N PHE C 3646 -5.71 52.47 -24.73
CA PHE C 3646 -6.61 53.53 -24.30
C PHE C 3646 -6.88 53.47 -22.81
N THR C 3647 -7.15 52.28 -22.27
CA THR C 3647 -7.52 52.15 -20.87
C THR C 3647 -6.34 52.36 -19.92
N ILE C 3648 -5.11 52.14 -20.37
CA ILE C 3648 -3.95 52.44 -19.54
C ILE C 3648 -3.85 53.95 -19.30
N SER C 3649 -3.90 54.72 -20.37
CA SER C 3649 -3.85 56.17 -20.27
C SER C 3649 -5.08 56.75 -19.64
N ARG C 3650 -6.20 56.04 -19.68
CA ARG C 3650 -7.37 56.48 -18.93
C ARG C 3650 -7.19 56.21 -17.44
N ALA C 3651 -6.56 55.10 -17.07
CA ALA C 3651 -6.34 54.78 -15.66
C ALA C 3651 -5.26 55.61 -15.04
N LEU C 3652 -4.35 56.16 -15.82
CA LEU C 3652 -3.27 56.95 -15.24
C LEU C 3652 -3.66 58.40 -14.96
N ILE C 3653 -4.63 58.94 -15.68
CA ILE C 3653 -5.05 60.33 -15.44
C ILE C 3653 -6.24 60.43 -14.51
N GLU C 3654 -6.91 59.33 -14.23
CA GLU C 3654 -7.97 59.32 -13.23
C GLU C 3654 -7.54 59.64 -11.78
N PRO C 3655 -6.42 59.05 -11.20
CA PRO C 3655 -6.29 59.07 -9.73
C PRO C 3655 -5.91 60.39 -9.07
N ASP C 3656 -6.11 61.52 -9.74
CA ASP C 3656 -5.94 62.87 -9.17
C ASP C 3656 -4.48 63.11 -8.76
N ASN C 3657 -3.67 63.29 -9.81
CA ASN C 3657 -2.24 63.67 -9.81
C ASN C 3657 -1.39 62.70 -8.99
N GLU C 3658 -1.32 61.48 -9.51
CA GLU C 3658 -0.21 60.58 -9.20
C GLU C 3658 0.85 60.60 -10.29
N LEU C 3659 0.43 60.83 -11.54
CA LEU C 3659 1.38 61.07 -12.63
C LEU C 3659 2.29 62.25 -12.34
N ASN C 3660 1.73 63.33 -11.79
CA ASN C 3660 2.55 64.48 -11.42
C ASN C 3660 3.59 64.12 -10.38
N THR C 3661 3.17 63.40 -9.33
CA THR C 3661 4.06 63.13 -8.22
C THR C 3661 5.16 62.16 -8.60
N TYR C 3662 4.89 61.17 -9.46
CA TYR C 3662 5.94 60.27 -9.88
C TYR C 3662 6.85 60.93 -10.92
N LEU C 3663 6.23 61.51 -11.96
CA LEU C 3663 6.97 62.06 -13.08
C LEU C 3663 7.81 63.25 -12.69
N ALA C 3664 7.47 63.97 -11.61
CA ALA C 3664 8.25 65.12 -11.19
C ALA C 3664 9.69 64.74 -10.83
N LEU C 3665 9.86 63.86 -9.85
CA LEU C 3665 11.22 63.51 -9.47
C LEU C 3665 11.87 62.57 -10.47
N PHE C 3666 11.10 61.74 -11.17
CA PHE C 3666 11.76 60.90 -12.16
C PHE C 3666 12.12 61.65 -13.44
N ILE C 3667 11.57 62.84 -13.65
CA ILE C 3667 12.07 63.73 -14.69
C ILE C 3667 13.25 64.54 -14.17
N ARG C 3668 13.20 64.93 -12.89
CA ARG C 3668 14.25 65.79 -12.33
C ARG C 3668 15.60 65.09 -12.29
N ASP C 3669 15.60 63.79 -11.99
CA ASP C 3669 16.86 63.05 -12.05
C ASP C 3669 17.39 62.95 -13.49
N GLU C 3670 16.50 62.86 -14.48
CA GLU C 3670 16.93 62.86 -15.88
C GLU C 3670 17.49 64.22 -16.28
N ILE C 3671 16.92 65.30 -15.74
CA ILE C 3671 17.42 66.64 -16.04
C ILE C 3671 18.80 66.84 -15.44
N ILE C 3672 18.99 66.34 -14.22
CA ILE C 3672 20.29 66.44 -13.55
C ILE C 3672 21.34 65.61 -14.29
N SER C 3673 20.97 64.41 -14.76
CA SER C 3673 21.92 63.62 -15.53
C SER C 3673 22.18 64.23 -16.90
N TRP C 3674 21.22 64.97 -17.45
CA TRP C 3674 21.43 65.64 -18.73
C TRP C 3674 22.39 66.81 -18.58
N PHE C 3675 22.30 67.54 -17.47
CA PHE C 3675 23.24 68.63 -17.22
C PHE C 3675 24.56 68.15 -16.63
N SER C 3676 24.66 66.89 -16.24
CA SER C 3676 25.93 66.35 -15.76
C SER C 3676 26.67 65.51 -16.79
N ASN C 3677 25.99 65.03 -17.83
CA ASN C 3677 26.68 64.35 -18.91
C ASN C 3677 27.53 65.32 -19.70
N LEU C 3678 26.89 66.31 -20.32
CA LEU C 3678 27.63 67.47 -20.80
C LEU C 3678 28.01 68.32 -19.59
N HIS C 3679 29.25 68.83 -19.60
CA HIS C 3679 29.85 69.37 -18.38
C HIS C 3679 29.42 70.83 -18.16
N ARG C 3680 28.12 71.01 -17.91
CA ARG C 3680 27.58 72.30 -17.45
C ARG C 3680 26.59 72.04 -16.32
N PRO C 3681 27.07 71.69 -15.13
CA PRO C 3681 26.15 71.41 -14.02
C PRO C 3681 25.83 72.63 -13.16
N ILE C 3682 26.15 73.84 -13.62
CA ILE C 3682 26.03 75.03 -12.79
C ILE C 3682 24.63 75.61 -12.76
N ILE C 3683 23.73 75.16 -13.63
CA ILE C 3683 22.38 75.72 -13.69
C ILE C 3683 21.54 74.93 -12.70
N GLU C 3684 21.63 75.35 -11.43
CA GLU C 3684 20.86 74.76 -10.33
C GLU C 3684 20.09 75.86 -9.62
N ASN C 3685 18.78 75.90 -9.86
CA ASN C 3685 17.93 77.02 -9.50
C ASN C 3685 16.46 76.58 -9.60
N PRO C 3686 15.48 77.38 -9.18
CA PRO C 3686 14.08 77.06 -9.50
C PRO C 3686 13.75 77.12 -10.99
N GLN C 3687 14.63 77.70 -11.81
CA GLN C 3687 14.54 77.57 -13.25
C GLN C 3687 14.66 76.11 -13.69
N LEU C 3688 15.45 75.30 -12.97
CA LEU C 3688 15.47 73.86 -13.22
C LEU C 3688 14.14 73.23 -12.87
N ARG C 3689 13.48 73.72 -11.82
CA ARG C 3689 12.13 73.25 -11.51
C ARG C 3689 11.15 73.65 -12.59
N GLU C 3690 11.37 74.79 -13.24
CA GLU C 3690 10.52 75.16 -14.37
C GLU C 3690 10.74 74.24 -15.56
N MET C 3691 11.99 73.83 -15.80
CA MET C 3691 12.27 72.83 -16.83
C MET C 3691 11.57 71.51 -16.52
N VAL C 3692 11.61 71.10 -15.25
CA VAL C 3692 10.99 69.85 -14.82
C VAL C 3692 9.48 69.91 -14.99
N GLN C 3693 8.86 71.02 -14.57
CA GLN C 3693 7.42 71.15 -14.68
C GLN C 3693 6.96 71.28 -16.13
N THR C 3694 7.78 71.91 -16.99
CA THR C 3694 7.45 72.00 -18.41
C THR C 3694 7.46 70.61 -19.05
N ASN C 3695 8.50 69.81 -18.77
CA ASN C 3695 8.58 68.47 -19.33
C ASN C 3695 7.48 67.57 -18.77
N VAL C 3696 7.14 67.74 -17.49
CA VAL C 3696 6.08 66.96 -16.88
C VAL C 3696 4.72 67.29 -17.50
N ASP C 3697 4.45 68.58 -17.73
CA ASP C 3697 3.20 68.97 -18.37
C ASP C 3697 3.13 68.50 -19.81
N LEU C 3698 4.26 68.47 -20.51
CA LEU C 3698 4.30 67.94 -21.87
C LEU C 3698 3.98 66.44 -21.90
N ILE C 3699 4.59 65.67 -21.01
CA ILE C 3699 4.36 64.22 -20.98
C ILE C 3699 2.93 63.92 -20.55
N ILE C 3700 2.41 64.67 -19.59
CA ILE C 3700 1.03 64.45 -19.11
C ILE C 3700 0.02 64.81 -20.19
N ARG C 3701 0.30 65.86 -20.97
CA ARG C 3701 -0.56 66.22 -22.09
C ARG C 3701 -0.56 65.15 -23.17
N LYS C 3702 0.62 64.61 -23.49
CA LYS C 3702 0.68 63.57 -24.52
C LYS C 3702 0.05 62.26 -24.05
N VAL C 3703 0.07 61.98 -22.75
CA VAL C 3703 -0.59 60.78 -22.23
C VAL C 3703 -2.10 60.97 -22.23
N ALA C 3704 -2.58 62.12 -21.78
CA ALA C 3704 -4.01 62.41 -21.77
C ALA C 3704 -4.60 62.58 -23.16
N GLN C 3705 -3.75 62.78 -24.17
CA GLN C 3705 -4.22 62.78 -25.55
C GLN C 3705 -4.74 61.41 -25.99
N LEU C 3706 -4.19 60.32 -25.46
CA LEU C 3706 -4.63 59.00 -25.85
C LEU C 3706 -5.98 58.66 -25.25
N GLY C 3707 -6.18 58.99 -23.98
CA GLY C 3707 -7.37 58.58 -23.26
C GLY C 3707 -8.47 59.61 -23.21
N HIS C 3708 -8.46 60.56 -24.14
CA HIS C 3708 -9.49 61.57 -24.20
C HIS C 3708 -10.56 61.12 -25.16
N LEU C 3709 -11.78 60.94 -24.66
CA LEU C 3709 -12.93 60.71 -25.51
C LEU C 3709 -13.69 62.01 -25.69
N ASN C 3710 -14.11 62.27 -26.93
CA ASN C 3710 -14.64 63.58 -27.30
C ASN C 3710 -16.04 63.80 -26.75
N SER C 3711 -16.44 65.06 -26.71
CA SER C 3711 -17.81 65.39 -26.30
C SER C 3711 -18.80 65.02 -27.39
N THR C 3712 -18.43 65.18 -28.64
CA THR C 3712 -19.23 64.66 -29.73
C THR C 3712 -19.07 63.14 -29.80
N PRO C 3713 -20.08 62.42 -30.31
CA PRO C 3713 -19.92 60.97 -30.50
C PRO C 3713 -18.84 60.60 -31.49
N THR C 3714 -17.76 60.02 -30.98
CA THR C 3714 -16.59 59.65 -31.76
C THR C 3714 -16.05 58.35 -31.17
N VAL C 3715 -15.54 57.48 -32.04
CA VAL C 3715 -14.97 56.20 -31.63
C VAL C 3715 -13.86 56.42 -30.62
N THR C 3716 -14.00 55.83 -29.43
CA THR C 3716 -12.85 55.73 -28.55
C THR C 3716 -11.85 54.80 -29.21
N THR C 3717 -10.57 55.02 -28.92
CA THR C 3717 -9.44 54.57 -29.73
C THR C 3717 -9.62 55.02 -31.18
N GLN C 3718 -9.61 56.34 -31.37
CA GLN C 3718 -9.49 56.90 -32.71
C GLN C 3718 -8.16 57.57 -32.93
N PHE C 3719 -7.66 58.30 -31.93
CA PHE C 3719 -6.30 58.80 -31.99
C PHE C 3719 -5.29 57.65 -31.98
N ILE C 3720 -5.60 56.59 -31.24
CA ILE C 3720 -4.73 55.42 -31.21
C ILE C 3720 -4.74 54.72 -32.56
N LEU C 3721 -5.91 54.63 -33.20
CA LEU C 3721 -5.98 54.00 -34.51
C LEU C 3721 -5.31 54.84 -35.59
N ASP C 3722 -5.37 56.17 -35.47
CA ASP C 3722 -4.62 57.01 -36.39
C ASP C 3722 -3.12 56.90 -36.17
N CYS C 3723 -2.71 56.70 -34.91
CA CYS C 3723 -1.29 56.48 -34.61
C CYS C 3723 -0.81 55.17 -35.19
N ILE C 3724 -1.59 54.09 -35.06
CA ILE C 3724 -1.17 52.83 -35.68
C ILE C 3724 -1.34 52.85 -37.18
N GLY C 3725 -2.13 53.78 -37.72
CA GLY C 3725 -2.14 53.96 -39.16
C GLY C 3725 -0.91 54.69 -39.64
N SER C 3726 -0.36 55.57 -38.83
CA SER C 3726 0.85 56.30 -39.17
C SER C 3726 2.13 55.58 -38.74
N ALA C 3727 2.01 54.46 -38.04
CA ALA C 3727 3.18 53.71 -37.59
C ALA C 3727 3.40 52.45 -38.42
N VAL C 3728 2.51 52.14 -39.34
CA VAL C 3728 2.60 50.92 -40.14
C VAL C 3728 2.64 51.21 -41.63
N SER C 3729 2.45 52.47 -42.03
CA SER C 3729 2.49 52.83 -43.43
C SER C 3729 3.92 52.71 -43.97
N PRO C 3730 4.09 52.18 -45.18
CA PRO C 3730 5.44 52.03 -45.73
C PRO C 3730 6.09 53.35 -46.10
N ARG C 3731 5.34 54.43 -46.24
CA ARG C 3731 5.95 55.72 -46.49
C ARG C 3731 6.58 56.32 -45.24
N ASN C 3732 6.29 55.78 -44.06
CA ASN C 3732 6.96 56.18 -42.82
C ASN C 3732 8.03 55.19 -42.40
N LEU C 3733 7.79 53.89 -42.61
CA LEU C 3733 8.78 52.90 -42.23
C LEU C 3733 9.99 52.91 -43.15
N ALA C 3734 9.87 53.43 -44.37
CA ALA C 3734 11.01 53.50 -45.24
C ALA C 3734 11.94 54.66 -44.88
N ARG C 3735 11.44 55.66 -44.17
CA ARG C 3735 12.21 56.84 -43.81
C ARG C 3735 12.93 56.70 -42.49
N THR C 3736 13.10 55.48 -41.99
CA THR C 3736 13.85 55.24 -40.77
C THR C 3736 15.10 54.44 -41.10
N ASP C 3737 15.98 54.30 -40.11
CA ASP C 3737 17.27 53.68 -40.33
C ASP C 3737 17.13 52.18 -40.56
N VAL C 3738 18.21 51.57 -41.05
CA VAL C 3738 18.19 50.15 -41.36
C VAL C 3738 18.48 49.29 -40.14
N ASN C 3739 19.00 49.88 -39.07
CA ASN C 3739 19.15 49.15 -37.82
C ASN C 3739 17.84 49.05 -37.06
N PHE C 3740 16.85 49.87 -37.42
CA PHE C 3740 15.51 49.74 -36.88
C PHE C 3740 14.82 48.48 -37.33
N MET C 3741 15.25 47.92 -38.47
CA MET C 3741 14.66 46.80 -39.18
C MET C 3741 13.17 47.01 -39.37
N PRO C 3742 12.73 47.91 -40.26
CA PRO C 3742 11.30 48.15 -40.41
C PRO C 3742 10.56 47.03 -41.10
N TRP C 3743 11.26 46.13 -41.81
CA TRP C 3743 10.59 45.00 -42.42
C TRP C 3743 10.22 43.93 -41.39
N PHE C 3744 10.88 43.92 -40.24
CA PHE C 3744 10.59 42.93 -39.21
C PHE C 3744 10.01 43.59 -37.97
#